data_2DJ3
#
_entry.id   2DJ3
#
_entity_poly.entity_id   1
_entity_poly.type   'polypeptide(L)'
_entity_poly.pdbx_seq_one_letter_code
;GSSGSSGPVKVVVGKTFDAIVMDPKKDVLIEFYAPWCGHCKQLEPIYTSLGKKYKGQKDLVIAKMDATANDITNDQYKVE
GFPTIYFAPSGDKKNPIKFEGGNRDLEHLSKFIDEHATKRSRTKEELSGPSSG
;
_entity_poly.pdbx_strand_id   A
#
# COMPACT_ATOMS: atom_id res chain seq x y z
N GLY A 1 -14.67 7.47 1.18
CA GLY A 1 -13.99 8.56 1.85
C GLY A 1 -13.86 8.32 3.34
N SER A 2 -12.64 8.38 3.86
CA SER A 2 -12.38 8.18 5.27
C SER A 2 -11.25 9.07 5.76
N SER A 3 -11.57 9.93 6.72
CA SER A 3 -10.58 10.85 7.27
C SER A 3 -9.65 10.13 8.24
N GLY A 4 -8.45 10.66 8.41
CA GLY A 4 -7.48 10.05 9.31
C GLY A 4 -7.52 10.67 10.69
N SER A 5 -7.91 9.88 11.68
CA SER A 5 -8.00 10.35 13.06
C SER A 5 -6.60 10.59 13.63
N SER A 6 -5.79 9.53 13.67
CA SER A 6 -4.43 9.63 14.19
C SER A 6 -3.41 9.30 13.12
N GLY A 7 -3.63 9.82 11.91
CA GLY A 7 -2.72 9.59 10.81
C GLY A 7 -3.44 9.45 9.48
N PRO A 8 -2.74 9.82 8.39
CA PRO A 8 -3.29 9.76 7.04
C PRO A 8 -3.49 8.33 6.56
N VAL A 9 -2.50 7.47 6.83
CA VAL A 9 -2.57 6.07 6.42
C VAL A 9 -3.79 5.39 7.02
N LYS A 10 -4.63 4.84 6.15
CA LYS A 10 -5.84 4.15 6.60
C LYS A 10 -5.50 2.79 7.20
N VAL A 11 -6.12 2.48 8.33
CA VAL A 11 -5.89 1.21 9.00
C VAL A 11 -6.98 0.20 8.69
N VAL A 12 -6.59 -1.01 8.34
CA VAL A 12 -7.54 -2.08 8.00
C VAL A 12 -7.35 -3.29 8.91
N VAL A 13 -8.45 -3.99 9.18
CA VAL A 13 -8.40 -5.17 10.03
C VAL A 13 -8.88 -6.41 9.28
N GLY A 14 -8.82 -7.56 9.95
CA GLY A 14 -9.25 -8.80 9.32
C GLY A 14 -10.71 -8.76 8.90
N LYS A 15 -11.52 -7.99 9.62
CA LYS A 15 -12.93 -7.87 9.31
C LYS A 15 -13.17 -6.86 8.20
N THR A 16 -12.18 -6.00 7.96
CA THR A 16 -12.27 -4.99 6.92
C THR A 16 -11.13 -5.11 5.93
N PHE A 17 -10.51 -6.29 5.88
CA PHE A 17 -9.39 -6.53 4.97
C PHE A 17 -9.89 -6.94 3.59
N ASP A 18 -10.67 -8.02 3.55
CA ASP A 18 -11.22 -8.52 2.29
C ASP A 18 -12.21 -7.52 1.70
N ALA A 19 -12.54 -6.50 2.47
CA ALA A 19 -13.48 -5.47 2.01
C ALA A 19 -12.74 -4.24 1.49
N ILE A 20 -11.67 -3.86 2.18
CA ILE A 20 -10.88 -2.71 1.79
C ILE A 20 -9.67 -3.13 0.95
N VAL A 21 -8.72 -3.78 1.60
CA VAL A 21 -7.52 -4.24 0.91
C VAL A 21 -7.86 -5.03 -0.34
N MET A 22 -8.99 -5.74 -0.30
CA MET A 22 -9.44 -6.53 -1.43
C MET A 22 -10.63 -5.88 -2.13
N ASP A 23 -10.60 -4.56 -2.22
CA ASP A 23 -11.67 -3.81 -2.85
C ASP A 23 -11.41 -3.64 -4.35
N PRO A 24 -12.19 -4.37 -5.17
CA PRO A 24 -12.06 -4.32 -6.63
C PRO A 24 -12.51 -2.98 -7.21
N LYS A 25 -12.89 -2.06 -6.34
CA LYS A 25 -13.34 -0.74 -6.76
C LYS A 25 -12.15 0.21 -6.91
N LYS A 26 -11.05 -0.12 -6.27
CA LYS A 26 -9.84 0.70 -6.32
C LYS A 26 -8.64 -0.06 -5.77
N ASP A 27 -7.46 0.25 -6.28
CA ASP A 27 -6.23 -0.39 -5.83
C ASP A 27 -5.84 0.09 -4.44
N VAL A 28 -5.75 -0.84 -3.50
CA VAL A 28 -5.38 -0.52 -2.13
C VAL A 28 -4.03 -1.10 -1.76
N LEU A 29 -3.13 -0.26 -1.27
CA LEU A 29 -1.79 -0.70 -0.88
C LEU A 29 -1.75 -1.05 0.61
N ILE A 30 -1.76 -2.34 0.90
CA ILE A 30 -1.72 -2.81 2.28
C ILE A 30 -0.29 -3.05 2.74
N GLU A 31 0.09 -2.41 3.85
CA GLU A 31 1.43 -2.55 4.40
C GLU A 31 1.39 -3.18 5.79
N PHE A 32 1.83 -4.43 5.87
CA PHE A 32 1.85 -5.15 7.14
C PHE A 32 3.00 -4.67 8.02
N TYR A 33 2.66 -3.94 9.07
CA TYR A 33 3.67 -3.41 10.00
C TYR A 33 3.62 -4.15 11.33
N ALA A 34 4.77 -4.22 12.00
CA ALA A 34 4.85 -4.90 13.28
C ALA A 34 5.16 -3.90 14.40
N PRO A 35 4.28 -3.88 15.42
CA PRO A 35 4.44 -2.98 16.58
C PRO A 35 5.61 -3.37 17.46
N TRP A 36 6.32 -4.43 17.07
CA TRP A 36 7.47 -4.91 17.83
C TRP A 36 8.72 -4.93 16.96
N CYS A 37 8.66 -4.26 15.82
CA CYS A 37 9.79 -4.21 14.90
C CYS A 37 10.39 -2.80 14.84
N GLY A 38 11.68 -2.73 14.59
CA GLY A 38 12.35 -1.44 14.52
C GLY A 38 12.25 -0.81 13.14
N HIS A 39 12.41 -1.63 12.11
CA HIS A 39 12.34 -1.15 10.73
C HIS A 39 11.06 -0.36 10.50
N CYS A 40 9.95 -0.87 11.02
CA CYS A 40 8.65 -0.22 10.88
C CYS A 40 8.68 1.18 11.48
N LYS A 41 9.44 1.33 12.57
CA LYS A 41 9.55 2.61 13.25
C LYS A 41 10.09 3.68 12.31
N GLN A 42 11.19 3.37 11.64
CA GLN A 42 11.81 4.31 10.71
C GLN A 42 10.93 4.52 9.48
N LEU A 43 10.06 3.55 9.21
CA LEU A 43 9.16 3.63 8.07
C LEU A 43 7.84 4.30 8.45
N GLU A 44 7.51 4.23 9.73
CA GLU A 44 6.27 4.84 10.22
C GLU A 44 6.02 6.19 9.54
N PRO A 45 6.99 7.10 9.65
CA PRO A 45 6.89 8.44 9.05
C PRO A 45 6.97 8.39 7.53
N ILE A 46 7.84 7.53 7.01
CA ILE A 46 8.00 7.39 5.57
C ILE A 46 6.68 7.03 4.89
N TYR A 47 5.93 6.14 5.53
CA TYR A 47 4.64 5.72 4.99
C TYR A 47 3.59 6.81 5.14
N THR A 48 3.58 7.46 6.30
CA THR A 48 2.64 8.53 6.57
C THR A 48 2.51 9.48 5.38
N SER A 49 3.63 10.08 5.01
CA SER A 49 3.66 11.01 3.89
C SER A 49 3.27 10.32 2.59
N LEU A 50 3.68 9.06 2.46
CA LEU A 50 3.38 8.28 1.26
C LEU A 50 1.87 8.17 1.05
N GLY A 51 1.12 8.27 2.14
CA GLY A 51 -0.32 8.18 2.05
C GLY A 51 -0.98 9.54 1.92
N LYS A 52 -0.78 10.39 2.92
CA LYS A 52 -1.35 11.74 2.92
C LYS A 52 -1.07 12.44 1.60
N LYS A 53 -0.01 12.02 0.92
CA LYS A 53 0.36 12.61 -0.36
C LYS A 53 -0.36 11.92 -1.51
N TYR A 54 -0.42 10.59 -1.44
CA TYR A 54 -1.09 9.80 -2.48
C TYR A 54 -2.60 9.84 -2.32
N LYS A 55 -3.06 10.53 -1.27
CA LYS A 55 -4.48 10.64 -0.99
C LYS A 55 -5.21 11.30 -2.16
N GLY A 56 -4.49 12.11 -2.93
CA GLY A 56 -5.08 12.78 -4.07
C GLY A 56 -4.88 12.02 -5.36
N GLN A 57 -4.97 10.69 -5.27
CA GLN A 57 -4.80 9.85 -6.45
C GLN A 57 -6.14 9.32 -6.94
N LYS A 58 -6.11 8.53 -8.01
CA LYS A 58 -7.32 7.97 -8.59
C LYS A 58 -7.53 6.53 -8.11
N ASP A 59 -8.66 6.28 -7.46
CA ASP A 59 -8.98 4.94 -6.96
C ASP A 59 -7.76 4.31 -6.29
N LEU A 60 -7.21 5.02 -5.32
CA LEU A 60 -6.04 4.53 -4.59
C LEU A 60 -6.08 4.97 -3.13
N VAL A 61 -5.92 4.02 -2.22
CA VAL A 61 -5.93 4.32 -0.79
C VAL A 61 -4.84 3.53 -0.05
N ILE A 62 -3.77 4.23 0.32
CA ILE A 62 -2.67 3.60 1.02
C ILE A 62 -3.04 3.29 2.47
N ALA A 63 -3.38 2.03 2.73
CA ALA A 63 -3.75 1.60 4.08
C ALA A 63 -2.70 0.66 4.66
N LYS A 64 -2.93 0.24 5.91
CA LYS A 64 -2.00 -0.65 6.59
C LYS A 64 -2.73 -1.54 7.60
N MET A 65 -2.11 -2.64 7.97
CA MET A 65 -2.70 -3.57 8.93
C MET A 65 -1.62 -4.30 9.73
N ASP A 66 -1.98 -4.73 10.93
CA ASP A 66 -1.04 -5.45 11.79
C ASP A 66 -1.21 -6.96 11.64
N ALA A 67 -0.49 -7.53 10.68
CA ALA A 67 -0.56 -8.97 10.43
C ALA A 67 -0.28 -9.76 11.71
N THR A 68 0.40 -9.13 12.65
CA THR A 68 0.73 -9.77 13.92
C THR A 68 -0.53 -10.07 14.72
N ALA A 69 -1.54 -9.23 14.57
CA ALA A 69 -2.80 -9.40 15.29
C ALA A 69 -3.87 -10.00 14.37
N ASN A 70 -3.96 -9.46 13.16
CA ASN A 70 -4.94 -9.93 12.19
C ASN A 70 -4.34 -11.02 11.30
N ASP A 71 -5.01 -12.16 11.24
CA ASP A 71 -4.55 -13.28 10.43
C ASP A 71 -5.02 -13.14 8.98
N ILE A 72 -4.08 -13.00 8.06
CA ILE A 72 -4.39 -12.85 6.65
C ILE A 72 -5.00 -14.14 6.08
N THR A 73 -6.33 -14.17 6.02
CA THR A 73 -7.04 -15.34 5.50
C THR A 73 -6.49 -15.75 4.14
N ASN A 74 -6.19 -14.77 3.30
CA ASN A 74 -5.65 -15.03 1.97
C ASN A 74 -4.47 -15.98 2.04
N ASP A 75 -3.90 -16.30 0.88
CA ASP A 75 -2.76 -17.20 0.80
C ASP A 75 -1.62 -16.58 0.01
N GLN A 76 -1.97 -15.72 -0.94
CA GLN A 76 -0.98 -15.05 -1.78
C GLN A 76 -0.20 -14.01 -0.97
N TYR A 77 -0.85 -13.41 0.02
CA TYR A 77 -0.21 -12.41 0.86
C TYR A 77 0.52 -13.06 2.03
N LYS A 78 1.85 -13.05 1.95
CA LYS A 78 2.67 -13.63 3.01
C LYS A 78 3.57 -12.59 3.64
N VAL A 79 3.68 -12.63 4.97
CA VAL A 79 4.51 -11.69 5.70
C VAL A 79 5.70 -12.40 6.37
N GLU A 80 6.85 -12.38 5.70
CA GLU A 80 8.04 -13.03 6.23
C GLU A 80 8.86 -12.05 7.08
N GLY A 81 8.94 -10.81 6.61
CA GLY A 81 9.69 -9.79 7.33
C GLY A 81 9.09 -8.41 7.17
N PHE A 82 9.04 -7.66 8.27
CA PHE A 82 8.49 -6.31 8.24
C PHE A 82 9.61 -5.27 8.13
N PRO A 83 9.28 -4.11 7.54
CA PRO A 83 7.93 -3.85 7.01
C PRO A 83 7.61 -4.69 5.79
N THR A 84 6.34 -4.72 5.41
CA THR A 84 5.90 -5.49 4.25
C THR A 84 4.76 -4.78 3.52
N ILE A 85 5.06 -4.25 2.34
CA ILE A 85 4.07 -3.55 1.54
C ILE A 85 3.55 -4.44 0.42
N TYR A 86 2.24 -4.34 0.15
CA TYR A 86 1.61 -5.13 -0.90
C TYR A 86 0.58 -4.31 -1.66
N PHE A 87 0.77 -4.19 -2.97
CA PHE A 87 -0.14 -3.43 -3.82
C PHE A 87 -1.21 -4.33 -4.41
N ALA A 88 -2.46 -4.11 -4.01
CA ALA A 88 -3.58 -4.90 -4.52
C ALA A 88 -4.35 -4.15 -5.58
N PRO A 89 -4.05 -4.43 -6.86
CA PRO A 89 -4.71 -3.79 -8.00
C PRO A 89 -6.16 -4.23 -8.15
N SER A 90 -7.07 -3.26 -8.15
CA SER A 90 -8.49 -3.55 -8.29
C SER A 90 -8.75 -4.40 -9.54
N GLY A 91 -9.00 -5.68 -9.32
CA GLY A 91 -9.26 -6.59 -10.43
C GLY A 91 -8.30 -7.76 -10.47
N ASP A 92 -7.01 -7.46 -10.42
CA ASP A 92 -5.99 -8.49 -10.46
C ASP A 92 -5.35 -8.67 -9.08
N LYS A 93 -6.16 -8.52 -8.03
CA LYS A 93 -5.68 -8.66 -6.66
C LYS A 93 -5.09 -10.05 -6.44
N LYS A 94 -5.73 -11.06 -7.02
CA LYS A 94 -5.26 -12.44 -6.88
C LYS A 94 -3.75 -12.50 -6.92
N ASN A 95 -3.13 -11.54 -7.58
CA ASN A 95 -1.67 -11.48 -7.69
C ASN A 95 -1.12 -10.25 -7.00
N PRO A 96 -0.69 -10.42 -5.74
CA PRO A 96 -0.15 -9.32 -4.94
C PRO A 96 1.24 -8.88 -5.44
N ILE A 97 1.55 -7.61 -5.23
CA ILE A 97 2.84 -7.07 -5.65
C ILE A 97 3.63 -6.53 -4.47
N LYS A 98 4.64 -7.29 -4.05
CA LYS A 98 5.48 -6.88 -2.93
C LYS A 98 6.57 -5.91 -3.38
N PHE A 99 6.66 -4.77 -2.68
CA PHE A 99 7.66 -3.76 -3.02
C PHE A 99 9.07 -4.33 -2.88
N GLU A 100 9.69 -4.65 -4.02
CA GLU A 100 11.04 -5.21 -4.02
C GLU A 100 12.00 -4.29 -4.79
N GLY A 101 12.64 -3.37 -4.07
CA GLY A 101 13.57 -2.46 -4.70
C GLY A 101 14.91 -2.42 -4.00
N GLY A 102 14.87 -2.45 -2.67
CA GLY A 102 16.10 -2.41 -1.89
C GLY A 102 16.11 -1.30 -0.88
N ASN A 103 15.62 -0.14 -1.26
CA ASN A 103 15.56 1.02 -0.37
C ASN A 103 14.12 1.45 -0.12
N ARG A 104 13.63 1.17 1.08
CA ARG A 104 12.26 1.53 1.45
C ARG A 104 12.20 2.97 1.93
N ASP A 105 11.89 3.89 1.02
CA ASP A 105 11.78 5.31 1.36
C ASP A 105 10.62 5.95 0.62
N LEU A 106 10.36 7.22 0.93
CA LEU A 106 9.27 7.96 0.31
C LEU A 106 9.58 8.26 -1.15
N GLU A 107 10.85 8.08 -1.54
CA GLU A 107 11.28 8.35 -2.90
C GLU A 107 11.18 7.07 -3.74
N HIS A 108 11.53 5.94 -3.15
CA HIS A 108 11.47 4.66 -3.84
C HIS A 108 10.05 4.10 -3.84
N LEU A 109 9.40 4.16 -2.69
CA LEU A 109 8.03 3.67 -2.56
C LEU A 109 7.12 4.27 -3.62
N SER A 110 7.23 5.59 -3.80
CA SER A 110 6.41 6.30 -4.78
C SER A 110 6.71 5.80 -6.19
N LYS A 111 7.97 5.44 -6.43
CA LYS A 111 8.39 4.95 -7.74
C LYS A 111 7.84 3.56 -8.00
N PHE A 112 7.35 2.91 -6.94
CA PHE A 112 6.80 1.57 -7.06
C PHE A 112 5.28 1.62 -7.22
N ILE A 113 4.66 2.64 -6.63
CA ILE A 113 3.22 2.81 -6.71
C ILE A 113 2.80 3.34 -8.07
N ASP A 114 3.44 4.42 -8.50
CA ASP A 114 3.14 5.04 -9.79
C ASP A 114 3.20 4.00 -10.91
N GLU A 115 4.14 3.07 -10.80
CA GLU A 115 4.32 2.03 -11.80
C GLU A 115 3.20 0.99 -11.71
N HIS A 116 3.06 0.40 -10.53
CA HIS A 116 2.02 -0.62 -10.32
C HIS A 116 0.68 0.04 -10.04
N ALA A 117 0.61 1.36 -10.23
CA ALA A 117 -0.62 2.11 -10.00
C ALA A 117 -1.70 1.69 -11.00
N THR A 118 -2.84 2.38 -10.94
CA THR A 118 -3.95 2.09 -11.84
C THR A 118 -3.74 2.72 -13.21
N LYS A 119 -2.51 2.64 -13.71
CA LYS A 119 -2.17 3.20 -15.01
C LYS A 119 -2.70 4.63 -15.14
N ARG A 120 -2.42 5.45 -14.13
CA ARG A 120 -2.86 6.84 -14.13
C ARG A 120 -2.02 7.68 -15.08
N SER A 121 -0.70 7.60 -14.92
CA SER A 121 0.22 8.36 -15.75
C SER A 121 0.76 7.49 -16.89
N ARG A 122 1.41 8.13 -17.85
CA ARG A 122 1.98 7.42 -18.99
C ARG A 122 3.16 6.56 -18.57
N THR A 123 2.89 5.27 -18.33
CA THR A 123 3.93 4.35 -17.91
C THR A 123 3.52 2.90 -18.19
N LYS A 124 4.45 2.11 -18.68
CA LYS A 124 4.20 0.71 -18.99
C LYS A 124 4.92 -0.22 -18.00
N GLU A 125 4.66 -1.51 -18.10
CA GLU A 125 5.28 -2.49 -17.23
C GLU A 125 6.13 -3.47 -18.02
N GLU A 126 7.39 -3.13 -18.24
CA GLU A 126 8.31 -3.98 -18.98
C GLU A 126 9.41 -4.51 -18.08
N LEU A 127 9.13 -5.62 -17.40
CA LEU A 127 10.09 -6.23 -16.50
C LEU A 127 10.36 -7.68 -16.90
N SER A 128 11.64 -8.03 -17.02
CA SER A 128 12.04 -9.38 -17.40
C SER A 128 12.43 -10.20 -16.18
N GLY A 129 11.64 -10.06 -15.11
CA GLY A 129 11.93 -10.79 -13.89
C GLY A 129 11.22 -12.14 -13.84
N PRO A 130 11.16 -12.73 -12.64
CA PRO A 130 10.52 -14.03 -12.44
C PRO A 130 9.00 -13.96 -12.60
N SER A 131 8.38 -15.13 -12.77
CA SER A 131 6.93 -15.20 -12.93
C SER A 131 6.26 -15.70 -11.66
N SER A 132 6.67 -16.87 -11.19
CA SER A 132 6.12 -17.47 -9.98
C SER A 132 6.24 -16.51 -8.80
N GLY A 133 5.53 -16.82 -7.72
CA GLY A 133 5.58 -15.97 -6.54
C GLY A 133 4.36 -15.07 -6.43
N GLY A 1 -17.97 11.28 8.89
CA GLY A 1 -16.97 11.36 7.83
C GLY A 1 -15.99 10.20 7.87
N SER A 2 -15.06 10.19 6.92
CA SER A 2 -14.07 9.12 6.84
C SER A 2 -12.66 9.69 7.00
N SER A 3 -12.34 10.70 6.21
CA SER A 3 -11.03 11.33 6.25
C SER A 3 -10.66 11.72 7.68
N GLY A 4 -9.39 12.06 7.89
CA GLY A 4 -8.94 12.45 9.21
C GLY A 4 -7.79 13.44 9.16
N SER A 5 -7.50 14.07 10.30
CA SER A 5 -6.43 15.05 10.38
C SER A 5 -5.14 14.40 10.84
N SER A 6 -5.21 13.63 11.93
CA SER A 6 -4.05 12.96 12.47
C SER A 6 -4.03 11.49 12.06
N GLY A 7 -3.30 11.19 10.99
CA GLY A 7 -3.22 9.82 10.52
C GLY A 7 -3.85 9.64 9.15
N PRO A 8 -3.11 10.00 8.09
CA PRO A 8 -3.58 9.89 6.71
C PRO A 8 -3.70 8.44 6.25
N VAL A 9 -2.76 7.60 6.70
CA VAL A 9 -2.77 6.18 6.34
C VAL A 9 -3.93 5.45 7.01
N LYS A 10 -4.81 4.89 6.19
CA LYS A 10 -5.96 4.17 6.71
C LYS A 10 -5.54 2.80 7.25
N VAL A 11 -6.04 2.46 8.43
CA VAL A 11 -5.72 1.18 9.06
C VAL A 11 -6.77 0.12 8.73
N VAL A 12 -6.32 -1.09 8.42
CA VAL A 12 -7.22 -2.18 8.09
C VAL A 12 -7.04 -3.34 9.05
N VAL A 13 -8.08 -4.16 9.19
CA VAL A 13 -8.04 -5.32 10.07
C VAL A 13 -8.50 -6.58 9.34
N GLY A 14 -8.46 -7.70 10.05
CA GLY A 14 -8.87 -8.97 9.46
C GLY A 14 -10.36 -9.03 9.22
N LYS A 15 -11.07 -7.98 9.61
CA LYS A 15 -12.51 -7.92 9.43
C LYS A 15 -12.88 -6.99 8.28
N THR A 16 -11.97 -6.08 7.94
CA THR A 16 -12.21 -5.13 6.86
C THR A 16 -11.13 -5.26 5.78
N PHE A 17 -10.29 -6.27 5.92
CA PHE A 17 -9.22 -6.51 4.95
C PHE A 17 -9.78 -6.95 3.60
N ASP A 18 -10.68 -7.92 3.63
CA ASP A 18 -11.29 -8.43 2.41
C ASP A 18 -12.25 -7.41 1.81
N ALA A 19 -12.53 -6.36 2.58
CA ALA A 19 -13.43 -5.30 2.13
C ALA A 19 -12.65 -4.11 1.57
N ILE A 20 -11.55 -3.76 2.23
CA ILE A 20 -10.73 -2.64 1.81
C ILE A 20 -9.55 -3.12 0.97
N VAL A 21 -8.61 -3.81 1.62
CA VAL A 21 -7.43 -4.32 0.93
C VAL A 21 -7.82 -5.15 -0.30
N MET A 22 -9.02 -5.72 -0.25
CA MET A 22 -9.52 -6.53 -1.36
C MET A 22 -10.70 -5.85 -2.04
N ASP A 23 -10.64 -4.53 -2.14
CA ASP A 23 -11.71 -3.76 -2.78
C ASP A 23 -11.46 -3.62 -4.28
N PRO A 24 -12.26 -4.33 -5.09
CA PRO A 24 -12.14 -4.28 -6.56
C PRO A 24 -12.57 -2.94 -7.13
N LYS A 25 -12.93 -2.01 -6.25
CA LYS A 25 -13.36 -0.68 -6.68
C LYS A 25 -12.16 0.25 -6.85
N LYS A 26 -11.02 -0.14 -6.28
CA LYS A 26 -9.81 0.66 -6.38
C LYS A 26 -8.61 -0.11 -5.83
N ASP A 27 -7.42 0.28 -6.26
CA ASP A 27 -6.20 -0.37 -5.81
C ASP A 27 -5.80 0.11 -4.42
N VAL A 28 -5.69 -0.82 -3.48
CA VAL A 28 -5.31 -0.49 -2.12
C VAL A 28 -3.94 -1.06 -1.76
N LEU A 29 -3.07 -0.20 -1.24
CA LEU A 29 -1.73 -0.62 -0.87
C LEU A 29 -1.65 -0.94 0.62
N ILE A 30 -1.64 -2.24 0.94
CA ILE A 30 -1.58 -2.68 2.32
C ILE A 30 -0.14 -2.90 2.76
N GLU A 31 0.20 -2.41 3.96
CA GLU A 31 1.54 -2.56 4.49
C GLU A 31 1.52 -3.23 5.86
N PHE A 32 1.98 -4.48 5.91
CA PHE A 32 2.00 -5.25 7.14
C PHE A 32 3.15 -4.78 8.04
N TYR A 33 2.81 -4.12 9.13
CA TYR A 33 3.80 -3.62 10.08
C TYR A 33 3.70 -4.33 11.42
N ALA A 34 4.83 -4.45 12.11
CA ALA A 34 4.87 -5.12 13.41
C ALA A 34 5.23 -4.13 14.52
N PRO A 35 4.41 -4.10 15.57
CA PRO A 35 4.63 -3.20 16.72
C PRO A 35 5.85 -3.62 17.54
N TRP A 36 6.49 -4.70 17.14
CA TRP A 36 7.67 -5.20 17.85
C TRP A 36 8.89 -5.18 16.94
N CYS A 37 8.77 -4.51 15.81
CA CYS A 37 9.88 -4.41 14.85
C CYS A 37 10.37 -2.97 14.74
N GLY A 38 11.69 -2.80 14.77
CA GLY A 38 12.27 -1.48 14.66
C GLY A 38 12.42 -1.02 13.24
N HIS A 39 12.45 -1.97 12.30
CA HIS A 39 12.59 -1.66 10.89
C HIS A 39 11.30 -1.07 10.33
N CYS A 40 10.22 -1.19 11.09
CA CYS A 40 8.93 -0.66 10.68
C CYS A 40 8.68 0.71 11.29
N LYS A 41 9.14 0.90 12.53
CA LYS A 41 8.96 2.17 13.23
C LYS A 41 9.63 3.31 12.47
N GLN A 42 10.67 2.98 11.71
CA GLN A 42 11.40 3.97 10.94
C GLN A 42 10.59 4.40 9.72
N LEU A 43 9.77 3.49 9.21
CA LEU A 43 8.94 3.78 8.04
C LEU A 43 7.65 4.48 8.44
N GLU A 44 7.33 4.44 9.74
CA GLU A 44 6.12 5.06 10.25
C GLU A 44 5.85 6.38 9.52
N PRO A 45 6.80 7.32 9.61
CA PRO A 45 6.68 8.63 8.96
C PRO A 45 6.76 8.54 7.45
N ILE A 46 7.78 7.85 6.95
CA ILE A 46 7.97 7.69 5.52
C ILE A 46 6.68 7.26 4.84
N TYR A 47 5.90 6.43 5.53
CA TYR A 47 4.63 5.94 4.99
C TYR A 47 3.54 7.00 5.12
N THR A 48 3.54 7.70 6.25
CA THR A 48 2.55 8.75 6.51
C THR A 48 2.40 9.67 5.30
N SER A 49 3.53 10.23 4.86
CA SER A 49 3.53 11.15 3.72
C SER A 49 3.13 10.42 2.44
N LEU A 50 3.59 9.19 2.30
CA LEU A 50 3.28 8.38 1.14
C LEU A 50 1.78 8.22 0.96
N GLY A 51 1.05 8.25 2.08
CA GLY A 51 -0.39 8.12 2.03
C GLY A 51 -1.10 9.45 1.84
N LYS A 52 -0.88 10.37 2.76
CA LYS A 52 -1.50 11.68 2.68
C LYS A 52 -1.27 12.32 1.32
N LYS A 53 -0.13 12.01 0.71
CA LYS A 53 0.22 12.55 -0.60
C LYS A 53 -0.56 11.82 -1.70
N TYR A 54 -0.59 10.49 -1.62
CA TYR A 54 -1.29 9.69 -2.61
C TYR A 54 -2.76 9.56 -2.26
N LYS A 55 -3.15 10.16 -1.14
CA LYS A 55 -4.54 10.12 -0.69
C LYS A 55 -5.47 10.74 -1.72
N GLY A 56 -4.92 11.65 -2.54
CA GLY A 56 -5.72 12.30 -3.56
C GLY A 56 -5.45 11.76 -4.95
N GLN A 57 -5.24 10.45 -5.04
CA GLN A 57 -4.97 9.81 -6.32
C GLN A 57 -6.22 9.13 -6.86
N LYS A 58 -6.12 8.60 -8.08
CA LYS A 58 -7.24 7.92 -8.71
C LYS A 58 -7.40 6.51 -8.15
N ASP A 59 -8.55 6.25 -7.54
CA ASP A 59 -8.83 4.94 -6.96
C ASP A 59 -7.59 4.37 -6.26
N LEU A 60 -7.04 5.14 -5.34
CA LEU A 60 -5.85 4.71 -4.60
C LEU A 60 -5.94 5.13 -3.14
N VAL A 61 -5.77 4.16 -2.24
CA VAL A 61 -5.82 4.42 -0.80
C VAL A 61 -4.76 3.64 -0.06
N ILE A 62 -3.70 4.33 0.37
CA ILE A 62 -2.61 3.69 1.10
C ILE A 62 -3.02 3.38 2.52
N ALA A 63 -3.19 2.09 2.82
CA ALA A 63 -3.58 1.65 4.15
C ALA A 63 -2.55 0.69 4.73
N LYS A 64 -2.62 0.48 6.05
CA LYS A 64 -1.69 -0.41 6.73
C LYS A 64 -2.45 -1.41 7.61
N MET A 65 -1.77 -2.48 8.00
CA MET A 65 -2.37 -3.50 8.85
C MET A 65 -1.31 -4.21 9.69
N ASP A 66 -1.74 -4.81 10.79
CA ASP A 66 -0.84 -5.52 11.68
C ASP A 66 -0.98 -7.03 11.51
N ALA A 67 -0.35 -7.56 10.47
CA ALA A 67 -0.40 -8.99 10.19
C ALA A 67 -0.14 -9.81 11.45
N THR A 68 0.62 -9.24 12.38
CA THR A 68 0.94 -9.90 13.64
C THR A 68 -0.32 -10.24 14.41
N ALA A 69 -1.32 -9.36 14.33
CA ALA A 69 -2.59 -9.56 15.03
C ALA A 69 -3.68 -10.01 14.07
N ASN A 70 -3.75 -9.35 12.91
CA ASN A 70 -4.75 -9.67 11.91
C ASN A 70 -4.40 -10.99 11.21
N ASP A 71 -5.43 -11.81 10.98
CA ASP A 71 -5.23 -13.10 10.32
C ASP A 71 -5.49 -12.97 8.82
N ILE A 72 -4.42 -13.03 8.03
CA ILE A 72 -4.54 -12.93 6.58
C ILE A 72 -5.16 -14.18 5.98
N THR A 73 -6.48 -14.20 5.89
CA THR A 73 -7.20 -15.34 5.35
C THR A 73 -6.67 -15.71 3.96
N ASN A 74 -6.24 -14.70 3.21
CA ASN A 74 -5.71 -14.91 1.87
C ASN A 74 -4.65 -16.01 1.87
N ASP A 75 -4.24 -16.42 0.68
CA ASP A 75 -3.23 -17.47 0.54
C ASP A 75 -2.11 -17.02 -0.39
N GLN A 76 -2.05 -15.72 -0.65
CA GLN A 76 -1.02 -15.16 -1.52
C GLN A 76 -0.19 -14.12 -0.78
N TYR A 77 -0.82 -13.44 0.18
CA TYR A 77 -0.13 -12.42 0.96
C TYR A 77 0.62 -13.03 2.13
N LYS A 78 1.92 -13.24 1.94
CA LYS A 78 2.76 -13.82 2.98
C LYS A 78 3.76 -12.79 3.52
N VAL A 79 3.94 -12.78 4.83
CA VAL A 79 4.86 -11.86 5.46
C VAL A 79 6.10 -12.57 6.00
N GLU A 80 7.15 -12.60 5.20
CA GLU A 80 8.40 -13.27 5.59
C GLU A 80 9.38 -12.27 6.20
N GLY A 81 8.84 -11.18 6.75
CA GLY A 81 9.68 -10.16 7.37
C GLY A 81 9.09 -8.77 7.22
N PHE A 82 9.08 -8.02 8.32
CA PHE A 82 8.55 -6.67 8.32
C PHE A 82 9.67 -5.64 8.20
N PRO A 83 9.35 -4.48 7.61
CA PRO A 83 8.01 -4.20 7.09
C PRO A 83 7.67 -5.03 5.86
N THR A 84 6.44 -4.90 5.39
CA THR A 84 5.98 -5.65 4.23
C THR A 84 4.86 -4.92 3.50
N ILE A 85 5.18 -4.31 2.37
CA ILE A 85 4.20 -3.58 1.59
C ILE A 85 3.66 -4.43 0.44
N TYR A 86 2.37 -4.28 0.15
CA TYR A 86 1.74 -5.04 -0.92
C TYR A 86 0.75 -4.17 -1.69
N PHE A 87 0.72 -4.34 -3.00
CA PHE A 87 -0.19 -3.57 -3.85
C PHE A 87 -1.29 -4.46 -4.43
N ALA A 88 -2.52 -4.20 -4.03
CA ALA A 88 -3.67 -4.97 -4.51
C ALA A 88 -4.44 -4.20 -5.57
N PRO A 89 -4.14 -4.48 -6.85
CA PRO A 89 -4.79 -3.84 -7.98
C PRO A 89 -6.25 -4.26 -8.13
N SER A 90 -7.16 -3.30 -8.11
CA SER A 90 -8.58 -3.57 -8.25
C SER A 90 -8.85 -4.45 -9.47
N GLY A 91 -9.11 -5.73 -9.23
CA GLY A 91 -9.37 -6.66 -10.33
C GLY A 91 -8.41 -7.83 -10.34
N ASP A 92 -7.13 -7.55 -10.17
CA ASP A 92 -6.11 -8.59 -10.17
C ASP A 92 -5.47 -8.72 -8.78
N LYS A 93 -6.27 -8.52 -7.75
CA LYS A 93 -5.78 -8.61 -6.37
C LYS A 93 -5.24 -10.02 -6.08
N LYS A 94 -5.66 -10.98 -6.87
CA LYS A 94 -5.21 -12.37 -6.71
C LYS A 94 -3.70 -12.46 -6.82
N ASN A 95 -3.07 -11.39 -7.31
CA ASN A 95 -1.62 -11.35 -7.46
C ASN A 95 -1.02 -10.18 -6.68
N PRO A 96 -0.64 -10.45 -5.42
CA PRO A 96 -0.04 -9.43 -4.54
C PRO A 96 1.36 -9.03 -5.00
N ILE A 97 1.54 -7.75 -5.28
CA ILE A 97 2.84 -7.24 -5.72
C ILE A 97 3.64 -6.69 -4.54
N LYS A 98 4.66 -7.44 -4.12
CA LYS A 98 5.51 -7.02 -3.01
C LYS A 98 6.60 -6.08 -3.48
N PHE A 99 6.83 -5.01 -2.73
CA PHE A 99 7.86 -4.03 -3.07
C PHE A 99 9.24 -4.55 -2.71
N GLU A 100 10.00 -4.96 -3.72
CA GLU A 100 11.35 -5.48 -3.52
C GLU A 100 12.37 -4.68 -4.32
N GLY A 101 12.28 -3.36 -4.22
CA GLY A 101 13.20 -2.50 -4.94
C GLY A 101 14.55 -2.42 -4.28
N GLY A 102 14.56 -2.31 -2.95
CA GLY A 102 15.81 -2.22 -2.21
C GLY A 102 15.74 -1.23 -1.07
N ASN A 103 15.42 0.01 -1.39
CA ASN A 103 15.31 1.07 -0.38
C ASN A 103 13.86 1.43 -0.11
N ARG A 104 13.39 1.09 1.08
CA ARG A 104 12.01 1.37 1.47
C ARG A 104 11.89 2.79 2.02
N ASP A 105 11.66 3.75 1.13
CA ASP A 105 11.52 5.15 1.53
C ASP A 105 10.45 5.84 0.70
N LEU A 106 10.24 7.13 0.96
CA LEU A 106 9.25 7.91 0.24
C LEU A 106 9.70 8.18 -1.19
N GLU A 107 10.99 8.05 -1.42
CA GLU A 107 11.56 8.29 -2.75
C GLU A 107 11.40 7.06 -3.64
N HIS A 108 11.56 5.88 -3.05
CA HIS A 108 11.41 4.63 -3.79
C HIS A 108 9.97 4.14 -3.77
N LEU A 109 9.35 4.17 -2.59
CA LEU A 109 7.98 3.73 -2.44
C LEU A 109 7.07 4.38 -3.48
N SER A 110 7.25 5.69 -3.67
CA SER A 110 6.45 6.43 -4.63
C SER A 110 6.75 5.98 -6.06
N LYS A 111 7.97 5.47 -6.26
CA LYS A 111 8.37 4.99 -7.58
C LYS A 111 7.86 3.58 -7.82
N PHE A 112 7.34 2.95 -6.78
CA PHE A 112 6.82 1.59 -6.89
C PHE A 112 5.30 1.61 -7.11
N ILE A 113 4.67 2.71 -6.72
CA ILE A 113 3.23 2.86 -6.86
C ILE A 113 2.87 3.34 -8.27
N ASP A 114 3.49 4.44 -8.68
CA ASP A 114 3.24 5.00 -10.01
C ASP A 114 3.25 3.90 -11.08
N GLU A 115 4.09 2.89 -10.87
CA GLU A 115 4.21 1.79 -11.80
C GLU A 115 2.93 0.94 -11.80
N HIS A 116 2.61 0.39 -10.65
CA HIS A 116 1.42 -0.45 -10.50
C HIS A 116 0.16 0.41 -10.39
N ALA A 117 0.33 1.72 -10.54
CA ALA A 117 -0.79 2.65 -10.45
C ALA A 117 -1.60 2.66 -11.75
N THR A 118 -2.58 3.55 -11.81
CA THR A 118 -3.42 3.68 -12.99
C THR A 118 -2.75 4.54 -14.06
N LYS A 119 -1.44 4.69 -13.95
CA LYS A 119 -0.68 5.49 -14.91
C LYS A 119 -1.17 6.94 -14.92
N ARG A 120 -1.28 7.52 -13.72
CA ARG A 120 -1.74 8.89 -13.59
C ARG A 120 -0.57 9.87 -13.66
N SER A 121 -0.74 10.95 -14.42
CA SER A 121 0.31 11.95 -14.57
C SER A 121 0.21 13.02 -13.48
N ARG A 122 1.31 13.28 -12.80
CA ARG A 122 1.34 14.27 -11.74
C ARG A 122 0.62 15.55 -12.16
N THR A 123 0.27 16.37 -11.19
CA THR A 123 -0.44 17.63 -11.45
C THR A 123 0.23 18.79 -10.73
N LYS A 124 1.18 19.44 -11.42
CA LYS A 124 1.88 20.58 -10.85
C LYS A 124 0.91 21.62 -10.32
N GLU A 125 1.30 22.30 -9.25
CA GLU A 125 0.45 23.33 -8.64
C GLU A 125 1.07 24.71 -8.82
N GLU A 126 0.28 25.63 -9.37
CA GLU A 126 0.74 26.99 -9.61
C GLU A 126 -0.38 28.00 -9.38
N LEU A 127 -0.01 29.25 -9.10
CA LEU A 127 -0.99 30.30 -8.86
C LEU A 127 -0.30 31.66 -8.72
N SER A 128 -0.78 32.64 -9.49
CA SER A 128 -0.21 33.98 -9.45
C SER A 128 -1.27 35.01 -9.10
N GLY A 129 -0.83 36.19 -8.67
CA GLY A 129 -1.75 37.24 -8.31
C GLY A 129 -1.06 38.54 -7.96
N PRO A 130 -0.49 39.21 -8.98
CA PRO A 130 0.22 40.47 -8.81
C PRO A 130 -0.71 41.62 -8.44
N SER A 131 -0.21 42.56 -7.65
CA SER A 131 -0.99 43.71 -7.22
C SER A 131 -1.09 44.75 -8.33
N SER A 132 -2.31 45.10 -8.70
CA SER A 132 -2.54 46.08 -9.76
C SER A 132 -2.98 47.42 -9.17
N GLY A 133 -2.24 48.47 -9.50
CA GLY A 133 -2.57 49.80 -9.00
C GLY A 133 -2.36 49.91 -7.50
N GLY A 1 -5.80 22.27 1.52
CA GLY A 1 -5.43 23.23 2.55
C GLY A 1 -4.96 22.55 3.82
N SER A 2 -5.15 23.22 4.95
CA SER A 2 -4.74 22.68 6.25
C SER A 2 -5.95 22.34 7.11
N SER A 3 -6.14 21.06 7.40
CA SER A 3 -7.26 20.61 8.21
C SER A 3 -6.77 19.77 9.38
N GLY A 4 -6.05 18.70 9.08
CA GLY A 4 -5.54 17.83 10.13
C GLY A 4 -5.09 16.48 9.58
N SER A 5 -3.78 16.33 9.39
CA SER A 5 -3.23 15.08 8.89
C SER A 5 -2.89 14.13 10.02
N SER A 6 -3.86 13.90 10.90
CA SER A 6 -3.68 12.99 12.04
C SER A 6 -3.80 11.54 11.61
N GLY A 7 -2.74 11.03 10.97
CA GLY A 7 -2.76 9.64 10.52
C GLY A 7 -3.41 9.48 9.16
N PRO A 8 -2.66 9.80 8.10
CA PRO A 8 -3.15 9.69 6.72
C PRO A 8 -3.35 8.25 6.28
N VAL A 9 -2.37 7.40 6.59
CA VAL A 9 -2.43 5.99 6.22
C VAL A 9 -3.60 5.30 6.93
N LYS A 10 -4.55 4.82 6.14
CA LYS A 10 -5.71 4.13 6.69
C LYS A 10 -5.34 2.74 7.19
N VAL A 11 -5.94 2.33 8.31
CA VAL A 11 -5.67 1.03 8.89
C VAL A 11 -6.72 0.01 8.48
N VAL A 12 -6.27 -1.17 8.06
CA VAL A 12 -7.17 -2.23 7.63
C VAL A 12 -7.00 -3.47 8.49
N VAL A 13 -8.11 -3.95 9.06
CA VAL A 13 -8.08 -5.14 9.91
C VAL A 13 -8.55 -6.37 9.15
N GLY A 14 -8.45 -7.53 9.78
CA GLY A 14 -8.87 -8.77 9.15
C GLY A 14 -10.35 -8.76 8.79
N LYS A 15 -11.16 -8.12 9.63
CA LYS A 15 -12.59 -8.05 9.40
C LYS A 15 -12.91 -7.10 8.26
N THR A 16 -11.99 -6.19 7.98
CA THR A 16 -12.17 -5.22 6.90
C THR A 16 -11.05 -5.32 5.87
N PHE A 17 -10.41 -6.48 5.83
CA PHE A 17 -9.31 -6.71 4.89
C PHE A 17 -9.85 -7.07 3.50
N ASP A 18 -10.73 -8.06 3.46
CA ASP A 18 -11.32 -8.50 2.20
C ASP A 18 -12.28 -7.45 1.65
N ALA A 19 -12.54 -6.42 2.44
CA ALA A 19 -13.44 -5.35 2.04
C ALA A 19 -12.67 -4.15 1.50
N ILE A 20 -11.59 -3.79 2.19
CA ILE A 20 -10.76 -2.66 1.79
C ILE A 20 -9.60 -3.12 0.92
N VAL A 21 -8.64 -3.82 1.53
CA VAL A 21 -7.48 -4.32 0.81
C VAL A 21 -7.90 -5.09 -0.43
N MET A 22 -9.09 -5.67 -0.40
CA MET A 22 -9.61 -6.43 -1.53
C MET A 22 -10.80 -5.72 -2.17
N ASP A 23 -10.72 -4.39 -2.24
CA ASP A 23 -11.79 -3.59 -2.83
C ASP A 23 -11.58 -3.44 -4.33
N PRO A 24 -12.43 -4.11 -5.13
CA PRO A 24 -12.36 -4.05 -6.59
C PRO A 24 -12.76 -2.69 -7.14
N LYS A 25 -13.04 -1.75 -6.24
CA LYS A 25 -13.44 -0.40 -6.63
C LYS A 25 -12.23 0.50 -6.80
N LYS A 26 -11.08 0.04 -6.30
CA LYS A 26 -9.85 0.81 -6.38
C LYS A 26 -8.67 0.01 -5.84
N ASP A 27 -7.48 0.30 -6.34
CA ASP A 27 -6.27 -0.39 -5.90
C ASP A 27 -5.84 0.10 -4.52
N VAL A 28 -5.76 -0.83 -3.56
CA VAL A 28 -5.36 -0.49 -2.21
C VAL A 28 -3.99 -1.07 -1.87
N LEU A 29 -3.11 -0.22 -1.35
CA LEU A 29 -1.76 -0.66 -0.99
C LEU A 29 -1.68 -0.99 0.50
N ILE A 30 -1.68 -2.28 0.81
CA ILE A 30 -1.61 -2.72 2.20
C ILE A 30 -0.16 -3.02 2.61
N GLU A 31 0.21 -2.59 3.80
CA GLU A 31 1.57 -2.81 4.30
C GLU A 31 1.54 -3.45 5.69
N PHE A 32 1.95 -4.70 5.78
CA PHE A 32 1.96 -5.42 7.05
C PHE A 32 3.13 -4.96 7.91
N TYR A 33 2.82 -4.19 8.95
CA TYR A 33 3.84 -3.69 9.86
C TYR A 33 3.78 -4.40 11.21
N ALA A 34 4.91 -4.44 11.90
CA ALA A 34 4.99 -5.08 13.20
C ALA A 34 5.35 -4.09 14.30
N PRO A 35 4.54 -4.06 15.37
CA PRO A 35 4.77 -3.15 16.51
C PRO A 35 6.00 -3.53 17.31
N TRP A 36 6.71 -4.55 16.87
CA TRP A 36 7.92 -5.01 17.55
C TRP A 36 9.13 -4.94 16.63
N CYS A 37 8.96 -4.29 15.48
CA CYS A 37 10.05 -4.16 14.52
C CYS A 37 10.56 -2.72 14.46
N GLY A 38 11.87 -2.56 14.57
CA GLY A 38 12.47 -1.24 14.53
C GLY A 38 12.34 -0.58 13.18
N HIS A 39 12.35 -1.39 12.12
CA HIS A 39 12.23 -0.87 10.76
C HIS A 39 10.89 -0.18 10.55
N CYS A 40 9.88 -0.63 11.29
CA CYS A 40 8.55 -0.05 11.19
C CYS A 40 8.52 1.36 11.79
N LYS A 41 9.33 1.57 12.81
CA LYS A 41 9.39 2.87 13.48
C LYS A 41 9.98 3.93 12.56
N GLN A 42 11.06 3.56 11.85
CA GLN A 42 11.71 4.48 10.92
C GLN A 42 10.85 4.73 9.69
N LEU A 43 10.03 3.73 9.34
CA LEU A 43 9.16 3.84 8.17
C LEU A 43 7.85 4.50 8.55
N GLU A 44 7.45 4.38 9.81
CA GLU A 44 6.21 4.96 10.29
C GLU A 44 5.93 6.28 9.59
N PRO A 45 6.86 7.23 9.71
CA PRO A 45 6.74 8.55 9.09
C PRO A 45 6.85 8.50 7.57
N ILE A 46 7.83 7.74 7.08
CA ILE A 46 8.05 7.60 5.65
C ILE A 46 6.77 7.18 4.94
N TYR A 47 5.99 6.33 5.59
CA TYR A 47 4.74 5.85 5.02
C TYR A 47 3.64 6.89 5.17
N THR A 48 3.69 7.65 6.26
CA THR A 48 2.69 8.68 6.52
C THR A 48 2.54 9.61 5.32
N SER A 49 3.61 10.31 4.97
CA SER A 49 3.59 11.24 3.84
C SER A 49 3.24 10.50 2.55
N LEU A 50 3.72 9.27 2.43
CA LEU A 50 3.46 8.46 1.23
C LEU A 50 1.97 8.32 0.99
N GLY A 51 1.19 8.32 2.08
CA GLY A 51 -0.25 8.20 1.96
C GLY A 51 -0.94 9.54 1.82
N LYS A 52 -0.77 10.40 2.83
CA LYS A 52 -1.40 11.71 2.82
C LYS A 52 -1.17 12.41 1.48
N LYS A 53 -0.03 12.13 0.86
CA LYS A 53 0.30 12.73 -0.43
C LYS A 53 -0.41 12.01 -1.56
N TYR A 54 -0.47 10.68 -1.47
CA TYR A 54 -1.13 9.87 -2.49
C TYR A 54 -2.64 9.80 -2.25
N LYS A 55 -3.10 10.49 -1.21
CA LYS A 55 -4.51 10.52 -0.87
C LYS A 55 -5.33 11.14 -2.00
N GLY A 56 -4.81 12.22 -2.58
CA GLY A 56 -5.50 12.88 -3.66
C GLY A 56 -5.27 12.21 -5.00
N GLN A 57 -5.16 10.88 -4.99
CA GLN A 57 -4.94 10.12 -6.20
C GLN A 57 -6.25 9.56 -6.74
N LYS A 58 -6.17 8.84 -7.87
CA LYS A 58 -7.35 8.25 -8.48
C LYS A 58 -7.52 6.79 -8.06
N ASP A 59 -8.61 6.51 -7.36
CA ASP A 59 -8.88 5.15 -6.89
C ASP A 59 -7.64 4.52 -6.28
N LEU A 60 -7.04 5.22 -5.32
CA LEU A 60 -5.84 4.73 -4.66
C LEU A 60 -5.81 5.16 -3.19
N VAL A 61 -5.76 4.19 -2.29
CA VAL A 61 -5.71 4.46 -0.86
C VAL A 61 -4.67 3.61 -0.16
N ILE A 62 -3.58 4.24 0.26
CA ILE A 62 -2.51 3.52 0.95
C ILE A 62 -2.89 3.23 2.39
N ALA A 63 -3.16 1.96 2.68
CA ALA A 63 -3.54 1.53 4.02
C ALA A 63 -2.49 0.60 4.61
N LYS A 64 -2.65 0.28 5.89
CA LYS A 64 -1.72 -0.62 6.57
C LYS A 64 -2.46 -1.54 7.53
N MET A 65 -1.90 -2.72 7.76
CA MET A 65 -2.50 -3.69 8.66
C MET A 65 -1.44 -4.39 9.51
N ASP A 66 -1.86 -4.93 10.65
CA ASP A 66 -0.94 -5.62 11.55
C ASP A 66 -1.03 -7.13 11.36
N ALA A 67 -0.26 -7.65 10.42
CA ALA A 67 -0.24 -9.08 10.14
C ALA A 67 0.16 -9.88 11.37
N THR A 68 0.77 -9.19 12.34
CA THR A 68 1.21 -9.84 13.56
C THR A 68 0.02 -10.22 14.45
N ALA A 69 -1.09 -9.50 14.27
CA ALA A 69 -2.30 -9.76 15.04
C ALA A 69 -3.41 -10.29 14.15
N ASN A 70 -3.62 -9.62 13.01
CA ASN A 70 -4.66 -10.03 12.07
C ASN A 70 -4.17 -11.15 11.17
N ASP A 71 -4.95 -12.21 11.08
CA ASP A 71 -4.60 -13.36 10.25
C ASP A 71 -5.08 -13.16 8.82
N ILE A 72 -4.14 -12.99 7.89
CA ILE A 72 -4.47 -12.79 6.49
C ILE A 72 -5.23 -13.99 5.92
N THR A 73 -6.54 -13.86 5.84
CA THR A 73 -7.38 -14.93 5.32
C THR A 73 -6.90 -15.38 3.95
N ASN A 74 -6.50 -14.43 3.12
CA ASN A 74 -6.02 -14.73 1.78
C ASN A 74 -4.92 -15.79 1.82
N ASP A 75 -4.35 -16.10 0.66
CA ASP A 75 -3.29 -17.09 0.57
C ASP A 75 -2.12 -16.56 -0.26
N GLN A 76 -2.43 -15.76 -1.27
CA GLN A 76 -1.42 -15.19 -2.14
C GLN A 76 -0.52 -14.22 -1.37
N TYR A 77 -1.04 -13.68 -0.27
CA TYR A 77 -0.29 -12.75 0.55
C TYR A 77 0.40 -13.46 1.71
N LYS A 78 1.73 -13.43 1.70
CA LYS A 78 2.51 -14.07 2.74
C LYS A 78 3.49 -13.08 3.38
N VAL A 79 3.61 -13.14 4.71
CA VAL A 79 4.50 -12.25 5.43
C VAL A 79 5.70 -13.01 5.99
N GLU A 80 6.85 -12.87 5.33
CA GLU A 80 8.06 -13.54 5.76
C GLU A 80 8.94 -12.61 6.59
N GLY A 81 8.82 -11.31 6.33
CA GLY A 81 9.61 -10.34 7.07
C GLY A 81 9.04 -8.94 6.96
N PHE A 82 9.03 -8.21 8.07
CA PHE A 82 8.51 -6.85 8.10
C PHE A 82 9.64 -5.84 8.00
N PRO A 83 9.33 -4.67 7.42
CA PRO A 83 7.99 -4.36 6.91
C PRO A 83 7.64 -5.17 5.68
N THR A 84 6.37 -5.14 5.29
CA THR A 84 5.91 -5.88 4.12
C THR A 84 4.80 -5.12 3.40
N ILE A 85 5.13 -4.60 2.22
CA ILE A 85 4.16 -3.85 1.43
C ILE A 85 3.59 -4.70 0.31
N TYR A 86 2.30 -4.52 0.03
CA TYR A 86 1.63 -5.27 -1.02
C TYR A 86 0.60 -4.41 -1.74
N PHE A 87 0.64 -4.44 -3.07
CA PHE A 87 -0.28 -3.66 -3.88
C PHE A 87 -1.38 -4.55 -4.46
N ALA A 88 -2.63 -4.26 -4.08
CA ALA A 88 -3.76 -5.03 -4.56
C ALA A 88 -4.54 -4.27 -5.62
N PRO A 89 -4.20 -4.53 -6.89
CA PRO A 89 -4.86 -3.87 -8.04
C PRO A 89 -6.30 -4.33 -8.22
N SER A 90 -7.23 -3.45 -7.90
CA SER A 90 -8.66 -3.76 -8.02
C SER A 90 -8.94 -4.48 -9.34
N GLY A 91 -9.20 -5.78 -9.25
CA GLY A 91 -9.48 -6.56 -10.44
C GLY A 91 -8.50 -7.71 -10.62
N ASP A 92 -7.22 -7.42 -10.41
CA ASP A 92 -6.18 -8.43 -10.56
C ASP A 92 -5.47 -8.69 -9.23
N LYS A 93 -6.23 -8.63 -8.13
CA LYS A 93 -5.67 -8.85 -6.81
C LYS A 93 -5.09 -10.25 -6.68
N LYS A 94 -5.70 -11.21 -7.38
CA LYS A 94 -5.24 -12.59 -7.35
C LYS A 94 -3.71 -12.65 -7.32
N ASN A 95 -3.08 -11.65 -7.92
CA ASN A 95 -1.62 -11.59 -7.96
C ASN A 95 -1.10 -10.40 -7.18
N PRO A 96 -0.75 -10.63 -5.91
CA PRO A 96 -0.24 -9.58 -5.02
C PRO A 96 1.16 -9.12 -5.43
N ILE A 97 1.34 -7.81 -5.56
CA ILE A 97 2.63 -7.25 -5.94
C ILE A 97 3.34 -6.64 -4.72
N LYS A 98 4.35 -7.33 -4.22
CA LYS A 98 5.11 -6.85 -3.08
C LYS A 98 6.23 -5.92 -3.52
N PHE A 99 6.63 -5.01 -2.63
CA PHE A 99 7.69 -4.06 -2.92
C PHE A 99 9.04 -4.58 -2.43
N GLU A 100 9.85 -5.07 -3.34
CA GLU A 100 11.17 -5.59 -2.99
C GLU A 100 12.27 -4.63 -3.43
N GLY A 101 12.81 -3.90 -2.47
CA GLY A 101 13.87 -2.95 -2.77
C GLY A 101 14.71 -2.62 -1.55
N GLY A 102 16.02 -2.76 -1.69
CA GLY A 102 16.92 -2.48 -0.58
C GLY A 102 16.51 -1.24 0.19
N ASN A 103 16.61 -0.08 -0.45
CA ASN A 103 16.24 1.18 0.19
C ASN A 103 14.73 1.35 0.23
N ARG A 104 14.16 1.27 1.42
CA ARG A 104 12.72 1.41 1.60
C ARG A 104 12.38 2.80 2.14
N ASP A 105 12.27 3.76 1.24
CA ASP A 105 11.95 5.13 1.63
C ASP A 105 10.77 5.67 0.82
N LEU A 106 10.46 6.94 1.00
CA LEU A 106 9.34 7.56 0.28
C LEU A 106 9.72 7.83 -1.17
N GLU A 107 11.01 7.97 -1.43
CA GLU A 107 11.49 8.22 -2.78
C GLU A 107 11.47 6.95 -3.62
N HIS A 108 11.74 5.82 -2.98
CA HIS A 108 11.74 4.53 -3.66
C HIS A 108 10.36 3.88 -3.61
N LEU A 109 9.59 4.22 -2.58
CA LEU A 109 8.24 3.68 -2.41
C LEU A 109 7.29 4.26 -3.44
N SER A 110 7.26 5.58 -3.53
CA SER A 110 6.38 6.27 -4.47
C SER A 110 6.69 5.84 -5.90
N LYS A 111 7.91 5.35 -6.12
CA LYS A 111 8.32 4.90 -7.44
C LYS A 111 7.80 3.50 -7.74
N PHE A 112 7.28 2.84 -6.71
CA PHE A 112 6.73 1.49 -6.86
C PHE A 112 5.23 1.53 -7.06
N ILE A 113 4.59 2.56 -6.52
CA ILE A 113 3.14 2.71 -6.64
C ILE A 113 2.76 3.20 -8.03
N ASP A 114 3.29 4.36 -8.41
CA ASP A 114 3.00 4.94 -9.73
C ASP A 114 2.95 3.85 -10.79
N GLU A 115 3.86 2.89 -10.70
CA GLU A 115 3.93 1.79 -11.66
C GLU A 115 2.62 0.98 -11.64
N HIS A 116 2.17 0.63 -10.44
CA HIS A 116 0.95 -0.14 -10.29
C HIS A 116 -0.25 0.78 -10.06
N ALA A 117 -0.02 2.08 -10.19
CA ALA A 117 -1.08 3.06 -10.01
C ALA A 117 -1.79 3.39 -11.32
N THR A 118 -2.98 3.96 -11.23
CA THR A 118 -3.75 4.31 -12.41
C THR A 118 -4.04 5.80 -12.45
N LYS A 119 -3.06 6.61 -12.05
CA LYS A 119 -3.20 8.06 -12.04
C LYS A 119 -2.67 8.66 -13.34
N ARG A 120 -2.50 7.82 -14.36
CA ARG A 120 -2.01 8.27 -15.65
C ARG A 120 -2.93 7.82 -16.78
N SER A 121 -2.75 8.41 -17.95
CA SER A 121 -3.57 8.06 -19.11
C SER A 121 -2.81 8.30 -20.41
N ARG A 122 -3.46 8.03 -21.54
CA ARG A 122 -2.85 8.22 -22.84
C ARG A 122 -2.73 9.71 -23.18
N THR A 123 -1.51 10.13 -23.49
CA THR A 123 -1.26 11.53 -23.83
C THR A 123 -0.52 11.66 -25.15
N LYS A 124 -0.21 12.89 -25.54
CA LYS A 124 0.50 13.14 -26.79
C LYS A 124 1.99 13.36 -26.54
N GLU A 125 2.57 12.52 -25.69
CA GLU A 125 3.98 12.63 -25.36
C GLU A 125 4.58 11.26 -25.08
N GLU A 126 5.85 11.07 -25.45
CA GLU A 126 6.53 9.80 -25.23
C GLU A 126 7.95 10.03 -24.71
N LEU A 127 8.36 9.21 -23.76
CA LEU A 127 9.69 9.32 -23.17
C LEU A 127 10.55 8.12 -23.55
N SER A 128 11.13 8.16 -24.75
CA SER A 128 11.98 7.08 -25.23
C SER A 128 12.76 7.52 -26.48
N GLY A 129 13.82 6.78 -26.78
CA GLY A 129 14.63 7.10 -27.94
C GLY A 129 14.80 5.92 -28.87
N PRO A 130 13.87 5.78 -29.83
CA PRO A 130 13.89 4.69 -30.81
C PRO A 130 15.04 4.83 -31.80
N SER A 131 15.75 5.94 -31.72
CA SER A 131 16.87 6.21 -32.63
C SER A 131 17.63 4.91 -32.92
N SER A 132 17.37 4.34 -34.09
CA SER A 132 18.03 3.10 -34.50
C SER A 132 19.41 3.39 -35.08
N GLY A 133 20.19 2.32 -35.29
CA GLY A 133 21.52 2.49 -35.83
C GLY A 133 22.10 1.17 -36.31
N GLY A 1 -16.39 16.73 5.10
CA GLY A 1 -15.25 17.44 4.53
C GLY A 1 -14.16 16.50 4.07
N SER A 2 -13.49 16.87 2.97
CA SER A 2 -12.41 16.05 2.42
C SER A 2 -11.12 16.24 3.21
N SER A 3 -10.78 17.50 3.46
CA SER A 3 -9.56 17.82 4.20
C SER A 3 -9.36 16.85 5.36
N GLY A 4 -8.13 16.37 5.53
CA GLY A 4 -7.84 15.45 6.60
C GLY A 4 -6.37 15.04 6.63
N SER A 5 -5.70 15.36 7.73
CA SER A 5 -4.28 15.03 7.87
C SER A 5 -4.08 13.98 8.96
N SER A 6 -4.56 14.28 10.17
CA SER A 6 -4.43 13.37 11.30
C SER A 6 -4.64 11.93 10.86
N GLY A 7 -3.58 11.13 10.92
CA GLY A 7 -3.67 9.74 10.53
C GLY A 7 -4.16 9.57 9.10
N PRO A 8 -3.29 9.89 8.13
CA PRO A 8 -3.62 9.78 6.71
C PRO A 8 -3.75 8.33 6.26
N VAL A 9 -2.82 7.48 6.69
CA VAL A 9 -2.83 6.08 6.33
C VAL A 9 -3.99 5.34 7.00
N LYS A 10 -4.87 4.77 6.19
CA LYS A 10 -6.03 4.04 6.71
C LYS A 10 -5.61 2.67 7.23
N VAL A 11 -6.23 2.25 8.33
CA VAL A 11 -5.93 0.96 8.95
C VAL A 11 -6.96 -0.09 8.54
N VAL A 12 -6.48 -1.26 8.15
CA VAL A 12 -7.37 -2.35 7.74
C VAL A 12 -7.19 -3.57 8.65
N VAL A 13 -8.27 -4.31 8.84
CA VAL A 13 -8.23 -5.50 9.69
C VAL A 13 -8.73 -6.73 8.93
N GLY A 14 -8.58 -7.89 9.55
CA GLY A 14 -9.02 -9.13 8.92
C GLY A 14 -10.52 -9.16 8.68
N LYS A 15 -11.25 -8.35 9.44
CA LYS A 15 -12.71 -8.28 9.32
C LYS A 15 -13.12 -7.39 8.16
N THR A 16 -12.27 -6.42 7.84
CA THR A 16 -12.54 -5.49 6.75
C THR A 16 -11.42 -5.50 5.71
N PHE A 17 -10.64 -6.58 5.71
CA PHE A 17 -9.53 -6.71 4.77
C PHE A 17 -10.04 -7.06 3.37
N ASP A 18 -10.86 -8.10 3.29
CA ASP A 18 -11.42 -8.53 2.01
C ASP A 18 -12.38 -7.49 1.46
N ALA A 19 -12.66 -6.47 2.26
CA ALA A 19 -13.58 -5.41 1.85
C ALA A 19 -12.80 -4.19 1.34
N ILE A 20 -11.73 -3.84 2.04
CA ILE A 20 -10.91 -2.70 1.66
C ILE A 20 -9.70 -3.14 0.83
N VAL A 21 -8.78 -3.84 1.48
CA VAL A 21 -7.57 -4.32 0.79
C VAL A 21 -7.93 -5.10 -0.46
N MET A 22 -9.16 -5.61 -0.50
CA MET A 22 -9.62 -6.38 -1.66
C MET A 22 -10.79 -5.67 -2.34
N ASP A 23 -10.72 -4.34 -2.39
CA ASP A 23 -11.76 -3.54 -3.02
C ASP A 23 -11.48 -3.37 -4.52
N PRO A 24 -12.29 -4.03 -5.35
CA PRO A 24 -12.16 -3.97 -6.81
C PRO A 24 -12.54 -2.60 -7.37
N LYS A 25 -12.84 -1.67 -6.47
CA LYS A 25 -13.22 -0.32 -6.88
C LYS A 25 -12.00 0.58 -7.01
N LYS A 26 -10.95 0.24 -6.27
CA LYS A 26 -9.71 1.02 -6.30
C LYS A 26 -8.55 0.22 -5.72
N ASP A 27 -7.37 0.41 -6.28
CA ASP A 27 -6.17 -0.30 -5.82
C ASP A 27 -5.79 0.16 -4.41
N VAL A 28 -5.76 -0.79 -3.49
CA VAL A 28 -5.41 -0.50 -2.10
C VAL A 28 -4.05 -1.09 -1.74
N LEU A 29 -3.14 -0.22 -1.30
CA LEU A 29 -1.80 -0.67 -0.92
C LEU A 29 -1.73 -1.00 0.56
N ILE A 30 -1.74 -2.30 0.88
CA ILE A 30 -1.67 -2.75 2.25
C ILE A 30 -0.23 -2.97 2.70
N GLU A 31 0.10 -2.44 3.88
CA GLU A 31 1.44 -2.58 4.42
C GLU A 31 1.41 -3.21 5.81
N PHE A 32 1.85 -4.47 5.89
CA PHE A 32 1.87 -5.20 7.15
C PHE A 32 3.02 -4.72 8.03
N TYR A 33 2.69 -3.98 9.08
CA TYR A 33 3.71 -3.46 9.99
C TYR A 33 3.67 -4.21 11.32
N ALA A 34 4.80 -4.21 12.03
CA ALA A 34 4.89 -4.88 13.32
C ALA A 34 5.24 -3.89 14.43
N PRO A 35 4.43 -3.89 15.49
CA PRO A 35 4.64 -3.00 16.64
C PRO A 35 5.86 -3.38 17.46
N TRP A 36 6.56 -4.42 17.02
CA TRP A 36 7.75 -4.90 17.71
C TRP A 36 8.97 -4.89 16.78
N CYS A 37 8.86 -4.13 15.69
CA CYS A 37 9.95 -4.03 14.72
C CYS A 37 10.50 -2.61 14.67
N GLY A 38 11.83 -2.51 14.67
CA GLY A 38 12.47 -1.20 14.63
C GLY A 38 12.34 -0.54 13.28
N HIS A 39 12.51 -1.33 12.22
CA HIS A 39 12.42 -0.80 10.85
C HIS A 39 11.09 -0.10 10.63
N CYS A 40 10.09 -0.47 11.44
CA CYS A 40 8.76 0.12 11.33
C CYS A 40 8.76 1.55 11.86
N LYS A 41 9.48 1.78 12.94
CA LYS A 41 9.56 3.10 13.55
C LYS A 41 10.15 4.11 12.57
N GLN A 42 11.17 3.70 11.84
CA GLN A 42 11.82 4.56 10.86
C GLN A 42 10.95 4.73 9.63
N LEU A 43 10.19 3.70 9.29
CA LEU A 43 9.32 3.73 8.12
C LEU A 43 7.99 4.40 8.46
N GLU A 44 7.70 4.52 9.75
CA GLU A 44 6.46 5.13 10.21
C GLU A 44 6.19 6.44 9.45
N PRO A 45 7.15 7.37 9.53
CA PRO A 45 7.05 8.68 8.87
C PRO A 45 7.15 8.56 7.35
N ILE A 46 7.90 7.56 6.89
CA ILE A 46 8.09 7.34 5.46
C ILE A 46 6.78 6.91 4.80
N TYR A 47 6.02 6.08 5.49
CA TYR A 47 4.75 5.59 4.97
C TYR A 47 3.66 6.65 5.10
N THR A 48 3.68 7.36 6.24
CA THR A 48 2.69 8.40 6.49
C THR A 48 2.55 9.33 5.30
N SER A 49 3.65 9.96 4.91
CA SER A 49 3.66 10.88 3.78
C SER A 49 3.25 10.16 2.50
N LEU A 50 3.71 8.94 2.34
CA LEU A 50 3.39 8.14 1.16
C LEU A 50 1.89 7.97 1.01
N GLY A 51 1.16 8.08 2.12
CA GLY A 51 -0.28 7.94 2.09
C GLY A 51 -0.99 9.27 1.99
N LYS A 52 -0.75 10.14 2.96
CA LYS A 52 -1.37 11.47 2.98
C LYS A 52 -1.17 12.18 1.65
N LYS A 53 -0.11 11.82 0.94
CA LYS A 53 0.20 12.42 -0.36
C LYS A 53 -0.55 11.70 -1.48
N TYR A 54 -0.62 10.38 -1.39
CA TYR A 54 -1.30 9.57 -2.39
C TYR A 54 -2.79 9.44 -2.07
N LYS A 55 -3.20 10.05 -0.96
CA LYS A 55 -4.60 10.00 -0.55
C LYS A 55 -5.49 10.68 -1.58
N GLY A 56 -4.93 11.63 -2.31
CA GLY A 56 -5.69 12.35 -3.32
C GLY A 56 -5.43 11.83 -4.72
N GLN A 57 -5.07 10.56 -4.83
CA GLN A 57 -4.79 9.94 -6.11
C GLN A 57 -6.06 9.36 -6.73
N LYS A 58 -5.92 8.78 -7.92
CA LYS A 58 -7.05 8.18 -8.62
C LYS A 58 -7.29 6.76 -8.15
N ASP A 59 -8.44 6.53 -7.52
CA ASP A 59 -8.79 5.20 -7.02
C ASP A 59 -7.59 4.54 -6.33
N LEU A 60 -7.01 5.25 -5.37
CA LEU A 60 -5.85 4.75 -4.64
C LEU A 60 -5.93 5.15 -3.16
N VAL A 61 -5.80 4.17 -2.28
CA VAL A 61 -5.85 4.42 -0.84
C VAL A 61 -4.81 3.58 -0.10
N ILE A 62 -3.74 4.22 0.34
CA ILE A 62 -2.68 3.52 1.06
C ILE A 62 -3.11 3.20 2.49
N ALA A 63 -3.29 1.90 2.76
CA ALA A 63 -3.70 1.47 4.09
C ALA A 63 -2.66 0.54 4.71
N LYS A 64 -2.79 0.28 6.00
CA LYS A 64 -1.86 -0.60 6.71
C LYS A 64 -2.61 -1.53 7.65
N MET A 65 -1.98 -2.66 7.99
CA MET A 65 -2.59 -3.63 8.89
C MET A 65 -1.53 -4.33 9.73
N ASP A 66 -1.93 -4.80 10.91
CA ASP A 66 -1.01 -5.49 11.81
C ASP A 66 -1.13 -7.01 11.67
N ALA A 67 -0.38 -7.58 10.75
CA ALA A 67 -0.41 -9.02 10.51
C ALA A 67 -0.14 -9.79 11.80
N THR A 68 0.48 -9.12 12.77
CA THR A 68 0.80 -9.74 14.04
C THR A 68 -0.48 -10.12 14.80
N ALA A 69 -1.54 -9.35 14.57
CA ALA A 69 -2.82 -9.62 15.23
C ALA A 69 -3.82 -10.22 14.27
N ASN A 70 -3.89 -9.66 13.06
CA ASN A 70 -4.81 -10.15 12.05
C ASN A 70 -4.16 -11.26 11.21
N ASP A 71 -4.88 -12.36 11.03
CA ASP A 71 -4.39 -13.48 10.26
C ASP A 71 -4.79 -13.36 8.80
N ILE A 72 -3.81 -13.23 7.91
CA ILE A 72 -4.06 -13.10 6.49
C ILE A 72 -4.42 -14.45 5.87
N THR A 73 -5.69 -14.81 5.96
CA THR A 73 -6.17 -16.08 5.41
C THR A 73 -5.75 -16.24 3.96
N ASN A 74 -5.74 -15.13 3.22
CA ASN A 74 -5.36 -15.14 1.81
C ASN A 74 -4.03 -15.87 1.62
N ASP A 75 -3.93 -16.61 0.53
CA ASP A 75 -2.71 -17.36 0.23
C ASP A 75 -1.84 -16.59 -0.76
N GLN A 76 -2.20 -15.33 -1.02
CA GLN A 76 -1.46 -14.50 -1.94
C GLN A 76 -0.57 -13.51 -1.19
N TYR A 77 -1.07 -13.03 -0.05
CA TYR A 77 -0.32 -12.08 0.76
C TYR A 77 0.28 -12.76 1.99
N LYS A 78 1.60 -12.96 1.96
CA LYS A 78 2.29 -13.59 3.07
C LYS A 78 3.34 -12.65 3.66
N VAL A 79 3.43 -12.63 4.99
CA VAL A 79 4.38 -11.78 5.68
C VAL A 79 5.60 -12.58 6.13
N GLU A 80 6.69 -12.46 5.40
CA GLU A 80 7.93 -13.17 5.72
C GLU A 80 8.99 -12.21 6.23
N GLY A 81 8.57 -11.05 6.72
CA GLY A 81 9.49 -10.06 7.23
C GLY A 81 8.95 -8.65 7.12
N PHE A 82 8.99 -7.91 8.23
CA PHE A 82 8.49 -6.53 8.25
C PHE A 82 9.64 -5.55 8.09
N PRO A 83 9.34 -4.39 7.50
CA PRO A 83 8.00 -4.06 7.01
C PRO A 83 7.62 -4.91 5.80
N THR A 84 6.34 -4.81 5.40
CA THR A 84 5.85 -5.57 4.27
C THR A 84 4.74 -4.80 3.55
N ILE A 85 5.04 -4.32 2.35
CA ILE A 85 4.07 -3.56 1.55
C ILE A 85 3.55 -4.40 0.39
N TYR A 86 2.27 -4.26 0.09
CA TYR A 86 1.65 -4.99 -1.00
C TYR A 86 0.70 -4.11 -1.79
N PHE A 87 0.70 -4.27 -3.11
CA PHE A 87 -0.16 -3.48 -3.98
C PHE A 87 -1.27 -4.33 -4.57
N ALA A 88 -2.51 -4.07 -4.16
CA ALA A 88 -3.65 -4.83 -4.66
C ALA A 88 -4.42 -4.03 -5.70
N PRO A 89 -4.13 -4.30 -6.98
CA PRO A 89 -4.78 -3.62 -8.10
C PRO A 89 -6.25 -4.01 -8.25
N SER A 90 -7.15 -3.04 -8.08
CA SER A 90 -8.57 -3.28 -8.19
C SER A 90 -8.89 -4.12 -9.42
N GLY A 91 -9.17 -5.40 -9.21
CA GLY A 91 -9.50 -6.28 -10.32
C GLY A 91 -8.56 -7.47 -10.40
N ASP A 92 -7.25 -7.18 -10.42
CA ASP A 92 -6.25 -8.24 -10.51
C ASP A 92 -5.58 -8.45 -9.15
N LYS A 93 -6.34 -8.28 -8.08
CA LYS A 93 -5.82 -8.46 -6.73
C LYS A 93 -5.27 -9.87 -6.53
N LYS A 94 -5.81 -10.82 -7.29
CA LYS A 94 -5.37 -12.21 -7.20
C LYS A 94 -3.85 -12.31 -7.28
N ASN A 95 -3.23 -11.27 -7.82
CA ASN A 95 -1.77 -11.23 -7.95
C ASN A 95 -1.19 -10.06 -7.17
N PRO A 96 -0.82 -10.30 -5.91
CA PRO A 96 -0.23 -9.27 -5.04
C PRO A 96 1.17 -8.87 -5.48
N ILE A 97 1.43 -7.57 -5.50
CA ILE A 97 2.73 -7.05 -5.89
C ILE A 97 3.48 -6.46 -4.70
N LYS A 98 4.38 -7.24 -4.13
CA LYS A 98 5.17 -6.80 -2.99
C LYS A 98 6.26 -5.83 -3.42
N PHE A 99 6.66 -4.95 -2.50
CA PHE A 99 7.69 -3.96 -2.78
C PHE A 99 9.06 -4.43 -2.26
N GLU A 100 9.91 -4.88 -3.18
CA GLU A 100 11.24 -5.36 -2.81
C GLU A 100 12.31 -4.44 -3.38
N GLY A 101 12.08 -3.14 -3.31
CA GLY A 101 13.04 -2.18 -3.82
C GLY A 101 14.16 -1.89 -2.83
N GLY A 102 14.51 -2.90 -2.03
CA GLY A 102 15.57 -2.74 -1.05
C GLY A 102 15.36 -1.53 -0.16
N ASN A 103 15.84 -0.38 -0.62
CA ASN A 103 15.70 0.85 0.14
C ASN A 103 14.23 1.17 0.43
N ARG A 104 13.86 1.10 1.70
CA ARG A 104 12.49 1.36 2.11
C ARG A 104 12.28 2.85 2.39
N ASP A 105 12.37 3.66 1.35
CA ASP A 105 12.19 5.10 1.48
C ASP A 105 10.98 5.58 0.68
N LEU A 106 10.60 6.83 0.87
CA LEU A 106 9.46 7.42 0.17
C LEU A 106 9.76 7.57 -1.32
N GLU A 107 11.02 7.84 -1.63
CA GLU A 107 11.44 8.01 -3.03
C GLU A 107 11.32 6.70 -3.79
N HIS A 108 11.72 5.61 -3.15
CA HIS A 108 11.66 4.29 -3.77
C HIS A 108 10.23 3.75 -3.78
N LEU A 109 9.50 4.04 -2.70
CA LEU A 109 8.12 3.58 -2.59
C LEU A 109 7.23 4.24 -3.65
N SER A 110 7.27 5.56 -3.70
CA SER A 110 6.47 6.31 -4.67
C SER A 110 6.79 5.86 -6.09
N LYS A 111 8.04 5.50 -6.32
CA LYS A 111 8.48 5.05 -7.64
C LYS A 111 7.95 3.66 -7.94
N PHE A 112 7.56 2.94 -6.89
CA PHE A 112 7.03 1.59 -7.03
C PHE A 112 5.51 1.60 -7.13
N ILE A 113 4.89 2.55 -6.44
CA ILE A 113 3.43 2.67 -6.45
C ILE A 113 2.93 3.15 -7.80
N ASP A 114 3.25 4.40 -8.13
CA ASP A 114 2.84 4.98 -9.40
C ASP A 114 2.80 3.93 -10.50
N GLU A 115 3.91 3.21 -10.66
CA GLU A 115 4.01 2.17 -11.68
C GLU A 115 2.76 1.29 -11.68
N HIS A 116 2.38 0.81 -10.51
CA HIS A 116 1.21 -0.04 -10.37
C HIS A 116 -0.06 0.80 -10.21
N ALA A 117 0.12 2.08 -9.93
CA ALA A 117 -1.00 3.00 -9.74
C ALA A 117 -1.20 3.89 -10.98
N THR A 118 -0.62 3.46 -12.10
CA THR A 118 -0.72 4.21 -13.34
C THR A 118 -2.10 4.06 -13.97
N LYS A 119 -3.14 4.21 -13.15
CA LYS A 119 -4.51 4.08 -13.63
C LYS A 119 -4.79 2.67 -14.11
N ARG A 120 -4.23 1.69 -13.41
CA ARG A 120 -4.42 0.28 -13.78
C ARG A 120 -5.81 0.06 -14.36
N SER A 121 -6.82 0.61 -13.70
CA SER A 121 -8.20 0.46 -14.15
C SER A 121 -8.85 1.82 -14.39
N ARG A 122 -8.31 2.56 -15.36
CA ARG A 122 -8.83 3.88 -15.70
C ARG A 122 -10.36 3.87 -15.73
N THR A 123 -10.96 4.88 -15.12
CA THR A 123 -12.41 4.99 -15.08
C THR A 123 -12.87 6.41 -15.42
N LYS A 124 -14.13 6.54 -15.82
CA LYS A 124 -14.69 7.84 -16.17
C LYS A 124 -15.19 8.56 -14.92
N GLU A 125 -14.35 8.65 -13.91
CA GLU A 125 -14.71 9.31 -12.66
C GLU A 125 -13.73 10.45 -12.35
N GLU A 126 -14.05 11.64 -12.83
CA GLU A 126 -13.21 12.81 -12.60
C GLU A 126 -13.90 13.83 -11.69
N LEU A 127 -13.22 14.23 -10.63
CA LEU A 127 -13.77 15.19 -9.69
C LEU A 127 -13.22 16.59 -9.96
N SER A 128 -14.10 17.59 -9.88
CA SER A 128 -13.71 18.97 -10.13
C SER A 128 -13.48 19.70 -8.81
N GLY A 129 -12.56 20.67 -8.83
CA GLY A 129 -12.25 21.42 -7.63
C GLY A 129 -11.28 22.56 -7.89
N PRO A 130 -11.78 23.66 -8.47
CA PRO A 130 -10.97 24.83 -8.78
C PRO A 130 -10.52 25.57 -7.53
N SER A 131 -9.33 25.23 -7.04
CA SER A 131 -8.77 25.86 -5.85
C SER A 131 -7.89 27.04 -6.22
N SER A 132 -7.60 27.89 -5.24
CA SER A 132 -6.77 29.07 -5.47
C SER A 132 -5.44 28.94 -4.74
N GLY A 133 -4.45 29.71 -5.19
CA GLY A 133 -3.14 29.66 -4.56
C GLY A 133 -2.99 30.66 -3.44
N GLY A 1 -16.77 6.27 3.43
CA GLY A 1 -18.02 6.16 4.16
C GLY A 1 -17.96 6.83 5.53
N SER A 2 -16.85 6.64 6.22
CA SER A 2 -16.67 7.23 7.55
C SER A 2 -15.37 8.04 7.60
N SER A 3 -15.34 9.02 8.50
CA SER A 3 -14.17 9.87 8.66
C SER A 3 -13.85 10.07 10.13
N GLY A 4 -12.63 9.70 10.52
CA GLY A 4 -12.21 9.84 11.91
C GLY A 4 -10.91 10.62 12.03
N SER A 5 -10.81 11.43 13.08
CA SER A 5 -9.61 12.23 13.33
C SER A 5 -8.41 11.34 13.61
N SER A 6 -7.80 10.81 12.55
CA SER A 6 -6.65 9.94 12.68
C SER A 6 -5.61 10.24 11.60
N GLY A 7 -4.51 9.50 11.64
CA GLY A 7 -3.45 9.71 10.66
C GLY A 7 -3.97 9.63 9.23
N PRO A 8 -3.10 9.98 8.27
CA PRO A 8 -3.45 9.96 6.85
C PRO A 8 -3.62 8.54 6.32
N VAL A 9 -2.69 7.66 6.67
CA VAL A 9 -2.74 6.27 6.23
C VAL A 9 -3.91 5.53 6.86
N LYS A 10 -4.77 4.98 6.03
CA LYS A 10 -5.94 4.24 6.50
C LYS A 10 -5.55 2.88 7.06
N VAL A 11 -6.20 2.47 8.12
CA VAL A 11 -5.92 1.18 8.75
C VAL A 11 -6.95 0.13 8.35
N VAL A 12 -6.48 -1.08 8.07
CA VAL A 12 -7.35 -2.17 7.67
C VAL A 12 -7.30 -3.32 8.68
N VAL A 13 -8.44 -3.96 8.91
CA VAL A 13 -8.51 -5.07 9.85
C VAL A 13 -9.01 -6.33 9.16
N GLY A 14 -8.89 -7.47 9.83
CA GLY A 14 -9.34 -8.73 9.27
C GLY A 14 -10.79 -8.68 8.85
N LYS A 15 -11.59 -7.91 9.56
CA LYS A 15 -13.02 -7.78 9.25
C LYS A 15 -13.24 -6.75 8.14
N THR A 16 -12.20 -5.97 7.85
CA THR A 16 -12.29 -4.95 6.82
C THR A 16 -11.17 -5.10 5.80
N PHE A 17 -10.59 -6.29 5.74
CA PHE A 17 -9.50 -6.58 4.81
C PHE A 17 -10.05 -6.95 3.43
N ASP A 18 -10.88 -7.99 3.39
CA ASP A 18 -11.47 -8.45 2.14
C ASP A 18 -12.40 -7.40 1.56
N ALA A 19 -12.64 -6.34 2.33
CA ALA A 19 -13.52 -5.26 1.89
C ALA A 19 -12.71 -4.09 1.35
N ILE A 20 -11.65 -3.72 2.06
CA ILE A 20 -10.79 -2.61 1.65
C ILE A 20 -9.61 -3.11 0.84
N VAL A 21 -8.68 -3.79 1.51
CA VAL A 21 -7.49 -4.31 0.84
C VAL A 21 -7.87 -5.11 -0.40
N MET A 22 -9.09 -5.65 -0.42
CA MET A 22 -9.58 -6.43 -1.54
C MET A 22 -10.74 -5.73 -2.22
N ASP A 23 -10.65 -4.42 -2.34
CA ASP A 23 -11.70 -3.62 -2.98
C ASP A 23 -11.53 -3.63 -4.49
N PRO A 24 -12.47 -4.31 -5.19
CA PRO A 24 -12.44 -4.41 -6.66
C PRO A 24 -12.77 -3.08 -7.32
N LYS A 25 -12.85 -2.01 -6.53
CA LYS A 25 -13.16 -0.69 -7.05
C LYS A 25 -11.87 0.09 -7.33
N LYS A 26 -10.87 -0.11 -6.48
CA LYS A 26 -9.59 0.58 -6.64
C LYS A 26 -8.46 -0.22 -6.00
N ASP A 27 -7.23 0.09 -6.39
CA ASP A 27 -6.06 -0.60 -5.86
C ASP A 27 -5.68 -0.06 -4.48
N VAL A 28 -5.63 -0.94 -3.49
CA VAL A 28 -5.29 -0.54 -2.13
C VAL A 28 -3.92 -1.10 -1.73
N LEU A 29 -3.01 -0.21 -1.38
CA LEU A 29 -1.67 -0.60 -0.97
C LEU A 29 -1.63 -0.99 0.51
N ILE A 30 -1.61 -2.28 0.79
CA ILE A 30 -1.58 -2.77 2.16
C ILE A 30 -0.14 -2.98 2.63
N GLU A 31 0.18 -2.44 3.80
CA GLU A 31 1.52 -2.58 4.36
C GLU A 31 1.47 -3.24 5.73
N PHE A 32 1.93 -4.49 5.80
CA PHE A 32 1.93 -5.24 7.05
C PHE A 32 3.06 -4.75 7.97
N TYR A 33 2.68 -4.03 9.02
CA TYR A 33 3.66 -3.51 9.97
C TYR A 33 3.56 -4.25 11.30
N ALA A 34 4.66 -4.23 12.05
CA ALA A 34 4.69 -4.89 13.36
C ALA A 34 5.07 -3.91 14.46
N PRO A 35 4.25 -3.85 15.52
CA PRO A 35 4.48 -2.96 16.65
C PRO A 35 5.68 -3.39 17.49
N TRP A 36 6.36 -4.44 17.06
CA TRP A 36 7.52 -4.96 17.78
C TRP A 36 8.74 -4.98 16.87
N CYS A 37 8.69 -4.20 15.79
CA CYS A 37 9.79 -4.13 14.84
C CYS A 37 10.33 -2.70 14.73
N GLY A 38 11.64 -2.56 14.83
CA GLY A 38 12.26 -1.25 14.75
C GLY A 38 12.17 -0.66 13.35
N HIS A 39 12.41 -1.49 12.34
CA HIS A 39 12.36 -1.05 10.95
C HIS A 39 11.07 -0.28 10.67
N CYS A 40 9.98 -0.75 11.26
CA CYS A 40 8.68 -0.11 11.07
C CYS A 40 8.69 1.30 11.64
N LYS A 41 9.46 1.51 12.71
CA LYS A 41 9.56 2.81 13.34
C LYS A 41 10.14 3.84 12.39
N GLN A 42 11.25 3.50 11.75
CA GLN A 42 11.90 4.40 10.81
C GLN A 42 11.05 4.58 9.56
N LEU A 43 10.16 3.63 9.30
CA LEU A 43 9.28 3.69 8.14
C LEU A 43 7.93 4.30 8.50
N GLU A 44 7.64 4.36 9.80
CA GLU A 44 6.38 4.92 10.27
C GLU A 44 6.08 6.26 9.59
N PRO A 45 7.03 7.21 9.70
CA PRO A 45 6.90 8.54 9.10
C PRO A 45 6.99 8.50 7.57
N ILE A 46 7.88 7.66 7.05
CA ILE A 46 8.06 7.52 5.62
C ILE A 46 6.76 7.09 4.94
N TYR A 47 6.06 6.14 5.57
CA TYR A 47 4.81 5.64 5.03
C TYR A 47 3.69 6.65 5.20
N THR A 48 3.73 7.38 6.32
CA THR A 48 2.71 8.38 6.61
C THR A 48 2.55 9.35 5.44
N SER A 49 3.60 10.11 5.15
CA SER A 49 3.57 11.07 4.06
C SER A 49 3.21 10.39 2.74
N LEU A 50 3.66 9.16 2.57
CA LEU A 50 3.38 8.39 1.37
C LEU A 50 1.88 8.23 1.15
N GLY A 51 1.12 8.29 2.25
CA GLY A 51 -0.32 8.15 2.17
C GLY A 51 -1.03 9.49 2.11
N LYS A 52 -0.72 10.36 3.06
CA LYS A 52 -1.33 11.68 3.11
C LYS A 52 -1.12 12.43 1.81
N LYS A 53 -0.11 12.03 1.04
CA LYS A 53 0.20 12.66 -0.23
C LYS A 53 -0.51 11.94 -1.38
N TYR A 54 -0.50 10.61 -1.33
CA TYR A 54 -1.14 9.81 -2.36
C TYR A 54 -2.65 9.74 -2.14
N LYS A 55 -3.11 10.30 -1.03
CA LYS A 55 -4.53 10.30 -0.69
C LYS A 55 -5.35 10.98 -1.79
N GLY A 56 -4.73 11.95 -2.47
CA GLY A 56 -5.41 12.65 -3.53
C GLY A 56 -5.07 12.10 -4.90
N GLN A 57 -4.99 10.78 -5.01
CA GLN A 57 -4.68 10.13 -6.27
C GLN A 57 -5.93 9.58 -6.93
N LYS A 58 -5.75 8.88 -8.04
CA LYS A 58 -6.87 8.28 -8.76
C LYS A 58 -7.09 6.84 -8.34
N ASP A 59 -8.25 6.57 -7.75
CA ASP A 59 -8.59 5.23 -7.30
C ASP A 59 -7.40 4.57 -6.61
N LEU A 60 -6.85 5.26 -5.62
CA LEU A 60 -5.70 4.75 -4.87
C LEU A 60 -5.76 5.18 -3.41
N VAL A 61 -5.63 4.22 -2.51
CA VAL A 61 -5.66 4.51 -1.08
C VAL A 61 -4.62 3.69 -0.33
N ILE A 62 -3.59 4.35 0.17
CA ILE A 62 -2.53 3.68 0.91
C ILE A 62 -2.97 3.37 2.33
N ALA A 63 -3.22 2.08 2.60
CA ALA A 63 -3.64 1.65 3.92
C ALA A 63 -2.67 0.63 4.51
N LYS A 64 -2.73 0.45 5.82
CA LYS A 64 -1.85 -0.51 6.50
C LYS A 64 -2.66 -1.53 7.28
N MET A 65 -1.98 -2.57 7.76
CA MET A 65 -2.64 -3.62 8.54
C MET A 65 -1.63 -4.35 9.41
N ASP A 66 -2.11 -4.89 10.53
CA ASP A 66 -1.25 -5.62 11.45
C ASP A 66 -1.39 -7.13 11.25
N ALA A 67 -0.51 -7.70 10.44
CA ALA A 67 -0.53 -9.13 10.16
C ALA A 67 -0.17 -9.93 11.40
N THR A 68 0.50 -9.29 12.36
CA THR A 68 0.92 -9.95 13.59
C THR A 68 -0.29 -10.28 14.46
N ALA A 69 -1.32 -9.44 14.39
CA ALA A 69 -2.53 -9.64 15.17
C ALA A 69 -3.65 -10.20 14.30
N ASN A 70 -3.83 -9.60 13.13
CA ASN A 70 -4.87 -10.05 12.20
C ASN A 70 -4.37 -11.18 11.32
N ASP A 71 -5.15 -12.25 11.26
CA ASP A 71 -4.78 -13.41 10.44
C ASP A 71 -5.23 -13.22 8.99
N ILE A 72 -4.28 -13.00 8.10
CA ILE A 72 -4.57 -12.81 6.69
C ILE A 72 -5.26 -14.03 6.10
N THR A 73 -6.57 -13.93 5.91
CA THR A 73 -7.35 -15.04 5.35
C THR A 73 -6.83 -15.43 3.96
N ASN A 74 -6.36 -14.43 3.22
CA ASN A 74 -5.84 -14.67 1.88
C ASN A 74 -4.83 -15.81 1.88
N ASP A 75 -4.26 -16.09 0.71
CA ASP A 75 -3.28 -17.15 0.57
C ASP A 75 -1.98 -16.63 -0.06
N GLN A 76 -2.13 -15.66 -0.96
CA GLN A 76 -0.98 -15.07 -1.63
C GLN A 76 -0.26 -14.08 -0.72
N TYR A 77 -1.01 -13.48 0.20
CA TYR A 77 -0.44 -12.52 1.13
C TYR A 77 0.23 -13.22 2.31
N LYS A 78 1.54 -13.42 2.20
CA LYS A 78 2.30 -14.07 3.26
C LYS A 78 3.34 -13.12 3.85
N VAL A 79 3.16 -12.78 5.13
CA VAL A 79 4.08 -11.88 5.81
C VAL A 79 5.17 -12.66 6.53
N GLU A 80 6.28 -12.91 5.82
CA GLU A 80 7.40 -13.65 6.40
C GLU A 80 8.17 -12.78 7.38
N GLY A 81 8.10 -11.46 7.19
CA GLY A 81 8.80 -10.54 8.06
C GLY A 81 8.18 -9.16 8.06
N PHE A 82 8.95 -8.16 8.49
CA PHE A 82 8.48 -6.79 8.53
C PHE A 82 9.64 -5.81 8.44
N PRO A 83 9.40 -4.65 7.80
CA PRO A 83 8.09 -4.32 7.24
C PRO A 83 7.76 -5.18 6.01
N THR A 84 6.55 -5.02 5.49
CA THR A 84 6.12 -5.77 4.32
C THR A 84 4.99 -5.05 3.59
N ILE A 85 5.31 -4.44 2.46
CA ILE A 85 4.33 -3.71 1.66
C ILE A 85 3.78 -4.59 0.54
N TYR A 86 2.50 -4.41 0.23
CA TYR A 86 1.86 -5.18 -0.82
C TYR A 86 0.84 -4.33 -1.59
N PHE A 87 0.74 -4.56 -2.89
CA PHE A 87 -0.19 -3.82 -3.72
C PHE A 87 -1.28 -4.74 -4.29
N ALA A 88 -2.52 -4.46 -3.91
CA ALA A 88 -3.65 -5.26 -4.37
C ALA A 88 -4.43 -4.53 -5.46
N PRO A 89 -4.09 -4.80 -6.72
CA PRO A 89 -4.75 -4.18 -7.87
C PRO A 89 -6.18 -4.67 -8.05
N SER A 90 -7.13 -3.74 -7.96
CA SER A 90 -8.54 -4.08 -8.11
C SER A 90 -8.80 -4.79 -9.43
N GLY A 91 -9.06 -6.10 -9.34
CA GLY A 91 -9.32 -6.88 -10.54
C GLY A 91 -8.32 -8.00 -10.71
N ASP A 92 -7.08 -7.76 -10.32
CA ASP A 92 -6.03 -8.75 -10.44
C ASP A 92 -5.31 -8.95 -9.11
N LYS A 93 -6.01 -8.67 -8.01
CA LYS A 93 -5.44 -8.82 -6.68
C LYS A 93 -4.89 -10.23 -6.47
N LYS A 94 -5.55 -11.20 -7.08
CA LYS A 94 -5.15 -12.60 -6.96
C LYS A 94 -3.62 -12.71 -6.87
N ASN A 95 -2.93 -11.80 -7.54
CA ASN A 95 -1.47 -11.79 -7.52
C ASN A 95 -0.93 -10.51 -6.87
N PRO A 96 -0.59 -10.61 -5.58
CA PRO A 96 -0.07 -9.48 -4.82
C PRO A 96 1.34 -9.08 -5.26
N ILE A 97 1.57 -7.78 -5.42
CA ILE A 97 2.86 -7.28 -5.83
C ILE A 97 3.66 -6.76 -4.64
N LYS A 98 4.65 -7.55 -4.21
CA LYS A 98 5.48 -7.18 -3.08
C LYS A 98 6.58 -6.21 -3.51
N PHE A 99 6.71 -5.11 -2.78
CA PHE A 99 7.72 -4.11 -3.09
C PHE A 99 9.11 -4.59 -2.68
N GLU A 100 9.94 -4.90 -3.67
CA GLU A 100 11.29 -5.37 -3.42
C GLU A 100 12.31 -4.57 -4.24
N GLY A 101 12.73 -3.44 -3.69
CA GLY A 101 13.70 -2.61 -4.39
C GLY A 101 14.93 -2.31 -3.53
N GLY A 102 15.19 -3.19 -2.56
CA GLY A 102 16.34 -2.99 -1.70
C GLY A 102 16.10 -1.93 -0.65
N ASN A 103 15.72 -0.73 -1.09
CA ASN A 103 15.47 0.37 -0.18
C ASN A 103 14.01 0.82 -0.26
N ARG A 104 13.43 1.16 0.88
CA ARG A 104 12.05 1.61 0.92
C ARG A 104 11.95 3.00 1.56
N ASP A 105 11.52 3.97 0.77
CA ASP A 105 11.38 5.35 1.25
C ASP A 105 10.35 6.11 0.43
N LEU A 106 10.17 7.39 0.75
CA LEU A 106 9.21 8.23 0.03
C LEU A 106 9.61 8.36 -1.44
N GLU A 107 10.84 8.00 -1.76
CA GLU A 107 11.34 8.09 -3.13
C GLU A 107 11.12 6.77 -3.86
N HIS A 108 11.57 5.68 -3.25
CA HIS A 108 11.42 4.35 -3.85
C HIS A 108 9.96 3.91 -3.84
N LEU A 109 9.30 4.09 -2.71
CA LEU A 109 7.89 3.71 -2.57
C LEU A 109 7.07 4.29 -3.70
N SER A 110 7.13 5.61 -3.87
CA SER A 110 6.37 6.29 -4.92
C SER A 110 6.64 5.66 -6.28
N LYS A 111 7.90 5.32 -6.53
CA LYS A 111 8.30 4.70 -7.78
C LYS A 111 7.68 3.31 -7.93
N PHE A 112 7.22 2.76 -6.82
CA PHE A 112 6.61 1.43 -6.81
C PHE A 112 5.10 1.53 -6.89
N ILE A 113 4.55 2.63 -6.37
CA ILE A 113 3.11 2.85 -6.39
C ILE A 113 2.65 3.36 -7.76
N ASP A 114 3.09 4.56 -8.11
CA ASP A 114 2.72 5.16 -9.38
C ASP A 114 2.71 4.12 -10.50
N GLU A 115 3.73 3.27 -10.52
CA GLU A 115 3.83 2.22 -11.53
C GLU A 115 2.59 1.34 -11.51
N HIS A 116 2.39 0.62 -10.41
CA HIS A 116 1.24 -0.27 -10.28
C HIS A 116 -0.05 0.53 -10.16
N ALA A 117 0.08 1.84 -10.05
CA ALA A 117 -1.09 2.72 -9.94
C ALA A 117 -1.88 2.75 -11.24
N THR A 118 -2.91 3.59 -11.27
CA THR A 118 -3.75 3.71 -12.47
C THR A 118 -3.18 4.75 -13.44
N LYS A 119 -2.09 4.39 -14.09
CA LYS A 119 -1.45 5.29 -15.06
C LYS A 119 -0.97 6.57 -14.37
N ARG A 120 -0.18 6.42 -13.32
CA ARG A 120 0.33 7.56 -12.57
C ARG A 120 1.82 7.76 -12.86
N SER A 121 2.22 7.52 -14.10
CA SER A 121 3.61 7.67 -14.51
C SER A 121 3.76 7.59 -16.02
N ARG A 122 4.98 7.68 -16.50
CA ARG A 122 5.26 7.61 -17.93
C ARG A 122 4.79 6.28 -18.50
N THR A 123 4.41 6.30 -19.78
CA THR A 123 3.93 5.09 -20.45
C THR A 123 5.06 4.40 -21.20
N LYS A 124 5.08 3.07 -21.14
CA LYS A 124 6.11 2.29 -21.82
C LYS A 124 5.59 0.90 -22.18
N GLU A 125 6.41 0.14 -22.89
CA GLU A 125 6.03 -1.21 -23.30
C GLU A 125 5.91 -2.13 -22.08
N GLU A 126 6.60 -1.77 -21.00
CA GLU A 126 6.58 -2.55 -19.78
C GLU A 126 6.52 -4.05 -20.11
N LEU A 127 7.35 -4.49 -21.04
CA LEU A 127 7.38 -5.88 -21.44
C LEU A 127 8.81 -6.32 -21.75
N SER A 128 9.11 -7.59 -21.49
CA SER A 128 10.44 -8.13 -21.74
C SER A 128 10.47 -9.64 -21.49
N GLY A 129 11.32 -10.34 -22.23
CA GLY A 129 11.43 -11.79 -22.07
C GLY A 129 11.97 -12.17 -20.72
N PRO A 130 13.15 -12.83 -20.72
CA PRO A 130 13.81 -13.28 -19.49
C PRO A 130 14.34 -12.11 -18.65
N SER A 131 13.50 -11.60 -17.76
CA SER A 131 13.88 -10.48 -16.90
C SER A 131 14.81 -10.94 -15.79
N SER A 132 14.46 -12.06 -15.15
CA SER A 132 15.25 -12.61 -14.06
C SER A 132 14.69 -13.94 -13.61
N GLY A 133 15.39 -14.58 -12.67
CA GLY A 133 14.94 -15.87 -12.16
C GLY A 133 16.09 -16.71 -11.63
N GLY A 1 -7.69 19.57 -0.30
CA GLY A 1 -8.80 18.77 0.16
C GLY A 1 -9.36 19.29 1.48
N SER A 2 -9.01 18.62 2.58
CA SER A 2 -9.49 19.00 3.89
C SER A 2 -8.31 19.29 4.83
N SER A 3 -7.36 18.37 4.86
CA SER A 3 -6.18 18.52 5.73
C SER A 3 -6.59 18.64 7.19
N GLY A 4 -7.58 17.84 7.59
CA GLY A 4 -8.04 17.87 8.97
C GLY A 4 -8.00 16.51 9.63
N SER A 5 -8.67 15.54 9.02
CA SER A 5 -8.71 14.18 9.55
C SER A 5 -7.34 13.76 10.06
N SER A 6 -7.31 13.17 11.25
CA SER A 6 -6.06 12.71 11.84
C SER A 6 -5.65 11.34 11.30
N GLY A 7 -4.40 11.23 10.88
CA GLY A 7 -3.91 9.98 10.35
C GLY A 7 -4.34 9.76 8.90
N PRO A 8 -3.44 10.04 7.96
CA PRO A 8 -3.71 9.88 6.53
C PRO A 8 -3.80 8.42 6.12
N VAL A 9 -2.87 7.60 6.61
CA VAL A 9 -2.86 6.18 6.29
C VAL A 9 -3.99 5.45 7.01
N LYS A 10 -4.92 4.91 6.23
CA LYS A 10 -6.06 4.19 6.78
C LYS A 10 -5.63 2.82 7.30
N VAL A 11 -6.21 2.40 8.42
CA VAL A 11 -5.90 1.11 9.01
C VAL A 11 -6.95 0.07 8.67
N VAL A 12 -6.50 -1.13 8.34
CA VAL A 12 -7.41 -2.23 7.99
C VAL A 12 -7.22 -3.41 8.92
N VAL A 13 -8.33 -4.06 9.29
CA VAL A 13 -8.28 -5.22 10.17
C VAL A 13 -8.69 -6.49 9.43
N GLY A 14 -8.69 -7.61 10.15
CA GLY A 14 -9.07 -8.87 9.54
C GLY A 14 -10.54 -8.93 9.19
N LYS A 15 -11.31 -7.97 9.70
CA LYS A 15 -12.74 -7.92 9.44
C LYS A 15 -13.05 -6.95 8.30
N THR A 16 -12.06 -6.13 7.95
CA THR A 16 -12.23 -5.15 6.87
C THR A 16 -11.12 -5.29 5.84
N PHE A 17 -10.38 -6.40 5.90
CA PHE A 17 -9.29 -6.66 4.97
C PHE A 17 -9.83 -7.04 3.59
N ASP A 18 -10.57 -8.14 3.54
CA ASP A 18 -11.14 -8.63 2.29
C ASP A 18 -12.14 -7.62 1.73
N ALA A 19 -12.43 -6.59 2.51
CA ALA A 19 -13.37 -5.56 2.08
C ALA A 19 -12.64 -4.35 1.50
N ILE A 20 -11.58 -3.92 2.20
CA ILE A 20 -10.80 -2.78 1.75
C ILE A 20 -9.59 -3.22 0.93
N VAL A 21 -8.63 -3.86 1.59
CA VAL A 21 -7.43 -4.34 0.93
C VAL A 21 -7.77 -5.16 -0.32
N MET A 22 -8.98 -5.71 -0.33
CA MET A 22 -9.44 -6.53 -1.45
C MET A 22 -10.62 -5.86 -2.16
N ASP A 23 -10.60 -4.53 -2.20
CA ASP A 23 -11.67 -3.78 -2.85
C ASP A 23 -11.40 -3.62 -4.34
N PRO A 24 -12.19 -4.32 -5.17
CA PRO A 24 -12.06 -4.27 -6.62
C PRO A 24 -12.48 -2.93 -7.20
N LYS A 25 -12.84 -1.99 -6.32
CA LYS A 25 -13.27 -0.67 -6.74
C LYS A 25 -12.07 0.26 -6.90
N LYS A 26 -10.98 -0.07 -6.22
CA LYS A 26 -9.77 0.74 -6.29
C LYS A 26 -8.57 -0.02 -5.71
N ASP A 27 -7.39 0.25 -6.24
CA ASP A 27 -6.17 -0.41 -5.77
C ASP A 27 -5.80 0.09 -4.37
N VAL A 28 -5.72 -0.84 -3.43
CA VAL A 28 -5.37 -0.51 -2.06
C VAL A 28 -4.00 -1.06 -1.68
N LEU A 29 -3.10 -0.18 -1.26
CA LEU A 29 -1.75 -0.58 -0.86
C LEU A 29 -1.69 -0.90 0.62
N ILE A 30 -1.66 -2.19 0.94
CA ILE A 30 -1.60 -2.63 2.33
C ILE A 30 -0.16 -2.82 2.78
N GLU A 31 0.15 -2.35 3.99
CA GLU A 31 1.50 -2.47 4.53
C GLU A 31 1.46 -3.15 5.89
N PHE A 32 1.91 -4.40 5.94
CA PHE A 32 1.94 -5.17 7.18
C PHE A 32 3.09 -4.71 8.07
N TYR A 33 2.76 -4.00 9.14
CA TYR A 33 3.76 -3.50 10.08
C TYR A 33 3.73 -4.29 11.38
N ALA A 34 4.87 -4.31 12.06
CA ALA A 34 4.98 -5.04 13.34
C ALA A 34 5.24 -4.07 14.49
N PRO A 35 4.37 -4.11 15.50
CA PRO A 35 4.49 -3.25 16.68
C PRO A 35 5.67 -3.63 17.56
N TRP A 36 6.42 -4.65 17.13
CA TRP A 36 7.57 -5.11 17.89
C TRP A 36 8.83 -5.10 17.02
N CYS A 37 8.73 -4.44 15.86
CA CYS A 37 9.86 -4.37 14.94
C CYS A 37 10.31 -2.92 14.76
N GLY A 38 11.60 -2.73 14.48
CA GLY A 38 12.13 -1.39 14.29
C GLY A 38 12.16 -0.99 12.83
N HIS A 39 12.67 -1.86 11.98
CA HIS A 39 12.75 -1.59 10.55
C HIS A 39 11.43 -1.04 10.02
N CYS A 40 10.35 -1.30 10.76
CA CYS A 40 9.02 -0.84 10.37
C CYS A 40 8.69 0.49 11.04
N LYS A 41 9.30 0.73 12.20
CA LYS A 41 9.06 1.96 12.94
C LYS A 41 9.66 3.16 12.21
N GLN A 42 10.76 2.93 11.51
CA GLN A 42 11.41 3.99 10.75
C GLN A 42 10.60 4.39 9.53
N LEU A 43 9.72 3.49 9.09
CA LEU A 43 8.87 3.75 7.94
C LEU A 43 7.56 4.40 8.36
N GLU A 44 7.28 4.37 9.66
CA GLU A 44 6.06 4.96 10.19
C GLU A 44 5.78 6.31 9.56
N PRO A 45 6.75 7.23 9.66
CA PRO A 45 6.64 8.58 9.10
C PRO A 45 6.68 8.57 7.57
N ILE A 46 7.64 7.86 7.02
CA ILE A 46 7.79 7.77 5.57
C ILE A 46 6.47 7.39 4.90
N TYR A 47 5.82 6.36 5.43
CA TYR A 47 4.55 5.89 4.90
C TYR A 47 3.48 6.95 5.05
N THR A 48 3.52 7.67 6.17
CA THR A 48 2.54 8.72 6.44
C THR A 48 2.42 9.69 5.27
N SER A 49 3.55 10.30 4.90
CA SER A 49 3.56 11.25 3.80
C SER A 49 3.22 10.55 2.48
N LEU A 50 3.72 9.33 2.31
CA LEU A 50 3.46 8.57 1.10
C LEU A 50 1.97 8.39 0.87
N GLY A 51 1.20 8.40 1.96
CA GLY A 51 -0.24 8.25 1.85
C GLY A 51 -0.96 9.58 1.79
N LYS A 52 -0.74 10.41 2.80
CA LYS A 52 -1.38 11.72 2.86
C LYS A 52 -1.15 12.49 1.56
N LYS A 53 0.00 12.26 0.94
CA LYS A 53 0.34 12.94 -0.30
C LYS A 53 -0.40 12.32 -1.48
N TYR A 54 -0.51 10.99 -1.48
CA TYR A 54 -1.20 10.28 -2.54
C TYR A 54 -2.72 10.39 -2.39
N LYS A 55 -3.14 11.12 -1.37
CA LYS A 55 -4.56 11.31 -1.10
C LYS A 55 -5.26 11.92 -2.31
N GLY A 56 -4.50 12.65 -3.12
CA GLY A 56 -5.06 13.28 -4.31
C GLY A 56 -4.96 12.40 -5.53
N GLN A 57 -5.17 11.10 -5.34
CA GLN A 57 -5.11 10.14 -6.44
C GLN A 57 -6.51 9.66 -6.83
N LYS A 58 -6.60 8.95 -7.95
CA LYS A 58 -7.87 8.45 -8.43
C LYS A 58 -8.01 6.96 -8.13
N ASP A 59 -8.92 6.63 -7.21
CA ASP A 59 -9.14 5.23 -6.84
C ASP A 59 -7.89 4.62 -6.23
N LEU A 60 -7.32 5.30 -5.24
CA LEU A 60 -6.12 4.83 -4.58
C LEU A 60 -6.11 5.24 -3.11
N VAL A 61 -5.95 4.26 -2.22
CA VAL A 61 -5.93 4.51 -0.79
C VAL A 61 -4.85 3.66 -0.10
N ILE A 62 -3.81 4.33 0.38
CA ILE A 62 -2.71 3.64 1.06
C ILE A 62 -3.09 3.33 2.51
N ALA A 63 -3.43 2.07 2.76
CA ALA A 63 -3.80 1.63 4.10
C ALA A 63 -2.72 0.73 4.71
N LYS A 64 -2.86 0.43 5.99
CA LYS A 64 -1.90 -0.43 6.69
C LYS A 64 -2.62 -1.41 7.61
N MET A 65 -1.89 -2.42 8.07
CA MET A 65 -2.45 -3.43 8.96
C MET A 65 -1.35 -4.14 9.75
N ASP A 66 -1.73 -4.70 10.90
CA ASP A 66 -0.78 -5.40 11.75
C ASP A 66 -0.94 -6.91 11.63
N ALA A 67 -0.26 -7.50 10.65
CA ALA A 67 -0.33 -8.94 10.43
C ALA A 67 0.00 -9.71 11.70
N THR A 68 0.80 -9.09 12.56
CA THR A 68 1.20 -9.72 13.82
C THR A 68 -0.02 -10.06 14.67
N ALA A 69 -1.05 -9.24 14.57
CA ALA A 69 -2.28 -9.45 15.33
C ALA A 69 -3.40 -9.98 14.43
N ASN A 70 -3.51 -9.41 13.24
CA ASN A 70 -4.54 -9.82 12.29
C ASN A 70 -4.02 -10.90 11.35
N ASP A 71 -4.76 -11.99 11.26
CA ASP A 71 -4.37 -13.11 10.39
C ASP A 71 -4.88 -12.90 8.97
N ILE A 72 -3.96 -12.86 8.02
CA ILE A 72 -4.33 -12.67 6.62
C ILE A 72 -5.02 -13.90 6.05
N THR A 73 -6.34 -13.82 5.91
CA THR A 73 -7.12 -14.92 5.39
C THR A 73 -6.61 -15.37 4.03
N ASN A 74 -6.12 -14.42 3.25
CA ASN A 74 -5.59 -14.71 1.91
C ASN A 74 -4.46 -15.75 2.01
N ASP A 75 -4.01 -16.21 0.85
CA ASP A 75 -2.94 -17.20 0.79
C ASP A 75 -1.72 -16.64 0.06
N GLN A 76 -1.96 -15.74 -0.88
CA GLN A 76 -0.88 -15.13 -1.65
C GLN A 76 -0.12 -14.12 -0.80
N TYR A 77 -0.83 -13.45 0.11
CA TYR A 77 -0.22 -12.45 0.97
C TYR A 77 0.50 -13.12 2.15
N LYS A 78 1.82 -13.21 2.04
CA LYS A 78 2.64 -13.83 3.08
C LYS A 78 3.61 -12.82 3.67
N VAL A 79 3.55 -12.65 4.99
CA VAL A 79 4.44 -11.71 5.68
C VAL A 79 5.63 -12.44 6.29
N GLU A 80 6.68 -12.59 5.50
CA GLU A 80 7.90 -13.26 5.96
C GLU A 80 8.63 -12.41 7.01
N GLY A 81 8.64 -11.10 6.80
CA GLY A 81 9.31 -10.20 7.72
C GLY A 81 8.61 -8.87 7.83
N PHE A 82 9.34 -7.85 8.28
CA PHE A 82 8.78 -6.51 8.44
C PHE A 82 9.87 -5.45 8.28
N PRO A 83 9.50 -4.30 7.69
CA PRO A 83 8.14 -4.07 7.22
C PRO A 83 7.78 -4.92 6.00
N THR A 84 6.54 -4.81 5.54
CA THR A 84 6.07 -5.56 4.39
C THR A 84 4.93 -4.85 3.68
N ILE A 85 5.22 -4.30 2.50
CA ILE A 85 4.21 -3.59 1.72
C ILE A 85 3.68 -4.46 0.59
N TYR A 86 2.40 -4.28 0.26
CA TYR A 86 1.76 -5.05 -0.80
C TYR A 86 0.77 -4.19 -1.57
N PHE A 87 0.84 -4.25 -2.90
CA PHE A 87 -0.06 -3.48 -3.75
C PHE A 87 -1.16 -4.36 -4.32
N ALA A 88 -2.40 -4.09 -3.94
CA ALA A 88 -3.54 -4.86 -4.41
C ALA A 88 -4.30 -4.11 -5.50
N PRO A 89 -3.98 -4.42 -6.77
CA PRO A 89 -4.63 -3.79 -7.92
C PRO A 89 -6.08 -4.19 -8.07
N SER A 90 -6.98 -3.22 -8.01
CA SER A 90 -8.40 -3.48 -8.14
C SER A 90 -8.69 -4.38 -9.33
N GLY A 91 -8.98 -5.64 -9.05
CA GLY A 91 -9.27 -6.60 -10.11
C GLY A 91 -8.30 -7.77 -10.12
N ASP A 92 -7.02 -7.46 -10.12
CA ASP A 92 -5.99 -8.50 -10.13
C ASP A 92 -5.33 -8.62 -8.76
N LYS A 93 -6.14 -8.49 -7.70
CA LYS A 93 -5.64 -8.58 -6.34
C LYS A 93 -5.13 -9.99 -6.05
N LYS A 94 -5.81 -10.99 -6.61
CA LYS A 94 -5.42 -12.38 -6.41
C LYS A 94 -3.91 -12.53 -6.40
N ASN A 95 -3.22 -11.61 -7.08
CA ASN A 95 -1.76 -11.64 -7.15
C ASN A 95 -1.17 -10.40 -6.49
N PRO A 96 -0.73 -10.55 -5.24
CA PRO A 96 -0.12 -9.44 -4.47
C PRO A 96 1.25 -9.05 -5.01
N ILE A 97 1.56 -7.77 -4.92
CA ILE A 97 2.85 -7.27 -5.39
C ILE A 97 3.69 -6.73 -4.23
N LYS A 98 4.68 -7.52 -3.83
CA LYS A 98 5.57 -7.13 -2.73
C LYS A 98 6.65 -6.18 -3.22
N PHE A 99 6.81 -5.06 -2.51
CA PHE A 99 7.82 -4.07 -2.88
C PHE A 99 9.22 -4.58 -2.56
N GLU A 100 9.94 -5.00 -3.60
CA GLU A 100 11.29 -5.51 -3.42
C GLU A 100 12.32 -4.39 -3.59
N GLY A 101 12.95 -4.00 -2.49
CA GLY A 101 13.94 -2.94 -2.52
C GLY A 101 14.59 -2.70 -1.18
N GLY A 102 15.86 -3.09 -1.06
CA GLY A 102 16.57 -2.91 0.19
C GLY A 102 16.20 -1.63 0.89
N ASN A 103 16.09 -0.54 0.14
CA ASN A 103 15.74 0.76 0.70
C ASN A 103 14.22 0.98 0.64
N ARG A 104 13.63 1.32 1.77
CA ARG A 104 12.20 1.56 1.85
C ARG A 104 11.92 2.99 2.28
N ASP A 105 12.00 3.92 1.34
CA ASP A 105 11.75 5.33 1.62
C ASP A 105 10.56 5.85 0.82
N LEU A 106 10.25 7.13 0.98
CA LEU A 106 9.14 7.74 0.27
C LEU A 106 9.46 7.88 -1.22
N GLU A 107 10.74 8.07 -1.53
CA GLU A 107 11.18 8.22 -2.91
C GLU A 107 11.18 6.87 -3.62
N HIS A 108 11.61 5.84 -2.91
CA HIS A 108 11.66 4.49 -3.48
C HIS A 108 10.26 3.88 -3.58
N LEU A 109 9.44 4.12 -2.56
CA LEU A 109 8.09 3.59 -2.53
C LEU A 109 7.24 4.20 -3.64
N SER A 110 7.26 5.54 -3.72
CA SER A 110 6.49 6.25 -4.73
C SER A 110 6.81 5.72 -6.13
N LYS A 111 8.10 5.48 -6.39
CA LYS A 111 8.53 4.97 -7.69
C LYS A 111 7.92 3.60 -7.96
N PHE A 112 7.40 2.97 -6.92
CA PHE A 112 6.80 1.65 -7.05
C PHE A 112 5.28 1.76 -7.23
N ILE A 113 4.66 2.64 -6.45
CA ILE A 113 3.22 2.84 -6.53
C ILE A 113 2.79 3.20 -7.95
N ASP A 114 3.32 4.31 -8.45
CA ASP A 114 3.00 4.76 -9.81
C ASP A 114 3.08 3.61 -10.80
N GLU A 115 4.25 3.02 -10.92
CA GLU A 115 4.48 1.90 -11.83
C GLU A 115 3.25 0.99 -11.87
N HIS A 116 2.91 0.40 -10.73
CA HIS A 116 1.77 -0.49 -10.63
C HIS A 116 0.46 0.28 -10.77
N ALA A 117 0.52 1.58 -10.49
CA ALA A 117 -0.66 2.44 -10.59
C ALA A 117 -1.22 2.45 -12.00
N THR A 118 -2.22 3.29 -12.23
CA THR A 118 -2.85 3.40 -13.54
C THR A 118 -1.96 4.15 -14.52
N LYS A 119 -0.69 3.77 -14.58
CA LYS A 119 0.26 4.41 -15.48
C LYS A 119 0.22 5.93 -15.32
N ARG A 120 0.21 6.39 -14.07
CA ARG A 120 0.17 7.82 -13.79
C ARG A 120 1.57 8.43 -13.90
N SER A 121 1.91 8.90 -15.09
CA SER A 121 3.21 9.50 -15.34
C SER A 121 3.35 10.82 -14.58
N ARG A 122 4.49 11.48 -14.76
CA ARG A 122 4.74 12.75 -14.08
C ARG A 122 5.25 13.80 -15.08
N THR A 123 5.03 15.06 -14.75
CA THR A 123 5.46 16.16 -15.61
C THR A 123 6.91 16.54 -15.34
N LYS A 124 7.59 17.01 -16.38
CA LYS A 124 8.99 17.41 -16.26
C LYS A 124 9.86 16.21 -15.91
N GLU A 125 9.69 15.11 -16.64
CA GLU A 125 10.46 13.90 -16.41
C GLU A 125 11.92 14.24 -16.10
N GLU A 126 12.52 13.47 -15.19
CA GLU A 126 13.91 13.69 -14.81
C GLU A 126 14.72 12.41 -14.98
N LEU A 127 16.03 12.51 -14.74
CA LEU A 127 16.93 11.38 -14.86
C LEU A 127 17.13 10.69 -13.52
N SER A 128 17.39 9.39 -13.55
CA SER A 128 17.61 8.61 -12.33
C SER A 128 18.65 9.28 -11.44
N GLY A 129 19.78 9.65 -12.04
CA GLY A 129 20.84 10.30 -11.29
C GLY A 129 22.20 9.68 -11.55
N PRO A 130 22.45 8.51 -10.94
CA PRO A 130 23.72 7.79 -11.11
C PRO A 130 23.88 7.21 -12.51
N SER A 131 22.84 7.32 -13.32
CA SER A 131 22.87 6.81 -14.69
C SER A 131 22.46 7.89 -15.68
N SER A 132 23.14 7.92 -16.82
CA SER A 132 22.86 8.91 -17.86
C SER A 132 22.06 8.29 -19.00
N GLY A 133 22.62 7.25 -19.61
CA GLY A 133 21.94 6.57 -20.70
C GLY A 133 21.97 7.39 -21.98
N GLY A 1 -17.24 9.93 5.33
CA GLY A 1 -17.19 10.92 4.27
C GLY A 1 -16.23 12.05 4.59
N SER A 2 -15.08 11.72 5.16
CA SER A 2 -14.08 12.72 5.52
C SER A 2 -12.69 12.30 5.04
N SER A 3 -11.78 13.26 5.00
CA SER A 3 -10.41 13.00 4.56
C SER A 3 -9.58 12.40 5.69
N GLY A 4 -9.59 13.07 6.84
CA GLY A 4 -8.84 12.58 7.99
C GLY A 4 -7.89 13.63 8.54
N SER A 5 -8.19 14.12 9.74
CA SER A 5 -7.36 15.13 10.37
C SER A 5 -6.03 14.54 10.83
N SER A 6 -6.10 13.48 11.63
CA SER A 6 -4.90 12.83 12.14
C SER A 6 -4.71 11.46 11.48
N GLY A 7 -3.46 11.10 11.23
CA GLY A 7 -3.16 9.82 10.60
C GLY A 7 -3.78 9.68 9.23
N PRO A 8 -3.00 10.00 8.19
CA PRO A 8 -3.46 9.93 6.80
C PRO A 8 -3.66 8.49 6.34
N VAL A 9 -2.67 7.64 6.61
CA VAL A 9 -2.75 6.24 6.22
C VAL A 9 -3.91 5.53 6.90
N LYS A 10 -4.84 5.03 6.10
CA LYS A 10 -6.01 4.34 6.63
C LYS A 10 -5.64 2.96 7.16
N VAL A 11 -6.18 2.61 8.32
CA VAL A 11 -5.89 1.31 8.94
C VAL A 11 -6.98 0.29 8.61
N VAL A 12 -6.57 -0.91 8.25
CA VAL A 12 -7.51 -1.97 7.91
C VAL A 12 -7.25 -3.21 8.74
N VAL A 13 -8.32 -3.84 9.21
CA VAL A 13 -8.21 -5.05 10.03
C VAL A 13 -8.74 -6.26 9.27
N GLY A 14 -8.61 -7.43 9.89
CA GLY A 14 -9.08 -8.66 9.26
C GLY A 14 -10.57 -8.64 8.99
N LYS A 15 -11.31 -7.89 9.80
CA LYS A 15 -12.76 -7.79 9.64
C LYS A 15 -13.10 -6.95 8.42
N THR A 16 -12.21 -6.02 8.07
CA THR A 16 -12.43 -5.15 6.91
C THR A 16 -11.29 -5.28 5.91
N PHE A 17 -10.53 -6.36 6.02
CA PHE A 17 -9.41 -6.60 5.12
C PHE A 17 -9.90 -7.02 3.74
N ASP A 18 -10.81 -7.99 3.71
CA ASP A 18 -11.35 -8.48 2.44
C ASP A 18 -12.31 -7.45 1.83
N ALA A 19 -12.60 -6.40 2.59
CA ALA A 19 -13.50 -5.36 2.12
C ALA A 19 -12.72 -4.17 1.57
N ILE A 20 -11.66 -3.79 2.26
CA ILE A 20 -10.81 -2.67 1.84
C ILE A 20 -9.62 -3.15 1.03
N VAL A 21 -8.69 -3.82 1.71
CA VAL A 21 -7.50 -4.33 1.05
C VAL A 21 -7.86 -5.16 -0.19
N MET A 22 -9.07 -5.70 -0.20
CA MET A 22 -9.55 -6.51 -1.30
C MET A 22 -10.74 -5.86 -1.99
N ASP A 23 -10.71 -4.53 -2.10
CA ASP A 23 -11.79 -3.78 -2.73
C ASP A 23 -11.60 -3.72 -4.24
N PRO A 24 -12.46 -4.44 -4.97
CA PRO A 24 -12.41 -4.49 -6.44
C PRO A 24 -12.82 -3.17 -7.07
N LYS A 25 -13.08 -2.17 -6.23
CA LYS A 25 -13.49 -0.85 -6.71
C LYS A 25 -12.26 0.03 -6.97
N LYS A 26 -11.19 -0.22 -6.24
CA LYS A 26 -9.96 0.54 -6.39
C LYS A 26 -8.78 -0.20 -5.79
N ASP A 27 -7.58 0.11 -6.27
CA ASP A 27 -6.36 -0.53 -5.78
C ASP A 27 -6.02 -0.03 -4.37
N VAL A 28 -5.70 -0.96 -3.48
CA VAL A 28 -5.36 -0.61 -2.11
C VAL A 28 -4.00 -1.19 -1.73
N LEU A 29 -3.07 -0.32 -1.36
CA LEU A 29 -1.73 -0.74 -0.96
C LEU A 29 -1.67 -1.04 0.53
N ILE A 30 -1.66 -2.32 0.87
CA ILE A 30 -1.61 -2.74 2.27
C ILE A 30 -0.17 -2.94 2.72
N GLU A 31 0.17 -2.36 3.87
CA GLU A 31 1.52 -2.47 4.42
C GLU A 31 1.49 -3.12 5.80
N PHE A 32 1.96 -4.35 5.88
CA PHE A 32 1.99 -5.09 7.14
C PHE A 32 3.13 -4.58 8.03
N TYR A 33 2.77 -3.87 9.09
CA TYR A 33 3.76 -3.32 10.02
C TYR A 33 3.71 -4.06 11.35
N ALA A 34 4.87 -4.17 12.00
CA ALA A 34 4.96 -4.85 13.29
C ALA A 34 5.19 -3.85 14.42
N PRO A 35 4.28 -3.83 15.40
CA PRO A 35 4.38 -2.93 16.56
C PRO A 35 5.53 -3.30 17.49
N TRP A 36 6.24 -4.37 17.15
CA TRP A 36 7.37 -4.83 17.96
C TRP A 36 8.63 -4.90 17.13
N CYS A 37 8.60 -4.29 15.95
CA CYS A 37 9.76 -4.28 15.06
C CYS A 37 10.36 -2.89 14.97
N GLY A 38 11.68 -2.83 14.77
CA GLY A 38 12.36 -1.55 14.66
C GLY A 38 12.53 -1.11 13.22
N HIS A 39 12.54 -2.06 12.30
CA HIS A 39 12.70 -1.77 10.88
C HIS A 39 11.46 -1.05 10.34
N CYS A 40 10.39 -1.04 11.12
CA CYS A 40 9.15 -0.39 10.72
C CYS A 40 9.13 1.07 11.16
N LYS A 41 9.53 1.31 12.41
CA LYS A 41 9.56 2.66 12.95
C LYS A 41 10.20 3.63 11.97
N GLN A 42 11.20 3.13 11.22
CA GLN A 42 11.89 3.96 10.24
C GLN A 42 10.97 4.31 9.07
N LEU A 43 10.06 3.40 8.75
CA LEU A 43 9.13 3.61 7.65
C LEU A 43 7.80 4.14 8.16
N GLU A 44 7.58 4.02 9.46
CA GLU A 44 6.34 4.50 10.09
C GLU A 44 5.97 5.88 9.56
N PRO A 45 6.89 6.84 9.74
CA PRO A 45 6.69 8.23 9.30
C PRO A 45 6.70 8.36 7.78
N ILE A 46 7.62 7.65 7.13
CA ILE A 46 7.75 7.68 5.69
C ILE A 46 6.44 7.29 5.02
N TYR A 47 5.77 6.30 5.59
CA TYR A 47 4.49 5.82 5.04
C TYR A 47 3.39 6.87 5.24
N THR A 48 3.51 7.64 6.32
CA THR A 48 2.52 8.66 6.63
C THR A 48 2.33 9.61 5.46
N SER A 49 3.43 10.22 5.02
CA SER A 49 3.39 11.16 3.90
C SER A 49 3.00 10.45 2.60
N LEU A 50 3.37 9.17 2.51
CA LEU A 50 3.06 8.37 1.33
C LEU A 50 1.56 8.24 1.13
N GLY A 51 0.82 8.35 2.23
CA GLY A 51 -0.63 8.24 2.15
C GLY A 51 -1.31 9.59 2.03
N LYS A 52 -0.92 10.53 2.89
CA LYS A 52 -1.49 11.87 2.87
C LYS A 52 -1.20 12.58 1.55
N LYS A 53 -0.20 12.07 0.84
CA LYS A 53 0.18 12.65 -0.45
C LYS A 53 -0.53 11.95 -1.59
N TYR A 54 -0.61 10.63 -1.51
CA TYR A 54 -1.25 9.83 -2.55
C TYR A 54 -2.76 9.78 -2.34
N LYS A 55 -3.22 10.48 -1.30
CA LYS A 55 -4.65 10.53 -0.99
C LYS A 55 -5.43 11.23 -2.09
N GLY A 56 -4.73 12.06 -2.85
CA GLY A 56 -5.38 12.79 -3.94
C GLY A 56 -5.23 12.08 -5.27
N GLN A 57 -5.15 10.75 -5.23
CA GLN A 57 -5.01 9.96 -6.45
C GLN A 57 -6.38 9.50 -6.96
N LYS A 58 -6.37 8.82 -8.09
CA LYS A 58 -7.61 8.32 -8.69
C LYS A 58 -7.83 6.86 -8.33
N ASP A 59 -8.70 6.61 -7.35
CA ASP A 59 -9.00 5.24 -6.92
C ASP A 59 -7.78 4.60 -6.28
N LEU A 60 -7.13 5.33 -5.37
CA LEU A 60 -5.95 4.83 -4.69
C LEU A 60 -5.95 5.23 -3.23
N VAL A 61 -5.98 4.24 -2.34
CA VAL A 61 -6.00 4.50 -0.90
C VAL A 61 -4.92 3.68 -0.19
N ILE A 62 -3.86 4.36 0.24
CA ILE A 62 -2.76 3.69 0.94
C ILE A 62 -3.12 3.41 2.38
N ALA A 63 -3.45 2.15 2.66
CA ALA A 63 -3.82 1.73 4.02
C ALA A 63 -2.82 0.72 4.56
N LYS A 64 -2.87 0.49 5.87
CA LYS A 64 -1.98 -0.45 6.52
C LYS A 64 -2.75 -1.37 7.48
N MET A 65 -2.19 -2.53 7.75
CA MET A 65 -2.83 -3.50 8.64
C MET A 65 -1.78 -4.28 9.44
N ASP A 66 -2.14 -4.68 10.65
CA ASP A 66 -1.22 -5.43 11.51
C ASP A 66 -1.39 -6.92 11.29
N ALA A 67 -0.39 -7.53 10.66
CA ALA A 67 -0.43 -8.97 10.39
C ALA A 67 -0.13 -9.77 11.65
N THR A 68 0.58 -9.16 12.59
CA THR A 68 0.94 -9.82 13.84
C THR A 68 -0.31 -10.15 14.66
N ALA A 69 -1.31 -9.29 14.57
CA ALA A 69 -2.57 -9.49 15.30
C ALA A 69 -3.65 -10.05 14.37
N ASN A 70 -3.78 -9.46 13.19
CA ASN A 70 -4.77 -9.90 12.22
C ASN A 70 -4.21 -10.98 11.31
N ASP A 71 -4.93 -12.08 11.19
CA ASP A 71 -4.51 -13.20 10.35
C ASP A 71 -4.97 -12.99 8.90
N ILE A 72 -4.02 -12.76 8.01
CA ILE A 72 -4.32 -12.54 6.61
C ILE A 72 -5.02 -13.76 6.00
N THR A 73 -6.33 -13.66 5.83
CA THR A 73 -7.11 -14.75 5.26
C THR A 73 -6.55 -15.18 3.91
N ASN A 74 -6.11 -14.21 3.11
CA ASN A 74 -5.55 -14.50 1.80
C ASN A 74 -4.51 -15.61 1.89
N ASP A 75 -3.97 -15.99 0.73
CA ASP A 75 -2.96 -17.04 0.68
C ASP A 75 -1.69 -16.53 0.00
N GLN A 76 -1.85 -15.62 -0.96
CA GLN A 76 -0.70 -15.06 -1.68
C GLN A 76 -0.01 -14.00 -0.83
N TYR A 77 -0.64 -13.60 0.27
CA TYR A 77 -0.08 -12.60 1.15
C TYR A 77 0.62 -13.24 2.34
N LYS A 78 1.95 -13.33 2.27
CA LYS A 78 2.74 -13.92 3.34
C LYS A 78 3.73 -12.91 3.92
N VAL A 79 3.54 -12.57 5.19
CA VAL A 79 4.41 -11.62 5.86
C VAL A 79 5.60 -12.32 6.51
N GLU A 80 6.67 -12.50 5.74
CA GLU A 80 7.88 -13.16 6.23
C GLU A 80 8.61 -12.28 7.24
N GLY A 81 8.41 -10.97 7.12
CA GLY A 81 9.05 -10.03 8.02
C GLY A 81 8.40 -8.67 8.00
N PHE A 82 9.14 -7.65 8.41
CA PHE A 82 8.62 -6.29 8.46
C PHE A 82 9.75 -5.27 8.31
N PRO A 83 9.44 -4.13 7.66
CA PRO A 83 8.10 -3.87 7.12
C PRO A 83 7.76 -4.76 5.93
N THR A 84 6.54 -4.63 5.43
CA THR A 84 6.10 -5.42 4.28
C THR A 84 4.94 -4.74 3.56
N ILE A 85 5.24 -4.16 2.40
CA ILE A 85 4.22 -3.48 1.60
C ILE A 85 3.69 -4.38 0.50
N TYR A 86 2.39 -4.24 0.21
CA TYR A 86 1.76 -5.06 -0.82
C TYR A 86 0.74 -4.24 -1.59
N PHE A 87 0.74 -4.39 -2.91
CA PHE A 87 -0.19 -3.66 -3.77
C PHE A 87 -1.26 -4.60 -4.34
N ALA A 88 -2.50 -4.42 -3.91
CA ALA A 88 -3.60 -5.25 -4.38
C ALA A 88 -4.44 -4.51 -5.42
N PRO A 89 -4.15 -4.78 -6.70
CA PRO A 89 -4.87 -4.14 -7.82
C PRO A 89 -6.31 -4.64 -7.93
N SER A 90 -7.25 -3.72 -7.79
CA SER A 90 -8.67 -4.05 -7.88
C SER A 90 -8.97 -4.81 -9.17
N GLY A 91 -9.24 -6.11 -9.02
CA GLY A 91 -9.54 -6.93 -10.18
C GLY A 91 -8.57 -8.07 -10.34
N ASP A 92 -7.28 -7.79 -10.18
CA ASP A 92 -6.25 -8.81 -10.32
C ASP A 92 -5.50 -9.00 -9.01
N LYS A 93 -6.23 -8.89 -7.89
CA LYS A 93 -5.64 -9.05 -6.58
C LYS A 93 -5.02 -10.44 -6.42
N LYS A 94 -5.63 -11.43 -7.05
CA LYS A 94 -5.13 -12.80 -6.98
C LYS A 94 -3.61 -12.83 -6.93
N ASN A 95 -2.99 -11.89 -7.65
CA ASN A 95 -1.52 -11.81 -7.68
C ASN A 95 -1.05 -10.53 -6.99
N PRO A 96 -0.71 -10.64 -5.70
CA PRO A 96 -0.23 -9.51 -4.90
C PRO A 96 1.17 -9.07 -5.32
N ILE A 97 1.40 -7.76 -5.27
CA ILE A 97 2.70 -7.21 -5.64
C ILE A 97 3.42 -6.63 -4.43
N LYS A 98 4.50 -7.27 -4.02
CA LYS A 98 5.28 -6.83 -2.87
C LYS A 98 6.39 -5.88 -3.32
N PHE A 99 6.78 -4.98 -2.41
CA PHE A 99 7.83 -4.01 -2.70
C PHE A 99 9.21 -4.58 -2.35
N GLU A 100 9.95 -4.99 -3.36
CA GLU A 100 11.28 -5.55 -3.16
C GLU A 100 12.35 -4.71 -3.86
N GLY A 101 12.76 -3.63 -3.20
CA GLY A 101 13.77 -2.75 -3.79
C GLY A 101 15.03 -2.69 -2.95
N GLY A 102 15.78 -1.61 -3.10
CA GLY A 102 17.01 -1.45 -2.35
C GLY A 102 16.83 -0.61 -1.10
N ASN A 103 15.86 0.31 -1.15
CA ASN A 103 15.58 1.19 -0.02
C ASN A 103 14.08 1.38 0.17
N ARG A 104 13.67 1.65 1.41
CA ARG A 104 12.26 1.85 1.71
C ARG A 104 12.01 3.29 2.19
N ASP A 105 12.09 4.24 1.27
CA ASP A 105 11.88 5.65 1.61
C ASP A 105 10.66 6.20 0.86
N LEU A 106 10.43 7.49 1.01
CA LEU A 106 9.30 8.15 0.35
C LEU A 106 9.58 8.34 -1.14
N GLU A 107 10.84 8.21 -1.53
CA GLU A 107 11.23 8.37 -2.92
C GLU A 107 11.21 7.03 -3.64
N HIS A 108 11.61 5.97 -2.94
CA HIS A 108 11.63 4.63 -3.53
C HIS A 108 10.23 4.04 -3.58
N LEU A 109 9.44 4.31 -2.55
CA LEU A 109 8.07 3.81 -2.48
C LEU A 109 7.22 4.37 -3.62
N SER A 110 7.25 5.69 -3.76
CA SER A 110 6.48 6.37 -4.79
C SER A 110 6.83 5.81 -6.17
N LYS A 111 8.09 5.44 -6.35
CA LYS A 111 8.56 4.88 -7.62
C LYS A 111 7.99 3.48 -7.85
N PHE A 112 7.52 2.85 -6.77
CA PHE A 112 6.94 1.52 -6.85
C PHE A 112 5.43 1.58 -7.00
N ILE A 113 4.83 2.60 -6.39
CA ILE A 113 3.38 2.76 -6.46
C ILE A 113 2.93 3.13 -7.87
N ASP A 114 3.42 4.25 -8.37
CA ASP A 114 3.08 4.72 -9.71
C ASP A 114 3.27 3.60 -10.73
N GLU A 115 4.49 3.08 -10.80
CA GLU A 115 4.80 2.01 -11.74
C GLU A 115 3.62 1.07 -11.91
N HIS A 116 3.22 0.44 -10.80
CA HIS A 116 2.10 -0.50 -10.82
C HIS A 116 0.77 0.25 -10.94
N ALA A 117 0.76 1.50 -10.51
CA ALA A 117 -0.44 2.33 -10.57
C ALA A 117 -0.99 2.40 -11.99
N THR A 118 -2.02 3.21 -12.17
CA THR A 118 -2.64 3.37 -13.48
C THR A 118 -2.02 4.53 -14.25
N LYS A 119 -0.73 4.76 -14.03
CA LYS A 119 -0.02 5.83 -14.70
C LYS A 119 -0.89 7.07 -14.83
N ARG A 120 -1.85 7.22 -13.92
CA ARG A 120 -2.76 8.36 -13.93
C ARG A 120 -2.00 9.66 -13.70
N SER A 121 -0.96 9.59 -12.86
CA SER A 121 -0.16 10.77 -12.55
C SER A 121 0.77 11.12 -13.71
N ARG A 122 0.36 12.09 -14.51
CA ARG A 122 1.15 12.53 -15.66
C ARG A 122 2.48 13.12 -15.21
N THR A 123 3.56 12.38 -15.44
CA THR A 123 4.90 12.82 -15.06
C THR A 123 5.96 12.17 -15.92
N LYS A 124 6.94 12.97 -16.34
CA LYS A 124 8.03 12.47 -17.16
C LYS A 124 9.07 11.73 -16.33
N GLU A 125 8.65 10.62 -15.72
CA GLU A 125 9.55 9.83 -14.90
C GLU A 125 9.79 8.44 -15.51
N GLU A 126 10.73 8.38 -16.44
CA GLU A 126 11.06 7.13 -17.11
C GLU A 126 12.55 6.82 -17.00
N LEU A 127 12.87 5.68 -16.39
CA LEU A 127 14.27 5.28 -16.22
C LEU A 127 14.45 3.81 -16.59
N SER A 128 15.14 3.57 -17.70
CA SER A 128 15.38 2.20 -18.16
C SER A 128 16.76 1.72 -17.70
N GLY A 129 17.80 2.42 -18.13
CA GLY A 129 19.15 2.04 -17.74
C GLY A 129 20.02 1.72 -18.94
N PRO A 130 21.14 1.04 -18.69
CA PRO A 130 22.09 0.65 -19.75
C PRO A 130 21.53 -0.45 -20.65
N SER A 131 21.77 -0.31 -21.95
CA SER A 131 21.28 -1.28 -22.93
C SER A 131 21.98 -2.62 -22.74
N SER A 132 21.19 -3.67 -22.53
CA SER A 132 21.74 -5.01 -22.34
C SER A 132 21.68 -5.80 -23.64
N GLY A 133 22.69 -5.60 -24.49
CA GLY A 133 22.73 -6.31 -25.76
C GLY A 133 22.50 -7.81 -25.60
N GLY A 1 -17.93 5.63 5.03
CA GLY A 1 -16.81 6.29 4.38
C GLY A 1 -16.16 7.33 5.27
N SER A 2 -15.61 6.88 6.40
CA SER A 2 -14.95 7.77 7.34
C SER A 2 -13.90 8.64 6.63
N SER A 3 -13.84 9.90 7.00
CA SER A 3 -12.89 10.84 6.40
C SER A 3 -11.49 10.64 6.99
N GLY A 4 -11.40 10.68 8.32
CA GLY A 4 -10.13 10.51 8.98
C GLY A 4 -9.45 11.82 9.29
N SER A 5 -9.56 12.27 10.54
CA SER A 5 -8.95 13.52 10.96
C SER A 5 -7.44 13.39 11.08
N SER A 6 -7.01 12.46 11.92
CA SER A 6 -5.57 12.23 12.14
C SER A 6 -5.12 10.96 11.44
N GLY A 7 -3.88 10.96 10.98
CA GLY A 7 -3.34 9.79 10.30
C GLY A 7 -3.89 9.64 8.89
N PRO A 8 -3.05 9.97 7.89
CA PRO A 8 -3.43 9.88 6.47
C PRO A 8 -3.60 8.43 6.01
N VAL A 9 -2.81 7.53 6.58
CA VAL A 9 -2.86 6.12 6.23
C VAL A 9 -3.99 5.42 6.98
N LYS A 10 -4.90 4.79 6.24
CA LYS A 10 -6.02 4.08 6.84
C LYS A 10 -5.58 2.71 7.34
N VAL A 11 -6.11 2.31 8.49
CA VAL A 11 -5.78 1.02 9.08
C VAL A 11 -6.82 -0.04 8.73
N VAL A 12 -6.34 -1.22 8.36
CA VAL A 12 -7.23 -2.32 8.00
C VAL A 12 -6.98 -3.55 8.87
N VAL A 13 -8.06 -4.17 9.32
CA VAL A 13 -7.96 -5.36 10.16
C VAL A 13 -8.36 -6.61 9.39
N GLY A 14 -8.35 -7.75 10.09
CA GLY A 14 -8.73 -9.00 9.45
C GLY A 14 -10.22 -9.10 9.20
N LYS A 15 -10.98 -8.21 9.82
CA LYS A 15 -12.43 -8.21 9.65
C LYS A 15 -12.85 -7.28 8.51
N THR A 16 -11.93 -6.41 8.10
CA THR A 16 -12.20 -5.47 7.01
C THR A 16 -11.09 -5.50 5.98
N PHE A 17 -10.39 -6.63 5.91
CA PHE A 17 -9.29 -6.79 4.94
C PHE A 17 -9.83 -7.16 3.57
N ASP A 18 -10.75 -8.12 3.53
CA ASP A 18 -11.34 -8.56 2.29
C ASP A 18 -12.30 -7.52 1.74
N ALA A 19 -12.59 -6.51 2.54
CA ALA A 19 -13.50 -5.44 2.14
C ALA A 19 -12.73 -4.23 1.63
N ILE A 20 -11.63 -3.90 2.31
CA ILE A 20 -10.81 -2.75 1.94
C ILE A 20 -9.64 -3.19 1.07
N VAL A 21 -8.69 -3.91 1.68
CA VAL A 21 -7.51 -4.39 0.95
C VAL A 21 -7.92 -5.15 -0.30
N MET A 22 -9.09 -5.76 -0.27
CA MET A 22 -9.59 -6.52 -1.40
C MET A 22 -10.78 -5.83 -2.05
N ASP A 23 -10.73 -4.50 -2.12
CA ASP A 23 -11.80 -3.72 -2.71
C ASP A 23 -11.60 -3.56 -4.22
N PRO A 24 -12.43 -4.25 -5.00
CA PRO A 24 -12.36 -4.20 -6.47
C PRO A 24 -12.79 -2.85 -7.02
N LYS A 25 -13.07 -1.90 -6.14
CA LYS A 25 -13.48 -0.57 -6.53
C LYS A 25 -12.28 0.35 -6.70
N LYS A 26 -11.14 -0.07 -6.17
CA LYS A 26 -9.91 0.70 -6.26
C LYS A 26 -8.72 -0.08 -5.71
N ASP A 27 -7.55 0.19 -6.25
CA ASP A 27 -6.33 -0.49 -5.81
C ASP A 27 -5.90 -0.01 -4.42
N VAL A 28 -5.82 -0.94 -3.48
CA VAL A 28 -5.43 -0.60 -2.12
C VAL A 28 -4.05 -1.19 -1.79
N LEU A 29 -3.16 -0.34 -1.29
CA LEU A 29 -1.82 -0.77 -0.92
C LEU A 29 -1.72 -1.07 0.57
N ILE A 30 -1.72 -2.35 0.90
CA ILE A 30 -1.62 -2.77 2.30
C ILE A 30 -0.17 -2.99 2.71
N GLU A 31 0.19 -2.47 3.88
CA GLU A 31 1.54 -2.61 4.39
C GLU A 31 1.54 -3.25 5.78
N PHE A 32 2.01 -4.49 5.86
CA PHE A 32 2.05 -5.21 7.13
C PHE A 32 3.21 -4.71 7.99
N TYR A 33 2.88 -3.97 9.04
CA TYR A 33 3.89 -3.43 9.94
C TYR A 33 3.85 -4.14 11.30
N ALA A 34 4.98 -4.16 11.99
CA ALA A 34 5.08 -4.80 13.29
C ALA A 34 5.43 -3.78 14.37
N PRO A 35 4.58 -3.71 15.41
CA PRO A 35 4.78 -2.78 16.53
C PRO A 35 5.97 -3.18 17.40
N TRP A 36 6.62 -4.28 17.04
CA TRP A 36 7.78 -4.77 17.79
C TRP A 36 9.03 -4.75 16.92
N CYS A 37 8.88 -4.33 15.68
CA CYS A 37 10.01 -4.27 14.75
C CYS A 37 10.49 -2.83 14.58
N GLY A 38 11.81 -2.65 14.66
CA GLY A 38 12.38 -1.32 14.52
C GLY A 38 12.42 -0.85 13.08
N HIS A 39 12.71 -1.77 12.17
CA HIS A 39 12.77 -1.45 10.75
C HIS A 39 11.46 -0.85 10.26
N CYS A 40 10.43 -0.97 11.09
CA CYS A 40 9.11 -0.45 10.75
C CYS A 40 8.91 0.95 11.35
N LYS A 41 9.24 1.09 12.62
CA LYS A 41 9.09 2.36 13.32
C LYS A 41 9.75 3.49 12.52
N GLN A 42 10.77 3.15 11.75
CA GLN A 42 11.47 4.13 10.94
C GLN A 42 10.66 4.50 9.70
N LEU A 43 9.89 3.54 9.20
CA LEU A 43 9.07 3.76 8.02
C LEU A 43 7.71 4.34 8.39
N GLU A 44 7.38 4.27 9.68
CA GLU A 44 6.11 4.78 10.17
C GLU A 44 5.78 6.13 9.52
N PRO A 45 6.67 7.11 9.71
CA PRO A 45 6.50 8.45 9.16
C PRO A 45 6.65 8.47 7.64
N ILE A 46 7.64 7.74 7.13
CA ILE A 46 7.88 7.67 5.70
C ILE A 46 6.62 7.25 4.94
N TYR A 47 5.89 6.30 5.52
CA TYR A 47 4.66 5.81 4.90
C TYR A 47 3.54 6.84 5.00
N THR A 48 3.54 7.60 6.10
CA THR A 48 2.53 8.62 6.31
C THR A 48 2.45 9.58 5.13
N SER A 49 3.59 10.13 4.74
CA SER A 49 3.65 11.07 3.62
C SER A 49 3.23 10.38 2.32
N LEU A 50 3.67 9.14 2.15
CA LEU A 50 3.35 8.37 0.95
C LEU A 50 1.84 8.30 0.75
N GLY A 51 1.08 8.42 1.84
CA GLY A 51 -0.36 8.37 1.76
C GLY A 51 -0.98 9.75 1.66
N LYS A 52 -0.73 10.59 2.65
CA LYS A 52 -1.27 11.94 2.68
C LYS A 52 -0.91 12.69 1.39
N LYS A 53 0.14 12.23 0.72
CA LYS A 53 0.58 12.86 -0.52
C LYS A 53 -0.12 12.24 -1.72
N TYR A 54 -0.32 10.93 -1.68
CA TYR A 54 -0.99 10.22 -2.77
C TYR A 54 -2.50 10.43 -2.71
N LYS A 55 -2.95 11.17 -1.70
CA LYS A 55 -4.37 11.44 -1.53
C LYS A 55 -4.97 12.06 -2.79
N GLY A 56 -4.12 12.71 -3.58
CA GLY A 56 -4.57 13.34 -4.80
C GLY A 56 -4.59 12.39 -5.98
N GLN A 57 -4.84 11.11 -5.71
CA GLN A 57 -4.87 10.10 -6.76
C GLN A 57 -6.30 9.65 -7.03
N LYS A 58 -6.48 8.80 -8.03
CA LYS A 58 -7.79 8.30 -8.40
C LYS A 58 -7.93 6.82 -8.03
N ASP A 59 -8.88 6.53 -7.16
CA ASP A 59 -9.12 5.15 -6.72
C ASP A 59 -7.85 4.54 -6.13
N LEU A 60 -7.27 5.23 -5.16
CA LEU A 60 -6.04 4.75 -4.52
C LEU A 60 -6.01 5.16 -3.04
N VAL A 61 -6.04 4.17 -2.16
CA VAL A 61 -6.01 4.43 -0.72
C VAL A 61 -4.92 3.61 -0.04
N ILE A 62 -3.87 4.28 0.41
CA ILE A 62 -2.77 3.62 1.08
C ILE A 62 -3.13 3.26 2.52
N ALA A 63 -3.42 1.99 2.76
CA ALA A 63 -3.78 1.53 4.09
C ALA A 63 -2.71 0.60 4.66
N LYS A 64 -2.77 0.35 5.96
CA LYS A 64 -1.81 -0.52 6.62
C LYS A 64 -2.51 -1.45 7.61
N MET A 65 -1.86 -2.57 7.92
CA MET A 65 -2.42 -3.54 8.85
C MET A 65 -1.31 -4.21 9.67
N ASP A 66 -1.67 -4.72 10.84
CA ASP A 66 -0.72 -5.39 11.71
C ASP A 66 -0.85 -6.90 11.61
N ALA A 67 -0.14 -7.48 10.63
CA ALA A 67 -0.18 -8.92 10.43
C ALA A 67 0.22 -9.67 11.69
N THR A 68 0.86 -8.96 12.61
CA THR A 68 1.30 -9.55 13.87
C THR A 68 0.11 -9.90 14.77
N ALA A 69 -0.99 -9.20 14.57
CA ALA A 69 -2.20 -9.44 15.35
C ALA A 69 -3.30 -10.05 14.50
N ASN A 70 -3.47 -9.51 13.28
CA ASN A 70 -4.50 -10.00 12.37
C ASN A 70 -3.96 -11.18 11.56
N ASP A 71 -4.78 -12.23 11.47
CA ASP A 71 -4.40 -13.42 10.72
C ASP A 71 -4.79 -13.29 9.25
N ILE A 72 -3.78 -13.23 8.38
CA ILE A 72 -4.01 -13.09 6.95
C ILE A 72 -4.45 -14.41 6.33
N THR A 73 -5.76 -14.62 6.28
CA THR A 73 -6.32 -15.85 5.72
C THR A 73 -5.94 -16.00 4.25
N ASN A 74 -5.59 -14.88 3.62
CA ASN A 74 -5.20 -14.89 2.20
C ASN A 74 -3.96 -15.75 1.99
N ASP A 75 -3.99 -16.55 0.93
CA ASP A 75 -2.86 -17.42 0.61
C ASP A 75 -1.90 -16.73 -0.35
N GLN A 76 -2.30 -15.58 -0.85
CA GLN A 76 -1.47 -14.81 -1.78
C GLN A 76 -0.57 -13.83 -1.03
N TYR A 77 -1.04 -13.38 0.13
CA TYR A 77 -0.28 -12.44 0.95
C TYR A 77 0.33 -13.14 2.16
N LYS A 78 1.66 -13.26 2.15
CA LYS A 78 2.37 -13.91 3.24
C LYS A 78 3.46 -12.99 3.80
N VAL A 79 3.44 -12.78 5.11
CA VAL A 79 4.43 -11.93 5.76
C VAL A 79 5.65 -12.75 6.21
N GLU A 80 6.83 -12.31 5.78
CA GLU A 80 8.06 -13.00 6.13
C GLU A 80 9.06 -12.03 6.76
N GLY A 81 8.94 -10.75 6.41
CA GLY A 81 9.84 -9.75 6.95
C GLY A 81 9.25 -8.35 6.86
N PHE A 82 9.27 -7.64 7.99
CA PHE A 82 8.73 -6.28 8.05
C PHE A 82 9.85 -5.26 7.91
N PRO A 83 9.51 -4.09 7.34
CA PRO A 83 8.15 -3.81 6.87
C PRO A 83 7.79 -4.63 5.63
N THR A 84 6.49 -4.74 5.37
CA THR A 84 6.00 -5.50 4.23
C THR A 84 4.87 -4.77 3.51
N ILE A 85 5.13 -4.34 2.28
CA ILE A 85 4.14 -3.62 1.49
C ILE A 85 3.56 -4.51 0.41
N TYR A 86 2.28 -4.32 0.12
CA TYR A 86 1.60 -5.11 -0.91
C TYR A 86 0.58 -4.26 -1.66
N PHE A 87 0.61 -4.35 -2.99
CA PHE A 87 -0.31 -3.60 -3.83
C PHE A 87 -1.37 -4.51 -4.42
N ALA A 88 -2.63 -4.29 -4.02
CA ALA A 88 -3.73 -5.09 -4.52
C ALA A 88 -4.53 -4.33 -5.57
N PRO A 89 -4.22 -4.60 -6.85
CA PRO A 89 -4.90 -3.95 -7.98
C PRO A 89 -6.34 -4.41 -8.13
N SER A 90 -7.27 -3.49 -7.89
CA SER A 90 -8.70 -3.80 -8.00
C SER A 90 -9.00 -4.54 -9.30
N GLY A 91 -9.28 -5.83 -9.19
CA GLY A 91 -9.58 -6.63 -10.37
C GLY A 91 -8.60 -7.75 -10.57
N ASP A 92 -7.32 -7.47 -10.31
CA ASP A 92 -6.28 -8.47 -10.47
C ASP A 92 -5.54 -8.72 -9.15
N LYS A 93 -6.29 -8.63 -8.05
CA LYS A 93 -5.71 -8.84 -6.73
C LYS A 93 -5.10 -10.23 -6.61
N LYS A 94 -5.66 -11.18 -7.34
CA LYS A 94 -5.17 -12.56 -7.33
C LYS A 94 -3.65 -12.58 -7.23
N ASN A 95 -2.99 -11.69 -7.95
CA ASN A 95 -1.54 -11.61 -7.94
C ASN A 95 -1.06 -10.38 -7.17
N PRO A 96 -0.76 -10.57 -5.88
CA PRO A 96 -0.28 -9.50 -5.00
C PRO A 96 1.13 -9.04 -5.36
N ILE A 97 1.35 -7.73 -5.33
CA ILE A 97 2.65 -7.17 -5.65
C ILE A 97 3.33 -6.62 -4.40
N LYS A 98 4.39 -7.28 -3.98
CA LYS A 98 5.14 -6.86 -2.80
C LYS A 98 6.28 -5.92 -3.18
N PHE A 99 6.64 -5.03 -2.27
CA PHE A 99 7.71 -4.06 -2.51
C PHE A 99 9.05 -4.62 -2.04
N GLU A 100 9.94 -4.88 -2.98
CA GLU A 100 11.26 -5.42 -2.66
C GLU A 100 12.36 -4.54 -3.26
N GLY A 101 12.78 -3.52 -2.53
CA GLY A 101 13.81 -2.64 -3.01
C GLY A 101 14.92 -2.43 -1.99
N GLY A 102 16.16 -2.34 -2.48
CA GLY A 102 17.29 -2.15 -1.59
C GLY A 102 17.01 -1.13 -0.50
N ASN A 103 16.15 -0.16 -0.81
CA ASN A 103 15.81 0.88 0.14
C ASN A 103 14.30 1.13 0.16
N ARG A 104 13.78 1.46 1.33
CA ARG A 104 12.35 1.72 1.47
C ARG A 104 12.11 3.12 2.04
N ASP A 105 12.07 4.11 1.15
CA ASP A 105 11.85 5.49 1.56
C ASP A 105 10.67 6.09 0.81
N LEU A 106 10.44 7.39 1.02
CA LEU A 106 9.34 8.09 0.36
C LEU A 106 9.64 8.31 -1.11
N GLU A 107 10.90 8.13 -1.49
CA GLU A 107 11.32 8.30 -2.88
C GLU A 107 11.26 6.98 -3.64
N HIS A 108 11.65 5.90 -2.97
CA HIS A 108 11.66 4.57 -3.58
C HIS A 108 10.25 3.99 -3.58
N LEU A 109 9.49 4.29 -2.54
CA LEU A 109 8.12 3.79 -2.43
C LEU A 109 7.25 4.31 -3.57
N SER A 110 7.22 5.63 -3.73
CA SER A 110 6.43 6.26 -4.78
C SER A 110 6.79 5.70 -6.15
N LYS A 111 8.08 5.41 -6.34
CA LYS A 111 8.57 4.86 -7.60
C LYS A 111 8.00 3.47 -7.84
N PHE A 112 7.48 2.85 -6.79
CA PHE A 112 6.91 1.52 -6.89
C PHE A 112 5.40 1.59 -7.08
N ILE A 113 4.75 2.46 -6.31
CA ILE A 113 3.31 2.62 -6.40
C ILE A 113 2.90 3.16 -7.77
N ASP A 114 3.43 4.31 -8.14
CA ASP A 114 3.12 4.92 -9.42
C ASP A 114 3.18 3.90 -10.54
N GLU A 115 4.29 3.16 -10.60
CA GLU A 115 4.47 2.14 -11.63
C GLU A 115 3.19 1.35 -11.85
N HIS A 116 2.83 0.54 -10.85
CA HIS A 116 1.61 -0.26 -10.93
C HIS A 116 0.37 0.62 -11.02
N ALA A 117 0.46 1.81 -10.45
CA ALA A 117 -0.65 2.75 -10.47
C ALA A 117 -1.20 2.94 -11.88
N THR A 118 -2.45 3.36 -11.98
CA THR A 118 -3.09 3.58 -13.28
C THR A 118 -3.24 5.06 -13.57
N LYS A 119 -2.61 5.89 -12.75
CA LYS A 119 -2.68 7.34 -12.92
C LYS A 119 -2.11 7.76 -14.27
N ARG A 120 -1.43 6.82 -14.94
CA ARG A 120 -0.85 7.09 -16.25
C ARG A 120 -1.72 6.52 -17.36
N SER A 121 -1.29 6.74 -18.61
CA SER A 121 -2.04 6.25 -19.76
C SER A 121 -2.60 4.85 -19.50
N ARG A 122 -3.87 4.65 -19.85
CA ARG A 122 -4.51 3.36 -19.65
C ARG A 122 -4.08 2.36 -20.72
N THR A 123 -4.52 1.12 -20.56
CA THR A 123 -4.16 0.06 -21.51
C THR A 123 -5.38 -0.79 -21.86
N LYS A 124 -5.22 -1.66 -22.85
CA LYS A 124 -6.30 -2.53 -23.28
C LYS A 124 -6.07 -3.96 -22.80
N GLU A 125 -4.81 -4.38 -22.79
CA GLU A 125 -4.46 -5.73 -22.35
C GLU A 125 -5.06 -6.04 -20.99
N GLU A 126 -6.15 -6.80 -20.98
CA GLU A 126 -6.81 -7.17 -19.74
C GLU A 126 -7.10 -8.66 -19.69
N LEU A 127 -7.02 -9.24 -18.50
CA LEU A 127 -7.28 -10.67 -18.32
C LEU A 127 -7.78 -10.96 -16.91
N SER A 128 -8.19 -12.20 -16.68
CA SER A 128 -8.69 -12.61 -15.37
C SER A 128 -8.56 -14.11 -15.18
N GLY A 129 -7.77 -14.51 -14.19
CA GLY A 129 -7.55 -15.91 -13.91
C GLY A 129 -7.85 -16.28 -12.47
N PRO A 130 -9.14 -16.46 -12.16
CA PRO A 130 -9.60 -16.81 -10.81
C PRO A 130 -9.20 -18.23 -10.42
N SER A 131 -8.61 -18.38 -9.24
CA SER A 131 -8.19 -19.69 -8.75
C SER A 131 -8.83 -19.99 -7.40
N SER A 132 -9.62 -19.06 -6.90
CA SER A 132 -10.29 -19.23 -5.62
C SER A 132 -11.54 -20.09 -5.75
N GLY A 133 -11.41 -21.37 -5.42
CA GLY A 133 -12.55 -22.28 -5.52
C GLY A 133 -12.16 -23.72 -5.23
N GLY A 1 -13.14 13.21 0.00
CA GLY A 1 -12.49 12.63 1.17
C GLY A 1 -12.57 13.53 2.38
N SER A 2 -13.71 13.49 3.08
CA SER A 2 -13.92 14.31 4.26
C SER A 2 -13.95 13.45 5.52
N SER A 3 -13.05 12.47 5.58
CA SER A 3 -12.97 11.58 6.73
C SER A 3 -11.96 12.09 7.75
N GLY A 4 -12.37 12.10 9.02
CA GLY A 4 -11.48 12.56 10.07
C GLY A 4 -10.88 11.42 10.87
N SER A 5 -9.56 11.42 10.98
CA SER A 5 -8.87 10.36 11.72
C SER A 5 -7.39 10.73 11.93
N SER A 6 -6.76 10.08 12.89
CA SER A 6 -5.36 10.34 13.19
C SER A 6 -4.45 9.73 12.13
N GLY A 7 -3.70 10.59 11.45
CA GLY A 7 -2.80 10.12 10.41
C GLY A 7 -3.50 9.92 9.08
N PRO A 8 -2.78 10.20 7.98
CA PRO A 8 -3.32 10.07 6.62
C PRO A 8 -3.54 8.61 6.23
N VAL A 9 -2.50 7.80 6.42
CA VAL A 9 -2.58 6.38 6.07
C VAL A 9 -3.74 5.71 6.79
N LYS A 10 -4.67 5.16 6.01
CA LYS A 10 -5.83 4.48 6.57
C LYS A 10 -5.46 3.10 7.11
N VAL A 11 -5.97 2.76 8.29
CA VAL A 11 -5.69 1.47 8.91
C VAL A 11 -6.73 0.44 8.51
N VAL A 12 -6.29 -0.78 8.24
CA VAL A 12 -7.18 -1.86 7.86
C VAL A 12 -7.02 -3.07 8.78
N VAL A 13 -8.14 -3.63 9.21
CA VAL A 13 -8.12 -4.80 10.09
C VAL A 13 -8.60 -6.05 9.36
N GLY A 14 -8.39 -7.21 9.99
CA GLY A 14 -8.81 -8.46 9.39
C GLY A 14 -10.28 -8.46 9.01
N LYS A 15 -11.09 -7.77 9.81
CA LYS A 15 -12.53 -7.70 9.55
C LYS A 15 -12.83 -6.76 8.39
N THR A 16 -11.88 -5.88 8.09
CA THR A 16 -12.05 -4.93 6.99
C THR A 16 -10.93 -5.08 5.96
N PHE A 17 -10.22 -6.20 6.03
CA PHE A 17 -9.12 -6.46 5.10
C PHE A 17 -9.65 -6.87 3.73
N ASP A 18 -10.42 -7.95 3.69
CA ASP A 18 -10.99 -8.43 2.44
C ASP A 18 -11.99 -7.43 1.88
N ALA A 19 -12.27 -6.38 2.64
CA ALA A 19 -13.21 -5.36 2.23
C ALA A 19 -12.48 -4.15 1.64
N ILE A 20 -11.42 -3.73 2.31
CA ILE A 20 -10.64 -2.58 1.85
C ILE A 20 -9.44 -3.03 1.02
N VAL A 21 -8.48 -3.66 1.67
CA VAL A 21 -7.28 -4.14 0.99
C VAL A 21 -7.65 -4.97 -0.24
N MET A 22 -8.84 -5.55 -0.22
CA MET A 22 -9.31 -6.37 -1.33
C MET A 22 -10.51 -5.72 -2.01
N ASP A 23 -10.48 -4.40 -2.11
CA ASP A 23 -11.57 -3.65 -2.74
C ASP A 23 -11.43 -3.68 -4.26
N PRO A 24 -12.37 -4.38 -4.92
CA PRO A 24 -12.38 -4.51 -6.38
C PRO A 24 -12.74 -3.20 -7.07
N LYS A 25 -12.87 -2.14 -6.29
CA LYS A 25 -13.20 -0.83 -6.82
C LYS A 25 -11.94 -0.01 -7.10
N LYS A 26 -10.97 -0.11 -6.21
CA LYS A 26 -9.72 0.61 -6.37
C LYS A 26 -8.55 -0.17 -5.77
N ASP A 27 -7.34 0.16 -6.18
CA ASP A 27 -6.15 -0.51 -5.69
C ASP A 27 -5.77 -0.01 -4.29
N VAL A 28 -5.67 -0.93 -3.34
CA VAL A 28 -5.32 -0.58 -1.97
C VAL A 28 -3.97 -1.16 -1.58
N LEU A 29 -3.03 -0.27 -1.26
CA LEU A 29 -1.68 -0.71 -0.86
C LEU A 29 -1.63 -1.04 0.62
N ILE A 30 -1.59 -2.33 0.93
CA ILE A 30 -1.52 -2.79 2.31
C ILE A 30 -0.08 -3.01 2.75
N GLU A 31 0.28 -2.43 3.89
CA GLU A 31 1.63 -2.58 4.43
C GLU A 31 1.60 -3.25 5.80
N PHE A 32 2.06 -4.49 5.85
CA PHE A 32 2.09 -5.24 7.11
C PHE A 32 3.23 -4.76 8.00
N TYR A 33 2.87 -4.06 9.07
CA TYR A 33 3.87 -3.53 10.00
C TYR A 33 3.85 -4.32 11.30
N ALA A 34 5.02 -4.44 11.94
CA ALA A 34 5.14 -5.17 13.19
C ALA A 34 5.37 -4.22 14.36
N PRO A 35 4.50 -4.29 15.37
CA PRO A 35 4.60 -3.44 16.57
C PRO A 35 5.80 -3.80 17.44
N TRP A 36 6.56 -4.79 17.00
CA TRP A 36 7.73 -5.24 17.75
C TRP A 36 8.98 -5.19 16.87
N CYS A 37 8.89 -4.49 15.75
CA CYS A 37 10.01 -4.36 14.84
C CYS A 37 10.53 -2.93 14.78
N GLY A 38 11.84 -2.77 14.91
CA GLY A 38 12.44 -1.45 14.87
C GLY A 38 12.37 -0.81 13.50
N HIS A 39 12.27 -1.65 12.47
CA HIS A 39 12.18 -1.16 11.09
C HIS A 39 10.89 -0.39 10.86
N CYS A 40 9.78 -1.00 11.25
CA CYS A 40 8.47 -0.38 11.07
C CYS A 40 8.45 1.02 11.66
N LYS A 41 9.24 1.23 12.72
CA LYS A 41 9.32 2.53 13.37
C LYS A 41 9.87 3.58 12.42
N GLN A 42 10.93 3.24 11.71
CA GLN A 42 11.56 4.15 10.76
C GLN A 42 10.66 4.36 9.54
N LEU A 43 9.84 3.36 9.24
CA LEU A 43 8.94 3.44 8.09
C LEU A 43 7.61 4.08 8.49
N GLU A 44 7.31 4.06 9.79
CA GLU A 44 6.07 4.63 10.29
C GLU A 44 5.82 6.01 9.68
N PRO A 45 6.80 6.91 9.87
CA PRO A 45 6.71 8.29 9.34
C PRO A 45 6.81 8.33 7.82
N ILE A 46 7.66 7.47 7.27
CA ILE A 46 7.85 7.41 5.82
C ILE A 46 6.55 7.06 5.11
N TYR A 47 5.88 6.02 5.59
CA TYR A 47 4.61 5.60 4.99
C TYR A 47 3.53 6.65 5.17
N THR A 48 3.47 7.22 6.37
CA THR A 48 2.49 8.26 6.67
C THR A 48 2.32 9.22 5.50
N SER A 49 3.38 9.96 5.19
CA SER A 49 3.35 10.91 4.09
C SER A 49 2.94 10.24 2.79
N LEU A 50 3.58 9.12 2.48
CA LEU A 50 3.29 8.37 1.27
C LEU A 50 1.78 8.29 1.03
N GLY A 51 1.01 8.30 2.11
CA GLY A 51 -0.43 8.24 2.01
C GLY A 51 -1.07 9.59 1.79
N LYS A 52 -0.64 10.57 2.58
CA LYS A 52 -1.17 11.92 2.47
C LYS A 52 -0.84 12.53 1.11
N LYS A 53 0.09 11.92 0.40
CA LYS A 53 0.49 12.39 -0.92
C LYS A 53 -0.25 11.63 -2.02
N TYR A 54 -0.47 10.34 -1.80
CA TYR A 54 -1.16 9.50 -2.77
C TYR A 54 -2.65 9.42 -2.45
N LYS A 55 -3.06 10.11 -1.38
CA LYS A 55 -4.46 10.11 -0.96
C LYS A 55 -5.33 10.82 -1.99
N GLY A 56 -4.81 11.89 -2.57
CA GLY A 56 -5.55 12.64 -3.57
C GLY A 56 -5.43 12.03 -4.95
N GLN A 57 -5.20 10.72 -5.00
CA GLN A 57 -5.06 10.02 -6.27
C GLN A 57 -6.43 9.60 -6.80
N LYS A 58 -6.42 8.88 -7.92
CA LYS A 58 -7.66 8.40 -8.53
C LYS A 58 -7.84 6.90 -8.32
N ASP A 59 -8.72 6.55 -7.39
CA ASP A 59 -8.99 5.15 -7.07
C ASP A 59 -7.76 4.49 -6.45
N LEU A 60 -7.16 5.17 -5.49
CA LEU A 60 -5.97 4.66 -4.81
C LEU A 60 -5.94 5.11 -3.35
N VAL A 61 -5.77 4.15 -2.44
CA VAL A 61 -5.71 4.45 -1.02
C VAL A 61 -4.64 3.62 -0.33
N ILE A 62 -3.63 4.29 0.20
CA ILE A 62 -2.55 3.61 0.90
C ILE A 62 -2.90 3.37 2.37
N ALA A 63 -3.18 2.11 2.70
CA ALA A 63 -3.53 1.75 4.07
C ALA A 63 -2.55 0.71 4.62
N LYS A 64 -2.59 0.53 5.94
CA LYS A 64 -1.70 -0.44 6.60
C LYS A 64 -2.50 -1.43 7.43
N MET A 65 -1.84 -2.48 7.89
CA MET A 65 -2.49 -3.51 8.70
C MET A 65 -1.47 -4.28 9.53
N ASP A 66 -1.89 -4.72 10.71
CA ASP A 66 -1.00 -5.48 11.59
C ASP A 66 -1.21 -6.98 11.40
N ALA A 67 -0.33 -7.60 10.64
CA ALA A 67 -0.40 -9.04 10.38
C ALA A 67 -0.07 -9.84 11.64
N THR A 68 0.60 -9.19 12.59
CA THR A 68 0.98 -9.85 13.83
C THR A 68 -0.21 -10.00 14.77
N ALA A 69 -1.35 -9.44 14.36
CA ALA A 69 -2.56 -9.52 15.15
C ALA A 69 -3.75 -9.99 14.31
N ASN A 70 -3.75 -9.59 13.05
CA ASN A 70 -4.83 -9.97 12.14
C ASN A 70 -4.40 -11.12 11.24
N ASP A 71 -5.12 -12.23 11.30
CA ASP A 71 -4.83 -13.40 10.49
C ASP A 71 -5.21 -13.17 9.03
N ILE A 72 -4.23 -13.36 8.14
CA ILE A 72 -4.46 -13.17 6.71
C ILE A 72 -5.16 -14.38 6.10
N THR A 73 -6.36 -14.17 5.58
CA THR A 73 -7.13 -15.25 4.96
C THR A 73 -6.63 -15.53 3.55
N ASN A 74 -6.04 -14.52 2.92
CA ASN A 74 -5.53 -14.65 1.56
C ASN A 74 -4.58 -15.84 1.45
N ASP A 75 -3.96 -16.00 0.28
CA ASP A 75 -3.03 -17.10 0.05
C ASP A 75 -1.74 -16.58 -0.56
N GLN A 76 -1.86 -15.61 -1.46
CA GLN A 76 -0.70 -15.04 -2.13
C GLN A 76 0.00 -14.01 -1.23
N TYR A 77 -0.73 -13.52 -0.24
CA TYR A 77 -0.18 -12.53 0.69
C TYR A 77 0.48 -13.21 1.87
N LYS A 78 1.80 -13.38 1.80
CA LYS A 78 2.55 -14.02 2.87
C LYS A 78 3.46 -13.01 3.57
N VAL A 79 3.54 -13.10 4.90
CA VAL A 79 4.36 -12.20 5.68
C VAL A 79 5.59 -12.91 6.22
N GLU A 80 6.74 -12.71 5.56
CA GLU A 80 7.98 -13.34 5.98
C GLU A 80 8.81 -12.39 6.84
N GLY A 81 8.81 -11.11 6.48
CA GLY A 81 9.56 -10.12 7.23
C GLY A 81 9.00 -8.73 7.07
N PHE A 82 8.93 -7.98 8.16
CA PHE A 82 8.42 -6.62 8.14
C PHE A 82 9.55 -5.61 8.08
N PRO A 83 9.26 -4.44 7.49
CA PRO A 83 7.94 -4.13 6.93
C PRO A 83 7.64 -4.95 5.68
N THR A 84 6.36 -5.10 5.39
CA THR A 84 5.93 -5.86 4.21
C THR A 84 4.83 -5.13 3.46
N ILE A 85 5.22 -4.43 2.40
CA ILE A 85 4.27 -3.68 1.58
C ILE A 85 3.70 -4.56 0.47
N TYR A 86 2.41 -4.36 0.17
CA TYR A 86 1.74 -5.13 -0.87
C TYR A 86 0.73 -4.27 -1.62
N PHE A 87 0.72 -4.38 -2.94
CA PHE A 87 -0.19 -3.62 -3.78
C PHE A 87 -1.28 -4.52 -4.36
N ALA A 88 -2.52 -4.25 -3.99
CA ALA A 88 -3.65 -5.03 -4.47
C ALA A 88 -4.44 -4.26 -5.53
N PRO A 89 -4.12 -4.51 -6.80
CA PRO A 89 -4.78 -3.85 -7.93
C PRO A 89 -6.22 -4.31 -8.10
N SER A 90 -7.16 -3.37 -8.01
CA SER A 90 -8.58 -3.68 -8.15
C SER A 90 -8.84 -4.42 -9.46
N GLY A 91 -9.13 -5.71 -9.36
CA GLY A 91 -9.40 -6.51 -10.53
C GLY A 91 -8.43 -7.67 -10.68
N ASP A 92 -7.15 -7.41 -10.47
CA ASP A 92 -6.13 -8.43 -10.57
C ASP A 92 -5.50 -8.73 -9.22
N LYS A 93 -6.20 -8.37 -8.15
CA LYS A 93 -5.72 -8.58 -6.80
C LYS A 93 -5.12 -9.98 -6.65
N LYS A 94 -5.65 -10.93 -7.42
CA LYS A 94 -5.17 -12.30 -7.38
C LYS A 94 -3.65 -12.35 -7.33
N ASN A 95 -3.01 -11.45 -8.07
CA ASN A 95 -1.55 -11.37 -8.10
C ASN A 95 -1.04 -10.15 -7.35
N PRO A 96 -0.69 -10.36 -6.07
CA PRO A 96 -0.17 -9.28 -5.22
C PRO A 96 1.22 -8.82 -5.63
N ILE A 97 1.50 -7.54 -5.42
CA ILE A 97 2.80 -6.98 -5.77
C ILE A 97 3.49 -6.37 -4.55
N LYS A 98 4.41 -7.12 -3.97
CA LYS A 98 5.14 -6.65 -2.79
C LYS A 98 6.34 -5.81 -3.20
N PHE A 99 6.77 -4.92 -2.31
CA PHE A 99 7.91 -4.04 -2.58
C PHE A 99 9.19 -4.65 -2.02
N GLU A 100 10.12 -4.98 -2.92
CA GLU A 100 11.39 -5.57 -2.52
C GLU A 100 12.56 -4.79 -3.11
N GLY A 101 12.37 -3.48 -3.29
CA GLY A 101 13.41 -2.64 -3.84
C GLY A 101 14.43 -2.23 -2.80
N GLY A 102 14.74 -3.14 -1.88
CA GLY A 102 15.71 -2.84 -0.84
C GLY A 102 15.41 -1.53 -0.14
N ASN A 103 16.01 -0.45 -0.63
CA ASN A 103 15.81 0.87 -0.04
C ASN A 103 14.33 1.19 0.09
N ARG A 104 13.83 1.23 1.32
CA ARG A 104 12.43 1.53 1.57
C ARG A 104 12.25 2.97 2.03
N ASP A 105 12.09 3.88 1.07
CA ASP A 105 11.91 5.29 1.37
C ASP A 105 10.68 5.85 0.67
N LEU A 106 10.34 7.09 0.98
CA LEU A 106 9.18 7.75 0.36
C LEU A 106 9.43 8.04 -1.11
N GLU A 107 10.70 8.13 -1.48
CA GLU A 107 11.09 8.41 -2.86
C GLU A 107 11.02 7.14 -3.71
N HIS A 108 11.43 6.03 -3.12
CA HIS A 108 11.44 4.75 -3.82
C HIS A 108 10.03 4.16 -3.88
N LEU A 109 9.35 4.16 -2.73
CA LEU A 109 7.99 3.63 -2.65
C LEU A 109 7.09 4.24 -3.72
N SER A 110 7.26 5.54 -3.96
CA SER A 110 6.48 6.25 -4.95
C SER A 110 6.75 5.71 -6.36
N LYS A 111 8.03 5.49 -6.66
CA LYS A 111 8.43 4.97 -7.96
C LYS A 111 7.91 3.55 -8.17
N PHE A 112 7.50 2.91 -7.07
CA PHE A 112 6.98 1.55 -7.13
C PHE A 112 5.45 1.56 -7.19
N ILE A 113 4.85 2.63 -6.69
CA ILE A 113 3.39 2.76 -6.69
C ILE A 113 2.89 3.27 -8.03
N ASP A 114 3.19 4.52 -8.35
CA ASP A 114 2.78 5.13 -9.61
C ASP A 114 2.75 4.09 -10.72
N GLU A 115 3.83 3.34 -10.87
CA GLU A 115 3.93 2.31 -11.89
C GLU A 115 2.65 1.48 -11.94
N HIS A 116 2.40 0.73 -10.86
CA HIS A 116 1.23 -0.13 -10.78
C HIS A 116 -0.05 0.70 -10.85
N ALA A 117 -0.06 1.83 -10.13
CA ALA A 117 -1.22 2.71 -10.13
C ALA A 117 -1.75 2.95 -11.53
N THR A 118 -2.97 3.48 -11.63
CA THR A 118 -3.58 3.74 -12.93
C THR A 118 -4.10 5.17 -12.99
N LYS A 119 -3.38 6.10 -12.37
CA LYS A 119 -3.76 7.50 -12.37
C LYS A 119 -3.21 8.22 -13.59
N ARG A 120 -2.81 7.45 -14.60
CA ARG A 120 -2.26 8.02 -15.82
C ARG A 120 -3.23 7.84 -16.98
N SER A 121 -2.90 8.45 -18.13
CA SER A 121 -3.74 8.36 -19.32
C SER A 121 -4.41 6.99 -19.40
N ARG A 122 -5.64 6.97 -19.90
CA ARG A 122 -6.38 5.73 -20.05
C ARG A 122 -6.98 5.60 -21.46
N THR A 123 -7.63 4.48 -21.72
CA THR A 123 -8.24 4.23 -23.02
C THR A 123 -9.69 4.72 -23.05
N LYS A 124 -10.01 5.53 -24.06
CA LYS A 124 -11.35 6.07 -24.21
C LYS A 124 -11.72 6.97 -23.03
N GLU A 125 -10.81 7.87 -22.68
CA GLU A 125 -11.04 8.79 -21.58
C GLU A 125 -11.07 10.24 -22.06
N GLU A 126 -11.76 11.09 -21.32
CA GLU A 126 -11.87 12.50 -21.68
C GLU A 126 -11.43 13.39 -20.53
N LEU A 127 -11.28 14.69 -20.80
CA LEU A 127 -10.86 15.65 -19.79
C LEU A 127 -12.08 16.30 -19.11
N SER A 128 -13.08 15.48 -18.81
CA SER A 128 -14.29 15.97 -18.16
C SER A 128 -14.73 17.29 -18.78
N GLY A 129 -14.68 17.36 -20.10
CA GLY A 129 -15.09 18.57 -20.80
C GLY A 129 -14.34 19.79 -20.31
N PRO A 130 -13.10 19.97 -20.80
CA PRO A 130 -12.25 21.10 -20.42
C PRO A 130 -12.75 22.41 -20.99
N SER A 131 -13.69 22.33 -21.93
CA SER A 131 -14.25 23.52 -22.55
C SER A 131 -14.95 24.40 -21.52
N SER A 132 -15.77 23.77 -20.68
CA SER A 132 -16.51 24.50 -19.64
C SER A 132 -17.02 23.54 -18.57
N GLY A 133 -17.18 24.06 -17.36
CA GLY A 133 -17.67 23.24 -16.26
C GLY A 133 -16.74 23.27 -15.06
N GLY A 1 -11.75 13.38 4.14
CA GLY A 1 -10.99 13.11 5.35
C GLY A 1 -11.41 11.82 6.01
N SER A 2 -10.65 11.40 7.02
CA SER A 2 -10.95 10.17 7.74
C SER A 2 -11.26 10.45 9.21
N SER A 3 -12.55 10.60 9.51
CA SER A 3 -12.97 10.89 10.88
C SER A 3 -12.05 11.89 11.54
N GLY A 4 -11.63 12.90 10.79
CA GLY A 4 -10.75 13.92 11.33
C GLY A 4 -9.45 14.02 10.55
N SER A 5 -8.45 14.67 11.15
CA SER A 5 -7.16 14.85 10.50
C SER A 5 -6.07 14.12 11.28
N SER A 6 -6.36 12.89 11.68
CA SER A 6 -5.40 12.09 12.44
C SER A 6 -4.95 10.88 11.63
N GLY A 7 -3.66 10.85 11.31
CA GLY A 7 -3.11 9.75 10.54
C GLY A 7 -3.76 9.61 9.18
N PRO A 8 -3.02 9.96 8.11
CA PRO A 8 -3.52 9.88 6.75
C PRO A 8 -3.70 8.44 6.28
N VAL A 9 -2.70 7.60 6.54
CA VAL A 9 -2.75 6.20 6.15
C VAL A 9 -3.88 5.46 6.86
N LYS A 10 -4.81 4.93 6.08
CA LYS A 10 -5.95 4.20 6.64
C LYS A 10 -5.52 2.84 7.17
N VAL A 11 -6.09 2.44 8.30
CA VAL A 11 -5.77 1.16 8.91
C VAL A 11 -6.81 0.11 8.58
N VAL A 12 -6.36 -1.09 8.26
CA VAL A 12 -7.26 -2.19 7.92
C VAL A 12 -7.00 -3.41 8.80
N VAL A 13 -8.06 -4.16 9.09
CA VAL A 13 -7.95 -5.35 9.92
C VAL A 13 -8.48 -6.58 9.19
N GLY A 14 -8.24 -7.75 9.78
CA GLY A 14 -8.70 -8.99 9.17
C GLY A 14 -10.19 -8.96 8.85
N LYS A 15 -10.94 -8.19 9.63
CA LYS A 15 -12.38 -8.08 9.42
C LYS A 15 -12.70 -7.07 8.33
N THR A 16 -11.73 -6.21 8.02
CA THR A 16 -11.91 -5.20 6.99
C THR A 16 -10.80 -5.30 5.93
N PHE A 17 -10.13 -6.44 5.90
CA PHE A 17 -9.05 -6.65 4.93
C PHE A 17 -9.62 -7.02 3.56
N ASP A 18 -10.46 -8.06 3.53
CA ASP A 18 -11.06 -8.51 2.29
C ASP A 18 -12.11 -7.51 1.79
N ALA A 19 -12.38 -6.50 2.62
CA ALA A 19 -13.34 -5.47 2.26
C ALA A 19 -12.66 -4.24 1.68
N ILE A 20 -11.57 -3.82 2.31
CA ILE A 20 -10.83 -2.65 1.85
C ILE A 20 -9.65 -3.06 0.97
N VAL A 21 -8.65 -3.68 1.57
CA VAL A 21 -7.47 -4.13 0.84
C VAL A 21 -7.85 -4.90 -0.41
N MET A 22 -9.07 -5.46 -0.40
CA MET A 22 -9.56 -6.22 -1.54
C MET A 22 -10.72 -5.50 -2.22
N ASP A 23 -10.65 -4.17 -2.24
CA ASP A 23 -11.69 -3.37 -2.86
C ASP A 23 -11.58 -3.41 -4.38
N PRO A 24 -12.57 -4.07 -5.03
CA PRO A 24 -12.61 -4.20 -6.48
C PRO A 24 -12.90 -2.87 -7.18
N LYS A 25 -12.92 -1.79 -6.41
CA LYS A 25 -13.18 -0.47 -6.95
C LYS A 25 -11.89 0.28 -7.23
N LYS A 26 -10.98 0.25 -6.26
CA LYS A 26 -9.69 0.92 -6.40
C LYS A 26 -8.57 0.08 -5.77
N ASP A 27 -7.35 0.31 -6.23
CA ASP A 27 -6.20 -0.42 -5.71
C ASP A 27 -5.82 0.06 -4.32
N VAL A 28 -5.67 -0.89 -3.40
CA VAL A 28 -5.32 -0.57 -2.03
C VAL A 28 -3.97 -1.15 -1.65
N LEU A 29 -3.03 -0.28 -1.29
CA LEU A 29 -1.69 -0.70 -0.90
C LEU A 29 -1.63 -1.04 0.59
N ILE A 30 -1.63 -2.33 0.90
CA ILE A 30 -1.57 -2.79 2.27
C ILE A 30 -0.13 -3.00 2.72
N GLU A 31 0.21 -2.46 3.89
CA GLU A 31 1.55 -2.60 4.43
C GLU A 31 1.53 -3.26 5.80
N PHE A 32 1.96 -4.53 5.85
CA PHE A 32 1.99 -5.27 7.10
C PHE A 32 3.15 -4.83 7.97
N TYR A 33 2.82 -4.10 9.05
CA TYR A 33 3.84 -3.62 9.97
C TYR A 33 3.80 -4.39 11.28
N ALA A 34 4.94 -4.46 11.95
CA ALA A 34 5.03 -5.16 13.23
C ALA A 34 5.34 -4.20 14.37
N PRO A 35 4.47 -4.20 15.39
CA PRO A 35 4.62 -3.34 16.57
C PRO A 35 5.81 -3.74 17.44
N TRP A 36 6.54 -4.76 17.00
CA TRP A 36 7.70 -5.24 17.74
C TRP A 36 8.95 -5.22 16.87
N CYS A 37 8.87 -4.51 15.76
CA CYS A 37 9.99 -4.41 14.83
C CYS A 37 10.44 -2.96 14.66
N GLY A 38 11.66 -2.67 15.10
CA GLY A 38 12.20 -1.32 14.99
C GLY A 38 12.30 -0.86 13.56
N HIS A 39 12.28 -1.80 12.63
CA HIS A 39 12.38 -1.48 11.20
C HIS A 39 11.12 -0.77 10.72
N CYS A 40 10.06 -0.82 11.53
CA CYS A 40 8.80 -0.19 11.18
C CYS A 40 8.79 1.28 11.62
N LYS A 41 9.27 1.53 12.83
CA LYS A 41 9.32 2.89 13.36
C LYS A 41 10.01 3.83 12.39
N GLN A 42 11.02 3.32 11.69
CA GLN A 42 11.78 4.13 10.73
C GLN A 42 10.94 4.41 9.49
N LEU A 43 10.03 3.50 9.18
CA LEU A 43 9.17 3.65 8.01
C LEU A 43 7.80 4.20 8.41
N GLU A 44 7.52 4.18 9.71
CA GLU A 44 6.26 4.68 10.23
C GLU A 44 5.94 6.05 9.64
N PRO A 45 6.85 7.01 9.83
CA PRO A 45 6.68 8.38 9.33
C PRO A 45 6.79 8.45 7.81
N ILE A 46 7.69 7.64 7.25
CA ILE A 46 7.90 7.62 5.81
C ILE A 46 6.62 7.21 5.08
N TYR A 47 5.92 6.23 5.64
CA TYR A 47 4.68 5.74 5.04
C TYR A 47 3.55 6.76 5.21
N THR A 48 3.61 7.52 6.29
CA THR A 48 2.60 8.53 6.57
C THR A 48 2.44 9.49 5.39
N SER A 49 3.52 10.22 5.07
CA SER A 49 3.49 11.16 3.97
C SER A 49 3.13 10.48 2.66
N LEU A 50 3.66 9.26 2.47
CA LEU A 50 3.40 8.50 1.27
C LEU A 50 1.90 8.33 1.04
N GLY A 51 1.14 8.34 2.13
CA GLY A 51 -0.30 8.18 2.03
C GLY A 51 -1.01 9.51 1.82
N LYS A 52 -0.84 10.42 2.76
CA LYS A 52 -1.46 11.73 2.68
C LYS A 52 -1.15 12.41 1.35
N LYS A 53 -0.08 11.95 0.70
CA LYS A 53 0.31 12.51 -0.60
C LYS A 53 -0.40 11.80 -1.74
N TYR A 54 -0.52 10.48 -1.63
CA TYR A 54 -1.19 9.69 -2.66
C TYR A 54 -2.67 9.50 -2.32
N LYS A 55 -3.09 10.05 -1.18
CA LYS A 55 -4.47 9.95 -0.75
C LYS A 55 -5.39 10.70 -1.70
N GLY A 56 -4.87 11.77 -2.30
CA GLY A 56 -5.67 12.57 -3.23
C GLY A 56 -5.54 12.07 -4.65
N GLN A 57 -5.33 10.77 -4.81
CA GLN A 57 -5.20 10.17 -6.14
C GLN A 57 -6.54 9.63 -6.62
N LYS A 58 -6.56 9.16 -7.86
CA LYS A 58 -7.78 8.61 -8.45
C LYS A 58 -7.85 7.10 -8.25
N ASP A 59 -8.74 6.67 -7.35
CA ASP A 59 -8.90 5.24 -7.07
C ASP A 59 -7.64 4.67 -6.44
N LEU A 60 -7.13 5.36 -5.41
CA LEU A 60 -5.92 4.91 -4.72
C LEU A 60 -5.98 5.30 -3.25
N VAL A 61 -5.84 4.30 -2.37
CA VAL A 61 -5.86 4.54 -0.94
C VAL A 61 -4.84 3.67 -0.22
N ILE A 62 -3.74 4.30 0.22
CA ILE A 62 -2.69 3.59 0.92
C ILE A 62 -3.09 3.28 2.36
N ALA A 63 -3.31 2.00 2.64
CA ALA A 63 -3.69 1.57 3.98
C ALA A 63 -2.66 0.61 4.57
N LYS A 64 -2.68 0.46 5.89
CA LYS A 64 -1.75 -0.42 6.58
C LYS A 64 -2.49 -1.41 7.47
N MET A 65 -1.77 -2.41 7.96
CA MET A 65 -2.36 -3.42 8.83
C MET A 65 -1.29 -4.13 9.65
N ASP A 66 -1.68 -4.65 10.80
CA ASP A 66 -0.76 -5.36 11.68
C ASP A 66 -0.97 -6.87 11.61
N ALA A 67 -0.37 -7.49 10.60
CA ALA A 67 -0.50 -8.93 10.41
C ALA A 67 -0.15 -9.68 11.70
N THR A 68 0.75 -9.10 12.49
CA THR A 68 1.17 -9.71 13.75
C THR A 68 -0.04 -10.00 14.64
N ALA A 69 -1.04 -9.13 14.59
CA ALA A 69 -2.23 -9.30 15.40
C ALA A 69 -3.39 -9.84 14.56
N ASN A 70 -3.52 -9.32 13.34
CA ASN A 70 -4.59 -9.75 12.43
C ASN A 70 -4.10 -10.85 11.50
N ASP A 71 -4.83 -11.96 11.47
CA ASP A 71 -4.48 -13.09 10.63
C ASP A 71 -4.91 -12.84 9.18
N ILE A 72 -3.95 -12.87 8.27
CA ILE A 72 -4.23 -12.65 6.86
C ILE A 72 -5.03 -13.80 6.27
N THR A 73 -6.36 -13.68 6.32
CA THR A 73 -7.24 -14.72 5.81
C THR A 73 -6.81 -15.15 4.40
N ASN A 74 -6.24 -14.21 3.65
CA ASN A 74 -5.79 -14.49 2.30
C ASN A 74 -4.72 -15.59 2.30
N ASP A 75 -4.21 -15.89 1.11
CA ASP A 75 -3.18 -16.93 0.97
C ASP A 75 -2.02 -16.43 0.11
N GLN A 76 -2.34 -15.60 -0.87
CA GLN A 76 -1.33 -15.05 -1.77
C GLN A 76 -0.45 -14.04 -1.05
N TYR A 77 -1.00 -13.44 0.01
CA TYR A 77 -0.27 -12.45 0.79
C TYR A 77 0.43 -13.10 1.98
N LYS A 78 1.72 -13.38 1.83
CA LYS A 78 2.50 -14.00 2.90
C LYS A 78 3.51 -13.02 3.47
N VAL A 79 3.66 -13.03 4.80
CA VAL A 79 4.61 -12.14 5.46
C VAL A 79 5.82 -12.91 5.97
N GLU A 80 6.92 -12.81 5.24
CA GLU A 80 8.16 -13.49 5.62
C GLU A 80 9.16 -12.52 6.24
N GLY A 81 8.66 -11.35 6.65
CA GLY A 81 9.52 -10.36 7.25
C GLY A 81 8.96 -8.95 7.12
N PHE A 82 8.97 -8.21 8.22
CA PHE A 82 8.46 -6.84 8.21
C PHE A 82 9.60 -5.83 8.08
N PRO A 83 9.28 -4.68 7.47
CA PRO A 83 7.94 -4.39 6.96
C PRO A 83 7.58 -5.24 5.75
N THR A 84 6.35 -5.06 5.27
CA THR A 84 5.87 -5.82 4.11
C THR A 84 4.77 -5.07 3.38
N ILE A 85 5.10 -4.48 2.24
CA ILE A 85 4.14 -3.74 1.44
C ILE A 85 3.53 -4.62 0.34
N TYR A 86 2.24 -4.42 0.09
CA TYR A 86 1.54 -5.19 -0.93
C TYR A 86 0.57 -4.32 -1.70
N PHE A 87 0.63 -4.39 -3.03
CA PHE A 87 -0.24 -3.60 -3.88
C PHE A 87 -1.31 -4.47 -4.52
N ALA A 88 -2.56 -4.27 -4.10
CA ALA A 88 -3.67 -5.05 -4.64
C ALA A 88 -4.47 -4.24 -5.66
N PRO A 89 -4.17 -4.44 -6.94
CA PRO A 89 -4.84 -3.74 -8.03
C PRO A 89 -6.29 -4.18 -8.20
N SER A 90 -7.21 -3.23 -8.12
CA SER A 90 -8.63 -3.53 -8.25
C SER A 90 -8.89 -4.40 -9.48
N GLY A 91 -9.20 -5.66 -9.25
CA GLY A 91 -9.47 -6.58 -10.34
C GLY A 91 -8.45 -7.70 -10.42
N ASP A 92 -7.17 -7.35 -10.29
CA ASP A 92 -6.09 -8.33 -10.34
C ASP A 92 -5.44 -8.51 -8.97
N LYS A 93 -6.23 -8.32 -7.92
CA LYS A 93 -5.73 -8.46 -6.56
C LYS A 93 -5.18 -9.86 -6.32
N LYS A 94 -5.81 -10.85 -6.94
CA LYS A 94 -5.39 -12.23 -6.80
C LYS A 94 -3.87 -12.35 -6.81
N ASN A 95 -3.22 -11.43 -7.53
CA ASN A 95 -1.77 -11.43 -7.64
C ASN A 95 -1.18 -10.24 -6.88
N PRO A 96 -0.75 -10.48 -5.64
CA PRO A 96 -0.16 -9.45 -4.79
C PRO A 96 1.22 -9.02 -5.27
N ILE A 97 1.43 -7.70 -5.34
CA ILE A 97 2.71 -7.17 -5.80
C ILE A 97 3.49 -6.56 -4.63
N LYS A 98 4.36 -7.37 -4.03
CA LYS A 98 5.17 -6.91 -2.91
C LYS A 98 6.31 -6.02 -3.38
N PHE A 99 6.59 -4.96 -2.63
CA PHE A 99 7.66 -4.04 -2.97
C PHE A 99 9.01 -4.57 -2.49
N GLU A 100 9.80 -5.10 -3.41
CA GLU A 100 11.11 -5.63 -3.08
C GLU A 100 12.21 -4.60 -3.36
N GLY A 101 12.46 -4.35 -4.63
CA GLY A 101 13.48 -3.39 -5.02
C GLY A 101 14.72 -3.50 -4.17
N GLY A 102 15.20 -2.37 -3.64
CA GLY A 102 16.39 -2.38 -2.82
C GLY A 102 16.28 -1.43 -1.65
N ASN A 103 15.86 -0.19 -1.92
CA ASN A 103 15.71 0.81 -0.88
C ASN A 103 14.24 1.05 -0.54
N ARG A 104 13.95 1.22 0.74
CA ARG A 104 12.58 1.44 1.19
C ARG A 104 12.43 2.85 1.79
N ASP A 105 12.00 3.79 0.95
CA ASP A 105 11.82 5.17 1.40
C ASP A 105 10.67 5.83 0.64
N LEU A 106 10.44 7.11 0.93
CA LEU A 106 9.38 7.86 0.27
C LEU A 106 9.71 8.13 -1.18
N GLU A 107 11.00 8.04 -1.52
CA GLU A 107 11.46 8.27 -2.87
C GLU A 107 11.26 7.03 -3.74
N HIS A 108 11.59 5.88 -3.17
CA HIS A 108 11.45 4.61 -3.89
C HIS A 108 10.00 4.13 -3.87
N LEU A 109 9.40 4.15 -2.68
CA LEU A 109 8.02 3.71 -2.51
C LEU A 109 7.11 4.36 -3.57
N SER A 110 7.32 5.65 -3.80
CA SER A 110 6.53 6.38 -4.78
C SER A 110 6.81 5.88 -6.19
N LYS A 111 8.06 5.50 -6.44
CA LYS A 111 8.47 5.00 -7.74
C LYS A 111 7.92 3.59 -7.98
N PHE A 112 7.38 2.98 -6.93
CA PHE A 112 6.83 1.64 -7.03
C PHE A 112 5.32 1.69 -7.27
N ILE A 113 4.67 2.69 -6.69
CA ILE A 113 3.23 2.85 -6.83
C ILE A 113 2.87 3.31 -8.25
N ASP A 114 3.37 4.48 -8.63
CA ASP A 114 3.11 5.03 -9.95
C ASP A 114 3.08 3.92 -11.01
N GLU A 115 3.97 2.94 -10.86
CA GLU A 115 4.06 1.82 -11.79
C GLU A 115 2.76 1.03 -11.80
N HIS A 116 2.37 0.52 -10.63
CA HIS A 116 1.15 -0.26 -10.51
C HIS A 116 -0.07 0.64 -10.33
N ALA A 117 0.17 1.96 -10.40
CA ALA A 117 -0.90 2.93 -10.24
C ALA A 117 -1.74 3.04 -11.51
N THR A 118 -2.68 3.97 -11.52
CA THR A 118 -3.55 4.17 -12.67
C THR A 118 -2.84 4.96 -13.76
N LYS A 119 -1.61 4.57 -14.06
CA LYS A 119 -0.82 5.25 -15.09
C LYS A 119 -1.10 6.74 -15.09
N ARG A 120 -1.10 7.35 -13.91
CA ARG A 120 -1.37 8.78 -13.79
C ARG A 120 -0.07 9.54 -13.52
N SER A 121 0.76 9.67 -14.55
CA SER A 121 2.03 10.37 -14.43
C SER A 121 2.73 10.48 -15.78
N ARG A 122 3.89 11.13 -15.78
CA ARG A 122 4.65 11.30 -17.02
C ARG A 122 5.74 10.23 -17.13
N THR A 123 5.94 9.72 -18.35
CA THR A 123 6.94 8.70 -18.59
C THR A 123 8.21 8.96 -17.79
N LYS A 124 8.72 7.92 -17.14
CA LYS A 124 9.94 8.05 -16.34
C LYS A 124 11.18 7.77 -17.18
N GLU A 125 12.35 8.02 -16.61
CA GLU A 125 13.61 7.81 -17.31
C GLU A 125 13.76 6.33 -17.71
N GLU A 126 14.68 6.08 -18.62
CA GLU A 126 14.93 4.71 -19.09
C GLU A 126 16.40 4.35 -18.95
N LEU A 127 16.98 4.69 -17.80
CA LEU A 127 18.39 4.40 -17.55
C LEU A 127 18.57 3.77 -16.18
N SER A 128 19.30 2.66 -16.13
CA SER A 128 19.55 1.95 -14.87
C SER A 128 21.04 1.87 -14.58
N GLY A 129 21.40 2.04 -13.32
CA GLY A 129 22.80 1.99 -12.93
C GLY A 129 23.29 0.57 -12.76
N PRO A 130 23.43 0.12 -11.51
CA PRO A 130 23.89 -1.23 -11.19
C PRO A 130 22.88 -2.31 -11.57
N SER A 131 23.35 -3.53 -11.68
CA SER A 131 22.48 -4.65 -12.03
C SER A 131 23.22 -5.98 -11.90
N SER A 132 22.51 -7.00 -11.42
CA SER A 132 23.10 -8.32 -11.24
C SER A 132 24.09 -8.63 -12.36
N GLY A 133 23.66 -8.43 -13.60
CA GLY A 133 24.52 -8.69 -14.73
C GLY A 133 24.35 -7.67 -15.84
N GLY A 1 -14.92 9.24 1.70
CA GLY A 1 -14.01 8.18 2.11
C GLY A 1 -12.86 8.70 2.95
N SER A 2 -11.81 9.17 2.29
CA SER A 2 -10.63 9.68 2.98
C SER A 2 -10.97 10.95 3.76
N SER A 3 -11.34 10.77 5.02
CA SER A 3 -11.71 11.90 5.87
C SER A 3 -10.89 11.88 7.17
N GLY A 4 -10.34 13.03 7.52
CA GLY A 4 -9.55 13.13 8.74
C GLY A 4 -8.34 14.04 8.58
N SER A 5 -7.66 14.32 9.69
CA SER A 5 -6.49 15.19 9.67
C SER A 5 -5.24 14.43 10.09
N SER A 6 -5.27 13.89 11.31
CA SER A 6 -4.13 13.14 11.84
C SER A 6 -4.14 11.72 11.33
N GLY A 7 -2.95 11.17 11.09
CA GLY A 7 -2.84 9.81 10.59
C GLY A 7 -3.55 9.62 9.26
N PRO A 8 -2.86 9.94 8.16
CA PRO A 8 -3.40 9.81 6.82
C PRO A 8 -3.57 8.36 6.39
N VAL A 9 -2.58 7.54 6.71
CA VAL A 9 -2.61 6.12 6.37
C VAL A 9 -3.76 5.41 7.08
N LYS A 10 -4.71 4.90 6.31
CA LYS A 10 -5.86 4.20 6.87
C LYS A 10 -5.45 2.82 7.37
N VAL A 11 -6.02 2.42 8.50
CA VAL A 11 -5.72 1.12 9.09
C VAL A 11 -6.78 0.09 8.71
N VAL A 12 -6.33 -1.09 8.30
CA VAL A 12 -7.24 -2.16 7.90
C VAL A 12 -7.01 -3.42 8.75
N VAL A 13 -8.06 -3.88 9.40
CA VAL A 13 -7.97 -5.08 10.23
C VAL A 13 -8.31 -6.33 9.44
N GLY A 14 -8.32 -7.48 10.12
CA GLY A 14 -8.64 -8.73 9.47
C GLY A 14 -10.09 -8.81 9.04
N LYS A 15 -10.97 -8.20 9.82
CA LYS A 15 -12.40 -8.21 9.52
C LYS A 15 -12.73 -7.20 8.43
N THR A 16 -11.79 -6.32 8.14
CA THR A 16 -11.99 -5.30 7.12
C THR A 16 -10.90 -5.39 6.04
N PHE A 17 -10.17 -6.50 6.03
CA PHE A 17 -9.11 -6.70 5.05
C PHE A 17 -9.68 -7.08 3.69
N ASP A 18 -10.57 -8.07 3.69
CA ASP A 18 -11.19 -8.53 2.45
C ASP A 18 -12.19 -7.49 1.93
N ALA A 19 -12.43 -6.46 2.73
CA ALA A 19 -13.35 -5.40 2.35
C ALA A 19 -12.61 -4.19 1.79
N ILE A 20 -11.54 -3.80 2.46
CA ILE A 20 -10.74 -2.66 2.02
C ILE A 20 -9.57 -3.11 1.15
N VAL A 21 -8.60 -3.78 1.76
CA VAL A 21 -7.43 -4.26 1.04
C VAL A 21 -7.84 -5.06 -0.19
N MET A 22 -9.04 -5.62 -0.17
CA MET A 22 -9.56 -6.40 -1.28
C MET A 22 -10.75 -5.70 -1.93
N ASP A 23 -10.69 -4.38 -1.99
CA ASP A 23 -11.76 -3.60 -2.59
C ASP A 23 -11.55 -3.42 -4.09
N PRO A 24 -12.38 -4.12 -4.90
CA PRO A 24 -12.29 -4.05 -6.35
C PRO A 24 -12.72 -2.69 -6.91
N LYS A 25 -13.04 -1.78 -6.00
CA LYS A 25 -13.47 -0.43 -6.40
C LYS A 25 -12.27 0.49 -6.60
N LYS A 26 -11.12 0.06 -6.08
CA LYS A 26 -9.89 0.85 -6.20
C LYS A 26 -8.70 0.08 -5.64
N ASP A 27 -7.52 0.37 -6.19
CA ASP A 27 -6.30 -0.30 -5.75
C ASP A 27 -5.89 0.17 -4.35
N VAL A 28 -5.71 -0.78 -3.44
CA VAL A 28 -5.33 -0.45 -2.07
C VAL A 28 -3.97 -1.05 -1.74
N LEU A 29 -3.06 -0.21 -1.26
CA LEU A 29 -1.71 -0.65 -0.90
C LEU A 29 -1.65 -1.02 0.59
N ILE A 30 -1.65 -2.31 0.86
CA ILE A 30 -1.59 -2.80 2.25
C ILE A 30 -0.15 -3.10 2.65
N GLU A 31 0.25 -2.57 3.81
CA GLU A 31 1.61 -2.78 4.31
C GLU A 31 1.57 -3.42 5.70
N PHE A 32 2.03 -4.66 5.78
CA PHE A 32 2.05 -5.39 7.05
C PHE A 32 3.20 -4.91 7.93
N TYR A 33 2.87 -4.18 8.99
CA TYR A 33 3.87 -3.66 9.91
C TYR A 33 3.83 -4.41 11.24
N ALA A 34 4.98 -4.49 11.90
CA ALA A 34 5.06 -5.16 13.19
C ALA A 34 5.38 -4.18 14.31
N PRO A 35 4.55 -4.20 15.36
CA PRO A 35 4.72 -3.30 16.52
C PRO A 35 5.94 -3.67 17.35
N TRP A 36 6.66 -4.70 16.93
CA TRP A 36 7.85 -5.15 17.63
C TRP A 36 9.08 -5.11 16.73
N CYS A 37 8.95 -4.40 15.60
CA CYS A 37 10.04 -4.28 14.65
C CYS A 37 10.48 -2.82 14.50
N GLY A 38 11.78 -2.61 14.36
CA GLY A 38 12.30 -1.27 14.21
C GLY A 38 12.01 -0.68 12.84
N HIS A 39 12.36 -1.43 11.79
CA HIS A 39 12.13 -0.98 10.42
C HIS A 39 10.74 -0.37 10.27
N CYS A 40 9.84 -0.74 11.17
CA CYS A 40 8.47 -0.23 11.14
C CYS A 40 8.40 1.19 11.69
N LYS A 41 9.12 1.42 12.78
CA LYS A 41 9.14 2.74 13.41
C LYS A 41 9.80 3.77 12.49
N GLN A 42 10.89 3.36 11.83
CA GLN A 42 11.61 4.24 10.92
C GLN A 42 10.78 4.56 9.69
N LEU A 43 9.87 3.64 9.35
CA LEU A 43 9.02 3.82 8.18
C LEU A 43 7.72 4.52 8.57
N GLU A 44 7.33 4.38 9.83
CA GLU A 44 6.10 5.00 10.33
C GLU A 44 5.83 6.33 9.61
N PRO A 45 6.81 7.24 9.68
CA PRO A 45 6.69 8.56 9.05
C PRO A 45 6.75 8.47 7.52
N ILE A 46 7.72 7.72 7.01
CA ILE A 46 7.88 7.55 5.57
C ILE A 46 6.56 7.15 4.91
N TYR A 47 5.81 6.29 5.59
CA TYR A 47 4.53 5.82 5.07
C TYR A 47 3.45 6.87 5.27
N THR A 48 3.48 7.54 6.43
CA THR A 48 2.50 8.57 6.73
C THR A 48 2.31 9.53 5.56
N SER A 49 3.40 10.21 5.19
CA SER A 49 3.36 11.16 4.08
C SER A 49 2.98 10.47 2.79
N LEU A 50 3.56 9.30 2.55
CA LEU A 50 3.28 8.54 1.34
C LEU A 50 1.78 8.39 1.12
N GLY A 51 1.02 8.45 2.22
CA GLY A 51 -0.43 8.31 2.12
C GLY A 51 -1.10 9.65 1.88
N LYS A 52 -0.92 10.58 2.80
CA LYS A 52 -1.52 11.91 2.68
C LYS A 52 -1.19 12.54 1.33
N LYS A 53 -0.07 12.13 0.75
CA LYS A 53 0.35 12.66 -0.54
C LYS A 53 -0.35 11.92 -1.68
N TYR A 54 -0.43 10.60 -1.56
CA TYR A 54 -1.08 9.78 -2.58
C TYR A 54 -2.59 9.79 -2.41
N LYS A 55 -3.06 10.42 -1.34
CA LYS A 55 -4.49 10.51 -1.06
C LYS A 55 -5.21 11.28 -2.15
N GLY A 56 -4.47 12.10 -2.89
CA GLY A 56 -5.05 12.89 -3.96
C GLY A 56 -5.15 12.11 -5.26
N GLN A 57 -4.61 10.90 -5.27
CA GLN A 57 -4.63 10.05 -6.46
C GLN A 57 -6.05 9.60 -6.77
N LYS A 58 -6.22 8.96 -7.92
CA LYS A 58 -7.53 8.46 -8.34
C LYS A 58 -7.72 7.01 -7.94
N ASP A 59 -8.73 6.75 -7.12
CA ASP A 59 -9.02 5.39 -6.67
C ASP A 59 -7.77 4.74 -6.09
N LEU A 60 -7.15 5.41 -5.13
CA LEU A 60 -5.94 4.89 -4.49
C LEU A 60 -5.87 5.30 -3.02
N VAL A 61 -5.92 4.32 -2.14
CA VAL A 61 -5.86 4.58 -0.70
C VAL A 61 -4.79 3.74 -0.03
N ILE A 62 -3.74 4.40 0.46
CA ILE A 62 -2.64 3.70 1.13
C ILE A 62 -3.01 3.36 2.57
N ALA A 63 -3.32 2.10 2.81
CA ALA A 63 -3.68 1.64 4.14
C ALA A 63 -2.66 0.64 4.68
N LYS A 64 -2.71 0.39 5.99
CA LYS A 64 -1.78 -0.54 6.62
C LYS A 64 -2.53 -1.49 7.55
N MET A 65 -1.98 -2.69 7.75
CA MET A 65 -2.59 -3.67 8.61
C MET A 65 -1.53 -4.42 9.41
N ASP A 66 -1.93 -4.96 10.57
CA ASP A 66 -1.01 -5.70 11.42
C ASP A 66 -1.16 -7.20 11.22
N ALA A 67 -0.21 -7.80 10.50
CA ALA A 67 -0.23 -9.23 10.23
C ALA A 67 0.17 -10.03 11.46
N THR A 68 0.82 -9.37 12.41
CA THR A 68 1.26 -10.02 13.64
C THR A 68 0.08 -10.31 14.56
N ALA A 69 -1.05 -9.67 14.29
CA ALA A 69 -2.25 -9.87 15.09
C ALA A 69 -3.40 -10.39 14.22
N ASN A 70 -3.57 -9.80 13.04
CA ASN A 70 -4.62 -10.20 12.12
C ASN A 70 -4.12 -11.26 11.14
N ASP A 71 -4.78 -12.40 11.13
CA ASP A 71 -4.41 -13.49 10.23
C ASP A 71 -4.91 -13.24 8.82
N ILE A 72 -3.98 -13.03 7.89
CA ILE A 72 -4.33 -12.77 6.50
C ILE A 72 -5.14 -13.92 5.91
N THR A 73 -6.46 -13.84 6.05
CA THR A 73 -7.34 -14.88 5.52
C THR A 73 -6.90 -15.33 4.14
N ASN A 74 -6.36 -14.41 3.36
CA ASN A 74 -5.89 -14.71 2.02
C ASN A 74 -4.77 -15.74 2.05
N ASP A 75 -4.27 -16.10 0.87
CA ASP A 75 -3.19 -17.08 0.77
C ASP A 75 -2.03 -16.52 -0.07
N GLN A 76 -2.36 -15.73 -1.07
CA GLN A 76 -1.34 -15.14 -1.94
C GLN A 76 -0.48 -14.16 -1.16
N TYR A 77 -1.03 -13.57 -0.12
CA TYR A 77 -0.31 -12.61 0.71
C TYR A 77 0.42 -13.32 1.86
N LYS A 78 1.74 -13.39 1.77
CA LYS A 78 2.55 -14.04 2.79
C LYS A 78 3.55 -13.06 3.39
N VAL A 79 3.68 -13.10 4.72
CA VAL A 79 4.61 -12.21 5.41
C VAL A 79 5.89 -12.95 5.81
N GLU A 80 6.99 -12.63 5.13
CA GLU A 80 8.27 -13.26 5.41
C GLU A 80 9.27 -12.24 5.96
N GLY A 81 8.76 -11.13 6.46
CA GLY A 81 9.62 -10.09 7.00
C GLY A 81 9.03 -8.70 6.84
N PHE A 82 8.94 -7.97 7.93
CA PHE A 82 8.39 -6.62 7.91
C PHE A 82 9.51 -5.57 7.85
N PRO A 83 9.19 -4.41 7.27
CA PRO A 83 7.86 -4.13 6.73
C PRO A 83 7.56 -4.93 5.47
N THR A 84 6.28 -5.11 5.18
CA THR A 84 5.86 -5.88 4.01
C THR A 84 4.74 -5.15 3.25
N ILE A 85 5.12 -4.47 2.18
CA ILE A 85 4.16 -3.73 1.37
C ILE A 85 3.58 -4.61 0.26
N TYR A 86 2.29 -4.46 0.01
CA TYR A 86 1.61 -5.25 -1.02
C TYR A 86 0.59 -4.40 -1.77
N PHE A 87 0.72 -4.34 -3.09
CA PHE A 87 -0.19 -3.56 -3.92
C PHE A 87 -1.30 -4.45 -4.49
N ALA A 88 -2.53 -4.21 -4.05
CA ALA A 88 -3.67 -4.98 -4.52
C ALA A 88 -4.48 -4.20 -5.54
N PRO A 89 -4.21 -4.47 -6.83
CA PRO A 89 -4.91 -3.79 -7.93
C PRO A 89 -6.37 -4.22 -8.05
N SER A 90 -7.27 -3.25 -7.99
CA SER A 90 -8.70 -3.53 -8.08
C SER A 90 -9.01 -4.36 -9.32
N GLY A 91 -9.34 -5.63 -9.11
CA GLY A 91 -9.65 -6.51 -10.21
C GLY A 91 -8.62 -7.60 -10.40
N ASP A 92 -7.35 -7.25 -10.21
CA ASP A 92 -6.25 -8.20 -10.37
C ASP A 92 -5.60 -8.50 -9.02
N LYS A 93 -6.36 -8.30 -7.94
CA LYS A 93 -5.86 -8.55 -6.60
C LYS A 93 -5.28 -9.96 -6.47
N LYS A 94 -5.96 -10.92 -7.11
CA LYS A 94 -5.51 -12.31 -7.07
C LYS A 94 -3.99 -12.40 -7.09
N ASN A 95 -3.36 -11.51 -7.86
CA ASN A 95 -1.91 -11.48 -7.96
C ASN A 95 -1.32 -10.28 -7.24
N PRO A 96 -0.94 -10.48 -5.96
CA PRO A 96 -0.36 -9.40 -5.13
C PRO A 96 1.03 -9.00 -5.60
N ILE A 97 1.33 -7.71 -5.48
CA ILE A 97 2.64 -7.19 -5.89
C ILE A 97 3.43 -6.69 -4.69
N LYS A 98 4.42 -7.47 -4.27
CA LYS A 98 5.26 -7.11 -3.14
C LYS A 98 6.37 -6.16 -3.57
N PHE A 99 6.65 -5.17 -2.73
CA PHE A 99 7.69 -4.19 -3.03
C PHE A 99 9.06 -4.71 -2.58
N GLU A 100 9.87 -5.14 -3.55
CA GLU A 100 11.21 -5.66 -3.25
C GLU A 100 12.28 -4.65 -3.65
N GLY A 101 12.16 -3.43 -3.14
CA GLY A 101 13.12 -2.39 -3.44
C GLY A 101 14.30 -2.40 -2.50
N GLY A 102 15.50 -2.51 -3.05
CA GLY A 102 16.69 -2.53 -2.22
C GLY A 102 16.62 -1.55 -1.08
N ASN A 103 15.94 -0.42 -1.30
CA ASN A 103 15.81 0.60 -0.27
C ASN A 103 14.34 0.90 0.00
N ARG A 104 14.01 1.16 1.26
CA ARG A 104 12.64 1.46 1.65
C ARG A 104 12.51 2.92 2.09
N ASP A 105 12.22 3.80 1.14
CA ASP A 105 12.08 5.22 1.45
C ASP A 105 10.88 5.81 0.70
N LEU A 106 10.62 7.09 0.93
CA LEU A 106 9.50 7.78 0.28
C LEU A 106 9.79 8.02 -1.19
N GLU A 107 11.06 7.85 -1.59
CA GLU A 107 11.46 8.06 -2.96
C GLU A 107 11.38 6.74 -3.75
N HIS A 108 11.70 5.64 -3.09
CA HIS A 108 11.66 4.33 -3.72
C HIS A 108 10.24 3.77 -3.73
N LEU A 109 9.49 4.04 -2.66
CA LEU A 109 8.12 3.56 -2.54
C LEU A 109 7.24 4.17 -3.63
N SER A 110 7.29 5.49 -3.75
CA SER A 110 6.50 6.21 -4.75
C SER A 110 6.79 5.68 -6.15
N LYS A 111 8.06 5.37 -6.41
CA LYS A 111 8.48 4.86 -7.71
C LYS A 111 7.92 3.46 -7.94
N PHE A 112 7.39 2.86 -6.88
CA PHE A 112 6.82 1.51 -6.97
C PHE A 112 5.31 1.58 -7.19
N ILE A 113 4.67 2.55 -6.56
CA ILE A 113 3.22 2.72 -6.68
C ILE A 113 2.85 3.19 -8.08
N ASP A 114 3.36 4.35 -8.46
CA ASP A 114 3.08 4.92 -9.78
C ASP A 114 3.20 3.85 -10.87
N GLU A 115 4.36 3.22 -10.95
CA GLU A 115 4.60 2.18 -11.94
C GLU A 115 3.43 1.21 -12.01
N HIS A 116 3.12 0.58 -10.88
CA HIS A 116 2.03 -0.38 -10.81
C HIS A 116 0.69 0.34 -10.90
N ALA A 117 0.70 1.65 -10.66
CA ALA A 117 -0.52 2.44 -10.71
C ALA A 117 -0.93 2.74 -12.15
N THR A 118 -1.96 3.55 -12.31
CA THR A 118 -2.45 3.91 -13.64
C THR A 118 -1.64 5.05 -14.24
N LYS A 119 -0.35 5.06 -13.95
CA LYS A 119 0.54 6.10 -14.45
C LYS A 119 -0.17 7.45 -14.52
N ARG A 120 -1.11 7.66 -13.60
CA ARG A 120 -1.87 8.90 -13.55
C ARG A 120 -1.05 10.01 -12.90
N SER A 121 -0.56 10.94 -13.73
CA SER A 121 0.24 12.04 -13.24
C SER A 121 -0.64 13.23 -12.85
N ARG A 122 -0.79 13.45 -11.55
CA ARG A 122 -1.61 14.55 -11.05
C ARG A 122 -1.04 15.90 -11.50
N THR A 123 0.25 16.10 -11.27
CA THR A 123 0.91 17.35 -11.65
C THR A 123 2.37 17.11 -11.98
N LYS A 124 2.92 17.95 -12.85
CA LYS A 124 4.32 17.83 -13.25
C LYS A 124 5.24 18.37 -12.16
N GLU A 125 5.80 17.45 -11.37
CA GLU A 125 6.70 17.84 -10.29
C GLU A 125 8.15 17.80 -10.76
N GLU A 126 8.36 17.97 -12.06
CA GLU A 126 9.70 17.95 -12.63
C GLU A 126 10.08 19.33 -13.16
N LEU A 127 11.35 19.69 -13.01
CA LEU A 127 11.84 20.98 -13.47
C LEU A 127 12.99 20.80 -14.47
N SER A 128 12.65 20.76 -15.76
CA SER A 128 13.64 20.59 -16.81
C SER A 128 14.03 21.94 -17.42
N GLY A 129 14.85 22.70 -16.69
CA GLY A 129 15.28 24.00 -17.18
C GLY A 129 14.20 24.71 -17.97
N PRO A 130 13.27 25.35 -17.25
CA PRO A 130 12.15 26.08 -17.88
C PRO A 130 12.62 27.35 -18.58
N SER A 131 13.65 27.99 -18.03
CA SER A 131 14.19 29.22 -18.61
C SER A 131 15.43 28.92 -19.45
N SER A 132 15.33 27.90 -20.29
CA SER A 132 16.45 27.50 -21.16
C SER A 132 15.98 27.29 -22.59
N GLY A 133 16.72 27.86 -23.54
CA GLY A 133 16.36 27.71 -24.94
C GLY A 133 17.48 28.14 -25.86
N GLY A 1 -11.87 16.39 -1.19
CA GLY A 1 -10.86 16.16 -0.17
C GLY A 1 -11.48 15.99 1.21
N SER A 2 -12.06 14.82 1.46
CA SER A 2 -12.68 14.54 2.75
C SER A 2 -11.70 14.74 3.89
N SER A 3 -12.22 14.86 5.10
CA SER A 3 -11.38 15.06 6.28
C SER A 3 -11.94 14.31 7.48
N GLY A 4 -11.19 13.33 7.97
CA GLY A 4 -11.63 12.55 9.12
C GLY A 4 -10.56 12.42 10.17
N SER A 5 -9.94 11.24 10.24
CA SER A 5 -8.89 10.98 11.22
C SER A 5 -7.59 11.69 10.82
N SER A 6 -6.92 12.27 11.82
CA SER A 6 -5.67 12.98 11.58
C SER A 6 -4.76 12.17 10.64
N GLY A 7 -4.41 10.97 11.07
CA GLY A 7 -3.54 10.11 10.27
C GLY A 7 -4.08 9.90 8.88
N PRO A 8 -3.23 10.14 7.87
CA PRO A 8 -3.61 9.97 6.46
C PRO A 8 -3.81 8.50 6.08
N VAL A 9 -2.89 7.64 6.54
CA VAL A 9 -2.97 6.22 6.25
C VAL A 9 -4.24 5.61 6.83
N LYS A 10 -4.86 4.71 6.08
CA LYS A 10 -6.08 4.04 6.52
C LYS A 10 -5.76 2.70 7.17
N VAL A 11 -6.35 2.46 8.34
CA VAL A 11 -6.13 1.21 9.05
C VAL A 11 -7.08 0.13 8.57
N VAL A 12 -6.54 -1.07 8.37
CA VAL A 12 -7.34 -2.20 7.90
C VAL A 12 -7.09 -3.44 8.75
N VAL A 13 -8.17 -4.13 9.13
CA VAL A 13 -8.07 -5.33 9.94
C VAL A 13 -8.48 -6.57 9.14
N GLY A 14 -8.54 -7.71 9.83
CA GLY A 14 -8.92 -8.94 9.16
C GLY A 14 -10.38 -8.96 8.75
N LYS A 15 -11.19 -8.15 9.42
CA LYS A 15 -12.62 -8.07 9.12
C LYS A 15 -12.88 -7.06 8.00
N THR A 16 -11.91 -6.19 7.77
CA THR A 16 -12.02 -5.18 6.73
C THR A 16 -10.95 -5.35 5.66
N PHE A 17 -10.18 -6.43 5.77
CA PHE A 17 -9.13 -6.71 4.80
C PHE A 17 -9.71 -7.09 3.45
N ASP A 18 -10.42 -8.21 3.42
CA ASP A 18 -11.03 -8.68 2.18
C ASP A 18 -12.10 -7.71 1.68
N ALA A 19 -12.39 -6.70 2.49
CA ALA A 19 -13.38 -5.69 2.14
C ALA A 19 -12.72 -4.45 1.58
N ILE A 20 -11.66 -3.98 2.24
CA ILE A 20 -10.95 -2.79 1.80
C ILE A 20 -9.73 -3.16 0.96
N VAL A 21 -8.75 -3.80 1.60
CA VAL A 21 -7.54 -4.22 0.91
C VAL A 21 -7.86 -5.05 -0.33
N MET A 22 -9.10 -5.51 -0.41
CA MET A 22 -9.54 -6.32 -1.54
C MET A 22 -10.69 -5.64 -2.28
N ASP A 23 -10.67 -4.32 -2.31
CA ASP A 23 -11.72 -3.55 -2.98
C ASP A 23 -11.46 -3.48 -4.48
N PRO A 24 -12.32 -4.17 -5.25
CA PRO A 24 -12.21 -4.20 -6.72
C PRO A 24 -12.54 -2.87 -7.36
N LYS A 25 -12.81 -1.86 -6.52
CA LYS A 25 -13.14 -0.52 -7.01
C LYS A 25 -11.88 0.28 -7.26
N LYS A 26 -10.92 0.18 -6.35
CA LYS A 26 -9.66 0.91 -6.48
C LYS A 26 -8.50 0.09 -5.93
N ASP A 27 -7.29 0.42 -6.36
CA ASP A 27 -6.10 -0.29 -5.90
C ASP A 27 -5.69 0.17 -4.51
N VAL A 28 -5.76 -0.74 -3.54
CA VAL A 28 -5.40 -0.43 -2.16
C VAL A 28 -4.04 -1.03 -1.80
N LEU A 29 -3.14 -0.18 -1.32
CA LEU A 29 -1.80 -0.62 -0.93
C LEU A 29 -1.75 -0.94 0.55
N ILE A 30 -1.76 -2.24 0.87
CA ILE A 30 -1.70 -2.69 2.25
C ILE A 30 -0.26 -2.91 2.71
N GLU A 31 0.08 -2.33 3.86
CA GLU A 31 1.42 -2.46 4.40
C GLU A 31 1.39 -3.10 5.78
N PHE A 32 1.78 -4.37 5.85
CA PHE A 32 1.78 -5.11 7.12
C PHE A 32 2.98 -4.69 7.97
N TYR A 33 2.71 -3.95 9.04
CA TYR A 33 3.76 -3.50 9.94
C TYR A 33 3.72 -4.25 11.26
N ALA A 34 4.85 -4.27 11.96
CA ALA A 34 4.94 -4.96 13.25
C ALA A 34 5.35 -3.99 14.36
N PRO A 35 4.59 -4.00 15.46
CA PRO A 35 4.86 -3.12 16.61
C PRO A 35 6.13 -3.53 17.35
N TRP A 36 6.79 -4.56 16.86
CA TRP A 36 8.02 -5.05 17.49
C TRP A 36 9.18 -5.02 16.50
N CYS A 37 9.01 -4.27 15.41
CA CYS A 37 10.04 -4.16 14.39
C CYS A 37 10.62 -2.74 14.34
N GLY A 38 11.94 -2.64 14.38
CA GLY A 38 12.58 -1.34 14.34
C GLY A 38 12.47 -0.68 12.98
N HIS A 39 12.64 -1.47 11.92
CA HIS A 39 12.55 -0.95 10.56
C HIS A 39 11.20 -0.30 10.31
N CYS A 40 10.21 -0.66 11.12
CA CYS A 40 8.87 -0.12 10.99
C CYS A 40 8.79 1.28 11.62
N LYS A 41 9.55 1.48 12.68
CA LYS A 41 9.56 2.77 13.37
C LYS A 41 10.11 3.87 12.48
N GLN A 42 11.23 3.58 11.81
CA GLN A 42 11.84 4.55 10.90
C GLN A 42 10.97 4.78 9.67
N LEU A 43 10.19 3.78 9.30
CA LEU A 43 9.31 3.87 8.14
C LEU A 43 7.97 4.46 8.53
N GLU A 44 7.57 4.27 9.78
CA GLU A 44 6.30 4.80 10.27
C GLU A 44 5.96 6.13 9.60
N PRO A 45 6.87 7.10 9.75
CA PRO A 45 6.69 8.44 9.18
C PRO A 45 6.82 8.43 7.66
N ILE A 46 7.73 7.61 7.15
CA ILE A 46 7.95 7.52 5.71
C ILE A 46 6.67 7.08 4.99
N TYR A 47 5.93 6.17 5.62
CA TYR A 47 4.69 5.67 5.05
C TYR A 47 3.57 6.69 5.19
N THR A 48 3.65 7.51 6.23
CA THR A 48 2.64 8.53 6.50
C THR A 48 2.48 9.45 5.29
N SER A 49 3.55 10.16 4.93
CA SER A 49 3.52 11.08 3.80
C SER A 49 3.09 10.36 2.53
N LEU A 50 3.52 9.11 2.40
CA LEU A 50 3.18 8.31 1.22
C LEU A 50 1.67 8.14 1.09
N GLY A 51 0.98 8.20 2.23
CA GLY A 51 -0.46 8.05 2.22
C GLY A 51 -1.18 9.38 2.04
N LYS A 52 -0.67 10.42 2.69
CA LYS A 52 -1.27 11.74 2.59
C LYS A 52 -0.94 12.39 1.26
N LYS A 53 0.18 12.00 0.67
CA LYS A 53 0.60 12.55 -0.62
C LYS A 53 -0.19 11.92 -1.76
N TYR A 54 -0.46 10.63 -1.65
CA TYR A 54 -1.21 9.91 -2.67
C TYR A 54 -2.70 9.91 -2.35
N LYS A 55 -3.06 10.54 -1.24
CA LYS A 55 -4.45 10.62 -0.83
C LYS A 55 -5.30 11.36 -1.87
N GLY A 56 -4.63 12.15 -2.70
CA GLY A 56 -5.32 12.89 -3.74
C GLY A 56 -5.20 12.26 -5.11
N GLN A 57 -5.08 10.93 -5.12
CA GLN A 57 -4.94 10.20 -6.38
C GLN A 57 -6.28 9.61 -6.82
N LYS A 58 -6.31 9.05 -8.02
CA LYS A 58 -7.53 8.45 -8.56
C LYS A 58 -7.61 6.97 -8.19
N ASP A 59 -8.62 6.61 -7.41
CA ASP A 59 -8.80 5.23 -6.99
C ASP A 59 -7.55 4.69 -6.32
N LEU A 60 -7.08 5.39 -5.30
CA LEU A 60 -5.89 4.98 -4.57
C LEU A 60 -6.00 5.32 -3.09
N VAL A 61 -5.87 4.31 -2.24
CA VAL A 61 -5.96 4.50 -0.80
C VAL A 61 -4.92 3.67 -0.06
N ILE A 62 -3.88 4.33 0.42
CA ILE A 62 -2.81 3.65 1.15
C ILE A 62 -3.25 3.29 2.56
N ALA A 63 -3.41 1.99 2.80
CA ALA A 63 -3.83 1.51 4.11
C ALA A 63 -2.80 0.55 4.69
N LYS A 64 -2.93 0.26 5.99
CA LYS A 64 -2.01 -0.63 6.67
C LYS A 64 -2.76 -1.60 7.57
N MET A 65 -2.06 -2.61 8.06
CA MET A 65 -2.65 -3.60 8.94
C MET A 65 -1.58 -4.30 9.79
N ASP A 66 -1.98 -4.77 10.97
CA ASP A 66 -1.05 -5.46 11.86
C ASP A 66 -1.12 -6.98 11.65
N ALA A 67 -0.38 -7.47 10.68
CA ALA A 67 -0.35 -8.89 10.38
C ALA A 67 -0.03 -9.71 11.63
N THR A 68 0.61 -9.07 12.61
CA THR A 68 0.98 -9.73 13.85
C THR A 68 -0.26 -10.08 14.67
N ALA A 69 -1.28 -9.24 14.57
CA ALA A 69 -2.53 -9.45 15.31
C ALA A 69 -3.60 -10.07 14.40
N ASN A 70 -3.74 -9.51 13.21
CA ASN A 70 -4.73 -10.00 12.25
C ASN A 70 -4.14 -11.08 11.36
N ASP A 71 -4.82 -12.23 11.29
CA ASP A 71 -4.37 -13.34 10.46
C ASP A 71 -4.85 -13.19 9.03
N ILE A 72 -3.93 -12.92 8.11
CA ILE A 72 -4.26 -12.77 6.70
C ILE A 72 -4.94 -14.03 6.15
N THR A 73 -6.23 -13.92 5.84
CA THR A 73 -6.98 -15.04 5.31
C THR A 73 -6.49 -15.41 3.92
N ASN A 74 -6.17 -14.40 3.12
CA ASN A 74 -5.69 -14.63 1.76
C ASN A 74 -4.63 -15.72 1.73
N ASP A 75 -4.21 -16.10 0.54
CA ASP A 75 -3.19 -17.14 0.37
C ASP A 75 -1.95 -16.57 -0.31
N GLN A 76 -2.15 -15.58 -1.17
CA GLN A 76 -1.05 -14.95 -1.89
C GLN A 76 -0.29 -13.97 -0.98
N TYR A 77 -1.02 -13.33 -0.07
CA TYR A 77 -0.42 -12.37 0.84
C TYR A 77 0.24 -13.08 2.03
N LYS A 78 1.56 -13.26 1.93
CA LYS A 78 2.31 -13.92 2.99
C LYS A 78 3.34 -12.97 3.60
N VAL A 79 3.18 -12.69 4.89
CA VAL A 79 4.09 -11.80 5.60
C VAL A 79 5.27 -12.57 6.19
N GLU A 80 6.33 -12.71 5.40
CA GLU A 80 7.51 -13.43 5.85
C GLU A 80 8.28 -12.60 6.88
N GLY A 81 8.21 -11.28 6.75
CA GLY A 81 8.91 -10.40 7.68
C GLY A 81 8.28 -9.04 7.76
N PHE A 82 9.06 -8.04 8.16
CA PHE A 82 8.57 -6.67 8.28
C PHE A 82 9.70 -5.67 8.07
N PRO A 83 9.36 -4.53 7.44
CA PRO A 83 7.99 -4.24 7.00
C PRO A 83 7.58 -5.12 5.81
N THR A 84 6.35 -4.94 5.35
CA THR A 84 5.83 -5.71 4.23
C THR A 84 4.72 -4.97 3.51
N ILE A 85 5.03 -4.45 2.33
CA ILE A 85 4.05 -3.72 1.54
C ILE A 85 3.51 -4.56 0.39
N TYR A 86 2.22 -4.42 0.10
CA TYR A 86 1.58 -5.18 -0.97
C TYR A 86 0.59 -4.31 -1.74
N PHE A 87 0.67 -4.35 -3.06
CA PHE A 87 -0.21 -3.57 -3.91
C PHE A 87 -1.34 -4.44 -4.46
N ALA A 88 -2.58 -4.13 -4.08
CA ALA A 88 -3.74 -4.87 -4.54
C ALA A 88 -4.49 -4.11 -5.63
N PRO A 89 -4.17 -4.42 -6.90
CA PRO A 89 -4.80 -3.78 -8.06
C PRO A 89 -6.27 -4.18 -8.21
N SER A 90 -7.16 -3.19 -8.18
CA SER A 90 -8.58 -3.44 -8.31
C SER A 90 -8.87 -4.29 -9.55
N GLY A 91 -9.15 -5.57 -9.34
CA GLY A 91 -9.44 -6.46 -10.44
C GLY A 91 -8.49 -7.64 -10.50
N ASP A 92 -7.19 -7.36 -10.46
CA ASP A 92 -6.19 -8.41 -10.50
C ASP A 92 -5.58 -8.63 -9.12
N LYS A 93 -6.39 -8.45 -8.08
CA LYS A 93 -5.94 -8.64 -6.72
C LYS A 93 -5.40 -10.06 -6.50
N LYS A 94 -6.08 -11.03 -7.10
CA LYS A 94 -5.67 -12.43 -6.98
C LYS A 94 -4.16 -12.54 -6.94
N ASN A 95 -3.48 -11.70 -7.70
CA ASN A 95 -2.01 -11.71 -7.74
C ASN A 95 -1.44 -10.45 -7.10
N PRO A 96 -1.06 -10.57 -5.82
CA PRO A 96 -0.48 -9.45 -5.07
C PRO A 96 0.92 -9.07 -5.56
N ILE A 97 1.31 -7.83 -5.32
CA ILE A 97 2.62 -7.35 -5.73
C ILE A 97 3.39 -6.77 -4.55
N LYS A 98 4.43 -7.50 -4.12
CA LYS A 98 5.25 -7.07 -3.00
C LYS A 98 6.37 -6.14 -3.48
N PHE A 99 6.63 -5.10 -2.70
CA PHE A 99 7.68 -4.14 -3.04
C PHE A 99 9.05 -4.62 -2.56
N GLU A 100 9.85 -5.12 -3.48
CA GLU A 100 11.19 -5.61 -3.15
C GLU A 100 12.26 -4.63 -3.61
N GLY A 101 12.02 -3.34 -3.37
CA GLY A 101 12.98 -2.33 -3.76
C GLY A 101 14.20 -2.31 -2.88
N GLY A 102 15.37 -2.11 -3.48
CA GLY A 102 16.61 -2.08 -2.72
C GLY A 102 16.48 -1.29 -1.43
N ASN A 103 15.76 -0.18 -1.49
CA ASN A 103 15.56 0.67 -0.32
C ASN A 103 14.08 0.92 -0.07
N ARG A 104 13.71 1.06 1.19
CA ARG A 104 12.32 1.31 1.56
C ARG A 104 12.15 2.72 2.11
N ASP A 105 12.05 3.69 1.21
CA ASP A 105 11.89 5.09 1.59
C ASP A 105 10.73 5.72 0.83
N LEU A 106 10.54 7.03 1.02
CA LEU A 106 9.47 7.75 0.35
C LEU A 106 9.83 8.03 -1.11
N GLU A 107 11.10 7.86 -1.44
CA GLU A 107 11.57 8.10 -2.80
C GLU A 107 11.47 6.82 -3.63
N HIS A 108 11.71 5.68 -2.99
CA HIS A 108 11.65 4.39 -3.67
C HIS A 108 10.23 3.85 -3.67
N LEU A 109 9.51 4.08 -2.58
CA LEU A 109 8.13 3.62 -2.46
C LEU A 109 7.24 4.27 -3.52
N SER A 110 7.30 5.59 -3.60
CA SER A 110 6.49 6.33 -4.58
C SER A 110 6.82 5.89 -5.99
N LYS A 111 8.01 5.32 -6.18
CA LYS A 111 8.44 4.85 -7.49
C LYS A 111 7.88 3.48 -7.79
N PHE A 112 7.36 2.81 -6.75
CA PHE A 112 6.79 1.48 -6.90
C PHE A 112 5.28 1.56 -7.08
N ILE A 113 4.70 2.69 -6.69
CA ILE A 113 3.27 2.89 -6.80
C ILE A 113 2.89 3.41 -8.19
N ASP A 114 3.44 4.57 -8.56
CA ASP A 114 3.17 5.17 -9.85
C ASP A 114 3.18 4.11 -10.96
N GLU A 115 4.04 3.11 -10.80
CA GLU A 115 4.15 2.03 -11.78
C GLU A 115 2.90 1.14 -11.76
N HIS A 116 2.62 0.56 -10.59
CA HIS A 116 1.46 -0.31 -10.44
C HIS A 116 0.20 0.51 -10.17
N ALA A 117 0.29 1.83 -10.37
CA ALA A 117 -0.84 2.72 -10.16
C ALA A 117 -1.83 2.62 -11.32
N THR A 118 -2.86 3.48 -11.27
CA THR A 118 -3.88 3.49 -12.31
C THR A 118 -3.39 4.22 -13.55
N LYS A 119 -2.15 3.95 -13.95
CA LYS A 119 -1.57 4.59 -15.13
C LYS A 119 -2.09 6.02 -15.28
N ARG A 120 -1.95 6.81 -14.22
CA ARG A 120 -2.41 8.19 -14.24
C ARG A 120 -1.34 9.11 -14.81
N SER A 121 -0.10 8.89 -14.38
CA SER A 121 1.02 9.70 -14.84
C SER A 121 2.03 8.85 -15.61
N ARG A 122 2.52 9.39 -16.72
CA ARG A 122 3.49 8.69 -17.55
C ARG A 122 4.80 9.46 -17.65
N THR A 123 5.65 9.30 -16.64
CA THR A 123 6.94 9.99 -16.62
C THR A 123 8.09 9.00 -16.75
N LYS A 124 7.89 7.97 -17.56
CA LYS A 124 8.93 6.95 -17.77
C LYS A 124 10.29 7.60 -17.96
N GLU A 125 10.32 8.78 -18.57
CA GLU A 125 11.56 9.51 -18.79
C GLU A 125 12.11 10.07 -17.50
N GLU A 126 13.43 10.25 -17.45
CA GLU A 126 14.08 10.78 -16.25
C GLU A 126 14.89 12.03 -16.60
N LEU A 127 14.71 13.08 -15.80
CA LEU A 127 15.42 14.33 -16.01
C LEU A 127 16.84 14.09 -16.51
N SER A 128 17.01 14.10 -17.82
CA SER A 128 18.32 13.86 -18.42
C SER A 128 18.27 14.05 -19.94
N GLY A 129 19.39 13.82 -20.59
CA GLY A 129 19.46 13.97 -22.04
C GLY A 129 18.84 12.80 -22.77
N PRO A 130 18.47 13.01 -24.04
CA PRO A 130 17.87 11.96 -24.88
C PRO A 130 18.85 10.86 -25.25
N SER A 131 18.51 9.63 -24.90
CA SER A 131 19.37 8.49 -25.19
C SER A 131 18.96 7.82 -26.50
N SER A 132 19.94 7.24 -27.19
CA SER A 132 19.68 6.57 -28.46
C SER A 132 20.75 5.52 -28.75
N GLY A 133 20.31 4.34 -29.17
CA GLY A 133 21.24 3.26 -29.46
C GLY A 133 20.71 2.32 -30.53
N GLY A 1 -10.01 22.29 3.03
CA GLY A 1 -8.70 21.99 3.58
C GLY A 1 -8.30 20.55 3.35
N SER A 2 -7.37 20.33 2.43
CA SER A 2 -6.90 18.99 2.12
C SER A 2 -5.60 18.68 2.86
N SER A 3 -4.56 19.48 2.59
CA SER A 3 -3.27 19.29 3.22
C SER A 3 -3.36 19.55 4.73
N GLY A 4 -3.13 18.50 5.51
CA GLY A 4 -3.19 18.63 6.95
C GLY A 4 -4.29 17.79 7.57
N SER A 5 -4.00 16.52 7.81
CA SER A 5 -4.97 15.60 8.39
C SER A 5 -4.29 14.55 9.25
N SER A 6 -4.80 14.37 10.47
CA SER A 6 -4.24 13.39 11.39
C SER A 6 -4.32 11.98 10.81
N GLY A 7 -3.24 11.22 10.96
CA GLY A 7 -3.21 9.86 10.46
C GLY A 7 -3.80 9.75 9.06
N PRO A 8 -2.98 10.11 8.05
CA PRO A 8 -3.40 10.06 6.64
C PRO A 8 -3.56 8.63 6.14
N VAL A 9 -2.72 7.73 6.63
CA VAL A 9 -2.77 6.33 6.23
C VAL A 9 -3.92 5.60 6.93
N LYS A 10 -4.85 5.06 6.14
CA LYS A 10 -5.99 4.34 6.67
C LYS A 10 -5.56 2.98 7.20
N VAL A 11 -6.18 2.58 8.31
CA VAL A 11 -5.87 1.29 8.94
C VAL A 11 -6.91 0.24 8.57
N VAL A 12 -6.44 -0.97 8.26
CA VAL A 12 -7.33 -2.06 7.89
C VAL A 12 -7.13 -3.27 8.79
N VAL A 13 -8.20 -4.02 9.03
CA VAL A 13 -8.14 -5.19 9.88
C VAL A 13 -8.63 -6.43 9.13
N GLY A 14 -8.62 -7.58 9.83
CA GLY A 14 -9.07 -8.81 9.21
C GLY A 14 -10.54 -8.78 8.85
N LYS A 15 -11.31 -7.99 9.58
CA LYS A 15 -12.74 -7.87 9.34
C LYS A 15 -13.02 -6.87 8.22
N THR A 16 -12.04 -6.03 7.93
CA THR A 16 -12.18 -5.02 6.88
C THR A 16 -11.09 -5.17 5.84
N PHE A 17 -10.40 -6.30 5.86
CA PHE A 17 -9.33 -6.57 4.90
C PHE A 17 -9.89 -6.94 3.54
N ASP A 18 -10.59 -8.07 3.49
CA ASP A 18 -11.20 -8.55 2.25
C ASP A 18 -12.21 -7.54 1.71
N ALA A 19 -12.51 -6.53 2.52
CA ALA A 19 -13.45 -5.49 2.12
C ALA A 19 -12.74 -4.25 1.59
N ILE A 20 -11.68 -3.86 2.27
CA ILE A 20 -10.90 -2.69 1.88
C ILE A 20 -9.69 -3.10 1.04
N VAL A 21 -8.70 -3.71 1.70
CA VAL A 21 -7.49 -4.15 1.02
C VAL A 21 -7.82 -4.95 -0.23
N MET A 22 -9.03 -5.49 -0.28
CA MET A 22 -9.48 -6.28 -1.42
C MET A 22 -10.61 -5.58 -2.16
N ASP A 23 -10.55 -4.26 -2.23
CA ASP A 23 -11.57 -3.47 -2.91
C ASP A 23 -11.36 -3.50 -4.42
N PRO A 24 -12.27 -4.18 -5.13
CA PRO A 24 -12.22 -4.30 -6.59
C PRO A 24 -12.53 -2.98 -7.29
N LYS A 25 -12.92 -1.98 -6.50
CA LYS A 25 -13.24 -0.67 -7.05
C LYS A 25 -11.98 0.17 -7.24
N LYS A 26 -11.07 0.10 -6.27
CA LYS A 26 -9.82 0.84 -6.34
C LYS A 26 -8.68 0.04 -5.72
N ASP A 27 -7.46 0.32 -6.17
CA ASP A 27 -6.28 -0.38 -5.66
C ASP A 27 -5.96 0.08 -4.24
N VAL A 28 -5.67 -0.88 -3.37
CA VAL A 28 -5.35 -0.59 -1.98
C VAL A 28 -3.99 -1.18 -1.59
N LEU A 29 -3.03 -0.32 -1.32
CA LEU A 29 -1.69 -0.76 -0.94
C LEU A 29 -1.62 -1.05 0.56
N ILE A 30 -1.65 -2.33 0.91
CA ILE A 30 -1.58 -2.74 2.31
C ILE A 30 -0.14 -2.98 2.75
N GLU A 31 0.20 -2.49 3.94
CA GLU A 31 1.55 -2.64 4.48
C GLU A 31 1.51 -3.31 5.84
N PHE A 32 2.00 -4.55 5.91
CA PHE A 32 2.01 -5.31 7.15
C PHE A 32 3.13 -4.81 8.06
N TYR A 33 2.75 -4.10 9.12
CA TYR A 33 3.72 -3.56 10.07
C TYR A 33 3.65 -4.31 11.40
N ALA A 34 4.78 -4.39 12.09
CA ALA A 34 4.85 -5.08 13.37
C ALA A 34 5.18 -4.11 14.50
N PRO A 35 4.33 -4.09 15.54
CA PRO A 35 4.51 -3.22 16.70
C PRO A 35 5.71 -3.62 17.55
N TRP A 36 6.39 -4.69 17.15
CA TRP A 36 7.55 -5.17 17.88
C TRP A 36 8.79 -5.19 16.97
N CYS A 37 8.74 -4.42 15.89
CA CYS A 37 9.85 -4.35 14.95
C CYS A 37 10.42 -2.93 14.89
N GLY A 38 11.74 -2.83 14.73
CA GLY A 38 12.37 -1.54 14.65
C GLY A 38 12.32 -0.95 13.26
N HIS A 39 12.65 -1.76 12.26
CA HIS A 39 12.64 -1.31 10.87
C HIS A 39 11.26 -0.77 10.48
N CYS A 40 10.27 -1.03 11.33
CA CYS A 40 8.91 -0.57 11.07
C CYS A 40 8.71 0.85 11.57
N LYS A 41 9.38 1.19 12.68
CA LYS A 41 9.27 2.52 13.25
C LYS A 41 9.89 3.56 12.33
N GLN A 42 10.84 3.13 11.50
CA GLN A 42 11.49 4.04 10.57
C GLN A 42 10.58 4.38 9.40
N LEU A 43 9.82 3.40 8.94
CA LEU A 43 8.90 3.60 7.82
C LEU A 43 7.65 4.34 8.28
N GLU A 44 7.34 4.24 9.57
CA GLU A 44 6.17 4.90 10.13
C GLU A 44 5.92 6.23 9.43
N PRO A 45 6.91 7.14 9.49
CA PRO A 45 6.82 8.46 8.88
C PRO A 45 6.85 8.40 7.36
N ILE A 46 7.76 7.57 6.82
CA ILE A 46 7.89 7.42 5.38
C ILE A 46 6.55 7.05 4.75
N TYR A 47 5.74 6.29 5.48
CA TYR A 47 4.44 5.88 4.98
C TYR A 47 3.41 6.98 5.16
N THR A 48 3.52 7.72 6.26
CA THR A 48 2.59 8.80 6.55
C THR A 48 2.46 9.74 5.35
N SER A 49 3.58 10.33 4.94
CA SER A 49 3.58 11.25 3.81
C SER A 49 3.21 10.53 2.51
N LEU A 50 3.63 9.27 2.41
CA LEU A 50 3.35 8.47 1.23
C LEU A 50 1.85 8.29 1.05
N GLY A 51 1.11 8.29 2.16
CA GLY A 51 -0.32 8.12 2.09
C GLY A 51 -1.06 9.43 1.95
N LYS A 52 -0.75 10.38 2.83
CA LYS A 52 -1.38 11.70 2.80
C LYS A 52 -1.16 12.37 1.44
N LYS A 53 -0.17 11.89 0.70
CA LYS A 53 0.13 12.44 -0.62
C LYS A 53 -0.57 11.65 -1.72
N TYR A 54 -0.60 10.33 -1.57
CA TYR A 54 -1.24 9.47 -2.55
C TYR A 54 -2.74 9.36 -2.28
N LYS A 55 -3.19 9.97 -1.19
CA LYS A 55 -4.60 9.95 -0.81
C LYS A 55 -5.45 10.61 -1.89
N GLY A 56 -4.96 11.71 -2.44
CA GLY A 56 -5.69 12.41 -3.47
C GLY A 56 -5.48 11.82 -4.85
N GLN A 57 -5.18 10.53 -4.89
CA GLN A 57 -4.95 9.83 -6.14
C GLN A 57 -6.26 9.35 -6.75
N LYS A 58 -6.18 8.72 -7.92
CA LYS A 58 -7.36 8.22 -8.61
C LYS A 58 -7.59 6.74 -8.26
N ASP A 59 -8.66 6.47 -7.51
CA ASP A 59 -9.00 5.11 -7.12
C ASP A 59 -7.82 4.44 -6.42
N LEU A 60 -7.26 5.13 -5.44
CA LEU A 60 -6.12 4.60 -4.68
C LEU A 60 -6.15 5.07 -3.24
N VAL A 61 -5.98 4.13 -2.31
CA VAL A 61 -5.99 4.45 -0.88
C VAL A 61 -4.92 3.66 -0.15
N ILE A 62 -3.85 4.35 0.26
CA ILE A 62 -2.76 3.71 0.97
C ILE A 62 -3.15 3.43 2.42
N ALA A 63 -3.36 2.15 2.73
CA ALA A 63 -3.73 1.75 4.08
C ALA A 63 -2.74 0.74 4.65
N LYS A 64 -2.73 0.60 5.97
CA LYS A 64 -1.83 -0.32 6.64
C LYS A 64 -2.60 -1.40 7.40
N MET A 65 -1.91 -2.43 7.85
CA MET A 65 -2.53 -3.51 8.59
C MET A 65 -1.51 -4.24 9.46
N ASP A 66 -1.98 -4.78 10.58
CA ASP A 66 -1.10 -5.51 11.49
C ASP A 66 -1.26 -7.01 11.33
N ALA A 67 -0.35 -7.62 10.59
CA ALA A 67 -0.39 -9.06 10.36
C ALA A 67 -0.17 -9.83 11.64
N THR A 68 0.44 -9.18 12.63
CA THR A 68 0.72 -9.81 13.91
C THR A 68 -0.57 -10.12 14.66
N ALA A 69 -1.56 -9.23 14.53
CA ALA A 69 -2.83 -9.41 15.19
C ALA A 69 -3.87 -10.01 14.24
N ASN A 70 -3.90 -9.51 13.01
CA ASN A 70 -4.84 -10.00 12.02
C ASN A 70 -4.22 -11.13 11.20
N ASP A 71 -4.92 -12.27 11.15
CA ASP A 71 -4.44 -13.42 10.40
C ASP A 71 -4.84 -13.31 8.92
N ILE A 72 -3.84 -13.19 8.06
CA ILE A 72 -4.09 -13.08 6.62
C ILE A 72 -4.55 -14.41 6.04
N THR A 73 -5.86 -14.58 5.91
CA THR A 73 -6.43 -15.80 5.37
C THR A 73 -6.06 -15.97 3.91
N ASN A 74 -5.70 -14.87 3.25
CA ASN A 74 -5.33 -14.90 1.84
C ASN A 74 -4.02 -15.66 1.65
N ASP A 75 -3.99 -16.50 0.61
CA ASP A 75 -2.79 -17.29 0.31
C ASP A 75 -1.87 -16.53 -0.63
N GLN A 76 -2.31 -15.37 -1.09
CA GLN A 76 -1.52 -14.54 -2.00
C GLN A 76 -0.64 -13.57 -1.22
N TYR A 77 -1.13 -13.13 -0.07
CA TYR A 77 -0.39 -12.19 0.77
C TYR A 77 0.22 -12.91 1.97
N LYS A 78 1.55 -12.94 2.02
CA LYS A 78 2.26 -13.60 3.13
C LYS A 78 3.29 -12.66 3.74
N VAL A 79 3.38 -12.67 5.07
CA VAL A 79 4.33 -11.83 5.77
C VAL A 79 5.48 -12.65 6.34
N GLU A 80 6.66 -12.51 5.73
CA GLU A 80 7.84 -13.25 6.17
C GLU A 80 8.81 -12.32 6.90
N GLY A 81 8.68 -11.02 6.65
CA GLY A 81 9.56 -10.05 7.29
C GLY A 81 9.02 -8.64 7.19
N PHE A 82 9.04 -7.93 8.31
CA PHE A 82 8.55 -6.55 8.35
C PHE A 82 9.70 -5.55 8.25
N PRO A 83 9.43 -4.39 7.66
CA PRO A 83 8.10 -4.06 7.14
C PRO A 83 7.74 -4.89 5.90
N THR A 84 6.49 -4.78 5.46
CA THR A 84 6.02 -5.52 4.30
C THR A 84 4.90 -4.76 3.59
N ILE A 85 5.18 -4.31 2.37
CA ILE A 85 4.18 -3.57 1.60
C ILE A 85 3.67 -4.41 0.43
N TYR A 86 2.39 -4.26 0.12
CA TYR A 86 1.77 -5.01 -0.96
C TYR A 86 0.76 -4.15 -1.72
N PHE A 87 0.83 -4.17 -3.04
CA PHE A 87 -0.08 -3.40 -3.87
C PHE A 87 -1.17 -4.29 -4.48
N ALA A 88 -2.40 -4.10 -4.05
CA ALA A 88 -3.52 -4.89 -4.55
C ALA A 88 -4.33 -4.09 -5.57
N PRO A 89 -4.04 -4.32 -6.86
CA PRO A 89 -4.73 -3.64 -7.96
C PRO A 89 -6.18 -4.09 -8.11
N SER A 90 -7.10 -3.12 -8.14
CA SER A 90 -8.52 -3.43 -8.28
C SER A 90 -8.79 -4.19 -9.58
N GLY A 91 -9.04 -5.48 -9.47
CA GLY A 91 -9.32 -6.30 -10.63
C GLY A 91 -8.31 -7.42 -10.80
N ASP A 92 -7.07 -7.17 -10.41
CA ASP A 92 -6.01 -8.17 -10.53
C ASP A 92 -5.37 -8.43 -9.16
N LYS A 93 -6.16 -8.29 -8.11
CA LYS A 93 -5.67 -8.52 -6.75
C LYS A 93 -5.08 -9.93 -6.61
N LYS A 94 -5.74 -10.89 -7.24
CA LYS A 94 -5.29 -12.28 -7.18
C LYS A 94 -3.77 -12.35 -7.20
N ASN A 95 -3.13 -11.38 -7.85
CA ASN A 95 -1.68 -11.33 -7.94
C ASN A 95 -1.13 -10.11 -7.21
N PRO A 96 -0.80 -10.30 -5.92
CA PRO A 96 -0.25 -9.22 -5.09
C PRO A 96 1.16 -8.82 -5.50
N ILE A 97 1.48 -7.55 -5.35
CA ILE A 97 2.80 -7.05 -5.72
C ILE A 97 3.56 -6.57 -4.48
N LYS A 98 4.68 -7.23 -4.18
CA LYS A 98 5.50 -6.89 -3.03
C LYS A 98 6.60 -5.91 -3.42
N PHE A 99 6.85 -4.93 -2.55
CA PHE A 99 7.88 -3.94 -2.81
C PHE A 99 9.25 -4.44 -2.39
N GLU A 100 10.14 -4.65 -3.36
CA GLU A 100 11.48 -5.14 -3.09
C GLU A 100 12.53 -4.22 -3.71
N GLY A 101 12.33 -2.91 -3.54
CA GLY A 101 13.26 -1.95 -4.08
C GLY A 101 14.34 -1.56 -3.09
N GLY A 102 14.95 -2.57 -2.46
CA GLY A 102 15.99 -2.30 -1.48
C GLY A 102 15.66 -1.15 -0.56
N ASN A 103 16.21 0.01 -0.85
CA ASN A 103 15.97 1.21 -0.04
C ASN A 103 14.47 1.48 0.09
N ARG A 104 13.91 1.19 1.26
CA ARG A 104 12.49 1.41 1.50
C ARG A 104 12.24 2.83 2.02
N ASP A 105 12.18 3.79 1.11
CA ASP A 105 11.95 5.18 1.47
C ASP A 105 10.77 5.75 0.69
N LEU A 106 10.46 7.02 0.95
CA LEU A 106 9.35 7.68 0.27
C LEU A 106 9.69 7.95 -1.20
N GLU A 107 10.99 8.05 -1.49
CA GLU A 107 11.44 8.31 -2.84
C GLU A 107 11.43 7.03 -3.67
N HIS A 108 11.62 5.90 -3.01
CA HIS A 108 11.63 4.60 -3.68
C HIS A 108 10.23 4.01 -3.73
N LEU A 109 9.48 4.19 -2.64
CA LEU A 109 8.11 3.67 -2.56
C LEU A 109 7.23 4.27 -3.66
N SER A 110 7.23 5.60 -3.74
CA SER A 110 6.43 6.30 -4.73
C SER A 110 6.78 5.83 -6.14
N LYS A 111 8.05 5.49 -6.35
CA LYS A 111 8.52 5.02 -7.65
C LYS A 111 8.05 3.60 -7.91
N PHE A 112 7.62 2.92 -6.85
CA PHE A 112 7.14 1.54 -6.97
C PHE A 112 5.62 1.51 -7.09
N ILE A 113 4.94 2.35 -6.32
CA ILE A 113 3.49 2.41 -6.33
C ILE A 113 2.98 2.91 -7.68
N ASP A 114 3.28 4.17 -7.99
CA ASP A 114 2.85 4.76 -9.25
C ASP A 114 2.85 3.73 -10.37
N GLU A 115 4.02 3.20 -10.70
CA GLU A 115 4.15 2.21 -11.75
C GLU A 115 2.92 1.29 -11.78
N HIS A 116 2.58 0.73 -10.62
CA HIS A 116 1.43 -0.15 -10.51
C HIS A 116 0.12 0.62 -10.61
N ALA A 117 0.04 1.73 -9.88
CA ALA A 117 -1.15 2.57 -9.89
C ALA A 117 -1.08 3.63 -10.98
N THR A 118 -0.30 4.68 -10.72
CA THR A 118 -0.14 5.76 -11.68
C THR A 118 -1.47 6.15 -12.31
N LYS A 119 -2.53 6.12 -11.49
CA LYS A 119 -3.86 6.47 -11.96
C LYS A 119 -4.09 5.98 -13.39
N ARG A 120 -3.65 4.75 -13.66
CA ARG A 120 -3.81 4.16 -14.99
C ARG A 120 -5.25 4.29 -15.47
N SER A 121 -6.16 4.53 -14.54
CA SER A 121 -7.57 4.67 -14.88
C SER A 121 -7.79 5.81 -15.88
N ARG A 122 -7.29 6.99 -15.52
CA ARG A 122 -7.43 8.16 -16.39
C ARG A 122 -6.07 8.74 -16.74
N THR A 123 -5.42 8.18 -17.75
CA THR A 123 -4.10 8.63 -18.18
C THR A 123 -4.21 9.96 -18.92
N LYS A 124 -3.15 10.77 -18.83
CA LYS A 124 -3.11 12.06 -19.48
C LYS A 124 -2.16 12.05 -20.66
N GLU A 125 -2.47 12.83 -21.70
CA GLU A 125 -1.64 12.90 -22.89
C GLU A 125 -1.54 14.33 -23.40
N GLU A 126 -0.40 14.66 -24.00
CA GLU A 126 -0.18 16.01 -24.53
C GLU A 126 1.16 16.08 -25.27
N LEU A 127 1.18 16.88 -26.33
CA LEU A 127 2.39 17.05 -27.13
C LEU A 127 2.77 18.52 -27.24
N SER A 128 4.04 18.83 -26.97
CA SER A 128 4.53 20.19 -27.03
C SER A 128 4.95 20.55 -28.45
N GLY A 129 4.47 21.70 -28.94
CA GLY A 129 4.80 22.13 -30.28
C GLY A 129 3.60 22.65 -31.04
N PRO A 130 3.08 21.84 -31.96
CA PRO A 130 1.91 22.20 -32.78
C PRO A 130 0.62 22.25 -31.96
N SER A 131 -0.36 22.97 -32.47
CA SER A 131 -1.64 23.11 -31.77
C SER A 131 -1.44 23.34 -30.28
N SER A 132 -0.66 24.37 -29.95
CA SER A 132 -0.38 24.71 -28.56
C SER A 132 -1.55 25.46 -27.94
N GLY A 133 -2.60 25.68 -28.74
CA GLY A 133 -3.77 26.40 -28.24
C GLY A 133 -4.98 25.49 -28.10
N GLY A 1 -19.05 11.98 2.39
CA GLY A 1 -17.75 11.33 2.37
C GLY A 1 -16.74 12.04 3.25
N SER A 2 -16.52 11.51 4.45
CA SER A 2 -15.57 12.09 5.38
C SER A 2 -14.50 11.09 5.78
N SER A 3 -13.40 11.59 6.33
CA SER A 3 -12.30 10.72 6.76
C SER A 3 -12.36 10.47 8.26
N GLY A 4 -12.41 11.55 9.03
CA GLY A 4 -12.47 11.41 10.48
C GLY A 4 -11.36 10.54 11.02
N SER A 5 -10.14 11.05 11.02
CA SER A 5 -8.99 10.31 11.51
C SER A 5 -7.78 11.22 11.68
N SER A 6 -6.96 10.94 12.69
CA SER A 6 -5.78 11.73 12.96
C SER A 6 -4.67 11.43 11.95
N GLY A 7 -4.45 10.14 11.70
CA GLY A 7 -3.42 9.74 10.75
C GLY A 7 -3.96 9.58 9.34
N PRO A 8 -3.13 9.92 8.34
CA PRO A 8 -3.52 9.81 6.94
C PRO A 8 -3.64 8.36 6.47
N VAL A 9 -2.65 7.55 6.81
CA VAL A 9 -2.64 6.14 6.43
C VAL A 9 -3.83 5.40 7.05
N LYS A 10 -4.72 4.91 6.21
CA LYS A 10 -5.89 4.17 6.67
C LYS A 10 -5.50 2.79 7.19
N VAL A 11 -6.09 2.39 8.31
CA VAL A 11 -5.81 1.09 8.90
C VAL A 11 -6.89 0.07 8.55
N VAL A 12 -6.47 -1.15 8.23
CA VAL A 12 -7.39 -2.21 7.86
C VAL A 12 -7.13 -3.47 8.68
N VAL A 13 -8.19 -4.22 8.96
CA VAL A 13 -8.08 -5.46 9.73
C VAL A 13 -8.63 -6.64 8.95
N GLY A 14 -8.60 -7.81 9.57
CA GLY A 14 -9.10 -9.01 8.93
C GLY A 14 -10.57 -8.91 8.57
N LYS A 15 -11.32 -8.15 9.37
CA LYS A 15 -12.74 -7.98 9.13
C LYS A 15 -12.99 -6.98 8.00
N THR A 16 -12.00 -6.13 7.75
CA THR A 16 -12.10 -5.13 6.69
C THR A 16 -10.96 -5.26 5.70
N PHE A 17 -10.33 -6.43 5.66
CA PHE A 17 -9.22 -6.67 4.75
C PHE A 17 -9.73 -7.04 3.36
N ASP A 18 -10.68 -7.97 3.31
CA ASP A 18 -11.25 -8.41 2.04
C ASP A 18 -12.24 -7.38 1.50
N ALA A 19 -12.51 -6.36 2.31
CA ALA A 19 -13.45 -5.31 1.91
C ALA A 19 -12.69 -4.09 1.38
N ILE A 20 -11.62 -3.71 2.06
CA ILE A 20 -10.81 -2.57 1.66
C ILE A 20 -9.63 -3.00 0.81
N VAL A 21 -8.66 -3.66 1.45
CA VAL A 21 -7.48 -4.14 0.75
C VAL A 21 -7.85 -4.92 -0.50
N MET A 22 -9.04 -5.50 -0.50
CA MET A 22 -9.52 -6.28 -1.64
C MET A 22 -10.70 -5.59 -2.31
N ASP A 23 -10.64 -4.26 -2.39
CA ASP A 23 -11.69 -3.48 -3.01
C ASP A 23 -11.47 -3.36 -4.52
N PRO A 24 -12.32 -4.05 -5.29
CA PRO A 24 -12.24 -4.04 -6.76
C PRO A 24 -12.64 -2.70 -7.35
N LYS A 25 -12.92 -1.74 -6.49
CA LYS A 25 -13.31 -0.40 -6.93
C LYS A 25 -12.09 0.50 -7.07
N LYS A 26 -10.97 0.07 -6.50
CA LYS A 26 -9.74 0.84 -6.55
C LYS A 26 -8.57 0.04 -5.98
N ASP A 27 -7.36 0.36 -6.43
CA ASP A 27 -6.17 -0.32 -5.95
C ASP A 27 -5.75 0.19 -4.58
N VAL A 28 -5.65 -0.72 -3.62
CA VAL A 28 -5.26 -0.36 -2.26
C VAL A 28 -3.91 -0.96 -1.89
N LEU A 29 -3.02 -0.13 -1.36
CA LEU A 29 -1.69 -0.57 -0.97
C LEU A 29 -1.64 -0.92 0.52
N ILE A 30 -1.65 -2.22 0.81
CA ILE A 30 -1.61 -2.69 2.19
C ILE A 30 -0.18 -3.00 2.63
N GLU A 31 0.22 -2.45 3.78
CA GLU A 31 1.56 -2.67 4.29
C GLU A 31 1.50 -3.31 5.68
N PHE A 32 1.91 -4.58 5.76
CA PHE A 32 1.90 -5.29 7.03
C PHE A 32 3.07 -4.86 7.91
N TYR A 33 2.75 -4.12 8.97
CA TYR A 33 3.78 -3.64 9.89
C TYR A 33 3.78 -4.44 11.18
N ALA A 34 4.92 -4.47 11.87
CA ALA A 34 5.04 -5.20 13.12
C ALA A 34 5.36 -4.25 14.28
N PRO A 35 4.53 -4.31 15.33
CA PRO A 35 4.70 -3.46 16.51
C PRO A 35 5.92 -3.86 17.33
N TRP A 36 6.64 -4.87 16.87
CA TRP A 36 7.83 -5.34 17.56
C TRP A 36 9.06 -5.26 16.65
N CYS A 37 8.98 -4.39 15.64
CA CYS A 37 10.08 -4.21 14.71
C CYS A 37 10.56 -2.77 14.71
N GLY A 38 11.88 -2.58 14.70
CA GLY A 38 12.44 -1.24 14.69
C GLY A 38 12.35 -0.58 13.33
N HIS A 39 12.99 -1.19 12.34
CA HIS A 39 12.98 -0.64 10.98
C HIS A 39 11.61 -0.07 10.64
N CYS A 40 10.58 -0.58 11.30
CA CYS A 40 9.21 -0.11 11.07
C CYS A 40 8.99 1.25 11.69
N LYS A 41 9.46 1.42 12.92
CA LYS A 41 9.32 2.69 13.64
C LYS A 41 9.94 3.83 12.85
N GLN A 42 10.96 3.51 12.05
CA GLN A 42 11.64 4.52 11.25
C GLN A 42 10.83 4.86 10.00
N LEU A 43 10.04 3.90 9.53
CA LEU A 43 9.22 4.09 8.34
C LEU A 43 7.91 4.81 8.69
N GLU A 44 7.50 4.69 9.95
CA GLU A 44 6.28 5.33 10.41
C GLU A 44 6.03 6.64 9.66
N PRO A 45 7.01 7.55 9.74
CA PRO A 45 6.93 8.86 9.06
C PRO A 45 7.02 8.74 7.55
N ILE A 46 7.83 7.80 7.09
CA ILE A 46 8.01 7.58 5.65
C ILE A 46 6.69 7.19 4.99
N TYR A 47 5.94 6.31 5.67
CA TYR A 47 4.66 5.85 5.14
C TYR A 47 3.58 6.92 5.29
N THR A 48 3.68 7.72 6.35
CA THR A 48 2.73 8.79 6.61
C THR A 48 2.56 9.68 5.39
N SER A 49 3.65 10.33 4.98
CA SER A 49 3.62 11.22 3.83
C SER A 49 3.22 10.46 2.57
N LEU A 50 3.74 9.25 2.43
CA LEU A 50 3.44 8.42 1.27
C LEU A 50 1.93 8.21 1.12
N GLY A 51 1.22 8.29 2.24
CA GLY A 51 -0.21 8.10 2.22
C GLY A 51 -0.97 9.43 2.17
N LYS A 52 -0.63 10.33 3.08
CA LYS A 52 -1.28 11.64 3.14
C LYS A 52 -1.11 12.38 1.82
N LYS A 53 -0.12 11.98 1.03
CA LYS A 53 0.15 12.61 -0.25
C LYS A 53 -0.56 11.87 -1.37
N TYR A 54 -0.59 10.55 -1.29
CA TYR A 54 -1.24 9.72 -2.30
C TYR A 54 -2.73 9.56 -1.99
N LYS A 55 -3.17 10.17 -0.90
CA LYS A 55 -4.57 10.09 -0.51
C LYS A 55 -5.48 10.73 -1.55
N GLY A 56 -4.95 11.74 -2.25
CA GLY A 56 -5.72 12.40 -3.27
C GLY A 56 -5.40 11.91 -4.67
N GLN A 57 -5.18 10.60 -4.79
CA GLN A 57 -4.86 10.01 -6.07
C GLN A 57 -6.09 9.36 -6.70
N LYS A 58 -5.91 8.77 -7.88
CA LYS A 58 -7.01 8.12 -8.59
C LYS A 58 -7.20 6.69 -8.09
N ASP A 59 -8.37 6.40 -7.54
CA ASP A 59 -8.67 5.07 -7.03
C ASP A 59 -7.45 4.46 -6.35
N LEU A 60 -6.90 5.19 -5.39
CA LEU A 60 -5.72 4.72 -4.65
C LEU A 60 -5.80 5.13 -3.19
N VAL A 61 -5.66 4.16 -2.29
CA VAL A 61 -5.70 4.42 -0.87
C VAL A 61 -4.64 3.61 -0.12
N ILE A 62 -3.59 4.28 0.32
CA ILE A 62 -2.50 3.62 1.04
C ILE A 62 -2.92 3.30 2.47
N ALA A 63 -3.19 2.02 2.73
CA ALA A 63 -3.60 1.58 4.05
C ALA A 63 -2.61 0.56 4.62
N LYS A 64 -2.71 0.30 5.92
CA LYS A 64 -1.82 -0.65 6.58
C LYS A 64 -2.62 -1.63 7.43
N MET A 65 -1.95 -2.67 7.91
CA MET A 65 -2.59 -3.67 8.74
C MET A 65 -1.57 -4.45 9.56
N ASP A 66 -1.99 -4.94 10.71
CA ASP A 66 -1.11 -5.69 11.60
C ASP A 66 -1.26 -7.20 11.37
N ALA A 67 -0.44 -7.76 10.50
CA ALA A 67 -0.49 -9.19 10.20
C ALA A 67 -0.20 -10.02 11.44
N THR A 68 0.50 -9.41 12.40
CA THR A 68 0.84 -10.10 13.64
C THR A 68 -0.40 -10.48 14.43
N ALA A 69 -1.46 -9.68 14.26
CA ALA A 69 -2.72 -9.94 14.96
C ALA A 69 -3.78 -10.47 14.00
N ASN A 70 -3.85 -9.88 12.81
CA ASN A 70 -4.81 -10.30 11.80
C ASN A 70 -4.26 -11.45 10.96
N ASP A 71 -5.05 -12.51 10.81
CA ASP A 71 -4.63 -13.66 10.03
C ASP A 71 -5.05 -13.51 8.57
N ILE A 72 -4.08 -13.38 7.69
CA ILE A 72 -4.34 -13.22 6.26
C ILE A 72 -4.82 -14.53 5.65
N THR A 73 -6.14 -14.76 5.69
CA THR A 73 -6.73 -15.96 5.14
C THR A 73 -6.37 -16.13 3.67
N ASN A 74 -5.96 -15.04 3.03
CA ASN A 74 -5.58 -15.07 1.63
C ASN A 74 -4.31 -15.87 1.42
N ASP A 75 -4.33 -16.77 0.45
CA ASP A 75 -3.17 -17.61 0.14
C ASP A 75 -2.27 -16.94 -0.88
N GLN A 76 -2.50 -15.65 -1.11
CA GLN A 76 -1.70 -14.89 -2.06
C GLN A 76 -0.76 -13.91 -1.35
N TYR A 77 -1.21 -13.42 -0.19
CA TYR A 77 -0.41 -12.48 0.59
C TYR A 77 0.21 -13.18 1.79
N LYS A 78 1.50 -13.47 1.70
CA LYS A 78 2.23 -14.12 2.78
C LYS A 78 3.21 -13.17 3.44
N VAL A 79 3.26 -13.21 4.77
CA VAL A 79 4.16 -12.34 5.52
C VAL A 79 5.38 -13.12 6.02
N GLU A 80 6.53 -12.88 5.38
CA GLU A 80 7.77 -13.56 5.75
C GLU A 80 8.72 -12.60 6.45
N GLY A 81 8.53 -11.30 6.20
CA GLY A 81 9.38 -10.30 6.82
C GLY A 81 8.79 -8.91 6.75
N PHE A 82 8.83 -8.20 7.87
CA PHE A 82 8.27 -6.85 7.94
C PHE A 82 9.38 -5.80 7.82
N PRO A 83 9.04 -4.65 7.22
CA PRO A 83 7.69 -4.39 6.72
C PRO A 83 7.36 -5.24 5.49
N THR A 84 6.07 -5.32 5.16
CA THR A 84 5.61 -6.09 4.02
C THR A 84 4.56 -5.33 3.22
N ILE A 85 4.96 -4.80 2.07
CA ILE A 85 4.04 -4.05 1.22
C ILE A 85 3.41 -4.95 0.17
N TYR A 86 2.11 -4.75 -0.07
CA TYR A 86 1.39 -5.55 -1.06
C TYR A 86 0.38 -4.69 -1.81
N PHE A 87 0.61 -4.51 -3.11
CA PHE A 87 -0.28 -3.73 -3.94
C PHE A 87 -1.38 -4.59 -4.54
N ALA A 88 -2.62 -4.32 -4.15
CA ALA A 88 -3.77 -5.07 -4.65
C ALA A 88 -4.54 -4.28 -5.70
N PRO A 89 -4.22 -4.53 -6.98
CA PRO A 89 -4.87 -3.85 -8.10
C PRO A 89 -6.32 -4.26 -8.28
N SER A 90 -7.23 -3.29 -8.16
CA SER A 90 -8.66 -3.56 -8.31
C SER A 90 -8.93 -4.40 -9.55
N GLY A 91 -9.18 -5.69 -9.35
CA GLY A 91 -9.45 -6.58 -10.46
C GLY A 91 -8.47 -7.73 -10.55
N ASP A 92 -7.18 -7.41 -10.53
CA ASP A 92 -6.14 -8.42 -10.60
C ASP A 92 -5.53 -8.68 -9.23
N LYS A 93 -6.34 -8.52 -8.20
CA LYS A 93 -5.88 -8.73 -6.83
C LYS A 93 -5.31 -10.14 -6.65
N LYS A 94 -5.87 -11.09 -7.39
CA LYS A 94 -5.41 -12.48 -7.32
C LYS A 94 -3.89 -12.56 -7.35
N ASN A 95 -3.27 -11.56 -7.98
CA ASN A 95 -1.82 -11.52 -8.08
C ASN A 95 -1.24 -10.35 -7.26
N PRO A 96 -0.91 -10.64 -5.99
CA PRO A 96 -0.35 -9.63 -5.09
C PRO A 96 1.07 -9.22 -5.47
N ILE A 97 1.32 -7.92 -5.51
CA ILE A 97 2.63 -7.40 -5.87
C ILE A 97 3.39 -6.94 -4.63
N LYS A 98 4.37 -7.72 -4.22
CA LYS A 98 5.18 -7.39 -3.05
C LYS A 98 6.36 -6.51 -3.44
N PHE A 99 6.51 -5.39 -2.74
CA PHE A 99 7.60 -4.46 -3.01
C PHE A 99 8.93 -5.03 -2.53
N GLU A 100 9.83 -5.30 -3.48
CA GLU A 100 11.14 -5.84 -3.16
C GLU A 100 12.25 -4.89 -3.59
N GLY A 101 12.06 -3.60 -3.32
CA GLY A 101 13.05 -2.61 -3.69
C GLY A 101 14.09 -2.39 -2.60
N GLY A 102 15.35 -2.54 -2.96
CA GLY A 102 16.42 -2.36 -2.00
C GLY A 102 16.11 -1.26 -0.99
N ASN A 103 15.74 -0.09 -1.49
CA ASN A 103 15.42 1.04 -0.63
C ASN A 103 13.92 1.11 -0.36
N ARG A 104 13.56 1.25 0.92
CA ARG A 104 12.16 1.33 1.31
C ARG A 104 11.82 2.71 1.85
N ASP A 105 12.08 3.73 1.05
CA ASP A 105 11.79 5.11 1.45
C ASP A 105 10.68 5.70 0.59
N LEU A 106 10.29 6.93 0.92
CA LEU A 106 9.23 7.62 0.19
C LEU A 106 9.64 7.89 -1.25
N GLU A 107 10.94 7.95 -1.49
CA GLU A 107 11.47 8.20 -2.82
C GLU A 107 11.23 7.00 -3.73
N HIS A 108 11.50 5.80 -3.21
CA HIS A 108 11.32 4.57 -3.96
C HIS A 108 9.87 4.09 -3.88
N LEU A 109 9.35 4.00 -2.66
CA LEU A 109 7.98 3.56 -2.44
C LEU A 109 7.04 4.18 -3.47
N SER A 110 7.22 5.48 -3.71
CA SER A 110 6.38 6.19 -4.67
C SER A 110 6.60 5.68 -6.08
N LYS A 111 7.84 5.26 -6.37
CA LYS A 111 8.18 4.74 -7.69
C LYS A 111 7.58 3.36 -7.91
N PHE A 112 7.03 2.78 -6.84
CA PHE A 112 6.41 1.46 -6.91
C PHE A 112 4.91 1.57 -7.11
N ILE A 113 4.34 2.64 -6.60
CA ILE A 113 2.89 2.88 -6.72
C ILE A 113 2.54 3.43 -8.09
N ASP A 114 3.26 4.45 -8.52
CA ASP A 114 3.02 5.07 -9.82
C ASP A 114 3.07 4.03 -10.93
N GLU A 115 3.99 3.08 -10.81
CA GLU A 115 4.14 2.03 -11.81
C GLU A 115 2.99 1.03 -11.71
N HIS A 116 2.78 0.48 -10.52
CA HIS A 116 1.71 -0.49 -10.29
C HIS A 116 0.38 0.21 -10.09
N ALA A 117 0.35 1.52 -10.33
CA ALA A 117 -0.87 2.31 -10.17
C ALA A 117 -1.91 1.91 -11.20
N THR A 118 -3.03 2.62 -11.21
CA THR A 118 -4.11 2.34 -12.15
C THR A 118 -3.82 2.95 -13.52
N LYS A 119 -2.59 2.79 -13.98
CA LYS A 119 -2.18 3.32 -15.28
C LYS A 119 -2.54 4.80 -15.40
N ARG A 120 -2.07 5.58 -14.42
CA ARG A 120 -2.35 7.02 -14.42
C ARG A 120 -1.47 7.74 -15.44
N SER A 121 -0.15 7.58 -15.31
CA SER A 121 0.79 8.21 -16.21
C SER A 121 1.35 7.21 -17.21
N ARG A 122 2.23 7.68 -18.09
CA ARG A 122 2.84 6.82 -19.09
C ARG A 122 3.83 5.86 -18.45
N THR A 123 3.65 4.56 -18.73
CA THR A 123 4.52 3.53 -18.17
C THR A 123 5.24 2.77 -19.28
N LYS A 124 4.47 2.02 -20.08
CA LYS A 124 5.03 1.24 -21.17
C LYS A 124 6.38 0.64 -20.78
N GLU A 125 6.40 -0.08 -19.67
CA GLU A 125 7.63 -0.71 -19.19
C GLU A 125 7.34 -1.62 -18.00
N GLU A 126 8.26 -2.55 -17.74
CA GLU A 126 8.10 -3.49 -16.63
C GLU A 126 9.46 -3.91 -16.08
N LEU A 127 9.66 -3.71 -14.79
CA LEU A 127 10.92 -4.07 -14.14
C LEU A 127 10.74 -4.19 -12.63
N SER A 128 11.60 -4.99 -12.00
CA SER A 128 11.53 -5.19 -10.56
C SER A 128 10.18 -5.77 -10.15
N GLY A 129 9.67 -6.69 -10.96
CA GLY A 129 8.38 -7.30 -10.66
C GLY A 129 8.44 -8.81 -10.71
N PRO A 130 9.18 -9.41 -9.77
CA PRO A 130 9.33 -10.86 -9.68
C PRO A 130 8.05 -11.56 -9.25
N SER A 131 8.05 -12.89 -9.31
CA SER A 131 6.87 -13.66 -8.93
C SER A 131 7.24 -14.73 -7.90
N SER A 132 6.23 -15.23 -7.19
CA SER A 132 6.45 -16.25 -6.17
C SER A 132 5.13 -16.88 -5.74
N GLY A 133 5.07 -18.20 -5.80
CA GLY A 133 3.86 -18.91 -5.42
C GLY A 133 2.74 -18.74 -6.43
N GLY A 1 -14.30 7.36 23.12
CA GLY A 1 -15.02 6.49 22.22
C GLY A 1 -14.12 5.50 21.50
N SER A 2 -14.28 5.40 20.19
CA SER A 2 -13.49 4.49 19.39
C SER A 2 -12.60 5.24 18.41
N SER A 3 -11.46 4.66 18.07
CA SER A 3 -10.52 5.29 17.15
C SER A 3 -11.23 5.68 15.86
N GLY A 4 -10.88 6.87 15.33
CA GLY A 4 -11.47 7.34 14.11
C GLY A 4 -10.49 7.41 12.96
N SER A 5 -10.39 8.57 12.34
CA SER A 5 -9.48 8.77 11.21
C SER A 5 -8.13 9.31 11.69
N SER A 6 -7.21 8.41 11.99
CA SER A 6 -5.89 8.79 12.47
C SER A 6 -4.87 8.77 11.32
N GLY A 7 -4.15 9.87 11.14
CA GLY A 7 -3.16 9.95 10.08
C GLY A 7 -3.77 9.76 8.71
N PRO A 8 -2.95 9.99 7.66
CA PRO A 8 -3.40 9.85 6.27
C PRO A 8 -3.64 8.40 5.89
N VAL A 9 -2.79 7.51 6.38
CA VAL A 9 -2.91 6.08 6.09
C VAL A 9 -4.11 5.48 6.81
N LYS A 10 -4.88 4.67 6.08
CA LYS A 10 -6.07 4.03 6.65
C LYS A 10 -5.72 2.66 7.23
N VAL A 11 -6.19 2.41 8.44
CA VAL A 11 -5.93 1.15 9.11
C VAL A 11 -6.91 0.07 8.66
N VAL A 12 -6.40 -1.14 8.45
CA VAL A 12 -7.23 -2.26 8.01
C VAL A 12 -6.98 -3.49 8.86
N VAL A 13 -8.05 -4.08 9.39
CA VAL A 13 -7.95 -5.27 10.22
C VAL A 13 -8.38 -6.52 9.45
N GLY A 14 -8.26 -7.67 10.10
CA GLY A 14 -8.64 -8.92 9.45
C GLY A 14 -10.14 -9.00 9.19
N LYS A 15 -10.88 -8.01 9.69
CA LYS A 15 -12.33 -7.98 9.51
C LYS A 15 -12.71 -7.03 8.39
N THR A 16 -11.77 -6.17 8.00
CA THR A 16 -12.00 -5.21 6.92
C THR A 16 -10.91 -5.30 5.87
N PHE A 17 -10.18 -6.40 5.85
CA PHE A 17 -9.11 -6.60 4.89
C PHE A 17 -9.68 -6.95 3.51
N ASP A 18 -10.42 -8.05 3.44
CA ASP A 18 -11.01 -8.49 2.19
C ASP A 18 -12.06 -7.49 1.70
N ALA A 19 -12.33 -6.49 2.52
CA ALA A 19 -13.32 -5.46 2.18
C ALA A 19 -12.63 -4.22 1.62
N ILE A 20 -11.56 -3.79 2.28
CA ILE A 20 -10.81 -2.61 1.85
C ILE A 20 -9.62 -3.01 0.99
N VAL A 21 -8.61 -3.60 1.62
CA VAL A 21 -7.41 -4.03 0.93
C VAL A 21 -7.76 -4.80 -0.34
N MET A 22 -8.98 -5.34 -0.39
CA MET A 22 -9.42 -6.10 -1.54
C MET A 22 -10.56 -5.37 -2.27
N ASP A 23 -10.49 -4.05 -2.28
CA ASP A 23 -11.50 -3.23 -2.94
C ASP A 23 -11.30 -3.23 -4.45
N PRO A 24 -12.22 -3.88 -5.17
CA PRO A 24 -12.17 -3.97 -6.63
C PRO A 24 -12.45 -2.62 -7.30
N LYS A 25 -12.77 -1.62 -6.50
CA LYS A 25 -13.06 -0.28 -7.01
C LYS A 25 -11.77 0.52 -7.19
N LYS A 26 -10.85 0.35 -6.26
CA LYS A 26 -9.57 1.05 -6.31
C LYS A 26 -8.44 0.18 -5.77
N ASP A 27 -7.22 0.47 -6.19
CA ASP A 27 -6.04 -0.29 -5.76
C ASP A 27 -5.62 0.14 -4.36
N VAL A 28 -5.73 -0.77 -3.41
CA VAL A 28 -5.36 -0.49 -2.03
C VAL A 28 -4.00 -1.08 -1.70
N LEU A 29 -3.09 -0.24 -1.21
CA LEU A 29 -1.75 -0.69 -0.86
C LEU A 29 -1.66 -1.04 0.62
N ILE A 30 -1.64 -2.33 0.92
CA ILE A 30 -1.56 -2.79 2.30
C ILE A 30 -0.11 -2.99 2.72
N GLU A 31 0.24 -2.49 3.90
CA GLU A 31 1.59 -2.61 4.43
C GLU A 31 1.59 -3.31 5.78
N PHE A 32 1.98 -4.60 5.78
CA PHE A 32 2.01 -5.37 7.00
C PHE A 32 3.22 -5.00 7.85
N TYR A 33 2.97 -4.31 8.95
CA TYR A 33 4.03 -3.88 9.86
C TYR A 33 4.01 -4.69 11.15
N ALA A 34 5.13 -4.67 11.87
CA ALA A 34 5.24 -5.39 13.12
C ALA A 34 5.56 -4.46 14.28
N PRO A 35 4.76 -4.54 15.36
CA PRO A 35 4.93 -3.70 16.54
C PRO A 35 6.18 -4.07 17.33
N TRP A 36 6.91 -5.07 16.85
CA TRP A 36 8.14 -5.51 17.50
C TRP A 36 9.34 -5.39 16.56
N CYS A 37 9.17 -4.59 15.51
CA CYS A 37 10.25 -4.39 14.55
C CYS A 37 10.77 -2.95 14.60
N GLY A 38 12.08 -2.80 14.48
CA GLY A 38 12.68 -1.48 14.53
C GLY A 38 12.48 -0.71 13.24
N HIS A 39 12.54 -1.42 12.11
CA HIS A 39 12.36 -0.80 10.80
C HIS A 39 11.03 -0.06 10.73
N CYS A 40 9.93 -0.81 10.84
CA CYS A 40 8.60 -0.23 10.78
C CYS A 40 8.57 1.13 11.47
N LYS A 41 9.32 1.25 12.56
CA LYS A 41 9.38 2.50 13.32
C LYS A 41 9.95 3.63 12.45
N GLN A 42 11.03 3.33 11.74
CA GLN A 42 11.68 4.33 10.89
C GLN A 42 10.83 4.60 9.65
N LEU A 43 10.01 3.62 9.27
CA LEU A 43 9.15 3.75 8.10
C LEU A 43 7.80 4.35 8.48
N GLU A 44 7.48 4.29 9.77
CA GLU A 44 6.22 4.82 10.26
C GLU A 44 5.88 6.15 9.59
N PRO A 45 6.78 7.13 9.75
CA PRO A 45 6.60 8.47 9.17
C PRO A 45 6.74 8.45 7.65
N ILE A 46 7.72 7.70 7.15
CA ILE A 46 7.95 7.61 5.71
C ILE A 46 6.69 7.18 4.98
N TYR A 47 5.94 6.26 5.59
CA TYR A 47 4.71 5.76 4.99
C TYR A 47 3.58 6.79 5.11
N THR A 48 3.62 7.58 6.17
CA THR A 48 2.62 8.61 6.40
C THR A 48 2.49 9.53 5.18
N SER A 49 3.57 10.25 4.88
CA SER A 49 3.58 11.17 3.75
C SER A 49 3.19 10.45 2.46
N LEU A 50 3.56 9.18 2.36
CA LEU A 50 3.26 8.38 1.19
C LEU A 50 1.76 8.31 0.95
N GLY A 51 0.99 8.42 2.03
CA GLY A 51 -0.46 8.36 1.91
C GLY A 51 -1.07 9.74 1.72
N LYS A 52 -0.83 10.64 2.66
CA LYS A 52 -1.36 11.99 2.58
C LYS A 52 -1.03 12.63 1.24
N LYS A 53 0.00 12.11 0.58
CA LYS A 53 0.42 12.63 -0.72
C LYS A 53 -0.31 11.92 -1.86
N TYR A 54 -0.40 10.59 -1.74
CA TYR A 54 -1.07 9.79 -2.76
C TYR A 54 -2.57 9.77 -2.54
N LYS A 55 -3.02 10.41 -1.46
CA LYS A 55 -4.44 10.48 -1.13
C LYS A 55 -5.22 11.16 -2.24
N GLY A 56 -4.61 12.17 -2.86
CA GLY A 56 -5.26 12.90 -3.93
C GLY A 56 -5.13 12.20 -5.27
N GLN A 57 -5.05 10.88 -5.24
CA GLN A 57 -4.91 10.10 -6.46
C GLN A 57 -6.28 9.66 -6.98
N LYS A 58 -6.28 8.85 -8.03
CA LYS A 58 -7.51 8.36 -8.62
C LYS A 58 -7.69 6.88 -8.34
N ASP A 59 -8.66 6.56 -7.47
CA ASP A 59 -8.93 5.17 -7.10
C ASP A 59 -7.72 4.54 -6.44
N LEU A 60 -7.17 5.23 -5.45
CA LEU A 60 -6.00 4.73 -4.73
C LEU A 60 -6.04 5.15 -3.26
N VAL A 61 -5.91 4.19 -2.37
CA VAL A 61 -5.93 4.46 -0.94
C VAL A 61 -4.88 3.64 -0.20
N ILE A 62 -3.90 4.33 0.39
CA ILE A 62 -2.83 3.67 1.11
C ILE A 62 -3.30 3.25 2.51
N ALA A 63 -3.43 1.95 2.72
CA ALA A 63 -3.85 1.43 4.00
C ALA A 63 -2.78 0.53 4.62
N LYS A 64 -2.86 0.33 5.93
CA LYS A 64 -1.89 -0.50 6.64
C LYS A 64 -2.61 -1.52 7.53
N MET A 65 -1.86 -2.50 8.00
CA MET A 65 -2.41 -3.54 8.86
C MET A 65 -1.30 -4.31 9.58
N ASP A 66 -1.66 -4.98 10.67
CA ASP A 66 -0.70 -5.76 11.44
C ASP A 66 -0.94 -7.25 11.27
N ALA A 67 -0.04 -7.91 10.55
CA ALA A 67 -0.16 -9.35 10.30
C ALA A 67 0.14 -10.14 11.57
N THR A 68 0.86 -9.52 12.50
CA THR A 68 1.22 -10.17 13.75
C THR A 68 -0.01 -10.40 14.62
N ALA A 69 -1.07 -9.64 14.36
CA ALA A 69 -2.32 -9.76 15.11
C ALA A 69 -3.45 -10.21 14.21
N ASN A 70 -3.54 -9.61 13.03
CA ASN A 70 -4.60 -9.96 12.07
C ASN A 70 -4.13 -11.05 11.13
N ASP A 71 -4.86 -12.16 11.09
CA ASP A 71 -4.54 -13.29 10.23
C ASP A 71 -5.00 -13.03 8.80
N ILE A 72 -4.05 -12.99 7.87
CA ILE A 72 -4.37 -12.75 6.47
C ILE A 72 -5.14 -13.92 5.88
N THR A 73 -6.44 -13.72 5.65
CA THR A 73 -7.28 -14.75 5.09
C THR A 73 -6.84 -15.14 3.68
N ASN A 74 -6.35 -14.14 2.94
CA ASN A 74 -5.88 -14.37 1.58
C ASN A 74 -4.87 -15.52 1.53
N ASP A 75 -4.39 -15.84 0.33
CA ASP A 75 -3.43 -16.91 0.15
C ASP A 75 -2.15 -16.39 -0.51
N GLN A 76 -2.31 -15.46 -1.44
CA GLN A 76 -1.17 -14.88 -2.14
C GLN A 76 -0.38 -13.95 -1.22
N TYR A 77 -1.07 -13.33 -0.28
CA TYR A 77 -0.42 -12.42 0.66
C TYR A 77 0.30 -13.19 1.75
N LYS A 78 1.60 -13.39 1.57
CA LYS A 78 2.42 -14.12 2.54
C LYS A 78 3.43 -13.18 3.19
N VAL A 79 3.51 -13.24 4.52
CA VAL A 79 4.45 -12.41 5.26
C VAL A 79 5.60 -13.23 5.82
N GLU A 80 6.79 -13.06 5.23
CA GLU A 80 7.96 -13.79 5.66
C GLU A 80 9.02 -12.84 6.21
N GLY A 81 8.59 -11.68 6.69
CA GLY A 81 9.50 -10.71 7.23
C GLY A 81 8.98 -9.28 7.10
N PHE A 82 8.96 -8.56 8.22
CA PHE A 82 8.48 -7.19 8.22
C PHE A 82 9.65 -6.20 8.14
N PRO A 83 9.38 -5.02 7.56
CA PRO A 83 8.06 -4.67 7.04
C PRO A 83 7.70 -5.47 5.78
N THR A 84 6.47 -5.32 5.32
CA THR A 84 6.00 -6.02 4.14
C THR A 84 4.89 -5.26 3.45
N ILE A 85 5.22 -4.63 2.32
CA ILE A 85 4.24 -3.86 1.56
C ILE A 85 3.63 -4.70 0.43
N TYR A 86 2.36 -4.47 0.14
CA TYR A 86 1.66 -5.20 -0.91
C TYR A 86 0.71 -4.29 -1.66
N PHE A 87 0.75 -4.36 -2.99
CA PHE A 87 -0.13 -3.55 -3.83
C PHE A 87 -1.24 -4.39 -4.45
N ALA A 88 -2.48 -4.10 -4.06
CA ALA A 88 -3.63 -4.83 -4.58
C ALA A 88 -4.36 -4.02 -5.64
N PRO A 89 -4.04 -4.27 -6.91
CA PRO A 89 -4.65 -3.58 -8.05
C PRO A 89 -6.11 -3.97 -8.24
N SER A 90 -6.99 -2.96 -8.30
CA SER A 90 -8.42 -3.21 -8.47
C SER A 90 -8.68 -3.96 -9.78
N GLY A 91 -9.02 -5.23 -9.65
CA GLY A 91 -9.29 -6.04 -10.83
C GLY A 91 -8.36 -7.23 -10.95
N ASP A 92 -7.09 -7.01 -10.59
CA ASP A 92 -6.08 -8.07 -10.67
C ASP A 92 -5.50 -8.36 -9.29
N LYS A 93 -6.32 -8.21 -8.26
CA LYS A 93 -5.89 -8.46 -6.90
C LYS A 93 -5.37 -9.87 -6.73
N LYS A 94 -6.02 -10.82 -7.40
CA LYS A 94 -5.62 -12.23 -7.34
C LYS A 94 -4.10 -12.35 -7.28
N ASN A 95 -3.41 -11.44 -7.94
CA ASN A 95 -1.95 -11.45 -7.97
C ASN A 95 -1.38 -10.21 -7.30
N PRO A 96 -1.08 -10.33 -6.00
CA PRO A 96 -0.53 -9.22 -5.21
C PRO A 96 0.91 -8.88 -5.61
N ILE A 97 1.31 -7.64 -5.37
CA ILE A 97 2.66 -7.19 -5.70
C ILE A 97 3.38 -6.65 -4.47
N LYS A 98 4.36 -7.41 -4.00
CA LYS A 98 5.14 -7.00 -2.82
C LYS A 98 6.27 -6.07 -3.22
N PHE A 99 6.68 -5.21 -2.30
CA PHE A 99 7.77 -4.27 -2.55
C PHE A 99 9.10 -4.85 -2.11
N GLU A 100 10.02 -4.99 -3.06
CA GLU A 100 11.34 -5.54 -2.78
C GLU A 100 12.43 -4.53 -3.11
N GLY A 101 12.65 -3.57 -2.20
CA GLY A 101 13.66 -2.56 -2.42
C GLY A 101 14.57 -2.39 -1.23
N GLY A 102 15.82 -2.84 -1.37
CA GLY A 102 16.77 -2.72 -0.28
C GLY A 102 16.63 -1.43 0.49
N ASN A 103 16.19 -0.38 -0.19
CA ASN A 103 16.01 0.92 0.43
C ASN A 103 14.53 1.30 0.49
N ARG A 104 13.90 1.03 1.63
CA ARG A 104 12.48 1.34 1.80
C ARG A 104 12.30 2.79 2.23
N ASP A 105 12.18 3.69 1.27
CA ASP A 105 12.00 5.12 1.55
C ASP A 105 10.80 5.67 0.79
N LEU A 106 10.47 6.93 1.06
CA LEU A 106 9.35 7.59 0.40
C LEU A 106 9.63 7.78 -1.09
N GLU A 107 10.90 7.94 -1.43
CA GLU A 107 11.30 8.13 -2.82
C GLU A 107 11.26 6.81 -3.58
N HIS A 108 11.62 5.73 -2.91
CA HIS A 108 11.61 4.40 -3.53
C HIS A 108 10.21 3.83 -3.59
N LEU A 109 9.43 4.08 -2.53
CA LEU A 109 8.06 3.58 -2.46
C LEU A 109 7.18 4.24 -3.53
N SER A 110 7.19 5.57 -3.55
CA SER A 110 6.39 6.32 -4.52
C SER A 110 6.74 5.90 -5.94
N LYS A 111 7.94 5.37 -6.12
CA LYS A 111 8.41 4.93 -7.43
C LYS A 111 7.89 3.52 -7.74
N PHE A 112 7.46 2.82 -6.71
CA PHE A 112 6.93 1.46 -6.88
C PHE A 112 5.41 1.48 -6.98
N ILE A 113 4.80 2.59 -6.58
CA ILE A 113 3.35 2.73 -6.63
C ILE A 113 2.89 3.26 -7.98
N ASP A 114 3.29 4.48 -8.30
CA ASP A 114 2.92 5.10 -9.57
C ASP A 114 2.87 4.07 -10.68
N GLU A 115 3.91 3.23 -10.75
CA GLU A 115 3.99 2.19 -11.77
C GLU A 115 2.68 1.39 -11.84
N HIS A 116 2.46 0.53 -10.85
CA HIS A 116 1.26 -0.28 -10.81
C HIS A 116 0.01 0.59 -10.77
N ALA A 117 0.17 1.83 -10.32
CA ALA A 117 -0.94 2.76 -10.23
C ALA A 117 -1.56 3.01 -11.61
N THR A 118 -2.52 3.93 -11.67
CA THR A 118 -3.20 4.24 -12.92
C THR A 118 -2.39 5.25 -13.73
N LYS A 119 -1.09 5.30 -13.48
CA LYS A 119 -0.21 6.21 -14.20
C LYS A 119 -0.82 7.61 -14.27
N ARG A 120 -1.52 8.01 -13.23
CA ARG A 120 -2.16 9.31 -13.18
C ARG A 120 -1.12 10.43 -13.23
N SER A 121 0.01 10.20 -12.57
CA SER A 121 1.09 11.19 -12.53
C SER A 121 2.26 10.75 -13.42
N ARG A 122 2.68 11.64 -14.32
CA ARG A 122 3.78 11.34 -15.22
C ARG A 122 4.84 10.50 -14.53
N THR A 123 5.24 9.41 -15.18
CA THR A 123 6.26 8.53 -14.62
C THR A 123 7.28 8.13 -15.68
N LYS A 124 8.50 7.86 -15.24
CA LYS A 124 9.58 7.46 -16.14
C LYS A 124 9.20 6.20 -16.92
N GLU A 125 8.58 5.25 -16.22
CA GLU A 125 8.17 4.00 -16.85
C GLU A 125 9.16 3.57 -17.92
N GLU A 126 10.44 3.53 -17.55
CA GLU A 126 11.49 3.14 -18.48
C GLU A 126 11.83 1.66 -18.32
N LEU A 127 11.30 1.04 -17.28
CA LEU A 127 11.54 -0.38 -17.02
C LEU A 127 10.27 -1.06 -16.50
N SER A 128 9.70 -1.93 -17.33
CA SER A 128 8.49 -2.65 -16.95
C SER A 128 8.52 -3.06 -15.48
N GLY A 129 9.45 -3.95 -15.15
CA GLY A 129 9.58 -4.41 -13.78
C GLY A 129 8.75 -5.65 -13.50
N PRO A 130 9.41 -6.81 -13.47
CA PRO A 130 8.75 -8.10 -13.22
C PRO A 130 8.26 -8.22 -11.78
N SER A 131 7.60 -9.33 -11.47
CA SER A 131 7.09 -9.58 -10.13
C SER A 131 7.70 -10.84 -9.53
N SER A 132 7.45 -11.97 -10.19
CA SER A 132 7.97 -13.25 -9.72
C SER A 132 9.01 -13.80 -10.69
N GLY A 133 10.29 -13.62 -10.34
CA GLY A 133 11.36 -14.10 -11.18
C GLY A 133 11.37 -15.60 -11.33
N GLY A 1 -18.45 13.04 2.61
CA GLY A 1 -17.19 12.70 1.96
C GLY A 1 -15.99 12.93 2.87
N SER A 2 -15.74 11.98 3.77
CA SER A 2 -14.61 12.08 4.69
C SER A 2 -14.32 10.74 5.34
N SER A 3 -13.07 10.31 5.26
CA SER A 3 -12.66 9.04 5.84
C SER A 3 -13.05 8.96 7.31
N GLY A 4 -12.74 10.00 8.06
CA GLY A 4 -13.07 10.04 9.47
C GLY A 4 -12.18 9.13 10.30
N SER A 5 -10.88 9.37 10.23
CA SER A 5 -9.92 8.56 10.98
C SER A 5 -8.65 9.37 11.29
N SER A 6 -7.91 8.92 12.28
CA SER A 6 -6.68 9.60 12.69
C SER A 6 -5.54 9.29 11.71
N GLY A 7 -4.90 10.33 11.21
CA GLY A 7 -3.80 10.15 10.27
C GLY A 7 -4.28 9.94 8.85
N PRO A 8 -3.41 10.22 7.87
CA PRO A 8 -3.72 10.06 6.45
C PRO A 8 -3.85 8.59 6.04
N VAL A 9 -2.84 7.80 6.39
CA VAL A 9 -2.85 6.38 6.07
C VAL A 9 -3.95 5.65 6.83
N LYS A 10 -4.91 5.10 6.08
CA LYS A 10 -6.01 4.36 6.67
C LYS A 10 -5.55 3.01 7.21
N VAL A 11 -6.04 2.63 8.38
CA VAL A 11 -5.68 1.36 9.00
C VAL A 11 -6.69 0.28 8.63
N VAL A 12 -6.18 -0.94 8.42
CA VAL A 12 -7.04 -2.07 8.06
C VAL A 12 -6.75 -3.27 8.95
N VAL A 13 -7.80 -3.97 9.37
CA VAL A 13 -7.66 -5.13 10.22
C VAL A 13 -8.16 -6.39 9.53
N GLY A 14 -7.84 -7.55 10.09
CA GLY A 14 -8.26 -8.80 9.50
C GLY A 14 -9.75 -8.85 9.25
N LYS A 15 -10.52 -8.23 10.13
CA LYS A 15 -11.97 -8.21 10.01
C LYS A 15 -12.41 -7.25 8.90
N THR A 16 -11.53 -6.31 8.56
CA THR A 16 -11.82 -5.33 7.52
C THR A 16 -10.75 -5.35 6.43
N PHE A 17 -10.09 -6.49 6.28
CA PHE A 17 -9.04 -6.64 5.28
C PHE A 17 -9.63 -7.04 3.93
N ASP A 18 -10.42 -8.12 3.94
CA ASP A 18 -11.05 -8.60 2.71
C ASP A 18 -12.10 -7.62 2.21
N ALA A 19 -12.36 -6.59 2.99
CA ALA A 19 -13.34 -5.58 2.63
C ALA A 19 -12.67 -4.35 2.02
N ILE A 20 -11.58 -3.92 2.63
CA ILE A 20 -10.84 -2.76 2.15
C ILE A 20 -9.68 -3.18 1.26
N VAL A 21 -8.68 -3.82 1.86
CA VAL A 21 -7.51 -4.28 1.11
C VAL A 21 -7.91 -5.09 -0.11
N MET A 22 -9.12 -5.65 -0.07
CA MET A 22 -9.63 -6.45 -1.18
C MET A 22 -10.82 -5.76 -1.84
N ASP A 23 -10.76 -4.44 -1.96
CA ASP A 23 -11.83 -3.67 -2.57
C ASP A 23 -11.67 -3.62 -4.09
N PRO A 24 -12.57 -4.33 -4.80
CA PRO A 24 -12.54 -4.39 -6.26
C PRO A 24 -12.93 -3.06 -6.91
N LYS A 25 -13.14 -2.05 -6.07
CA LYS A 25 -13.53 -0.72 -6.55
C LYS A 25 -12.29 0.11 -6.87
N LYS A 26 -11.28 0.01 -6.02
CA LYS A 26 -10.03 0.76 -6.22
C LYS A 26 -8.85 -0.01 -5.66
N ASP A 27 -7.67 0.20 -6.24
CA ASP A 27 -6.45 -0.47 -5.81
C ASP A 27 -6.03 0.03 -4.42
N VAL A 28 -5.88 -0.89 -3.48
CA VAL A 28 -5.48 -0.55 -2.12
C VAL A 28 -4.11 -1.12 -1.79
N LEU A 29 -3.19 -0.26 -1.38
CA LEU A 29 -1.84 -0.68 -1.04
C LEU A 29 -1.74 -1.00 0.45
N ILE A 30 -1.73 -2.28 0.78
CA ILE A 30 -1.63 -2.72 2.17
C ILE A 30 -0.19 -2.94 2.57
N GLU A 31 0.17 -2.49 3.78
CA GLU A 31 1.53 -2.63 4.29
C GLU A 31 1.52 -3.21 5.69
N PHE A 32 1.97 -4.46 5.81
CA PHE A 32 2.02 -5.13 7.10
C PHE A 32 3.18 -4.61 7.95
N TYR A 33 2.84 -3.92 9.03
CA TYR A 33 3.85 -3.36 9.92
C TYR A 33 3.78 -4.01 11.30
N ALA A 34 4.93 -4.09 11.97
CA ALA A 34 5.00 -4.70 13.30
C ALA A 34 5.39 -3.65 14.34
N PRO A 35 4.59 -3.57 15.43
CA PRO A 35 4.84 -2.63 16.52
C PRO A 35 6.07 -2.99 17.34
N TRP A 36 6.57 -4.21 17.15
CA TRP A 36 7.74 -4.68 17.86
C TRP A 36 8.99 -4.59 16.98
N CYS A 37 8.78 -4.42 15.68
CA CYS A 37 9.88 -4.34 14.73
C CYS A 37 10.32 -2.88 14.56
N GLY A 38 11.63 -2.64 14.70
CA GLY A 38 12.15 -1.30 14.55
C GLY A 38 12.18 -0.85 13.11
N HIS A 39 12.61 -1.74 12.21
CA HIS A 39 12.69 -1.42 10.80
C HIS A 39 11.39 -0.80 10.30
N CYS A 40 10.31 -1.06 11.02
CA CYS A 40 9.00 -0.53 10.65
C CYS A 40 8.81 0.88 11.20
N LYS A 41 9.18 1.07 12.47
CA LYS A 41 9.06 2.37 13.12
C LYS A 41 9.67 3.47 12.26
N GLN A 42 10.84 3.19 11.69
CA GLN A 42 11.53 4.15 10.83
C GLN A 42 10.69 4.48 9.60
N LEU A 43 9.77 3.58 9.26
CA LEU A 43 8.91 3.77 8.09
C LEU A 43 7.58 4.40 8.50
N GLU A 44 7.13 4.10 9.71
CA GLU A 44 5.88 4.63 10.22
C GLU A 44 5.61 6.01 9.65
N PRO A 45 6.56 6.93 9.85
CA PRO A 45 6.44 8.31 9.37
C PRO A 45 6.54 8.40 7.84
N ILE A 46 7.57 7.76 7.28
CA ILE A 46 7.77 7.77 5.84
C ILE A 46 6.49 7.38 5.10
N TYR A 47 5.86 6.30 5.56
CA TYR A 47 4.63 5.82 4.95
C TYR A 47 3.53 6.88 5.02
N THR A 48 3.43 7.53 6.18
CA THR A 48 2.42 8.56 6.40
C THR A 48 2.36 9.52 5.22
N SER A 49 3.51 10.10 4.88
CA SER A 49 3.59 11.05 3.78
C SER A 49 3.23 10.38 2.46
N LEU A 50 3.56 9.09 2.34
CA LEU A 50 3.27 8.34 1.14
C LEU A 50 1.77 8.26 0.88
N GLY A 51 0.99 8.27 1.95
CA GLY A 51 -0.46 8.21 1.83
C GLY A 51 -1.09 9.59 1.68
N LYS A 52 -0.83 10.45 2.66
CA LYS A 52 -1.37 11.81 2.65
C LYS A 52 -1.07 12.50 1.31
N LYS A 53 0.04 12.11 0.68
CA LYS A 53 0.43 12.69 -0.59
C LYS A 53 -0.30 12.02 -1.74
N TYR A 54 -0.44 10.70 -1.68
CA TYR A 54 -1.12 9.95 -2.72
C TYR A 54 -2.63 9.99 -2.51
N LYS A 55 -3.06 10.68 -1.47
CA LYS A 55 -4.48 10.80 -1.16
C LYS A 55 -5.22 11.50 -2.29
N GLY A 56 -4.54 12.44 -2.95
CA GLY A 56 -5.16 13.16 -4.05
C GLY A 56 -5.11 12.39 -5.35
N GLN A 57 -5.15 11.06 -5.25
CA GLN A 57 -5.11 10.21 -6.42
C GLN A 57 -6.51 9.72 -6.79
N LYS A 58 -6.60 8.90 -7.83
CA LYS A 58 -7.88 8.36 -8.28
C LYS A 58 -7.96 6.87 -7.99
N ASP A 59 -8.95 6.48 -7.18
CA ASP A 59 -9.14 5.08 -6.83
C ASP A 59 -7.87 4.48 -6.25
N LEU A 60 -7.28 5.18 -5.29
CA LEU A 60 -6.05 4.73 -4.65
C LEU A 60 -6.00 5.16 -3.18
N VAL A 61 -6.05 4.19 -2.29
CA VAL A 61 -6.00 4.46 -0.85
C VAL A 61 -4.92 3.64 -0.17
N ILE A 62 -3.83 4.31 0.23
CA ILE A 62 -2.73 3.65 0.90
C ILE A 62 -3.06 3.36 2.36
N ALA A 63 -3.37 2.11 2.66
CA ALA A 63 -3.70 1.71 4.02
C ALA A 63 -2.70 0.67 4.55
N LYS A 64 -2.63 0.55 5.87
CA LYS A 64 -1.72 -0.40 6.50
C LYS A 64 -2.47 -1.34 7.43
N MET A 65 -1.79 -2.38 7.89
CA MET A 65 -2.41 -3.36 8.80
C MET A 65 -1.34 -4.07 9.62
N ASP A 66 -1.74 -4.57 10.78
CA ASP A 66 -0.81 -5.29 11.66
C ASP A 66 -0.95 -6.79 11.49
N ALA A 67 -0.05 -7.38 10.70
CA ALA A 67 -0.07 -8.81 10.45
C ALA A 67 0.30 -9.59 11.71
N THR A 68 1.11 -8.97 12.56
CA THR A 68 1.55 -9.61 13.80
C THR A 68 0.36 -9.98 14.68
N ALA A 69 -0.68 -9.13 14.64
CA ALA A 69 -1.89 -9.37 15.43
C ALA A 69 -2.99 -9.96 14.57
N ASN A 70 -3.16 -9.42 13.38
CA ASN A 70 -4.20 -9.90 12.46
C ASN A 70 -3.65 -10.96 11.53
N ASP A 71 -4.33 -12.10 11.46
CA ASP A 71 -3.92 -13.21 10.61
C ASP A 71 -4.43 -13.03 9.19
N ILE A 72 -3.52 -12.80 8.26
CA ILE A 72 -3.89 -12.60 6.86
C ILE A 72 -4.64 -13.81 6.32
N THR A 73 -5.96 -13.76 6.40
CA THR A 73 -6.81 -14.85 5.91
C THR A 73 -6.38 -15.30 4.52
N ASN A 74 -6.05 -14.33 3.67
CA ASN A 74 -5.61 -14.64 2.30
C ASN A 74 -4.54 -15.71 2.31
N ASP A 75 -4.11 -16.11 1.10
CA ASP A 75 -3.08 -17.13 0.96
C ASP A 75 -1.92 -16.62 0.12
N GLN A 76 -2.23 -15.74 -0.84
CA GLN A 76 -1.21 -15.19 -1.73
C GLN A 76 -0.34 -14.19 -0.98
N TYR A 77 -0.92 -13.53 0.03
CA TYR A 77 -0.18 -12.55 0.81
C TYR A 77 0.58 -13.22 1.95
N LYS A 78 1.90 -13.28 1.81
CA LYS A 78 2.75 -13.89 2.82
C LYS A 78 3.73 -12.88 3.40
N VAL A 79 3.92 -12.93 4.72
CA VAL A 79 4.84 -12.02 5.40
C VAL A 79 6.11 -12.73 5.82
N GLU A 80 7.22 -12.36 5.20
CA GLU A 80 8.51 -12.97 5.50
C GLU A 80 9.54 -11.91 5.88
N GLY A 81 9.05 -10.77 6.37
CA GLY A 81 9.94 -9.69 6.75
C GLY A 81 9.25 -8.33 6.73
N PHE A 82 9.30 -7.62 7.85
CA PHE A 82 8.67 -6.31 7.94
C PHE A 82 9.72 -5.20 7.80
N PRO A 83 9.29 -4.06 7.24
CA PRO A 83 7.90 -3.87 6.78
C PRO A 83 7.58 -4.72 5.55
N THR A 84 6.29 -4.84 5.25
CA THR A 84 5.85 -5.61 4.11
C THR A 84 4.73 -4.90 3.34
N ILE A 85 5.07 -4.33 2.19
CA ILE A 85 4.10 -3.62 1.38
C ILE A 85 3.58 -4.50 0.25
N TYR A 86 2.29 -4.38 -0.05
CA TYR A 86 1.67 -5.16 -1.11
C TYR A 86 0.61 -4.34 -1.83
N PHE A 87 0.71 -4.30 -3.17
CA PHE A 87 -0.25 -3.56 -3.98
C PHE A 87 -1.35 -4.49 -4.52
N ALA A 88 -2.57 -4.25 -4.06
CA ALA A 88 -3.71 -5.05 -4.49
C ALA A 88 -4.55 -4.32 -5.54
N PRO A 89 -4.27 -4.60 -6.82
CA PRO A 89 -4.99 -3.98 -7.94
C PRO A 89 -6.44 -4.45 -8.04
N SER A 90 -7.36 -3.60 -7.56
CA SER A 90 -8.78 -3.92 -7.60
C SER A 90 -9.13 -4.69 -8.86
N GLY A 91 -9.35 -6.00 -8.72
CA GLY A 91 -9.71 -6.83 -9.87
C GLY A 91 -8.73 -7.97 -10.06
N ASP A 92 -7.44 -7.67 -10.00
CA ASP A 92 -6.41 -8.67 -10.17
C ASP A 92 -5.59 -8.85 -8.89
N LYS A 93 -6.27 -8.74 -7.75
CA LYS A 93 -5.62 -8.89 -6.45
C LYS A 93 -5.00 -10.28 -6.31
N LYS A 94 -5.63 -11.27 -6.93
CA LYS A 94 -5.15 -12.64 -6.88
C LYS A 94 -3.62 -12.68 -6.90
N ASN A 95 -3.02 -11.71 -7.57
CA ASN A 95 -1.57 -11.64 -7.66
C ASN A 95 -1.03 -10.43 -6.89
N PRO A 96 -0.61 -10.67 -5.63
CA PRO A 96 -0.08 -9.62 -4.77
C PRO A 96 1.29 -9.12 -5.23
N ILE A 97 1.44 -7.81 -5.29
CA ILE A 97 2.69 -7.20 -5.73
C ILE A 97 3.50 -6.69 -4.54
N LYS A 98 4.56 -7.41 -4.21
CA LYS A 98 5.42 -7.03 -3.09
C LYS A 98 6.49 -6.04 -3.53
N PHE A 99 6.67 -4.98 -2.74
CA PHE A 99 7.66 -3.96 -3.05
C PHE A 99 9.08 -4.52 -2.97
N GLU A 100 9.67 -4.80 -4.13
CA GLU A 100 11.02 -5.35 -4.19
C GLU A 100 12.01 -4.29 -4.67
N GLY A 101 12.62 -3.59 -3.72
CA GLY A 101 13.60 -2.57 -4.07
C GLY A 101 14.85 -2.64 -3.22
N GLY A 102 14.67 -2.54 -1.89
CA GLY A 102 15.81 -2.59 -0.99
C GLY A 102 15.78 -1.49 0.04
N ASN A 103 15.32 -0.31 -0.36
CA ASN A 103 15.24 0.83 0.55
C ASN A 103 13.79 1.28 0.73
N ARG A 104 13.26 1.08 1.94
CA ARG A 104 11.90 1.46 2.24
C ARG A 104 11.80 2.96 2.56
N ASP A 105 11.83 3.77 1.51
CA ASP A 105 11.75 5.22 1.68
C ASP A 105 10.64 5.81 0.80
N LEU A 106 10.26 7.04 1.10
CA LEU A 106 9.21 7.71 0.33
C LEU A 106 9.62 7.88 -1.13
N GLU A 107 10.92 8.02 -1.36
CA GLU A 107 11.44 8.19 -2.71
C GLU A 107 11.31 6.90 -3.51
N HIS A 108 11.68 5.79 -2.88
CA HIS A 108 11.60 4.49 -3.54
C HIS A 108 10.15 4.02 -3.65
N LEU A 109 9.44 4.04 -2.53
CA LEU A 109 8.05 3.62 -2.50
C LEU A 109 7.28 4.23 -3.67
N SER A 110 7.27 5.55 -3.75
CA SER A 110 6.57 6.24 -4.82
C SER A 110 6.96 5.69 -6.19
N LYS A 111 8.24 5.39 -6.34
CA LYS A 111 8.76 4.84 -7.59
C LYS A 111 8.17 3.47 -7.87
N PHE A 112 7.69 2.81 -6.81
CA PHE A 112 7.10 1.48 -6.94
C PHE A 112 5.60 1.57 -7.18
N ILE A 113 4.95 2.51 -6.50
CA ILE A 113 3.51 2.69 -6.64
C ILE A 113 3.17 3.30 -8.00
N ASP A 114 3.55 4.55 -8.20
CA ASP A 114 3.28 5.25 -9.45
C ASP A 114 3.33 4.28 -10.62
N GLU A 115 4.26 3.32 -10.57
CA GLU A 115 4.42 2.33 -11.63
C GLU A 115 3.15 1.51 -11.79
N HIS A 116 2.84 0.70 -10.79
CA HIS A 116 1.65 -0.14 -10.81
C HIS A 116 0.38 0.70 -10.86
N ALA A 117 0.32 1.72 -10.00
CA ALA A 117 -0.84 2.60 -9.95
C ALA A 117 -0.64 3.80 -10.87
N THR A 118 -1.54 3.95 -11.85
CA THR A 118 -1.47 5.06 -12.79
C THR A 118 -2.84 5.69 -12.99
N LYS A 119 -3.30 6.44 -12.01
CA LYS A 119 -4.61 7.10 -12.08
C LYS A 119 -5.60 6.27 -12.89
N ARG A 120 -5.52 4.94 -12.72
CA ARG A 120 -6.41 4.04 -13.43
C ARG A 120 -7.87 4.39 -13.16
N SER A 121 -8.71 4.20 -14.17
CA SER A 121 -10.14 4.49 -14.04
C SER A 121 -10.98 3.32 -14.53
N ARG A 122 -10.81 2.95 -15.79
CA ARG A 122 -11.56 1.85 -16.38
C ARG A 122 -11.81 0.75 -15.35
N THR A 123 -12.99 0.14 -15.41
CA THR A 123 -13.35 -0.91 -14.48
C THR A 123 -14.28 -1.93 -15.15
N LYS A 124 -14.63 -2.98 -14.41
CA LYS A 124 -15.51 -4.02 -14.92
C LYS A 124 -16.80 -4.09 -14.11
N GLU A 125 -16.70 -3.81 -12.82
CA GLU A 125 -17.86 -3.84 -11.93
C GLU A 125 -18.46 -2.44 -11.77
N GLU A 126 -19.22 -2.02 -12.77
CA GLU A 126 -19.85 -0.71 -12.75
C GLU A 126 -21.18 -0.76 -12.00
N LEU A 127 -21.70 -1.97 -11.81
CA LEU A 127 -22.97 -2.15 -11.11
C LEU A 127 -22.94 -1.45 -9.76
N SER A 128 -23.91 -0.57 -9.53
CA SER A 128 -24.01 0.17 -8.27
C SER A 128 -25.23 -0.27 -7.47
N GLY A 129 -25.01 -0.64 -6.22
CA GLY A 129 -26.10 -1.08 -5.37
C GLY A 129 -25.61 -1.74 -4.10
N PRO A 130 -25.36 -0.93 -3.06
CA PRO A 130 -24.89 -1.43 -1.75
C PRO A 130 -25.96 -2.21 -1.02
N SER A 131 -27.13 -2.36 -1.64
CA SER A 131 -28.23 -3.09 -1.04
C SER A 131 -27.98 -4.60 -1.07
N SER A 132 -27.74 -5.11 -2.28
CA SER A 132 -27.48 -6.53 -2.46
C SER A 132 -26.65 -6.79 -3.71
N GLY A 133 -26.23 -8.02 -3.90
CA GLY A 133 -25.43 -8.38 -5.06
C GLY A 133 -24.72 -9.71 -4.89
N GLY A 1 -21.06 10.27 7.38
CA GLY A 1 -20.27 9.44 8.28
C GLY A 1 -18.87 9.98 8.49
N SER A 2 -18.77 11.22 8.95
CA SER A 2 -17.48 11.84 9.19
C SER A 2 -16.85 11.34 10.48
N SER A 3 -15.75 10.62 10.35
CA SER A 3 -15.04 10.08 11.52
C SER A 3 -13.66 9.54 11.12
N GLY A 4 -12.78 9.44 12.10
CA GLY A 4 -11.44 8.95 11.84
C GLY A 4 -10.65 9.87 10.93
N SER A 5 -10.13 10.95 11.49
CA SER A 5 -9.35 11.91 10.71
C SER A 5 -7.86 11.73 10.95
N SER A 6 -7.45 11.85 12.21
CA SER A 6 -6.04 11.71 12.57
C SER A 6 -5.40 10.58 11.78
N GLY A 7 -4.14 10.78 11.39
CA GLY A 7 -3.43 9.76 10.64
C GLY A 7 -3.97 9.59 9.24
N PRO A 8 -3.15 9.91 8.24
CA PRO A 8 -3.52 9.80 6.81
C PRO A 8 -3.68 8.36 6.36
N VAL A 9 -2.72 7.52 6.74
CA VAL A 9 -2.74 6.11 6.38
C VAL A 9 -3.91 5.40 7.05
N LYS A 10 -4.82 4.86 6.24
CA LYS A 10 -5.98 4.15 6.75
C LYS A 10 -5.58 2.77 7.28
N VAL A 11 -6.20 2.36 8.38
CA VAL A 11 -5.92 1.07 8.99
C VAL A 11 -7.00 0.05 8.65
N VAL A 12 -6.58 -1.15 8.26
CA VAL A 12 -7.51 -2.21 7.91
C VAL A 12 -7.29 -3.45 8.78
N VAL A 13 -8.38 -4.11 9.15
CA VAL A 13 -8.30 -5.31 9.98
C VAL A 13 -8.77 -6.53 9.21
N GLY A 14 -8.74 -7.69 9.87
CA GLY A 14 -9.16 -8.92 9.23
C GLY A 14 -10.66 -8.97 9.01
N LYS A 15 -11.36 -7.94 9.46
CA LYS A 15 -12.81 -7.86 9.29
C LYS A 15 -13.18 -7.02 8.09
N THR A 16 -12.28 -6.11 7.70
CA THR A 16 -12.52 -5.24 6.56
C THR A 16 -11.37 -5.32 5.57
N PHE A 17 -10.55 -6.36 5.68
CA PHE A 17 -9.42 -6.55 4.79
C PHE A 17 -9.88 -6.96 3.39
N ASP A 18 -10.81 -7.91 3.35
CA ASP A 18 -11.34 -8.40 2.09
C ASP A 18 -12.28 -7.37 1.45
N ALA A 19 -12.60 -6.33 2.22
CA ALA A 19 -13.49 -5.28 1.74
C ALA A 19 -12.70 -4.09 1.21
N ILE A 20 -11.65 -3.71 1.94
CA ILE A 20 -10.81 -2.58 1.55
C ILE A 20 -9.58 -3.05 0.77
N VAL A 21 -8.67 -3.72 1.47
CA VAL A 21 -7.45 -4.22 0.84
C VAL A 21 -7.78 -5.06 -0.39
N MET A 22 -9.01 -5.54 -0.47
CA MET A 22 -9.45 -6.35 -1.60
C MET A 22 -10.64 -5.71 -2.30
N ASP A 23 -10.62 -4.38 -2.39
CA ASP A 23 -11.70 -3.65 -3.05
C ASP A 23 -11.51 -3.64 -4.56
N PRO A 24 -12.38 -4.36 -5.27
CA PRO A 24 -12.32 -4.44 -6.75
C PRO A 24 -12.71 -3.13 -7.41
N LYS A 25 -12.90 -2.10 -6.61
CA LYS A 25 -13.28 -0.78 -7.12
C LYS A 25 -12.05 0.11 -7.29
N LYS A 26 -11.06 -0.10 -6.43
CA LYS A 26 -9.83 0.69 -6.48
C LYS A 26 -8.67 -0.09 -5.88
N ASP A 27 -7.46 0.26 -6.29
CA ASP A 27 -6.25 -0.41 -5.79
C ASP A 27 -5.90 0.11 -4.39
N VAL A 28 -5.63 -0.82 -3.47
CA VAL A 28 -5.27 -0.46 -2.10
C VAL A 28 -3.93 -1.06 -1.71
N LEU A 29 -2.99 -0.20 -1.34
CA LEU A 29 -1.66 -0.64 -0.94
C LEU A 29 -1.64 -1.03 0.54
N ILE A 30 -1.60 -2.33 0.80
CA ILE A 30 -1.57 -2.84 2.17
C ILE A 30 -0.14 -3.09 2.63
N GLU A 31 0.21 -2.51 3.78
CA GLU A 31 1.55 -2.68 4.33
C GLU A 31 1.50 -3.36 5.70
N PHE A 32 1.94 -4.60 5.76
CA PHE A 32 1.94 -5.36 7.00
C PHE A 32 3.08 -4.91 7.92
N TYR A 33 2.72 -4.19 8.97
CA TYR A 33 3.71 -3.69 9.92
C TYR A 33 3.66 -4.48 11.22
N ALA A 34 4.79 -4.52 11.93
CA ALA A 34 4.88 -5.23 13.20
C ALA A 34 5.21 -4.29 14.34
N PRO A 35 4.40 -4.34 15.42
CA PRO A 35 4.60 -3.50 16.59
C PRO A 35 5.84 -3.89 17.38
N TRP A 36 6.57 -4.88 16.89
CA TRP A 36 7.78 -5.35 17.55
C TRP A 36 8.98 -5.26 16.62
N CYS A 37 8.84 -4.46 15.57
CA CYS A 37 9.92 -4.29 14.59
C CYS A 37 10.43 -2.86 14.59
N GLY A 38 11.72 -2.69 14.31
CA GLY A 38 12.32 -1.37 14.28
C GLY A 38 12.14 -0.68 12.94
N HIS A 39 12.45 -1.39 11.86
CA HIS A 39 12.32 -0.84 10.52
C HIS A 39 11.05 -0.01 10.39
N CYS A 40 9.97 -0.49 10.98
CA CYS A 40 8.69 0.21 10.93
C CYS A 40 8.81 1.60 11.56
N LYS A 41 9.32 1.66 12.78
CA LYS A 41 9.48 2.92 13.49
C LYS A 41 10.04 3.99 12.56
N GLN A 42 11.11 3.66 11.85
CA GLN A 42 11.74 4.59 10.92
C GLN A 42 10.89 4.76 9.67
N LEU A 43 10.09 3.75 9.36
CA LEU A 43 9.23 3.78 8.18
C LEU A 43 7.89 4.45 8.50
N GLU A 44 7.61 4.62 9.80
CA GLU A 44 6.37 5.24 10.24
C GLU A 44 6.11 6.54 9.48
N PRO A 45 7.07 7.47 9.54
CA PRO A 45 6.96 8.76 8.87
C PRO A 45 7.08 8.65 7.36
N ILE A 46 7.78 7.61 6.90
CA ILE A 46 7.96 7.38 5.48
C ILE A 46 6.66 6.94 4.82
N TYR A 47 5.92 6.07 5.50
CA TYR A 47 4.65 5.58 4.99
C TYR A 47 3.56 6.63 5.14
N THR A 48 3.60 7.38 6.23
CA THR A 48 2.62 8.42 6.49
C THR A 48 2.53 9.39 5.33
N SER A 49 3.63 10.08 5.05
CA SER A 49 3.68 11.06 3.98
C SER A 49 3.31 10.40 2.64
N LEU A 50 3.68 9.13 2.49
CA LEU A 50 3.39 8.39 1.27
C LEU A 50 1.88 8.23 1.07
N GLY A 51 1.15 8.19 2.19
CA GLY A 51 -0.30 8.04 2.11
C GLY A 51 -1.01 9.38 2.01
N LYS A 52 -0.69 10.28 2.93
CA LYS A 52 -1.32 11.60 2.94
C LYS A 52 -1.10 12.31 1.61
N LYS A 53 -0.02 11.98 0.94
CA LYS A 53 0.29 12.58 -0.36
C LYS A 53 -0.45 11.88 -1.49
N TYR A 54 -0.50 10.55 -1.43
CA TYR A 54 -1.19 9.76 -2.44
C TYR A 54 -2.67 9.65 -2.13
N LYS A 55 -3.09 10.26 -1.03
CA LYS A 55 -4.49 10.25 -0.61
C LYS A 55 -5.36 10.99 -1.62
N GLY A 56 -4.79 11.99 -2.27
CA GLY A 56 -5.53 12.77 -3.25
C GLY A 56 -5.40 12.20 -4.65
N GLN A 57 -5.19 10.89 -4.74
CA GLN A 57 -5.05 10.23 -6.03
C GLN A 57 -6.40 9.65 -6.50
N LYS A 58 -6.38 8.99 -7.65
CA LYS A 58 -7.59 8.40 -8.21
C LYS A 58 -7.67 6.91 -7.86
N ASP A 59 -8.75 6.53 -7.17
CA ASP A 59 -8.95 5.14 -6.78
C ASP A 59 -7.68 4.56 -6.17
N LEU A 60 -7.10 5.29 -5.22
CA LEU A 60 -5.88 4.84 -4.55
C LEU A 60 -5.90 5.23 -3.08
N VAL A 61 -5.80 4.23 -2.20
CA VAL A 61 -5.81 4.47 -0.76
C VAL A 61 -4.75 3.62 -0.07
N ILE A 62 -3.69 4.27 0.40
CA ILE A 62 -2.60 3.58 1.09
C ILE A 62 -3.00 3.24 2.53
N ALA A 63 -3.36 1.98 2.76
CA ALA A 63 -3.75 1.54 4.09
C ALA A 63 -2.78 0.49 4.62
N LYS A 64 -2.80 0.28 5.93
CA LYS A 64 -1.92 -0.69 6.56
C LYS A 64 -2.71 -1.66 7.44
N MET A 65 -2.07 -2.73 7.88
CA MET A 65 -2.71 -3.73 8.72
C MET A 65 -1.67 -4.56 9.48
N ASP A 66 -2.04 -5.00 10.68
CA ASP A 66 -1.14 -5.82 11.50
C ASP A 66 -1.34 -7.30 11.22
N ALA A 67 -0.42 -7.88 10.46
CA ALA A 67 -0.48 -9.30 10.11
C ALA A 67 -0.17 -10.17 11.33
N THR A 68 0.47 -9.57 12.33
CA THR A 68 0.83 -10.30 13.54
C THR A 68 -0.39 -10.51 14.44
N ALA A 69 -1.33 -9.57 14.40
CA ALA A 69 -2.54 -9.66 15.20
C ALA A 69 -3.72 -10.13 14.36
N ASN A 70 -3.88 -9.55 13.18
CA ASN A 70 -4.97 -9.90 12.29
C ASN A 70 -4.56 -11.05 11.37
N ASP A 71 -5.38 -12.09 11.34
CA ASP A 71 -5.11 -13.26 10.50
C ASP A 71 -5.44 -12.96 9.03
N ILE A 72 -4.43 -13.03 8.17
CA ILE A 72 -4.62 -12.77 6.75
C ILE A 72 -5.54 -13.82 6.11
N THR A 73 -6.82 -13.47 5.98
CA THR A 73 -7.79 -14.38 5.38
C THR A 73 -7.29 -14.92 4.05
N ASN A 74 -6.71 -14.05 3.24
CA ASN A 74 -6.19 -14.44 1.93
C ASN A 74 -4.98 -15.36 2.08
N ASP A 75 -4.35 -15.68 0.96
CA ASP A 75 -3.18 -16.56 0.96
C ASP A 75 -2.07 -15.98 0.09
N GLN A 76 -2.44 -15.53 -1.10
CA GLN A 76 -1.47 -14.95 -2.03
C GLN A 76 -0.50 -14.03 -1.32
N TYR A 77 -0.96 -13.43 -0.22
CA TYR A 77 -0.13 -12.52 0.56
C TYR A 77 0.67 -13.28 1.61
N LYS A 78 1.98 -13.16 1.55
CA LYS A 78 2.86 -13.83 2.49
C LYS A 78 3.79 -12.83 3.18
N VAL A 79 3.90 -12.95 4.50
CA VAL A 79 4.76 -12.05 5.28
C VAL A 79 6.00 -12.79 5.78
N GLU A 80 7.13 -12.57 5.11
CA GLU A 80 8.38 -13.21 5.48
C GLU A 80 9.25 -12.26 6.31
N GLY A 81 8.96 -10.98 6.20
CA GLY A 81 9.72 -9.98 6.94
C GLY A 81 9.10 -8.60 6.86
N PHE A 82 9.06 -7.91 7.99
CA PHE A 82 8.49 -6.57 8.05
C PHE A 82 9.59 -5.51 8.01
N PRO A 83 9.26 -4.33 7.47
CA PRO A 83 7.91 -4.05 6.93
C PRO A 83 7.63 -4.83 5.66
N THR A 84 6.35 -5.01 5.35
CA THR A 84 5.94 -5.74 4.15
C THR A 84 4.83 -5.00 3.41
N ILE A 85 5.20 -4.33 2.33
CA ILE A 85 4.25 -3.58 1.52
C ILE A 85 3.71 -4.43 0.36
N TYR A 86 2.44 -4.24 0.03
CA TYR A 86 1.81 -4.99 -1.05
C TYR A 86 0.82 -4.11 -1.81
N PHE A 87 0.80 -4.27 -3.14
CA PHE A 87 -0.10 -3.49 -3.97
C PHE A 87 -1.22 -4.37 -4.52
N ALA A 88 -2.45 -4.08 -4.10
CA ALA A 88 -3.61 -4.85 -4.55
C ALA A 88 -4.40 -4.07 -5.61
N PRO A 89 -4.11 -4.36 -6.88
CA PRO A 89 -4.79 -3.71 -8.01
C PRO A 89 -6.24 -4.13 -8.15
N SER A 90 -7.15 -3.19 -7.86
CA SER A 90 -8.58 -3.48 -7.94
C SER A 90 -8.91 -4.21 -9.23
N GLY A 91 -9.21 -5.51 -9.10
CA GLY A 91 -9.55 -6.30 -10.26
C GLY A 91 -8.63 -7.50 -10.44
N ASP A 92 -7.33 -7.26 -10.29
CA ASP A 92 -6.35 -8.32 -10.43
C ASP A 92 -5.62 -8.57 -9.12
N LYS A 93 -6.31 -8.32 -8.02
CA LYS A 93 -5.73 -8.52 -6.69
C LYS A 93 -5.26 -9.95 -6.50
N LYS A 94 -5.84 -10.86 -7.27
CA LYS A 94 -5.49 -12.28 -7.20
C LYS A 94 -3.97 -12.45 -7.14
N ASN A 95 -3.25 -11.49 -7.70
CA ASN A 95 -1.80 -11.54 -7.72
C ASN A 95 -1.20 -10.29 -7.05
N PRO A 96 -0.85 -10.42 -5.77
CA PRO A 96 -0.27 -9.32 -4.99
C PRO A 96 1.15 -8.98 -5.45
N ILE A 97 1.46 -7.69 -5.47
CA ILE A 97 2.78 -7.23 -5.88
C ILE A 97 3.59 -6.74 -4.68
N LYS A 98 4.63 -7.49 -4.33
CA LYS A 98 5.48 -7.13 -3.20
C LYS A 98 6.59 -6.18 -3.64
N PHE A 99 6.87 -5.18 -2.82
CA PHE A 99 7.90 -4.19 -3.12
C PHE A 99 9.26 -4.67 -2.63
N GLU A 100 10.13 -5.04 -3.56
CA GLU A 100 11.46 -5.52 -3.22
C GLU A 100 12.54 -4.56 -3.74
N GLY A 101 12.29 -3.26 -3.58
CA GLY A 101 13.24 -2.26 -4.04
C GLY A 101 14.27 -1.91 -2.98
N GLY A 102 14.58 -2.87 -2.12
CA GLY A 102 15.56 -2.64 -1.07
C GLY A 102 15.27 -1.37 -0.30
N ASN A 103 15.93 -0.28 -0.69
CA ASN A 103 15.74 1.00 -0.01
C ASN A 103 14.27 1.28 0.23
N ARG A 104 13.88 1.32 1.51
CA ARG A 104 12.49 1.58 1.87
C ARG A 104 12.31 3.02 2.32
N ASP A 105 12.28 3.93 1.36
CA ASP A 105 12.12 5.35 1.66
C ASP A 105 10.88 5.91 0.94
N LEU A 106 10.70 7.22 1.05
CA LEU A 106 9.56 7.89 0.41
C LEU A 106 9.85 8.17 -1.06
N GLU A 107 11.09 7.91 -1.47
CA GLU A 107 11.49 8.14 -2.85
C GLU A 107 11.39 6.86 -3.67
N HIS A 108 11.70 5.73 -3.04
CA HIS A 108 11.65 4.44 -3.71
C HIS A 108 10.24 3.84 -3.62
N LEU A 109 9.49 4.24 -2.60
CA LEU A 109 8.14 3.75 -2.40
C LEU A 109 7.19 4.33 -3.44
N SER A 110 7.31 5.63 -3.68
CA SER A 110 6.46 6.31 -4.65
C SER A 110 6.69 5.75 -6.06
N LYS A 111 7.91 5.28 -6.30
CA LYS A 111 8.27 4.73 -7.60
C LYS A 111 7.71 3.31 -7.75
N PHE A 112 7.26 2.73 -6.65
CA PHE A 112 6.70 1.39 -6.66
C PHE A 112 5.19 1.42 -6.83
N ILE A 113 4.56 2.44 -6.25
CA ILE A 113 3.11 2.59 -6.33
C ILE A 113 2.68 2.98 -7.74
N ASP A 114 3.02 4.20 -8.14
CA ASP A 114 2.67 4.70 -9.47
C ASP A 114 2.73 3.57 -10.50
N GLU A 115 3.85 2.86 -10.53
CA GLU A 115 4.03 1.76 -11.47
C GLU A 115 2.80 0.87 -11.51
N HIS A 116 2.28 0.53 -10.34
CA HIS A 116 1.09 -0.32 -10.23
C HIS A 116 -0.18 0.52 -10.30
N ALA A 117 -0.05 1.81 -10.01
CA ALA A 117 -1.19 2.72 -10.03
C ALA A 117 -1.59 3.05 -11.47
N THR A 118 -0.83 2.53 -12.43
CA THR A 118 -1.11 2.77 -13.83
C THR A 118 -1.72 4.15 -14.05
N LYS A 119 -1.24 5.13 -13.30
CA LYS A 119 -1.73 6.50 -13.41
C LYS A 119 -3.22 6.51 -13.72
N ARG A 120 -3.98 5.70 -13.00
CA ARG A 120 -5.42 5.62 -13.21
C ARG A 120 -6.00 7.00 -13.52
N SER A 121 -5.55 8.00 -12.78
CA SER A 121 -6.04 9.36 -12.96
C SER A 121 -5.80 9.83 -14.39
N ARG A 122 -6.61 10.77 -14.84
CA ARG A 122 -6.50 11.31 -16.19
C ARG A 122 -5.21 12.09 -16.36
N THR A 123 -4.96 13.02 -15.44
CA THR A 123 -3.75 13.84 -15.49
C THR A 123 -2.50 12.97 -15.55
N LYS A 124 -1.44 13.51 -16.13
CA LYS A 124 -0.17 12.79 -16.25
C LYS A 124 1.01 13.77 -16.30
N GLU A 125 2.20 13.22 -16.45
CA GLU A 125 3.41 14.04 -16.52
C GLU A 125 3.94 14.12 -17.95
N GLU A 126 4.00 15.33 -18.48
CA GLU A 126 4.49 15.55 -19.84
C GLU A 126 5.96 15.97 -19.84
N LEU A 127 6.82 15.05 -20.23
CA LEU A 127 8.26 15.32 -20.28
C LEU A 127 8.72 15.60 -21.70
N SER A 128 9.46 16.69 -21.87
CA SER A 128 9.97 17.07 -23.18
C SER A 128 10.27 15.84 -24.03
N GLY A 129 10.08 15.96 -25.34
CA GLY A 129 10.34 14.85 -26.23
C GLY A 129 10.11 15.21 -27.69
N PRO A 130 11.13 15.77 -28.34
CA PRO A 130 11.05 16.17 -29.75
C PRO A 130 10.99 14.98 -30.69
N SER A 131 9.77 14.60 -31.07
CA SER A 131 9.56 13.48 -31.98
C SER A 131 10.42 13.61 -33.23
N SER A 132 10.18 14.68 -33.99
CA SER A 132 10.92 14.93 -35.22
C SER A 132 12.40 15.19 -34.92
N GLY A 133 13.23 14.20 -35.18
CA GLY A 133 14.66 14.35 -34.93
C GLY A 133 14.98 14.54 -33.46
N GLY A 1 -13.65 6.07 0.74
CA GLY A 1 -14.82 5.61 1.46
C GLY A 1 -15.10 6.45 2.69
N SER A 2 -14.22 6.34 3.70
CA SER A 2 -14.39 7.09 4.94
C SER A 2 -13.45 8.30 4.97
N SER A 3 -13.72 9.22 5.89
CA SER A 3 -12.89 10.42 6.02
C SER A 3 -11.70 10.16 6.94
N GLY A 4 -10.57 10.78 6.60
CA GLY A 4 -9.37 10.60 7.39
C GLY A 4 -9.26 11.62 8.50
N SER A 5 -9.55 11.19 9.73
CA SER A 5 -9.49 12.07 10.89
C SER A 5 -8.19 11.88 11.66
N SER A 6 -7.74 10.63 11.74
CA SER A 6 -6.50 10.31 12.44
C SER A 6 -5.48 9.71 11.49
N GLY A 7 -4.49 10.51 11.11
CA GLY A 7 -3.45 10.05 10.20
C GLY A 7 -3.97 9.83 8.80
N PRO A 8 -3.11 10.09 7.80
CA PRO A 8 -3.46 9.93 6.39
C PRO A 8 -3.62 8.47 6.00
N VAL A 9 -2.74 7.62 6.50
CA VAL A 9 -2.78 6.19 6.21
C VAL A 9 -3.93 5.51 6.93
N LYS A 10 -4.83 4.89 6.17
CA LYS A 10 -5.98 4.20 6.73
C LYS A 10 -5.57 2.85 7.32
N VAL A 11 -6.17 2.50 8.45
CA VAL A 11 -5.88 1.23 9.11
C VAL A 11 -6.94 0.19 8.79
N VAL A 12 -6.50 -1.02 8.47
CA VAL A 12 -7.41 -2.11 8.14
C VAL A 12 -7.13 -3.34 9.01
N VAL A 13 -8.19 -4.01 9.42
CA VAL A 13 -8.05 -5.22 10.25
C VAL A 13 -8.48 -6.46 9.48
N GLY A 14 -8.48 -7.60 10.17
CA GLY A 14 -8.88 -8.85 9.54
C GLY A 14 -10.37 -8.92 9.30
N LYS A 15 -11.11 -7.98 9.87
CA LYS A 15 -12.56 -7.95 9.70
C LYS A 15 -12.96 -7.07 8.53
N THR A 16 -12.04 -6.20 8.11
CA THR A 16 -12.29 -5.31 6.99
C THR A 16 -11.17 -5.38 5.95
N PHE A 17 -10.33 -6.41 6.07
CA PHE A 17 -9.22 -6.59 5.14
C PHE A 17 -9.73 -7.01 3.77
N ASP A 18 -10.50 -8.09 3.72
CA ASP A 18 -11.05 -8.59 2.47
C ASP A 18 -12.09 -7.62 1.90
N ALA A 19 -12.41 -6.59 2.68
CA ALA A 19 -13.39 -5.59 2.26
C ALA A 19 -12.69 -4.36 1.69
N ILE A 20 -11.67 -3.89 2.39
CA ILE A 20 -10.92 -2.71 1.94
C ILE A 20 -9.70 -3.11 1.12
N VAL A 21 -8.72 -3.70 1.79
CA VAL A 21 -7.50 -4.14 1.12
C VAL A 21 -7.81 -4.97 -0.12
N MET A 22 -9.00 -5.55 -0.14
CA MET A 22 -9.43 -6.38 -1.27
C MET A 22 -10.64 -5.76 -1.96
N ASP A 23 -10.66 -4.43 -2.03
CA ASP A 23 -11.77 -3.73 -2.67
C ASP A 23 -11.54 -3.60 -4.17
N PRO A 24 -12.34 -4.33 -4.96
CA PRO A 24 -12.24 -4.32 -6.42
C PRO A 24 -12.70 -3.00 -7.03
N LYS A 25 -13.08 -2.06 -6.17
CA LYS A 25 -13.55 -0.76 -6.62
C LYS A 25 -12.36 0.20 -6.79
N LYS A 26 -11.22 -0.16 -6.22
CA LYS A 26 -10.03 0.66 -6.31
C LYS A 26 -8.82 -0.05 -5.70
N ASP A 27 -7.64 0.24 -6.22
CA ASP A 27 -6.41 -0.37 -5.71
C ASP A 27 -6.14 0.07 -4.28
N VAL A 28 -5.54 -0.81 -3.50
CA VAL A 28 -5.21 -0.51 -2.10
C VAL A 28 -3.87 -1.11 -1.71
N LEU A 29 -2.91 -0.24 -1.38
CA LEU A 29 -1.59 -0.69 -0.99
C LEU A 29 -1.54 -0.99 0.51
N ILE A 30 -1.56 -2.27 0.84
CA ILE A 30 -1.51 -2.69 2.24
C ILE A 30 -0.07 -2.93 2.70
N GLU A 31 0.26 -2.38 3.85
CA GLU A 31 1.61 -2.52 4.41
C GLU A 31 1.56 -3.17 5.79
N PHE A 32 2.02 -4.41 5.86
CA PHE A 32 2.04 -5.14 7.13
C PHE A 32 3.16 -4.65 8.04
N TYR A 33 2.79 -3.95 9.10
CA TYR A 33 3.77 -3.42 10.04
C TYR A 33 3.72 -4.18 11.37
N ALA A 34 4.85 -4.22 12.05
CA ALA A 34 4.95 -4.91 13.33
C ALA A 34 5.20 -3.93 14.47
N PRO A 35 4.30 -3.93 15.46
CA PRO A 35 4.40 -3.04 16.63
C PRO A 35 5.55 -3.43 17.55
N TRP A 36 6.24 -4.52 17.21
CA TRP A 36 7.36 -5.00 18.01
C TRP A 36 8.64 -5.04 17.17
N CYS A 37 8.61 -4.39 16.02
CA CYS A 37 9.77 -4.35 15.12
C CYS A 37 10.24 -2.92 14.91
N GLY A 38 11.50 -2.67 15.20
CA GLY A 38 12.06 -1.33 15.03
C GLY A 38 12.06 -0.89 13.58
N HIS A 39 12.31 -1.83 12.68
CA HIS A 39 12.34 -1.53 11.25
C HIS A 39 11.04 -0.87 10.80
N CYS A 40 10.03 -0.93 11.66
CA CYS A 40 8.73 -0.33 11.36
C CYS A 40 8.72 1.15 11.72
N LYS A 41 9.25 1.47 12.91
CA LYS A 41 9.29 2.85 13.38
C LYS A 41 9.96 3.75 12.35
N GLN A 42 10.85 3.17 11.55
CA GLN A 42 11.56 3.93 10.52
C GLN A 42 10.63 4.24 9.34
N LEU A 43 9.88 3.24 8.91
CA LEU A 43 8.96 3.40 7.79
C LEU A 43 7.68 4.12 8.23
N GLU A 44 7.46 4.16 9.54
CA GLU A 44 6.28 4.81 10.10
C GLU A 44 6.01 6.14 9.39
N PRO A 45 6.98 7.06 9.49
CA PRO A 45 6.88 8.39 8.86
C PRO A 45 6.96 8.33 7.35
N ILE A 46 7.82 7.45 6.84
CA ILE A 46 7.99 7.29 5.40
C ILE A 46 6.67 6.89 4.74
N TYR A 47 5.88 6.09 5.43
CA TYR A 47 4.60 5.64 4.90
C TYR A 47 3.54 6.72 5.06
N THR A 48 3.61 7.47 6.16
CA THR A 48 2.66 8.54 6.42
C THR A 48 2.51 9.45 5.22
N SER A 49 3.61 10.11 4.84
CA SER A 49 3.61 11.02 3.70
C SER A 49 3.24 10.29 2.42
N LEU A 50 3.65 9.03 2.32
CA LEU A 50 3.38 8.21 1.15
C LEU A 50 1.87 8.06 0.94
N GLY A 51 1.12 8.20 2.02
CA GLY A 51 -0.33 8.07 1.93
C GLY A 51 -1.01 9.41 1.73
N LYS A 52 -0.78 10.34 2.66
CA LYS A 52 -1.38 11.67 2.58
C LYS A 52 -1.11 12.31 1.23
N LYS A 53 0.06 12.01 0.66
CA LYS A 53 0.44 12.56 -0.64
C LYS A 53 -0.34 11.89 -1.76
N TYR A 54 -0.43 10.56 -1.70
CA TYR A 54 -1.13 9.79 -2.72
C TYR A 54 -2.63 9.76 -2.43
N LYS A 55 -3.03 10.40 -1.33
CA LYS A 55 -4.42 10.45 -0.94
C LYS A 55 -5.25 11.22 -1.96
N GLY A 56 -4.58 12.06 -2.74
CA GLY A 56 -5.27 12.84 -3.75
C GLY A 56 -5.32 12.14 -5.10
N GLN A 57 -5.16 10.82 -5.08
CA GLN A 57 -5.19 10.04 -6.31
C GLN A 57 -6.59 9.50 -6.57
N LYS A 58 -6.77 8.91 -7.75
CA LYS A 58 -8.06 8.35 -8.13
C LYS A 58 -8.10 6.85 -7.88
N ASP A 59 -9.07 6.41 -7.08
CA ASP A 59 -9.21 5.00 -6.77
C ASP A 59 -7.93 4.43 -6.17
N LEU A 60 -7.33 5.18 -5.25
CA LEU A 60 -6.10 4.76 -4.60
C LEU A 60 -6.08 5.17 -3.14
N VAL A 61 -6.01 4.18 -2.25
CA VAL A 61 -5.98 4.44 -0.82
C VAL A 61 -4.92 3.60 -0.12
N ILE A 62 -3.86 4.27 0.35
CA ILE A 62 -2.78 3.59 1.02
C ILE A 62 -3.14 3.27 2.48
N ALA A 63 -3.45 2.02 2.74
CA ALA A 63 -3.81 1.59 4.09
C ALA A 63 -2.80 0.59 4.64
N LYS A 64 -2.84 0.37 5.95
CA LYS A 64 -1.93 -0.56 6.60
C LYS A 64 -2.70 -1.50 7.53
N MET A 65 -2.05 -2.59 7.91
CA MET A 65 -2.66 -3.58 8.80
C MET A 65 -1.59 -4.36 9.57
N ASP A 66 -1.95 -4.80 10.77
CA ASP A 66 -1.03 -5.56 11.60
C ASP A 66 -1.19 -7.06 11.38
N ALA A 67 -0.20 -7.67 10.73
CA ALA A 67 -0.24 -9.10 10.44
C ALA A 67 0.05 -9.91 11.71
N THR A 68 0.60 -9.25 12.72
CA THR A 68 0.92 -9.91 13.98
C THR A 68 -0.32 -10.14 14.82
N ALA A 69 -1.44 -9.56 14.40
CA ALA A 69 -2.70 -9.71 15.12
C ALA A 69 -3.80 -10.22 14.20
N ASN A 70 -3.85 -9.70 12.98
CA ASN A 70 -4.85 -10.11 12.01
C ASN A 70 -4.31 -11.21 11.10
N ASP A 71 -4.97 -12.36 11.11
CA ASP A 71 -4.56 -13.49 10.29
C ASP A 71 -4.91 -13.26 8.83
N ILE A 72 -3.93 -13.45 7.95
CA ILE A 72 -4.14 -13.25 6.51
C ILE A 72 -4.51 -14.56 5.83
N THR A 73 -5.80 -14.91 5.90
CA THR A 73 -6.28 -16.14 5.28
C THR A 73 -5.83 -16.24 3.83
N ASN A 74 -5.65 -15.10 3.18
CA ASN A 74 -5.22 -15.06 1.79
C ASN A 74 -3.87 -15.75 1.62
N ASP A 75 -3.82 -16.71 0.71
CA ASP A 75 -2.58 -17.45 0.45
C ASP A 75 -1.71 -16.72 -0.57
N GLN A 76 -2.05 -15.47 -0.83
CA GLN A 76 -1.30 -14.66 -1.79
C GLN A 76 -0.38 -13.68 -1.08
N TYR A 77 -0.83 -13.18 0.07
CA TYR A 77 -0.03 -12.23 0.84
C TYR A 77 0.63 -12.92 2.03
N LYS A 78 1.96 -13.03 1.98
CA LYS A 78 2.72 -13.67 3.04
C LYS A 78 3.66 -12.68 3.71
N VAL A 79 3.64 -12.65 5.03
CA VAL A 79 4.50 -11.74 5.78
C VAL A 79 5.65 -12.51 6.45
N GLU A 80 6.79 -12.54 5.77
CA GLU A 80 7.96 -13.24 6.29
C GLU A 80 8.87 -12.28 7.05
N GLY A 81 8.72 -10.99 6.76
CA GLY A 81 9.54 -9.98 7.43
C GLY A 81 8.99 -8.58 7.24
N PHE A 82 8.97 -7.81 8.33
CA PHE A 82 8.47 -6.44 8.29
C PHE A 82 9.62 -5.45 8.18
N PRO A 83 9.33 -4.29 7.55
CA PRO A 83 8.01 -3.98 7.01
C PRO A 83 7.67 -4.82 5.79
N THR A 84 6.43 -4.72 5.32
CA THR A 84 5.98 -5.48 4.16
C THR A 84 4.86 -4.75 3.42
N ILE A 85 5.19 -4.20 2.27
CA ILE A 85 4.21 -3.48 1.46
C ILE A 85 3.67 -4.35 0.34
N TYR A 86 2.37 -4.21 0.06
CA TYR A 86 1.73 -4.99 -0.99
C TYR A 86 0.67 -4.16 -1.71
N PHE A 87 0.72 -4.18 -3.04
CA PHE A 87 -0.23 -3.43 -3.85
C PHE A 87 -1.31 -4.35 -4.42
N ALA A 88 -2.55 -4.14 -3.99
CA ALA A 88 -3.67 -4.94 -4.46
C ALA A 88 -4.49 -4.20 -5.51
N PRO A 89 -4.20 -4.48 -6.79
CA PRO A 89 -4.90 -3.84 -7.91
C PRO A 89 -6.34 -4.30 -8.03
N SER A 90 -7.27 -3.35 -8.01
CA SER A 90 -8.69 -3.65 -8.11
C SER A 90 -8.97 -4.52 -9.33
N GLY A 91 -9.18 -5.82 -9.09
CA GLY A 91 -9.46 -6.73 -10.19
C GLY A 91 -8.44 -7.86 -10.27
N ASP A 92 -7.17 -7.50 -10.21
CA ASP A 92 -6.09 -8.49 -10.28
C ASP A 92 -5.47 -8.72 -8.90
N LYS A 93 -6.28 -8.54 -7.86
CA LYS A 93 -5.81 -8.72 -6.49
C LYS A 93 -5.22 -10.11 -6.30
N LYS A 94 -5.75 -11.08 -7.04
CA LYS A 94 -5.29 -12.46 -6.96
C LYS A 94 -3.76 -12.53 -7.06
N ASN A 95 -3.17 -11.46 -7.58
CA ASN A 95 -1.72 -11.40 -7.73
C ASN A 95 -1.15 -10.19 -7.00
N PRO A 96 -0.72 -10.39 -5.75
CA PRO A 96 -0.14 -9.34 -4.92
C PRO A 96 1.24 -8.90 -5.42
N ILE A 97 1.50 -7.60 -5.33
CA ILE A 97 2.77 -7.04 -5.77
C ILE A 97 3.58 -6.53 -4.59
N LYS A 98 4.58 -7.30 -4.18
CA LYS A 98 5.43 -6.91 -3.06
C LYS A 98 6.51 -5.93 -3.51
N PHE A 99 6.79 -4.93 -2.68
CA PHE A 99 7.80 -3.92 -2.99
C PHE A 99 9.18 -4.41 -2.60
N GLU A 100 9.97 -4.81 -3.59
CA GLU A 100 11.32 -5.30 -3.35
C GLU A 100 12.36 -4.25 -3.73
N GLY A 101 12.60 -3.32 -2.82
CA GLY A 101 13.57 -2.26 -3.07
C GLY A 101 14.54 -2.07 -1.91
N GLY A 102 15.81 -2.35 -2.16
CA GLY A 102 16.81 -2.20 -1.12
C GLY A 102 16.62 -0.94 -0.31
N ASN A 103 16.29 0.15 -0.98
CA ASN A 103 16.07 1.43 -0.32
C ASN A 103 14.58 1.72 -0.14
N ARG A 104 14.04 1.34 1.01
CA ARG A 104 12.63 1.54 1.29
C ARG A 104 12.40 2.93 1.87
N ASP A 105 12.22 3.91 0.99
CA ASP A 105 11.98 5.29 1.41
C ASP A 105 10.83 5.91 0.62
N LEU A 106 10.49 7.15 0.96
CA LEU A 106 9.41 7.86 0.29
C LEU A 106 9.77 8.15 -1.17
N GLU A 107 11.06 8.10 -1.47
CA GLU A 107 11.53 8.36 -2.82
C GLU A 107 11.39 7.11 -3.70
N HIS A 108 11.62 5.95 -3.10
CA HIS A 108 11.52 4.68 -3.82
C HIS A 108 10.08 4.17 -3.81
N LEU A 109 9.48 4.12 -2.64
CA LEU A 109 8.10 3.65 -2.49
C LEU A 109 7.20 4.30 -3.53
N SER A 110 7.30 5.63 -3.65
CA SER A 110 6.48 6.37 -4.59
C SER A 110 6.75 5.91 -6.03
N LYS A 111 8.00 5.52 -6.28
CA LYS A 111 8.40 5.05 -7.60
C LYS A 111 7.86 3.65 -7.87
N PHE A 112 7.37 3.00 -6.82
CA PHE A 112 6.83 1.65 -6.95
C PHE A 112 5.32 1.69 -7.18
N ILE A 113 4.65 2.60 -6.47
CA ILE A 113 3.20 2.74 -6.59
C ILE A 113 2.81 3.24 -7.98
N ASP A 114 3.20 4.48 -8.29
CA ASP A 114 2.90 5.07 -9.59
C ASP A 114 2.96 4.02 -10.69
N GLU A 115 4.11 3.38 -10.82
CA GLU A 115 4.31 2.35 -11.84
C GLU A 115 3.09 1.43 -11.93
N HIS A 116 2.88 0.62 -10.89
CA HIS A 116 1.75 -0.30 -10.84
C HIS A 116 0.43 0.46 -10.94
N ALA A 117 0.47 1.75 -10.65
CA ALA A 117 -0.73 2.59 -10.69
C ALA A 117 -1.19 2.81 -12.13
N THR A 118 -2.50 2.92 -12.31
CA THR A 118 -3.06 3.12 -13.64
C THR A 118 -3.43 4.59 -13.86
N LYS A 119 -2.87 5.47 -13.03
CA LYS A 119 -3.13 6.89 -13.14
C LYS A 119 -2.28 7.53 -14.23
N ARG A 120 -2.08 6.79 -15.32
CA ARG A 120 -1.28 7.28 -16.44
C ARG A 120 -1.79 6.70 -17.76
N SER A 121 -1.33 7.29 -18.87
CA SER A 121 -1.75 6.83 -20.19
C SER A 121 -1.98 5.33 -20.20
N ARG A 122 -0.95 4.57 -19.82
CA ARG A 122 -1.05 3.12 -19.79
C ARG A 122 -1.01 2.54 -21.20
N THR A 123 0.01 2.92 -21.96
CA THR A 123 0.15 2.44 -23.33
C THR A 123 0.95 1.13 -23.36
N LYS A 124 0.38 0.09 -22.80
CA LYS A 124 1.03 -1.22 -22.77
C LYS A 124 1.32 -1.71 -24.19
N GLU A 125 0.47 -1.34 -25.13
CA GLU A 125 0.65 -1.74 -26.52
C GLU A 125 2.09 -1.55 -26.96
N GLU A 126 2.72 -0.49 -26.47
CA GLU A 126 4.10 -0.19 -26.81
C GLU A 126 5.07 -0.79 -25.78
N LEU A 127 5.47 -2.03 -26.02
CA LEU A 127 6.39 -2.73 -25.12
C LEU A 127 7.83 -2.61 -25.62
N SER A 128 8.01 -2.72 -26.93
CA SER A 128 9.33 -2.63 -27.53
C SER A 128 10.16 -1.54 -26.86
N GLY A 129 11.39 -1.89 -26.49
CA GLY A 129 12.27 -0.93 -25.83
C GLY A 129 13.72 -1.09 -26.26
N PRO A 130 14.63 -0.46 -25.51
CA PRO A 130 16.07 -0.52 -25.80
C PRO A 130 16.66 -1.90 -25.52
N SER A 131 15.80 -2.83 -25.13
CA SER A 131 16.24 -4.19 -24.83
C SER A 131 17.36 -4.62 -25.77
N SER A 132 18.58 -4.68 -25.24
CA SER A 132 19.74 -5.07 -26.04
C SER A 132 19.73 -6.57 -26.30
N GLY A 133 19.51 -7.35 -25.24
CA GLY A 133 19.49 -8.80 -25.37
C GLY A 133 18.08 -9.36 -25.37
N GLY A 1 -12.81 15.08 1.06
CA GLY A 1 -12.85 15.10 2.51
C GLY A 1 -11.49 15.40 3.12
N SER A 2 -11.37 16.57 3.72
CA SER A 2 -10.12 16.98 4.35
C SER A 2 -9.67 15.96 5.38
N SER A 3 -8.40 16.03 5.76
CA SER A 3 -7.84 15.10 6.74
C SER A 3 -6.50 15.61 7.27
N GLY A 4 -6.29 15.47 8.57
CA GLY A 4 -5.05 15.91 9.18
C GLY A 4 -4.91 15.46 10.62
N SER A 5 -5.86 15.88 11.46
CA SER A 5 -5.83 15.52 12.88
C SER A 5 -5.42 14.07 13.05
N SER A 6 -5.99 13.19 12.24
CA SER A 6 -5.68 11.76 12.31
C SER A 6 -4.75 11.35 11.17
N GLY A 7 -3.85 10.41 11.47
CA GLY A 7 -2.91 9.94 10.47
C GLY A 7 -3.57 9.73 9.11
N PRO A 8 -2.82 10.00 8.04
CA PRO A 8 -3.31 9.83 6.67
C PRO A 8 -3.50 8.37 6.29
N VAL A 9 -2.47 7.56 6.52
CA VAL A 9 -2.53 6.14 6.21
C VAL A 9 -3.69 5.46 6.92
N LYS A 10 -4.61 4.89 6.15
CA LYS A 10 -5.77 4.21 6.71
C LYS A 10 -5.39 2.84 7.23
N VAL A 11 -5.97 2.45 8.36
CA VAL A 11 -5.70 1.15 8.97
C VAL A 11 -6.76 0.13 8.59
N VAL A 12 -6.33 -1.09 8.31
CA VAL A 12 -7.25 -2.16 7.93
C VAL A 12 -6.97 -3.42 8.74
N VAL A 13 -8.05 -4.07 9.18
CA VAL A 13 -7.94 -5.30 9.96
C VAL A 13 -8.37 -6.52 9.15
N GLY A 14 -8.37 -7.68 9.79
CA GLY A 14 -8.76 -8.91 9.12
C GLY A 14 -10.24 -8.94 8.80
N LYS A 15 -11.03 -8.21 9.58
CA LYS A 15 -12.47 -8.16 9.38
C LYS A 15 -12.83 -7.24 8.21
N THR A 16 -11.95 -6.30 7.92
CA THR A 16 -12.17 -5.35 6.83
C THR A 16 -11.04 -5.42 5.81
N PHE A 17 -10.35 -6.55 5.77
CA PHE A 17 -9.24 -6.74 4.84
C PHE A 17 -9.75 -7.12 3.46
N ASP A 18 -10.70 -8.05 3.41
CA ASP A 18 -11.28 -8.49 2.14
C ASP A 18 -12.26 -7.45 1.60
N ALA A 19 -12.54 -6.43 2.40
CA ALA A 19 -13.45 -5.37 1.99
C ALA A 19 -12.69 -4.15 1.48
N ILE A 20 -11.60 -3.81 2.15
CA ILE A 20 -10.78 -2.67 1.76
C ILE A 20 -9.60 -3.10 0.89
N VAL A 21 -8.65 -3.80 1.51
CA VAL A 21 -7.47 -4.28 0.81
C VAL A 21 -7.86 -5.01 -0.47
N MET A 22 -9.01 -5.68 -0.43
CA MET A 22 -9.51 -6.42 -1.58
C MET A 22 -10.69 -5.72 -2.23
N ASP A 23 -10.62 -4.40 -2.30
CA ASP A 23 -11.69 -3.60 -2.89
C ASP A 23 -11.47 -3.44 -4.40
N PRO A 24 -12.31 -4.12 -5.19
CA PRO A 24 -12.23 -4.07 -6.66
C PRO A 24 -12.65 -2.71 -7.21
N LYS A 25 -12.94 -1.77 -6.32
CA LYS A 25 -13.35 -0.43 -6.71
C LYS A 25 -12.14 0.47 -6.92
N LYS A 26 -11.03 0.11 -6.28
CA LYS A 26 -9.81 0.89 -6.39
C LYS A 26 -8.61 0.12 -5.83
N ASP A 27 -7.43 0.40 -6.36
CA ASP A 27 -6.21 -0.28 -5.92
C ASP A 27 -5.82 0.19 -4.52
N VAL A 28 -5.74 -0.75 -3.59
CA VAL A 28 -5.37 -0.44 -2.21
C VAL A 28 -4.01 -1.02 -1.85
N LEU A 29 -3.13 -0.18 -1.33
CA LEU A 29 -1.78 -0.61 -0.95
C LEU A 29 -1.73 -0.96 0.53
N ILE A 30 -1.73 -2.25 0.82
CA ILE A 30 -1.68 -2.72 2.21
C ILE A 30 -0.24 -2.96 2.65
N GLU A 31 0.11 -2.46 3.82
CA GLU A 31 1.45 -2.62 4.36
C GLU A 31 1.42 -3.32 5.72
N PHE A 32 1.84 -4.58 5.74
CA PHE A 32 1.86 -5.35 6.98
C PHE A 32 3.02 -4.93 7.87
N TYR A 33 2.70 -4.23 8.96
CA TYR A 33 3.71 -3.76 9.90
C TYR A 33 3.63 -4.52 11.21
N ALA A 34 4.75 -4.60 11.92
CA ALA A 34 4.81 -5.30 13.19
C ALA A 34 5.21 -4.35 14.32
N PRO A 35 4.40 -4.33 15.39
CA PRO A 35 4.66 -3.47 16.56
C PRO A 35 5.87 -3.92 17.35
N TRP A 36 6.56 -4.95 16.86
CA TRP A 36 7.74 -5.47 17.52
C TRP A 36 8.97 -5.37 16.62
N CYS A 37 8.90 -4.48 15.64
CA CYS A 37 10.00 -4.30 14.70
C CYS A 37 10.44 -2.83 14.67
N GLY A 38 11.71 -2.60 14.96
CA GLY A 38 12.24 -1.25 14.96
C GLY A 38 12.28 -0.65 13.57
N HIS A 39 12.80 -1.41 12.61
CA HIS A 39 12.91 -0.95 11.23
C HIS A 39 11.57 -0.38 10.75
N CYS A 40 10.50 -0.69 11.47
CA CYS A 40 9.17 -0.22 11.11
C CYS A 40 8.92 1.17 11.68
N LYS A 41 9.45 1.43 12.87
CA LYS A 41 9.29 2.71 13.53
C LYS A 41 9.87 3.84 12.67
N GLN A 42 10.99 3.56 12.03
CA GLN A 42 11.65 4.55 11.17
C GLN A 42 10.82 4.81 9.92
N LEU A 43 10.01 3.83 9.53
CA LEU A 43 9.18 3.95 8.35
C LEU A 43 7.87 4.66 8.68
N GLU A 44 7.51 4.66 9.96
CA GLU A 44 6.28 5.30 10.40
C GLU A 44 6.01 6.59 9.62
N PRO A 45 6.99 7.51 9.67
CA PRO A 45 6.89 8.80 8.97
C PRO A 45 6.97 8.65 7.45
N ILE A 46 7.84 7.75 7.00
CA ILE A 46 8.02 7.50 5.57
C ILE A 46 6.71 7.09 4.92
N TYR A 47 5.94 6.27 5.62
CA TYR A 47 4.65 5.79 5.11
C TYR A 47 3.57 6.86 5.30
N THR A 48 3.60 7.54 6.43
CA THR A 48 2.63 8.59 6.72
C THR A 48 2.44 9.52 5.53
N SER A 49 3.54 10.14 5.10
CA SER A 49 3.50 11.06 3.97
C SER A 49 3.08 10.34 2.70
N LEU A 50 3.65 9.17 2.47
CA LEU A 50 3.33 8.36 1.29
C LEU A 50 1.82 8.24 1.12
N GLY A 51 1.09 8.29 2.22
CA GLY A 51 -0.35 8.18 2.17
C GLY A 51 -1.02 9.51 1.89
N LYS A 52 -0.85 10.46 2.79
CA LYS A 52 -1.46 11.78 2.64
C LYS A 52 -1.13 12.37 1.27
N LYS A 53 -0.03 11.91 0.68
CA LYS A 53 0.38 12.39 -0.64
C LYS A 53 -0.40 11.68 -1.75
N TYR A 54 -0.63 10.39 -1.56
CA TYR A 54 -1.37 9.60 -2.55
C TYR A 54 -2.84 9.48 -2.16
N LYS A 55 -3.20 10.10 -1.04
CA LYS A 55 -4.57 10.06 -0.55
C LYS A 55 -5.52 10.67 -1.57
N GLY A 56 -5.10 11.74 -2.22
CA GLY A 56 -5.92 12.40 -3.21
C GLY A 56 -5.64 11.92 -4.62
N GLN A 57 -5.29 10.64 -4.75
CA GLN A 57 -4.98 10.06 -6.04
C GLN A 57 -6.21 9.38 -6.64
N LYS A 58 -6.06 8.87 -7.86
CA LYS A 58 -7.16 8.19 -8.54
C LYS A 58 -7.32 6.77 -8.03
N ASP A 59 -8.50 6.46 -7.50
CA ASP A 59 -8.78 5.13 -6.97
C ASP A 59 -7.54 4.53 -6.32
N LEU A 60 -6.96 5.26 -5.36
CA LEU A 60 -5.77 4.80 -4.66
C LEU A 60 -5.81 5.22 -3.19
N VAL A 61 -5.73 4.23 -2.31
CA VAL A 61 -5.74 4.50 -0.87
C VAL A 61 -4.71 3.65 -0.15
N ILE A 62 -3.62 4.28 0.29
CA ILE A 62 -2.56 3.59 1.00
C ILE A 62 -2.97 3.28 2.43
N ALA A 63 -3.18 2.00 2.72
CA ALA A 63 -3.57 1.57 4.06
C ALA A 63 -2.56 0.60 4.65
N LYS A 64 -2.64 0.38 5.95
CA LYS A 64 -1.73 -0.53 6.64
C LYS A 64 -2.50 -1.51 7.53
N MET A 65 -1.82 -2.56 7.96
CA MET A 65 -2.44 -3.57 8.82
C MET A 65 -1.38 -4.33 9.61
N ASP A 66 -1.78 -4.89 10.75
CA ASP A 66 -0.88 -5.64 11.60
C ASP A 66 -1.08 -7.14 11.42
N ALA A 67 -0.47 -7.70 10.38
CA ALA A 67 -0.60 -9.12 10.10
C ALA A 67 -0.36 -9.96 11.36
N THR A 68 0.48 -9.44 12.25
CA THR A 68 0.80 -10.13 13.49
C THR A 68 -0.46 -10.45 14.29
N ALA A 69 -1.45 -9.57 14.20
CA ALA A 69 -2.71 -9.76 14.90
C ALA A 69 -3.79 -10.26 13.96
N ASN A 70 -3.84 -9.69 12.76
CA ASN A 70 -4.83 -10.08 11.76
C ASN A 70 -4.27 -11.16 10.83
N ASP A 71 -5.00 -12.25 10.70
CA ASP A 71 -4.59 -13.35 9.84
C ASP A 71 -5.05 -13.12 8.41
N ILE A 72 -4.08 -13.00 7.50
CA ILE A 72 -4.39 -12.78 6.09
C ILE A 72 -5.08 -13.99 5.48
N THR A 73 -6.40 -13.92 5.38
CA THR A 73 -7.19 -15.00 4.81
C THR A 73 -6.65 -15.42 3.45
N ASN A 74 -6.25 -14.43 2.66
CA ASN A 74 -5.71 -14.70 1.32
C ASN A 74 -4.65 -15.79 1.37
N ASP A 75 -4.12 -16.14 0.20
CA ASP A 75 -3.09 -17.18 0.11
C ASP A 75 -1.82 -16.63 -0.53
N GLN A 76 -1.99 -15.73 -1.50
CA GLN A 76 -0.86 -15.14 -2.19
C GLN A 76 -0.12 -14.15 -1.28
N TYR A 77 -0.88 -13.50 -0.40
CA TYR A 77 -0.29 -12.53 0.52
C TYR A 77 0.37 -13.22 1.71
N LYS A 78 1.67 -13.47 1.59
CA LYS A 78 2.42 -14.13 2.64
C LYS A 78 3.48 -13.20 3.23
N VAL A 79 3.25 -12.75 4.46
CA VAL A 79 4.17 -11.85 5.13
C VAL A 79 5.32 -12.63 5.78
N GLU A 80 6.34 -12.92 4.99
CA GLU A 80 7.50 -13.66 5.49
C GLU A 80 8.19 -12.90 6.62
N GLY A 81 8.21 -11.58 6.50
CA GLY A 81 8.84 -10.74 7.51
C GLY A 81 8.21 -9.37 7.62
N PHE A 82 9.01 -8.38 8.00
CA PHE A 82 8.51 -7.02 8.14
C PHE A 82 9.65 -6.00 7.98
N PRO A 83 9.33 -4.86 7.35
CA PRO A 83 7.99 -4.58 6.85
C PRO A 83 7.61 -5.44 5.65
N THR A 84 6.39 -5.26 5.15
CA THR A 84 5.92 -6.02 4.01
C THR A 84 4.79 -5.30 3.29
N ILE A 85 5.11 -4.72 2.13
CA ILE A 85 4.12 -3.99 1.35
C ILE A 85 3.49 -4.89 0.29
N TYR A 86 2.21 -4.68 0.03
CA TYR A 86 1.48 -5.46 -0.97
C TYR A 86 0.47 -4.61 -1.71
N PHE A 87 0.62 -4.54 -3.03
CA PHE A 87 -0.28 -3.75 -3.86
C PHE A 87 -1.42 -4.62 -4.40
N ALA A 88 -2.65 -4.27 -4.03
CA ALA A 88 -3.81 -5.02 -4.49
C ALA A 88 -4.55 -4.27 -5.58
N PRO A 89 -4.24 -4.61 -6.84
CA PRO A 89 -4.86 -3.98 -8.01
C PRO A 89 -6.33 -4.36 -8.16
N SER A 90 -7.21 -3.37 -8.07
CA SER A 90 -8.64 -3.60 -8.19
C SER A 90 -8.96 -4.30 -9.51
N GLY A 91 -9.23 -5.59 -9.44
CA GLY A 91 -9.55 -6.35 -10.64
C GLY A 91 -8.61 -7.53 -10.85
N ASP A 92 -7.32 -7.29 -10.64
CA ASP A 92 -6.31 -8.33 -10.81
C ASP A 92 -5.59 -8.61 -9.51
N LYS A 93 -6.33 -8.55 -8.40
CA LYS A 93 -5.76 -8.80 -7.09
C LYS A 93 -5.14 -10.20 -7.01
N LYS A 94 -5.81 -11.16 -7.62
CA LYS A 94 -5.33 -12.54 -7.63
C LYS A 94 -3.81 -12.58 -7.55
N ASN A 95 -3.16 -11.70 -8.30
CA ASN A 95 -1.70 -11.63 -8.31
C ASN A 95 -1.20 -10.40 -7.58
N PRO A 96 -0.88 -10.57 -6.29
CA PRO A 96 -0.38 -9.48 -5.44
C PRO A 96 1.03 -9.04 -5.84
N ILE A 97 1.29 -7.74 -5.71
CA ILE A 97 2.60 -7.19 -6.05
C ILE A 97 3.33 -6.71 -4.80
N LYS A 98 4.28 -7.51 -4.33
CA LYS A 98 5.05 -7.16 -3.14
C LYS A 98 6.19 -6.22 -3.50
N PHE A 99 6.44 -5.23 -2.65
CA PHE A 99 7.51 -4.26 -2.87
C PHE A 99 8.88 -4.89 -2.62
N GLU A 100 9.57 -5.25 -3.70
CA GLU A 100 10.88 -5.86 -3.58
C GLU A 100 11.96 -4.93 -4.13
N GLY A 101 11.97 -3.69 -3.64
CA GLY A 101 12.95 -2.73 -4.09
C GLY A 101 14.17 -2.66 -3.18
N GLY A 102 15.28 -2.15 -3.70
CA GLY A 102 16.49 -2.05 -2.92
C GLY A 102 16.50 -0.83 -2.02
N ASN A 103 15.31 -0.31 -1.73
CA ASN A 103 15.19 0.87 -0.88
C ASN A 103 13.73 1.15 -0.53
N ARG A 104 13.36 0.88 0.72
CA ARG A 104 12.00 1.09 1.18
C ARG A 104 11.82 2.50 1.72
N ASP A 105 12.13 3.50 0.89
CA ASP A 105 12.00 4.89 1.29
C ASP A 105 10.94 5.60 0.45
N LEU A 106 10.44 6.73 0.97
CA LEU A 106 9.42 7.49 0.27
C LEU A 106 9.83 7.77 -1.17
N GLU A 107 11.14 7.79 -1.41
CA GLU A 107 11.65 8.04 -2.76
C GLU A 107 11.32 6.89 -3.69
N HIS A 108 11.62 5.67 -3.25
CA HIS A 108 11.34 4.47 -4.05
C HIS A 108 9.87 4.10 -3.98
N LEU A 109 9.34 4.00 -2.76
CA LEU A 109 7.95 3.64 -2.56
C LEU A 109 7.06 4.31 -3.60
N SER A 110 7.25 5.60 -3.80
CA SER A 110 6.46 6.36 -4.76
C SER A 110 6.70 5.85 -6.18
N LYS A 111 7.94 5.45 -6.45
CA LYS A 111 8.30 4.93 -7.77
C LYS A 111 7.69 3.55 -8.00
N PHE A 112 7.15 2.97 -6.93
CA PHE A 112 6.54 1.65 -7.01
C PHE A 112 5.02 1.75 -7.20
N ILE A 113 4.43 2.76 -6.58
CA ILE A 113 2.99 2.98 -6.68
C ILE A 113 2.62 3.54 -8.05
N ASP A 114 3.32 4.58 -8.47
CA ASP A 114 3.07 5.21 -9.76
C ASP A 114 3.09 4.18 -10.88
N GLU A 115 3.99 3.21 -10.76
CA GLU A 115 4.13 2.16 -11.76
C GLU A 115 2.96 1.17 -11.68
N HIS A 116 2.76 0.61 -10.49
CA HIS A 116 1.68 -0.35 -10.27
C HIS A 116 0.37 0.37 -9.96
N ALA A 117 0.32 1.66 -10.26
CA ALA A 117 -0.87 2.46 -10.01
C ALA A 117 -1.95 2.17 -11.05
N THR A 118 -3.04 2.93 -10.98
CA THR A 118 -4.14 2.76 -11.92
C THR A 118 -3.81 3.37 -13.28
N LYS A 119 -2.62 3.07 -13.77
CA LYS A 119 -2.18 3.58 -15.07
C LYS A 119 -2.31 5.10 -15.12
N ARG A 120 -1.82 5.78 -14.09
CA ARG A 120 -1.89 7.23 -14.02
C ARG A 120 -1.24 7.86 -15.24
N SER A 121 -1.90 8.87 -15.81
CA SER A 121 -1.39 9.56 -16.98
C SER A 121 -0.98 10.99 -16.64
N ARG A 122 -1.79 11.65 -15.81
CA ARG A 122 -1.53 13.02 -15.41
C ARG A 122 -0.49 13.06 -14.28
N THR A 123 0.60 12.33 -14.46
CA THR A 123 1.66 12.27 -13.46
C THR A 123 2.27 13.65 -13.25
N LYS A 124 2.89 14.19 -14.30
CA LYS A 124 3.52 15.50 -14.23
C LYS A 124 4.02 15.94 -15.60
N GLU A 125 4.21 17.25 -15.78
CA GLU A 125 4.68 17.79 -17.05
C GLU A 125 6.15 18.18 -16.95
N GLU A 126 6.84 18.15 -18.08
CA GLU A 126 8.25 18.51 -18.13
C GLU A 126 8.48 19.73 -19.02
N LEU A 127 8.65 20.89 -18.39
CA LEU A 127 8.87 22.13 -19.12
C LEU A 127 10.00 22.94 -18.48
N SER A 128 10.84 23.54 -19.31
CA SER A 128 11.95 24.35 -18.83
C SER A 128 12.42 25.32 -19.90
N GLY A 129 13.29 26.26 -19.51
CA GLY A 129 13.79 27.24 -20.44
C GLY A 129 15.28 27.48 -20.29
N PRO A 130 15.80 28.48 -20.99
CA PRO A 130 17.23 28.83 -20.95
C PRO A 130 17.64 29.42 -19.60
N SER A 131 18.50 28.69 -18.89
CA SER A 131 18.98 29.14 -17.58
C SER A 131 19.95 30.31 -17.73
N SER A 132 19.46 31.51 -17.44
CA SER A 132 20.29 32.72 -17.55
C SER A 132 21.67 32.48 -16.96
N GLY A 133 22.70 32.82 -17.73
CA GLY A 133 24.06 32.63 -17.27
C GLY A 133 25.06 33.42 -18.09
N GLY A 1 -15.69 7.35 4.65
CA GLY A 1 -15.66 7.07 6.07
C GLY A 1 -14.26 6.76 6.57
N SER A 2 -14.15 6.52 7.88
CA SER A 2 -12.85 6.23 8.48
C SER A 2 -13.03 5.64 9.88
N SER A 3 -12.32 4.56 10.16
CA SER A 3 -12.40 3.89 11.46
C SER A 3 -12.32 4.91 12.59
N GLY A 4 -11.23 5.66 12.62
CA GLY A 4 -11.05 6.67 13.66
C GLY A 4 -10.24 7.86 13.18
N SER A 5 -9.44 8.43 14.08
CA SER A 5 -8.61 9.58 13.74
C SER A 5 -7.18 9.37 14.22
N SER A 6 -6.36 8.74 13.39
CA SER A 6 -4.97 8.48 13.73
C SER A 6 -4.03 9.25 12.79
N GLY A 7 -4.29 9.15 11.49
CA GLY A 7 -3.46 9.83 10.52
C GLY A 7 -3.97 9.65 9.10
N PRO A 8 -3.10 9.93 8.12
CA PRO A 8 -3.43 9.80 6.70
C PRO A 8 -3.60 8.35 6.27
N VAL A 9 -2.62 7.52 6.60
CA VAL A 9 -2.67 6.11 6.25
C VAL A 9 -3.83 5.40 6.94
N LYS A 10 -4.77 4.90 6.14
CA LYS A 10 -5.94 4.21 6.68
C LYS A 10 -5.56 2.83 7.19
N VAL A 11 -6.14 2.44 8.32
CA VAL A 11 -5.86 1.14 8.92
C VAL A 11 -6.91 0.11 8.50
N VAL A 12 -6.46 -1.12 8.24
CA VAL A 12 -7.36 -2.19 7.83
C VAL A 12 -7.18 -3.42 8.72
N VAL A 13 -8.29 -3.91 9.26
CA VAL A 13 -8.27 -5.08 10.13
C VAL A 13 -8.65 -6.34 9.36
N GLY A 14 -8.66 -7.47 10.06
CA GLY A 14 -9.02 -8.73 9.43
C GLY A 14 -10.48 -8.79 9.03
N LYS A 15 -11.32 -8.05 9.74
CA LYS A 15 -12.74 -8.01 9.46
C LYS A 15 -13.04 -7.09 8.27
N THR A 16 -12.09 -6.21 7.96
CA THR A 16 -12.24 -5.27 6.85
C THR A 16 -11.06 -5.37 5.90
N PHE A 17 -10.41 -6.51 5.88
CA PHE A 17 -9.26 -6.73 5.01
C PHE A 17 -9.71 -7.19 3.63
N ASP A 18 -10.82 -7.92 3.59
CA ASP A 18 -11.35 -8.43 2.32
C ASP A 18 -12.32 -7.42 1.70
N ALA A 19 -12.63 -6.37 2.45
CA ALA A 19 -13.55 -5.34 1.97
C ALA A 19 -12.78 -4.12 1.47
N ILE A 20 -11.73 -3.74 2.20
CA ILE A 20 -10.92 -2.59 1.83
C ILE A 20 -9.72 -3.03 1.00
N VAL A 21 -8.75 -3.69 1.64
CA VAL A 21 -7.56 -4.16 0.96
C VAL A 21 -7.92 -4.98 -0.28
N MET A 22 -9.09 -5.58 -0.25
CA MET A 22 -9.55 -6.39 -1.38
C MET A 22 -10.73 -5.72 -2.08
N ASP A 23 -10.67 -4.41 -2.21
CA ASP A 23 -11.73 -3.65 -2.87
C ASP A 23 -11.57 -3.70 -4.38
N PRO A 24 -12.49 -4.40 -5.06
CA PRO A 24 -12.47 -4.54 -6.52
C PRO A 24 -12.81 -3.23 -7.23
N LYS A 25 -12.93 -2.16 -6.45
CA LYS A 25 -13.26 -0.85 -7.01
C LYS A 25 -11.99 -0.04 -7.25
N LYS A 26 -11.07 -0.08 -6.29
CA LYS A 26 -9.82 0.65 -6.39
C LYS A 26 -8.68 -0.12 -5.73
N ASP A 27 -7.46 0.11 -6.20
CA ASP A 27 -6.29 -0.56 -5.66
C ASP A 27 -5.94 -0.01 -4.28
N VAL A 28 -5.59 -0.91 -3.35
CA VAL A 28 -5.25 -0.52 -2.00
C VAL A 28 -3.90 -1.12 -1.58
N LEU A 29 -2.96 -0.26 -1.21
CA LEU A 29 -1.64 -0.71 -0.79
C LEU A 29 -1.62 -1.04 0.70
N ILE A 30 -1.57 -2.33 1.00
CA ILE A 30 -1.55 -2.78 2.39
C ILE A 30 -0.12 -2.93 2.90
N GLU A 31 0.15 -2.36 4.07
CA GLU A 31 1.48 -2.42 4.67
C GLU A 31 1.43 -3.08 6.04
N PHE A 32 1.88 -4.34 6.11
CA PHE A 32 1.87 -5.08 7.36
C PHE A 32 3.00 -4.60 8.28
N TYR A 33 2.63 -3.91 9.36
CA TYR A 33 3.61 -3.40 10.31
C TYR A 33 3.54 -4.15 11.63
N ALA A 34 4.67 -4.28 12.31
CA ALA A 34 4.74 -4.97 13.58
C ALA A 34 5.07 -4.01 14.72
N PRO A 35 4.22 -4.00 15.75
CA PRO A 35 4.41 -3.13 16.92
C PRO A 35 5.60 -3.55 17.77
N TRP A 36 6.30 -4.59 17.33
CA TRP A 36 7.46 -5.09 18.06
C TRP A 36 8.69 -5.12 17.16
N CYS A 37 8.63 -4.40 16.05
CA CYS A 37 9.73 -4.34 15.10
C CYS A 37 10.27 -2.92 14.97
N GLY A 38 11.55 -2.80 14.64
CA GLY A 38 12.15 -1.49 14.49
C GLY A 38 12.20 -1.04 13.05
N HIS A 39 12.31 -1.99 12.13
CA HIS A 39 12.35 -1.67 10.71
C HIS A 39 11.06 -1.01 10.26
N CYS A 40 10.04 -1.07 11.10
CA CYS A 40 8.75 -0.46 10.78
C CYS A 40 8.64 0.93 11.39
N LYS A 41 9.05 1.06 12.64
CA LYS A 41 9.00 2.35 13.33
C LYS A 41 9.70 3.43 12.51
N GLN A 42 10.67 3.03 11.70
CA GLN A 42 11.40 3.97 10.87
C GLN A 42 10.58 4.36 9.64
N LEU A 43 9.76 3.43 9.17
CA LEU A 43 8.93 3.67 8.00
C LEU A 43 7.64 4.39 8.38
N GLU A 44 7.31 4.35 9.67
CA GLU A 44 6.11 5.01 10.17
C GLU A 44 5.89 6.35 9.48
N PRO A 45 6.89 7.23 9.58
CA PRO A 45 6.83 8.56 8.96
C PRO A 45 6.89 8.51 7.44
N ILE A 46 7.88 7.78 6.92
CA ILE A 46 8.05 7.65 5.48
C ILE A 46 6.75 7.24 4.81
N TYR A 47 5.97 6.40 5.48
CA TYR A 47 4.70 5.94 4.96
C TYR A 47 3.62 7.01 5.10
N THR A 48 3.63 7.69 6.23
CA THR A 48 2.66 8.75 6.51
C THR A 48 2.51 9.68 5.30
N SER A 49 3.59 10.36 4.95
CA SER A 49 3.57 11.29 3.82
C SER A 49 3.24 10.56 2.53
N LEU A 50 3.71 9.32 2.42
CA LEU A 50 3.46 8.51 1.23
C LEU A 50 1.96 8.33 0.99
N GLY A 51 1.20 8.18 2.08
CA GLY A 51 -0.23 8.02 1.96
C GLY A 51 -0.97 9.35 1.90
N LYS A 52 -0.75 10.19 2.90
CA LYS A 52 -1.39 11.50 2.96
C LYS A 52 -1.22 12.25 1.64
N LYS A 53 -0.14 11.95 0.93
CA LYS A 53 0.15 12.59 -0.35
C LYS A 53 -0.55 11.85 -1.49
N TYR A 54 -0.50 10.52 -1.44
CA TYR A 54 -1.12 9.70 -2.47
C TYR A 54 -2.63 9.61 -2.26
N LYS A 55 -3.12 10.28 -1.23
CA LYS A 55 -4.54 10.27 -0.92
C LYS A 55 -5.35 10.85 -2.08
N GLY A 56 -4.79 11.84 -2.75
CA GLY A 56 -5.47 12.46 -3.88
C GLY A 56 -5.15 11.78 -5.20
N GLN A 57 -5.05 10.45 -5.16
CA GLN A 57 -4.74 9.69 -6.36
C GLN A 57 -6.01 9.12 -6.99
N LYS A 58 -5.85 8.43 -8.11
CA LYS A 58 -6.99 7.83 -8.81
C LYS A 58 -7.22 6.40 -8.35
N ASP A 59 -8.31 6.19 -7.63
CA ASP A 59 -8.65 4.86 -7.12
C ASP A 59 -7.47 4.23 -6.40
N LEU A 60 -6.88 4.97 -5.47
CA LEU A 60 -5.74 4.49 -4.71
C LEU A 60 -5.79 4.97 -3.26
N VAL A 61 -5.68 4.03 -2.33
CA VAL A 61 -5.71 4.35 -0.91
C VAL A 61 -4.69 3.55 -0.14
N ILE A 62 -3.63 4.21 0.30
CA ILE A 62 -2.56 3.55 1.06
C ILE A 62 -3.01 3.29 2.49
N ALA A 63 -3.22 2.01 2.81
CA ALA A 63 -3.64 1.61 4.15
C ALA A 63 -2.67 0.60 4.75
N LYS A 64 -2.70 0.47 6.08
CA LYS A 64 -1.82 -0.46 6.78
C LYS A 64 -2.64 -1.43 7.63
N MET A 65 -2.00 -2.53 8.02
CA MET A 65 -2.67 -3.54 8.85
C MET A 65 -1.67 -4.25 9.74
N ASP A 66 -2.14 -4.78 10.87
CA ASP A 66 -1.28 -5.49 11.81
C ASP A 66 -1.39 -7.00 11.60
N ALA A 67 -0.49 -7.54 10.78
CA ALA A 67 -0.48 -8.97 10.50
C ALA A 67 -0.23 -9.78 11.77
N THR A 68 0.42 -9.14 12.74
CA THR A 68 0.73 -9.80 14.01
C THR A 68 -0.54 -10.17 14.76
N ALA A 69 -1.59 -9.36 14.61
CA ALA A 69 -2.86 -9.60 15.26
C ALA A 69 -3.86 -10.23 14.30
N ASN A 70 -3.92 -9.70 13.09
CA ASN A 70 -4.84 -10.22 12.07
C ASN A 70 -4.17 -11.30 11.24
N ASP A 71 -4.83 -12.45 11.13
CA ASP A 71 -4.31 -13.57 10.36
C ASP A 71 -4.70 -13.45 8.88
N ILE A 72 -3.70 -13.25 8.03
CA ILE A 72 -3.94 -13.11 6.60
C ILE A 72 -4.34 -14.44 5.98
N THR A 73 -5.64 -14.73 5.99
CA THR A 73 -6.15 -15.98 5.42
C THR A 73 -5.68 -16.17 3.98
N ASN A 74 -5.64 -15.07 3.23
CA ASN A 74 -5.21 -15.11 1.83
C ASN A 74 -3.88 -15.84 1.70
N ASP A 75 -3.78 -16.72 0.70
CA ASP A 75 -2.56 -17.48 0.47
C ASP A 75 -1.66 -16.77 -0.54
N GLN A 76 -1.97 -15.49 -0.80
CA GLN A 76 -1.19 -14.71 -1.75
C GLN A 76 -0.30 -13.69 -1.02
N TYR A 77 -0.83 -13.13 0.07
CA TYR A 77 -0.09 -12.16 0.85
C TYR A 77 0.56 -12.81 2.06
N LYS A 78 1.86 -13.06 1.97
CA LYS A 78 2.60 -13.68 3.07
C LYS A 78 3.55 -12.67 3.72
N VAL A 79 3.54 -12.64 5.05
CA VAL A 79 4.40 -11.73 5.79
C VAL A 79 5.58 -12.46 6.42
N GLU A 80 6.70 -12.47 5.70
CA GLU A 80 7.91 -13.15 6.18
C GLU A 80 8.62 -12.31 7.24
N GLY A 81 8.55 -10.99 7.08
CA GLY A 81 9.19 -10.09 8.02
C GLY A 81 8.48 -8.76 8.14
N PHE A 82 9.22 -7.72 8.48
CA PHE A 82 8.66 -6.38 8.63
C PHE A 82 9.72 -5.31 8.43
N PRO A 83 9.34 -4.19 7.80
CA PRO A 83 7.96 -4.00 7.31
C PRO A 83 7.62 -4.90 6.13
N THR A 84 6.41 -4.76 5.61
CA THR A 84 5.97 -5.56 4.48
C THR A 84 4.85 -4.86 3.71
N ILE A 85 5.20 -4.32 2.54
CA ILE A 85 4.22 -3.62 1.71
C ILE A 85 3.68 -4.53 0.62
N TYR A 86 2.39 -4.39 0.32
CA TYR A 86 1.76 -5.20 -0.71
C TYR A 86 0.71 -4.39 -1.47
N PHE A 87 0.84 -4.38 -2.80
CA PHE A 87 -0.09 -3.64 -3.65
C PHE A 87 -1.20 -4.55 -4.14
N ALA A 88 -2.44 -4.22 -3.76
CA ALA A 88 -3.60 -5.01 -4.17
C ALA A 88 -4.38 -4.30 -5.26
N PRO A 89 -4.06 -4.62 -6.52
CA PRO A 89 -4.73 -4.02 -7.69
C PRO A 89 -6.17 -4.49 -7.83
N SER A 90 -7.11 -3.56 -7.70
CA SER A 90 -8.53 -3.87 -7.81
C SER A 90 -8.82 -4.62 -9.11
N GLY A 91 -9.11 -5.91 -8.98
CA GLY A 91 -9.40 -6.72 -10.15
C GLY A 91 -8.43 -7.88 -10.32
N ASP A 92 -7.15 -7.59 -10.13
CA ASP A 92 -6.12 -8.61 -10.27
C ASP A 92 -5.31 -8.75 -8.98
N LYS A 93 -5.98 -8.57 -7.84
CA LYS A 93 -5.34 -8.66 -6.54
C LYS A 93 -4.70 -10.03 -6.35
N LYS A 94 -5.36 -11.07 -6.87
CA LYS A 94 -4.86 -12.43 -6.76
C LYS A 94 -3.33 -12.45 -6.79
N ASN A 95 -2.75 -11.55 -7.57
CA ASN A 95 -1.29 -11.47 -7.69
C ASN A 95 -0.76 -10.25 -6.93
N PRO A 96 -0.39 -10.46 -5.66
CA PRO A 96 0.15 -9.39 -4.80
C PRO A 96 1.53 -8.95 -5.24
N ILE A 97 1.73 -7.64 -5.31
CA ILE A 97 3.02 -7.08 -5.71
C ILE A 97 3.79 -6.57 -4.50
N LYS A 98 4.76 -7.36 -4.05
CA LYS A 98 5.58 -6.99 -2.89
C LYS A 98 6.72 -6.08 -3.31
N PHE A 99 6.86 -4.95 -2.62
CA PHE A 99 7.91 -4.00 -2.92
C PHE A 99 9.29 -4.62 -2.70
N GLU A 100 9.99 -4.91 -3.79
CA GLU A 100 11.32 -5.50 -3.71
C GLU A 100 12.40 -4.48 -4.04
N GLY A 101 12.21 -3.25 -3.55
CA GLY A 101 13.17 -2.19 -3.81
C GLY A 101 14.27 -2.14 -2.76
N GLY A 102 15.49 -1.92 -3.20
CA GLY A 102 16.62 -1.85 -2.28
C GLY A 102 16.39 -0.83 -1.17
N ASN A 103 15.92 0.35 -1.54
CA ASN A 103 15.65 1.40 -0.57
C ASN A 103 14.17 1.53 -0.28
N ARG A 104 13.77 1.27 0.95
CA ARG A 104 12.37 1.36 1.35
C ARG A 104 12.02 2.77 1.82
N ASP A 105 12.29 3.75 0.96
CA ASP A 105 12.00 5.15 1.28
C ASP A 105 10.85 5.67 0.45
N LEU A 106 10.37 6.86 0.79
CA LEU A 106 9.26 7.48 0.06
C LEU A 106 9.65 7.77 -1.39
N GLU A 107 10.93 8.02 -1.62
CA GLU A 107 11.42 8.31 -2.96
C GLU A 107 11.27 7.10 -3.87
N HIS A 108 11.59 5.92 -3.33
CA HIS A 108 11.48 4.67 -4.10
C HIS A 108 10.06 4.15 -4.10
N LEU A 109 9.46 4.10 -2.91
CA LEU A 109 8.09 3.61 -2.77
C LEU A 109 7.18 4.25 -3.81
N SER A 110 7.23 5.59 -3.91
CA SER A 110 6.42 6.31 -4.86
C SER A 110 6.63 5.79 -6.28
N LYS A 111 7.88 5.60 -6.65
CA LYS A 111 8.22 5.11 -7.98
C LYS A 111 7.67 3.70 -8.19
N PHE A 112 7.25 3.07 -7.10
CA PHE A 112 6.69 1.72 -7.16
C PHE A 112 5.17 1.76 -7.23
N ILE A 113 4.57 2.71 -6.53
CA ILE A 113 3.13 2.85 -6.50
C ILE A 113 2.60 3.35 -7.86
N ASP A 114 3.18 4.44 -8.33
CA ASP A 114 2.78 5.02 -9.61
C ASP A 114 2.96 4.01 -10.75
N GLU A 115 4.18 3.52 -10.91
CA GLU A 115 4.48 2.56 -11.96
C GLU A 115 3.38 1.51 -12.07
N HIS A 116 3.07 0.85 -10.95
CA HIS A 116 2.04 -0.18 -10.92
C HIS A 116 0.65 0.46 -11.02
N ALA A 117 0.53 1.66 -10.47
CA ALA A 117 -0.75 2.38 -10.50
C ALA A 117 -1.23 2.61 -11.93
N THR A 118 -2.28 3.40 -12.08
CA THR A 118 -2.84 3.70 -13.40
C THR A 118 -3.42 2.45 -14.03
N LYS A 119 -3.81 1.49 -13.20
CA LYS A 119 -4.40 0.25 -13.69
C LYS A 119 -3.41 -0.51 -14.57
N ARG A 120 -2.17 -0.58 -14.11
CA ARG A 120 -1.12 -1.28 -14.87
C ARG A 120 -0.89 -2.67 -14.30
N SER A 121 -1.40 -3.68 -15.00
CA SER A 121 -1.25 -5.07 -14.56
C SER A 121 -1.68 -6.04 -15.67
N ARG A 122 -1.00 -7.17 -15.74
CA ARG A 122 -1.32 -8.18 -16.75
C ARG A 122 -1.45 -9.56 -16.11
N THR A 123 -2.68 -9.91 -15.74
CA THR A 123 -2.95 -11.20 -15.12
C THR A 123 -4.35 -11.71 -15.47
N LYS A 124 -4.45 -13.00 -15.72
CA LYS A 124 -5.73 -13.61 -16.07
C LYS A 124 -6.87 -12.99 -15.28
N GLU A 125 -7.92 -12.58 -15.98
CA GLU A 125 -9.08 -11.97 -15.34
C GLU A 125 -10.12 -13.02 -14.96
N GLU A 126 -10.88 -12.75 -13.91
CA GLU A 126 -11.91 -13.67 -13.45
C GLU A 126 -13.08 -12.91 -12.83
N LEU A 127 -14.29 -13.44 -13.02
CA LEU A 127 -15.48 -12.82 -12.48
C LEU A 127 -15.44 -12.79 -10.95
N SER A 128 -15.27 -11.59 -10.40
CA SER A 128 -15.22 -11.43 -8.94
C SER A 128 -16.62 -11.37 -8.34
N GLY A 129 -16.69 -11.46 -7.01
CA GLY A 129 -17.97 -11.42 -6.34
C GLY A 129 -18.40 -10.01 -6.00
N PRO A 130 -19.56 -9.59 -6.53
CA PRO A 130 -20.11 -8.25 -6.30
C PRO A 130 -20.59 -8.06 -4.86
N SER A 131 -21.06 -6.87 -4.55
CA SER A 131 -21.55 -6.56 -3.20
C SER A 131 -22.75 -5.62 -3.27
N SER A 132 -23.36 -5.38 -2.11
CA SER A 132 -24.53 -4.50 -2.03
C SER A 132 -24.11 -3.04 -1.99
N GLY A 133 -24.57 -2.27 -2.96
CA GLY A 133 -24.24 -0.85 -3.02
C GLY A 133 -23.12 -0.56 -3.99
#